data_7OCA
#
_entry.id   7OCA
#
_cell.length_a   1.00
_cell.length_b   1.00
_cell.length_c   1.00
_cell.angle_alpha   90.00
_cell.angle_beta   90.00
_cell.angle_gamma   90.00
#
_symmetry.space_group_name_H-M   'P 1'
#
loop_
_entity.id
_entity.type
_entity.pdbx_description
1 polymer 'Glutamate receptor 1'
2 polymer 'Glutamate receptor 2'
3 polymer 'Protein cornichon homolog 2'
4 polymer 'Voltage-dependent calcium channel gamma-8 subunit'
5 branched beta-D-mannopyranose-(1-4)-2-acetamido-2-deoxy-beta-D-glucopyranose-(1-4)-2-acetamido-2-deoxy-beta-D-glucopyranose
6 branched 2-acetamido-2-deoxy-beta-D-glucopyranose-(1-4)-2-acetamido-2-deoxy-beta-D-glucopyranose
7 non-polymer 6-nitro-2,3-bis(oxidanylidene)-1,4-dihydrobenzo[f]quinoxaline-7-sulfonamide
8 non-polymer 2-acetamido-2-deoxy-beta-D-glucopyranose
9 non-polymer 1,2-DIACYL-SN-GLYCERO-3-PHOSPHOCHOLINE
10 non-polymer CHOLESTEROL
#
loop_
_entity_poly.entity_id
_entity_poly.type
_entity_poly.pdbx_seq_one_letter_code
_entity_poly.pdbx_strand_id
1 'polypeptide(L)'
;MPYIFAFFCTGFLGAVVGADYKDDDDKNFPNNIQIGGLFPNQQSQEHAAFRFALSQLTEPPKLLPQIDIVNISDSFEMTY
RFCSQFSKGVYAIFGFYERRTVNMLTSFCGALHVCFITPSFPVDTSNQFVLQLRPELQEALISIIDHYKWQTFVYIYDAD
RGLSVLQRVLDTAAEKNWQVTAVNILTTTEEGYRMLFQDLEKKKERLVVVDCESERLNAILGQIVKLEKNGIGYHYILAN
LGFMDIDLNKFKESGANVTGFQLVNYTDTIPARIMQQWRTSDSRDHTRVDWKRPKYTSALTYDGVKVMAEAFQSLRRQRI
DISRRGNAGDCLANPAVPWGQGIDIQRALQQVRFEGLTGNVQFNEKGRRTNYTLHVIEMKHDGIRKIGYWNEDDKFVPAA
TDAQAGGDNSSVQNRTYIVTTILEDPYVMLKKNANQFEGNDRYEGYCVELAAEIAKHVGYSYRLEIVSDGKYGARDPDTK
AWNGMVGELVYGRADVAVAPLTITLVREEVIDFSKPFMSLGISIMIKKPQKSKPGVFSFLDPLAYEIWMCIVFAYIGVSV
VLFLVSRFSPYEWHSEEFEEGRDQTTSDQSNEFGIFNSLWFSLGAFMQQGCDISPRSLSGRIVGGVWWFFTLIIISSYTA
NLAAFLTVERMVSPIESAEDLAKQTEIAYGTLEAGSTKEFFRRSKIAVFEKMWTYMKSAEPSVFVRTTEEGMIRVRKSKG
KYAYLLESTMNEYIEQRKPCDTMKVGGNLDSKGYGIATPKGSALRGPVNLAVLKLSEQGVLDKLKSKWWYDKGECGSKDS
GSKDKTSALSLSNVAGVFYILIGGLGLAMLVALIEFCYKSRSESKRMKGFCLIPQQSINEAIRTSTLPRNSGAGASGGGG
SGENGRVVSQDFPKSMQSIPCMSHSSGMPLGATGL
;
A,C
2 'polypeptide(L)'
;MQKIMHISVLLSPVLWGLIFGVSSNSIQIGGLFPRGADQEYSAFRVGMVQFSTSEFRLTPHIDNLEVANSFAVTNAFCSQ
FSRGVYAIFGFYDKKSVNTITSFCGTLHVSFITPSFPTDGTHPFVIQMRPDLKGALLSLIEYYQWDKFAYLYDSDRGLST
LQAVLDSAAEKKWQVTAINVGNINNDKKDETYRSLFQDLELKKERRVILDCERDKVNDIVDQVITIGKHVKGYHYIIANL
GFTDGDLLKIQFGGANVSGFQIVDYDDSLVSKFIERWSTLEEKEYPGAHTATIKYTSALTYDAVQVMTEAFRNLRKQRIE
ISRRGNAGDCLANPAVPWGQGVEIERALKQVQVEGLSGNIKFDQNGKRINYTINIMELKTNGPRKIGYWSEVDKMVVTLT
ELPSGNDTSGLENKTVVVTTILESPYVMMKKNHEMLEGNERYEGYCVDLAAEIAKHCGFKYKLTIVGDGKYGARDADTKI
WNGMVGELVYGKADIAIAPLTITLVREEVIDFSKPFMSLGISIMIKKPQKSKPGVFSFLDPLAYEIWMCIVFAYIGVSVV
LFLVSRFSPYEWHTEEFEDGRETQSSESTNEFGIFNSLWFSLGAFMRQGCDISPRSLSGRIVGGVWWFFTLIIISSYTAN
LAAFLTVERMVSPIESAEDLSKQTEIAYGTLDSGSTKEFFRRSKIAVFDKMWTYMRSAEPSVFVRTTAEGVARVRKSKGK
YAYLLESTMNEYIEQRKPCDTMKVGGNLDSKGYGIATPKGSSLGTPVNLAVLKLSEQGVLDKLKNKWWYDKGECGAKDSG
SKEKTSALSLSNVAGVFYILVGGLGLAMLVALIEFCYKSRAEAKRMKVAKNPQNINPSSS
;
B,D
3 'polypeptide(L)'
;MAFTFAAFCYMLTLVLCASLIFFVIWHIIAFDELRTDFKNPIDQGNPARARERLKNIERICCLLRKLVVPEYSIHGLFCL
MFLCAAEWVTLGLNIPLLFYHLWRYFHRPADGSEVMYDAVSIMNADILNYCQKESWCKLAFYLLSFFYYLYSMVYTLVSF
ENLYFQSGGSTETSQVAPAYPYDVPDYA
;
G,E
4 'polypeptide(L)'
;GESLKRWNEERGLWCEKGVQVLLTTIGAFAAFGLMTIAISTDYWLYTRALICNTTNLTAGDDGPPHRGGSGSSEKKDPGG
LTHSGLWRICCLEGLKRGVCVKINHFPEDTDYDHDSAEYLLRVVRASSIFPILSAILLLLGGVCVAASRVYKSKRNIILG
AGILFVAAGLSNIIGVIVYISANAGEPGPKRDEEKKNHYSYGWSFYFGGLSFILAEVIGVLAVNIYIERSREAHCQSRSD
LLKAGGGAGGSGGSGPSAILRLPSYRFRYRRRSRSSSRGSSEASPSRDASPGGPGGPGFASTDISMYTLSRDPSKGSVAA
GLASAGGGGGGAGVGAYGGAAGAAGGGGTGSERDRGSSAGFLTLHNAFPKEAASGVTVTVTGPPAAPAPAPPAPAAPAPG
TLSKEAAASNTNTLNRKLEVLFQ
;
I,J
#
loop_
_chem_comp.id
_chem_comp.type
_chem_comp.name
_chem_comp.formula
BMA D-saccharide, beta linking beta-D-mannopyranose 'C6 H12 O6'
CLR non-polymer CHOLESTEROL 'C27 H46 O'
E2Q non-polymer 6-nitro-2,3-bis(oxidanylidene)-1,4-dihydrobenzo[f]quinoxaline-7-sulfonamide 'C12 H8 N4 O6 S'
NAG D-saccharide, beta linking 2-acetamido-2-deoxy-beta-D-glucopyranose 'C8 H15 N O6'
PC1 non-polymer 1,2-DIACYL-SN-GLYCERO-3-PHOSPHOCHOLINE 'C44 H88 N O8 P'
#
# COMPACT_ATOMS: atom_id res chain seq x y z
N PHE A 29 -34.29 62.35 -78.12
CA PHE A 29 -32.96 62.82 -77.77
C PHE A 29 -32.01 62.66 -78.96
N PRO A 30 -30.94 63.44 -78.98
CA PRO A 30 -29.99 63.35 -80.10
C PRO A 30 -29.37 61.97 -80.20
N ASN A 31 -29.15 61.52 -81.44
CA ASN A 31 -28.52 60.23 -81.67
C ASN A 31 -27.01 60.27 -81.54
N ASN A 32 -26.42 61.46 -81.44
CA ASN A 32 -24.98 61.60 -81.23
C ASN A 32 -24.63 61.63 -79.75
N ILE A 33 -25.07 60.60 -79.03
CA ILE A 33 -24.79 60.49 -77.61
C ILE A 33 -23.42 59.84 -77.44
N GLN A 34 -22.38 60.66 -77.43
CA GLN A 34 -21.02 60.15 -77.42
C GLN A 34 -20.70 59.50 -76.09
N ILE A 35 -20.17 58.29 -76.15
CA ILE A 35 -19.73 57.54 -74.98
C ILE A 35 -18.24 57.26 -75.11
N GLY A 36 -17.56 57.22 -73.98
CA GLY A 36 -16.13 57.00 -73.95
C GLY A 36 -15.78 55.55 -73.70
N GLY A 37 -14.49 55.29 -73.72
CA GLY A 37 -13.98 53.96 -73.47
C GLY A 37 -12.51 53.99 -73.14
N LEU A 38 -12.11 53.32 -72.07
CA LEU A 38 -10.71 53.25 -71.64
C LEU A 38 -10.30 51.79 -71.65
N PHE A 39 -9.35 51.45 -72.52
CA PHE A 39 -8.92 50.07 -72.61
C PHE A 39 -7.40 49.97 -72.58
N PRO A 40 -6.86 48.83 -72.13
CA PRO A 40 -5.41 48.67 -72.10
C PRO A 40 -4.80 48.15 -73.40
N ASN A 41 -5.55 47.40 -74.21
CA ASN A 41 -4.99 46.75 -75.38
C ASN A 41 -5.94 46.90 -76.55
N GLN A 42 -5.39 47.26 -77.71
CA GLN A 42 -6.20 47.48 -78.90
C GLN A 42 -6.89 46.20 -79.36
N GLN A 43 -6.17 45.07 -79.32
CA GLN A 43 -6.69 43.79 -79.78
C GLN A 43 -6.80 42.85 -78.60
N SER A 44 -8.03 42.54 -78.21
CA SER A 44 -8.28 41.60 -77.13
C SER A 44 -9.74 41.18 -77.18
N GLN A 45 -10.04 40.08 -76.50
CA GLN A 45 -11.40 39.54 -76.50
C GLN A 45 -12.38 40.55 -75.94
N GLU A 46 -11.99 41.25 -74.88
CA GLU A 46 -12.86 42.23 -74.26
C GLU A 46 -13.20 43.36 -75.23
N HIS A 47 -12.17 43.91 -75.89
CA HIS A 47 -12.38 44.97 -76.85
C HIS A 47 -13.25 44.50 -78.01
N ALA A 48 -12.98 43.29 -78.50
CA ALA A 48 -13.76 42.76 -79.62
C ALA A 48 -15.21 42.60 -79.24
N ALA A 49 -15.48 42.09 -78.03
CA ALA A 49 -16.86 41.93 -77.59
C ALA A 49 -17.55 43.28 -77.48
N PHE A 50 -16.86 44.28 -76.92
CA PHE A 50 -17.45 45.60 -76.83
C PHE A 50 -17.78 46.14 -78.21
N ARG A 51 -16.86 45.97 -79.16
CA ARG A 51 -17.11 46.45 -80.52
C ARG A 51 -18.29 45.74 -81.15
N PHE A 52 -18.40 44.43 -80.92
CA PHE A 52 -19.46 43.65 -81.56
C PHE A 52 -20.83 44.01 -80.99
N ALA A 53 -20.94 44.07 -79.67
CA ALA A 53 -22.25 44.25 -79.05
C ALA A 53 -22.95 45.50 -79.56
N LEU A 54 -22.18 46.51 -79.97
CA LEU A 54 -22.79 47.73 -80.47
C LEU A 54 -23.55 47.48 -81.76
N SER A 55 -23.09 46.52 -82.57
CA SER A 55 -23.78 46.21 -83.81
C SER A 55 -25.22 45.82 -83.56
N GLN A 56 -25.46 45.00 -82.53
CA GLN A 56 -26.81 44.59 -82.19
C GLN A 56 -27.67 45.76 -81.73
N LEU A 57 -27.05 46.89 -81.39
CA LEU A 57 -27.80 48.05 -80.90
C LEU A 57 -28.69 48.59 -82.01
N THR A 58 -29.99 48.33 -81.93
CA THR A 58 -30.96 48.83 -82.89
C THR A 58 -31.78 49.98 -82.31
N GLU A 59 -31.43 50.47 -81.13
CA GLU A 59 -32.18 51.53 -80.49
C GLU A 59 -31.99 52.84 -81.25
N PRO A 60 -32.95 53.77 -81.13
CA PRO A 60 -32.84 55.05 -81.85
C PRO A 60 -31.55 55.78 -81.50
N PRO A 61 -31.14 55.78 -80.23
CA PRO A 61 -29.85 56.40 -79.90
C PRO A 61 -28.69 55.65 -80.53
N LYS A 62 -27.67 56.41 -80.90
CA LYS A 62 -26.43 55.87 -81.48
C LYS A 62 -25.30 56.17 -80.51
N LEU A 63 -24.74 55.13 -79.92
CA LEU A 63 -23.68 55.28 -78.94
C LEU A 63 -22.33 55.13 -79.63
N LEU A 64 -21.45 56.09 -79.41
CA LEU A 64 -20.12 56.07 -80.01
C LEU A 64 -19.13 55.41 -79.06
N PRO A 65 -18.27 54.52 -79.56
CA PRO A 65 -17.30 53.88 -78.66
C PRO A 65 -16.25 54.85 -78.16
N GLN A 66 -15.68 55.62 -79.08
CA GLN A 66 -14.67 56.63 -78.77
C GLN A 66 -13.58 56.03 -77.89
N ILE A 67 -12.98 54.93 -78.35
CA ILE A 67 -12.02 54.19 -77.56
C ILE A 67 -10.73 54.99 -77.40
N ASP A 68 -10.13 54.88 -76.21
CA ASP A 68 -8.78 55.36 -75.95
C ASP A 68 -8.01 54.20 -75.35
N ILE A 69 -6.85 53.91 -75.93
CA ILE A 69 -5.97 52.87 -75.39
C ILE A 69 -5.06 53.51 -74.37
N VAL A 70 -5.19 53.07 -73.12
CA VAL A 70 -4.50 53.69 -72.00
C VAL A 70 -3.97 52.60 -71.10
N ASN A 71 -2.77 52.82 -70.57
CA ASN A 71 -2.21 51.89 -69.61
C ASN A 71 -2.93 52.07 -68.27
N ILE A 72 -3.35 50.96 -67.68
CA ILE A 72 -4.20 51.03 -66.51
C ILE A 72 -3.42 51.47 -65.27
N SER A 73 -2.23 50.91 -65.07
CA SER A 73 -1.53 51.13 -63.81
C SER A 73 -1.20 52.61 -63.61
N ASP A 74 -0.82 53.30 -64.68
CA ASP A 74 -0.34 54.67 -64.55
C ASP A 74 -1.51 55.60 -64.34
N SER A 75 -1.57 56.23 -63.17
CA SER A 75 -2.69 57.09 -62.84
C SER A 75 -2.65 58.38 -63.66
N PHE A 76 -1.45 58.89 -63.95
CA PHE A 76 -1.34 60.14 -64.68
C PHE A 76 -1.88 60.01 -66.09
N GLU A 77 -1.44 58.98 -66.80
CA GLU A 77 -1.96 58.73 -68.14
C GLU A 77 -3.48 58.64 -68.11
N MET A 78 -4.03 57.94 -67.13
CA MET A 78 -5.48 57.81 -67.04
C MET A 78 -6.16 59.13 -66.78
N THR A 79 -5.62 59.94 -65.88
CA THR A 79 -6.25 61.22 -65.62
C THR A 79 -6.25 62.07 -66.88
N TYR A 80 -5.17 61.98 -67.66
CA TYR A 80 -5.13 62.66 -68.94
C TYR A 80 -6.27 62.22 -69.84
N ARG A 81 -6.44 60.90 -69.98
CA ARG A 81 -7.49 60.39 -70.87
C ARG A 81 -8.89 60.74 -70.39
N PHE A 82 -9.11 60.63 -69.09
CA PHE A 82 -10.41 60.95 -68.52
C PHE A 82 -10.74 62.42 -68.69
N CYS A 83 -9.77 63.30 -68.52
CA CYS A 83 -10.01 64.71 -68.78
C CYS A 83 -10.19 64.99 -70.27
N SER A 84 -9.53 64.23 -71.14
CA SER A 84 -9.78 64.39 -72.57
C SER A 84 -11.23 64.05 -72.90
N GLN A 85 -11.72 62.93 -72.37
CA GLN A 85 -13.11 62.56 -72.60
C GLN A 85 -14.05 63.60 -72.00
N PHE A 86 -13.67 64.19 -70.87
CA PHE A 86 -14.42 65.33 -70.36
C PHE A 86 -14.46 66.45 -71.37
N SER A 87 -13.33 66.74 -72.00
CA SER A 87 -13.28 67.80 -73.01
C SER A 87 -14.23 67.50 -74.16
N LYS A 88 -14.27 66.23 -74.59
CA LYS A 88 -15.18 65.86 -75.68
C LYS A 88 -16.64 65.97 -75.26
N GLY A 89 -16.92 66.06 -73.96
CA GLY A 89 -18.28 66.12 -73.50
C GLY A 89 -18.97 64.79 -73.32
N VAL A 90 -18.18 63.72 -73.17
CA VAL A 90 -18.75 62.37 -73.12
C VAL A 90 -19.77 62.28 -71.99
N TYR A 91 -20.88 61.59 -72.25
CA TYR A 91 -21.96 61.49 -71.28
C TYR A 91 -21.70 60.41 -70.25
N ALA A 92 -21.12 59.28 -70.67
CA ALA A 92 -20.83 58.18 -69.78
C ALA A 92 -19.54 57.52 -70.23
N ILE A 93 -18.95 56.74 -69.32
CA ILE A 93 -17.64 56.15 -69.55
C ILE A 93 -17.69 54.67 -69.21
N PHE A 94 -17.01 53.88 -70.02
CA PHE A 94 -16.83 52.46 -69.79
C PHE A 94 -15.35 52.14 -69.85
N GLY A 95 -14.90 51.26 -68.97
CA GLY A 95 -13.50 50.90 -68.97
C GLY A 95 -13.14 50.07 -67.76
N PHE A 96 -11.84 49.87 -67.62
CA PHE A 96 -11.25 49.01 -66.60
C PHE A 96 -10.41 49.86 -65.66
N TYR A 97 -10.21 49.33 -64.46
CA TYR A 97 -9.33 49.96 -63.49
C TYR A 97 -8.68 48.91 -62.61
N GLU A 98 -7.44 49.19 -62.21
CA GLU A 98 -6.64 48.32 -61.37
C GLU A 98 -6.45 48.95 -60.00
N ARG A 99 -5.78 48.22 -59.12
CA ARG A 99 -5.59 48.64 -57.74
C ARG A 99 -5.00 50.04 -57.64
N ARG A 100 -3.98 50.33 -58.43
CA ARG A 100 -3.26 51.59 -58.29
C ARG A 100 -4.15 52.77 -58.57
N THR A 101 -5.03 52.62 -59.55
CA THR A 101 -5.82 53.72 -60.10
C THR A 101 -7.31 53.59 -59.87
N VAL A 102 -7.73 52.70 -58.98
CA VAL A 102 -9.13 52.67 -58.61
C VAL A 102 -9.54 53.93 -57.87
N ASN A 103 -8.74 54.33 -56.88
CA ASN A 103 -9.12 55.49 -56.08
C ASN A 103 -9.21 56.73 -56.95
N MET A 104 -8.13 57.06 -57.65
CA MET A 104 -8.12 58.22 -58.53
C MET A 104 -9.40 58.28 -59.35
N LEU A 105 -9.66 57.25 -60.14
CA LEU A 105 -10.86 57.26 -60.98
C LEU A 105 -12.10 57.48 -60.15
N THR A 106 -12.27 56.67 -59.10
CA THR A 106 -13.45 56.80 -58.28
C THR A 106 -13.64 58.24 -57.86
N SER A 107 -12.54 58.88 -57.44
CA SER A 107 -12.63 60.24 -56.93
C SER A 107 -13.14 61.20 -58.00
N PHE A 108 -12.66 61.06 -59.24
CA PHE A 108 -13.14 61.99 -60.25
C PHE A 108 -14.60 61.74 -60.58
N CYS A 109 -15.06 60.50 -60.42
CA CYS A 109 -16.42 60.20 -60.81
C CYS A 109 -17.44 60.76 -59.82
N GLY A 110 -17.06 60.87 -58.56
CA GLY A 110 -17.93 61.44 -57.54
C GLY A 110 -17.88 62.94 -57.43
N ALA A 111 -16.94 63.58 -58.11
CA ALA A 111 -16.77 65.02 -58.07
C ALA A 111 -17.45 65.72 -59.24
N LEU A 112 -17.24 65.22 -60.45
CA LEU A 112 -17.87 65.75 -61.64
C LEU A 112 -19.24 65.16 -61.88
N HIS A 113 -19.69 64.26 -61.04
CA HIS A 113 -20.98 63.58 -61.21
C HIS A 113 -21.06 62.95 -62.59
N VAL A 114 -20.10 62.08 -62.86
CA VAL A 114 -19.98 61.39 -64.14
C VAL A 114 -19.89 59.91 -63.88
N CYS A 115 -20.70 59.13 -64.58
CA CYS A 115 -20.81 57.72 -64.32
C CYS A 115 -19.68 56.96 -65.01
N PHE A 116 -19.36 55.79 -64.45
CA PHE A 116 -18.24 54.98 -64.94
C PHE A 116 -18.65 53.51 -64.82
N ILE A 117 -18.83 52.88 -65.97
CA ILE A 117 -19.17 51.46 -66.02
C ILE A 117 -17.88 50.66 -66.00
N THR A 118 -17.89 49.53 -65.30
CA THR A 118 -16.71 48.70 -65.29
C THR A 118 -17.03 47.25 -65.01
N PRO A 119 -16.34 46.32 -65.67
CA PRO A 119 -16.33 44.91 -65.23
C PRO A 119 -15.16 44.55 -64.33
N SER A 120 -14.36 45.50 -63.89
CA SER A 120 -13.18 45.18 -63.11
C SER A 120 -13.57 44.79 -61.69
N PHE A 121 -12.56 44.47 -60.90
CA PHE A 121 -12.80 43.97 -59.57
C PHE A 121 -13.60 44.99 -58.76
N PRO A 122 -14.60 44.55 -57.99
CA PRO A 122 -15.38 45.50 -57.19
C PRO A 122 -14.65 45.90 -55.93
N VAL A 123 -15.09 47.02 -55.37
CA VAL A 123 -14.44 47.63 -54.23
C VAL A 123 -15.49 47.93 -53.17
N ASP A 124 -15.01 48.02 -51.92
CA ASP A 124 -15.92 48.20 -50.79
C ASP A 124 -16.32 49.66 -50.64
N THR A 125 -15.36 50.57 -50.72
CA THR A 125 -15.62 52.00 -50.59
C THR A 125 -15.62 52.62 -51.98
N SER A 126 -16.76 53.17 -52.37
CA SER A 126 -16.91 53.72 -53.70
C SER A 126 -18.09 54.66 -53.72
N ASN A 127 -18.15 55.49 -54.76
CA ASN A 127 -19.27 56.39 -54.95
C ASN A 127 -20.43 55.63 -55.56
N GLN A 128 -21.52 56.36 -55.80
CA GLN A 128 -22.69 55.80 -56.47
C GLN A 128 -22.61 55.94 -57.99
N PHE A 129 -21.60 56.63 -58.50
CA PHE A 129 -21.45 56.85 -59.93
C PHE A 129 -20.62 55.78 -60.60
N VAL A 130 -20.15 54.78 -59.86
CA VAL A 130 -19.32 53.72 -60.39
C VAL A 130 -20.12 52.43 -60.39
N LEU A 131 -20.50 51.98 -61.57
CA LEU A 131 -21.31 50.77 -61.71
C LEU A 131 -20.39 49.59 -61.99
N GLN A 132 -20.32 48.67 -61.05
CA GLN A 132 -19.43 47.53 -61.11
C GLN A 132 -20.21 46.31 -61.58
N LEU A 133 -19.97 45.91 -62.82
CA LEU A 133 -20.64 44.74 -63.39
C LEU A 133 -19.88 43.46 -63.10
N ARG A 134 -19.57 43.26 -61.84
CA ARG A 134 -18.90 42.03 -61.40
C ARG A 134 -19.33 41.74 -59.98
N PRO A 135 -20.27 40.83 -59.78
CA PRO A 135 -20.71 40.51 -58.42
C PRO A 135 -19.54 40.02 -57.58
N GLU A 136 -19.59 40.37 -56.30
CA GLU A 136 -18.51 40.02 -55.40
C GLU A 136 -18.61 38.55 -54.99
N LEU A 137 -17.48 37.87 -55.04
CA LEU A 137 -17.39 36.47 -54.66
C LEU A 137 -17.07 36.27 -53.19
N GLN A 138 -16.82 37.35 -52.45
CA GLN A 138 -16.36 37.19 -51.06
C GLN A 138 -17.42 36.50 -50.22
N GLU A 139 -18.69 36.88 -50.38
CA GLU A 139 -19.74 36.26 -49.59
C GLU A 139 -19.90 34.78 -49.92
N ALA A 140 -19.97 34.47 -51.20
CA ALA A 140 -20.18 33.08 -51.61
C ALA A 140 -19.00 32.20 -51.22
N LEU A 141 -17.78 32.74 -51.31
CA LEU A 141 -16.61 31.97 -50.92
C LEU A 141 -16.69 31.57 -49.46
N ILE A 142 -17.15 32.49 -48.62
CA ILE A 142 -17.32 32.18 -47.20
C ILE A 142 -18.30 31.03 -47.03
N SER A 143 -19.41 31.06 -47.76
CA SER A 143 -20.42 30.01 -47.63
C SER A 143 -19.87 28.66 -48.05
N ILE A 144 -19.17 28.62 -49.18
CA ILE A 144 -18.61 27.37 -49.67
C ILE A 144 -17.59 26.82 -48.69
N ILE A 145 -16.71 27.68 -48.17
CA ILE A 145 -15.75 27.22 -47.18
C ILE A 145 -16.47 26.69 -45.95
N ASP A 146 -17.54 27.39 -45.53
CA ASP A 146 -18.28 26.97 -44.35
C ASP A 146 -18.87 25.58 -44.54
N HIS A 147 -19.47 25.33 -45.70
CA HIS A 147 -20.17 24.07 -45.90
C HIS A 147 -19.22 22.89 -45.73
N TYR A 148 -18.12 22.89 -46.46
CA TYR A 148 -17.11 21.87 -46.26
C TYR A 148 -16.52 22.00 -44.86
N LYS A 149 -16.20 20.86 -44.25
CA LYS A 149 -15.62 20.84 -42.91
C LYS A 149 -14.15 21.28 -43.02
N TRP A 150 -13.96 22.58 -43.22
CA TRP A 150 -12.64 23.16 -43.39
C TRP A 150 -12.18 23.73 -42.05
N GLN A 151 -11.17 23.09 -41.46
CA GLN A 151 -10.68 23.49 -40.15
C GLN A 151 -9.50 24.44 -40.25
N THR A 152 -8.53 24.10 -41.09
CA THR A 152 -7.40 24.97 -41.36
C THR A 152 -7.10 24.92 -42.85
N PHE A 153 -6.58 26.02 -43.38
CA PHE A 153 -6.23 26.02 -44.79
C PHE A 153 -5.29 27.16 -45.12
N VAL A 154 -4.80 27.12 -46.34
CA VAL A 154 -3.91 28.12 -46.89
C VAL A 154 -4.70 29.00 -47.84
N TYR A 155 -4.45 30.30 -47.77
CA TYR A 155 -5.05 31.28 -48.66
C TYR A 155 -3.96 31.85 -49.54
N ILE A 156 -4.24 31.96 -50.82
CA ILE A 156 -3.32 32.56 -51.78
C ILE A 156 -4.06 33.72 -52.42
N TYR A 157 -3.49 34.91 -52.31
CA TYR A 157 -4.17 36.13 -52.73
C TYR A 157 -3.25 36.96 -53.59
N ASP A 158 -3.81 37.49 -54.67
CA ASP A 158 -3.11 38.44 -55.50
C ASP A 158 -3.38 39.84 -54.97
N ALA A 159 -2.32 40.64 -54.87
CA ALA A 159 -2.46 41.99 -54.37
C ALA A 159 -3.36 42.84 -55.24
N ASP A 160 -3.73 42.36 -56.42
CA ASP A 160 -4.55 43.15 -57.34
C ASP A 160 -5.97 43.25 -56.84
N ARG A 161 -6.16 43.96 -55.73
CA ARG A 161 -7.43 44.30 -55.12
C ARG A 161 -8.00 43.14 -54.32
N GLY A 162 -7.31 42.02 -54.21
CA GLY A 162 -7.83 40.90 -53.44
C GLY A 162 -7.90 41.17 -51.96
N LEU A 163 -7.27 42.24 -51.49
CA LEU A 163 -7.16 42.47 -50.06
C LEU A 163 -8.54 42.59 -49.42
N SER A 164 -9.49 43.21 -50.12
CA SER A 164 -10.84 43.35 -49.58
C SER A 164 -11.42 42.00 -49.19
N VAL A 165 -11.10 40.96 -49.96
CA VAL A 165 -11.60 39.63 -49.66
C VAL A 165 -10.80 38.96 -48.56
N LEU A 166 -9.55 39.36 -48.37
CA LEU A 166 -8.74 38.81 -47.29
C LEU A 166 -9.32 39.17 -45.93
N GLN A 167 -9.58 40.46 -45.72
CA GLN A 167 -10.06 40.91 -44.43
C GLN A 167 -11.32 40.17 -44.03
N ARG A 168 -12.30 40.13 -44.92
CA ARG A 168 -13.50 39.36 -44.67
C ARG A 168 -13.14 38.01 -44.07
N VAL A 169 -12.30 37.26 -44.77
CA VAL A 169 -11.91 35.94 -44.29
C VAL A 169 -11.30 36.05 -42.90
N LEU A 170 -10.29 36.91 -42.75
CA LEU A 170 -9.65 37.06 -41.46
C LEU A 170 -10.64 37.51 -40.39
N ASP A 171 -11.68 38.24 -40.79
CA ASP A 171 -12.69 38.63 -39.82
C ASP A 171 -13.60 37.46 -39.48
N THR A 172 -13.95 36.64 -40.46
CA THR A 172 -14.76 35.46 -40.22
C THR A 172 -13.95 34.33 -39.58
N ALA A 173 -12.64 34.31 -39.78
CA ALA A 173 -11.83 33.31 -39.12
C ALA A 173 -11.93 33.44 -37.60
N ALA A 174 -11.93 34.67 -37.10
CA ALA A 174 -12.03 34.87 -35.66
C ALA A 174 -13.40 34.45 -35.14
N GLU A 175 -14.46 34.82 -35.85
CA GLU A 175 -15.82 34.50 -35.41
C GLU A 175 -16.05 33.00 -35.36
N LYS A 176 -15.55 32.30 -36.37
CA LYS A 176 -15.84 30.89 -36.62
C LYS A 176 -14.66 29.96 -36.37
N ASN A 177 -13.48 30.51 -36.04
CA ASN A 177 -12.38 29.71 -35.49
C ASN A 177 -11.86 28.65 -36.46
N TRP A 178 -11.44 29.06 -37.65
CA TRP A 178 -10.51 28.25 -38.43
C TRP A 178 -9.22 29.01 -38.65
N GLN A 179 -8.16 28.28 -38.95
CA GLN A 179 -6.86 28.86 -39.19
C GLN A 179 -6.63 29.10 -40.68
N VAL A 180 -6.05 30.24 -40.99
CA VAL A 180 -5.79 30.66 -42.36
C VAL A 180 -4.35 31.11 -42.48
N THR A 181 -3.59 30.45 -43.34
CA THR A 181 -2.20 30.80 -43.58
C THR A 181 -2.08 31.50 -44.93
N ALA A 182 -2.20 32.82 -44.90
CA ALA A 182 -2.16 33.60 -46.13
C ALA A 182 -0.75 33.69 -46.69
N VAL A 183 -0.65 33.68 -48.01
CA VAL A 183 0.60 33.87 -48.73
C VAL A 183 0.29 34.66 -49.99
N ASN A 184 1.10 35.67 -50.27
CA ASN A 184 0.89 36.54 -51.41
C ASN A 184 1.71 36.06 -52.59
N ILE A 185 1.08 35.99 -53.77
CA ILE A 185 1.79 35.56 -54.96
C ILE A 185 2.59 36.71 -55.57
N LEU A 186 2.10 37.94 -55.43
CA LEU A 186 2.79 39.08 -56.04
C LEU A 186 4.21 39.20 -55.50
N THR A 187 4.38 39.02 -54.19
CA THR A 187 5.68 39.08 -53.55
C THR A 187 6.18 37.69 -53.14
N THR A 188 5.78 36.67 -53.89
CA THR A 188 6.25 35.31 -53.67
C THR A 188 6.99 34.83 -54.90
N THR A 189 8.10 34.13 -54.68
CA THR A 189 8.94 33.60 -55.74
C THR A 189 8.80 32.07 -55.78
N GLU A 190 9.53 31.46 -56.70
CA GLU A 190 9.51 30.01 -56.81
C GLU A 190 9.95 29.36 -55.50
N GLU A 191 10.98 29.92 -54.87
CA GLU A 191 11.43 29.39 -53.58
C GLU A 191 10.34 29.57 -52.53
N GLY A 192 9.60 30.68 -52.60
CA GLY A 192 8.50 30.88 -51.67
C GLY A 192 7.44 29.80 -51.80
N TYR A 193 7.04 29.51 -53.04
CA TYR A 193 6.07 28.44 -53.27
C TYR A 193 6.62 27.10 -52.80
N ARG A 194 7.89 26.83 -53.09
CA ARG A 194 8.49 25.57 -52.68
C ARG A 194 8.42 25.40 -51.18
N MET A 195 8.87 26.42 -50.43
CA MET A 195 8.84 26.33 -48.98
C MET A 195 7.41 26.22 -48.46
N LEU A 196 6.49 26.99 -49.03
CA LEU A 196 5.11 26.96 -48.54
C LEU A 196 4.51 25.59 -48.73
N PHE A 197 4.68 25.01 -49.91
CA PHE A 197 4.10 23.69 -50.17
C PHE A 197 4.81 22.60 -49.36
N GLN A 198 6.11 22.73 -49.17
CA GLN A 198 6.84 21.75 -48.37
C GLN A 198 6.33 21.74 -46.93
N ASP A 199 6.14 22.94 -46.35
CA ASP A 199 5.57 23.01 -45.01
C ASP A 199 4.11 22.60 -45.01
N LEU A 200 3.41 22.73 -46.14
CA LEU A 200 2.00 22.40 -46.21
C LEU A 200 1.80 20.90 -46.18
N GLU A 201 2.59 20.16 -46.98
CA GLU A 201 2.37 18.73 -47.12
C GLU A 201 2.76 17.95 -45.88
N LYS A 202 3.46 18.58 -44.93
CA LYS A 202 3.69 17.94 -43.64
C LYS A 202 2.39 17.69 -42.90
N LYS A 203 1.31 18.39 -43.28
CA LYS A 203 0.00 18.17 -42.69
C LYS A 203 -0.73 17.06 -43.42
N LYS A 204 -1.53 16.30 -42.67
CA LYS A 204 -2.24 15.17 -43.27
C LYS A 204 -3.24 15.66 -44.31
N GLU A 205 -4.00 16.71 -44.00
CA GLU A 205 -5.00 17.27 -44.89
C GLU A 205 -4.52 18.60 -45.45
N ARG A 206 -4.71 18.80 -46.75
CA ARG A 206 -4.19 19.98 -47.45
C ARG A 206 -5.35 20.66 -48.18
N LEU A 207 -5.69 21.87 -47.72
CA LEU A 207 -6.75 22.66 -48.32
C LEU A 207 -6.21 24.03 -48.68
N VAL A 208 -6.57 24.50 -49.88
CA VAL A 208 -5.99 25.71 -50.44
C VAL A 208 -7.07 26.51 -51.15
N VAL A 209 -7.01 27.82 -50.99
CA VAL A 209 -7.84 28.74 -51.76
C VAL A 209 -6.91 29.58 -52.61
N VAL A 210 -7.34 29.83 -53.85
CA VAL A 210 -6.53 30.55 -54.81
C VAL A 210 -7.33 31.69 -55.41
N ASP A 211 -7.24 32.88 -54.81
CA ASP A 211 -7.79 34.08 -55.40
C ASP A 211 -6.76 34.69 -56.32
N CYS A 212 -7.13 34.93 -57.57
CA CYS A 212 -6.18 35.37 -58.57
C CYS A 212 -6.92 36.08 -59.70
N GLU A 213 -6.15 36.71 -60.56
CA GLU A 213 -6.70 37.32 -61.76
C GLU A 213 -6.94 36.24 -62.81
N SER A 214 -7.40 36.66 -63.98
CA SER A 214 -7.61 35.70 -65.06
C SER A 214 -6.29 35.08 -65.51
N GLU A 215 -5.29 35.90 -65.75
CA GLU A 215 -4.01 35.41 -66.27
C GLU A 215 -3.07 34.90 -65.19
N ARG A 216 -3.16 35.42 -63.97
CA ARG A 216 -2.29 34.94 -62.90
C ARG A 216 -2.66 33.52 -62.51
N LEU A 217 -3.94 33.16 -62.65
CA LEU A 217 -4.37 31.81 -62.29
C LEU A 217 -3.70 30.78 -63.18
N ASN A 218 -3.55 31.07 -64.47
CA ASN A 218 -2.92 30.11 -65.37
C ASN A 218 -1.47 29.86 -64.97
N ALA A 219 -0.73 30.92 -64.68
CA ALA A 219 0.67 30.77 -64.27
C ALA A 219 0.77 30.02 -62.94
N ILE A 220 -0.12 30.32 -62.00
CA ILE A 220 -0.07 29.62 -60.72
C ILE A 220 -0.42 28.15 -60.91
N LEU A 221 -1.37 27.85 -61.80
CA LEU A 221 -1.69 26.46 -62.11
C LEU A 221 -0.48 25.75 -62.68
N GLY A 222 0.21 26.39 -63.62
CA GLY A 222 1.45 25.82 -64.13
C GLY A 222 2.45 25.59 -63.02
N GLN A 223 2.50 26.52 -62.05
CA GLN A 223 3.43 26.36 -60.95
C GLN A 223 3.09 25.13 -60.11
N ILE A 224 1.81 24.91 -59.85
CA ILE A 224 1.40 23.79 -59.01
C ILE A 224 1.48 22.47 -59.75
N VAL A 225 1.38 22.49 -61.08
CA VAL A 225 1.46 21.25 -61.85
C VAL A 225 2.86 20.65 -61.73
N LYS A 226 3.89 21.51 -61.68
CA LYS A 226 5.26 21.02 -61.58
C LYS A 226 5.41 20.04 -60.44
N LEU A 227 4.84 20.37 -59.27
CA LEU A 227 4.88 19.48 -58.11
C LEU A 227 3.90 20.02 -57.08
N GLU A 228 3.51 19.15 -56.16
CA GLU A 228 2.59 19.45 -55.06
C GLU A 228 1.14 19.46 -55.54
N LYS A 229 0.87 19.08 -56.78
CA LYS A 229 -0.49 18.97 -57.30
C LYS A 229 -0.90 17.51 -57.50
N ASN A 230 -0.37 16.61 -56.68
CA ASN A 230 -0.55 15.18 -56.93
C ASN A 230 -2.01 14.77 -56.79
N GLY A 231 -2.74 15.38 -55.86
CA GLY A 231 -4.09 14.94 -55.54
C GLY A 231 -4.18 14.08 -54.30
N ILE A 232 -3.15 14.04 -53.47
CA ILE A 232 -3.17 13.25 -52.25
C ILE A 232 -3.78 14.09 -51.13
N GLY A 233 -5.10 14.11 -51.04
CA GLY A 233 -5.77 14.93 -50.06
C GLY A 233 -5.72 16.41 -50.34
N TYR A 234 -5.30 16.80 -51.54
CA TYR A 234 -5.23 18.21 -51.92
C TYR A 234 -6.60 18.66 -52.38
N HIS A 235 -7.12 19.74 -51.80
CA HIS A 235 -8.38 20.33 -52.24
C HIS A 235 -8.16 21.81 -52.52
N TYR A 236 -8.23 22.17 -53.80
CA TYR A 236 -8.09 23.55 -54.24
C TYR A 236 -9.46 24.17 -54.47
N ILE A 237 -9.54 25.47 -54.21
CA ILE A 237 -10.69 26.29 -54.55
C ILE A 237 -10.20 27.44 -55.41
N LEU A 238 -10.98 27.79 -56.42
CA LEU A 238 -10.63 28.82 -57.37
C LEU A 238 -11.65 29.94 -57.26
N ALA A 239 -11.25 31.04 -56.63
CA ALA A 239 -12.11 32.21 -56.48
C ALA A 239 -12.01 33.08 -57.73
N ASN A 240 -12.57 32.54 -58.81
CA ASN A 240 -12.68 33.25 -60.08
C ASN A 240 -14.09 33.08 -60.59
N LEU A 241 -14.72 34.17 -61.00
CA LEU A 241 -16.12 34.11 -61.39
C LEU A 241 -16.32 33.21 -62.60
N GLY A 242 -15.27 32.95 -63.36
CA GLY A 242 -15.36 32.08 -64.52
C GLY A 242 -14.42 30.90 -64.43
N PHE A 243 -14.98 29.71 -64.31
CA PHE A 243 -14.21 28.50 -64.08
C PHE A 243 -14.15 27.59 -65.31
N MET A 244 -15.02 27.80 -66.29
CA MET A 244 -14.95 27.02 -67.52
C MET A 244 -13.82 27.49 -68.43
N ASP A 245 -13.52 28.79 -68.40
CA ASP A 245 -12.48 29.32 -69.29
C ASP A 245 -11.12 28.74 -68.95
N ILE A 246 -10.85 28.49 -67.66
CA ILE A 246 -9.53 28.06 -67.25
C ILE A 246 -9.26 26.66 -67.76
N ASP A 247 -8.06 26.44 -68.29
CA ASP A 247 -7.66 25.15 -68.84
C ASP A 247 -7.14 24.27 -67.71
N LEU A 248 -8.06 23.54 -67.09
CA LEU A 248 -7.74 22.61 -66.02
C LEU A 248 -7.59 21.18 -66.54
N ASN A 249 -7.14 21.01 -67.78
CA ASN A 249 -6.97 19.68 -68.33
C ASN A 249 -5.94 18.89 -67.54
N LYS A 250 -4.83 19.53 -67.17
CA LYS A 250 -3.82 18.85 -66.38
C LYS A 250 -4.37 18.36 -65.05
N PHE A 251 -5.48 18.94 -64.58
CA PHE A 251 -6.09 18.53 -63.32
C PHE A 251 -7.11 17.42 -63.49
N LYS A 252 -7.47 17.07 -64.72
CA LYS A 252 -8.44 16.00 -64.94
C LYS A 252 -7.81 14.61 -64.89
N GLU A 253 -6.50 14.52 -64.76
CA GLU A 253 -5.79 13.24 -64.74
C GLU A 253 -5.09 12.96 -63.42
N SER A 254 -4.47 13.95 -62.80
CA SER A 254 -3.73 13.73 -61.57
C SER A 254 -4.63 13.21 -60.45
N GLY A 255 -5.94 13.40 -60.57
CA GLY A 255 -6.85 12.91 -59.56
C GLY A 255 -6.90 13.83 -58.35
N ALA A 256 -7.09 15.11 -58.60
CA ALA A 256 -7.15 16.13 -57.56
C ALA A 256 -8.51 16.82 -57.61
N ASN A 257 -8.97 17.24 -56.45
CA ASN A 257 -10.23 17.99 -56.35
C ASN A 257 -9.97 19.46 -56.62
N VAL A 258 -10.92 20.09 -57.31
CA VAL A 258 -10.93 21.53 -57.46
C VAL A 258 -12.37 22.00 -57.52
N THR A 259 -12.68 23.04 -56.76
CA THR A 259 -13.98 23.69 -56.78
C THR A 259 -13.83 25.10 -57.31
N GLY A 260 -14.84 25.57 -58.02
CA GLY A 260 -14.80 26.87 -58.64
C GLY A 260 -16.19 27.42 -58.80
N PHE A 261 -16.25 28.64 -59.32
CA PHE A 261 -17.51 29.34 -59.51
C PHE A 261 -17.67 29.69 -60.98
N GLN A 262 -18.91 29.72 -61.42
CA GLN A 262 -19.26 30.15 -62.76
C GLN A 262 -20.40 31.15 -62.68
N LEU A 263 -20.32 32.17 -63.51
CA LEU A 263 -21.36 33.19 -63.60
C LEU A 263 -22.14 33.13 -64.90
N VAL A 264 -21.58 32.52 -65.93
CA VAL A 264 -22.18 32.49 -67.25
C VAL A 264 -22.57 31.06 -67.58
N ASN A 265 -23.82 30.88 -68.01
CA ASN A 265 -24.33 29.60 -68.49
C ASN A 265 -24.54 29.72 -69.99
N TYR A 266 -23.86 28.87 -70.75
CA TYR A 266 -23.96 28.93 -72.20
C TYR A 266 -25.17 28.16 -72.73
N THR A 267 -25.69 27.21 -71.96
CA THR A 267 -26.77 26.36 -72.44
C THR A 267 -28.11 27.09 -72.45
N ASP A 268 -28.33 28.00 -71.51
CA ASP A 268 -29.63 28.65 -71.39
C ASP A 268 -30.00 29.35 -72.70
N THR A 269 -31.29 29.64 -72.84
CA THR A 269 -31.83 30.07 -74.13
C THR A 269 -31.23 31.39 -74.58
N ILE A 270 -31.29 32.42 -73.72
CA ILE A 270 -30.72 33.71 -74.09
C ILE A 270 -29.21 33.62 -74.31
N PRO A 271 -28.43 33.05 -73.38
CA PRO A 271 -27.01 32.86 -73.66
C PRO A 271 -26.76 32.03 -74.90
N ALA A 272 -27.55 30.99 -75.13
CA ALA A 272 -27.33 30.13 -76.30
C ALA A 272 -27.53 30.92 -77.58
N ARG A 273 -28.61 31.70 -77.65
CA ARG A 273 -28.86 32.50 -78.84
C ARG A 273 -27.78 33.57 -79.03
N ILE A 274 -27.39 34.23 -77.93
CA ILE A 274 -26.37 35.28 -78.03
C ILE A 274 -25.05 34.70 -78.52
N MET A 275 -24.63 33.59 -77.91
CA MET A 275 -23.39 32.95 -78.31
C MET A 275 -23.45 32.46 -79.74
N GLN A 276 -24.57 31.85 -80.14
CA GLN A 276 -24.68 31.36 -81.51
C GLN A 276 -24.56 32.51 -82.50
N GLN A 277 -25.34 33.58 -82.29
CA GLN A 277 -25.31 34.70 -83.23
C GLN A 277 -23.91 35.32 -83.28
N TRP A 278 -23.31 35.55 -82.11
CA TRP A 278 -22.03 36.24 -82.05
C TRP A 278 -20.93 35.41 -82.67
N ARG A 279 -20.86 34.11 -82.33
CA ARG A 279 -19.83 33.26 -82.89
C ARG A 279 -20.02 33.07 -84.39
N THR A 280 -21.26 32.93 -84.84
CA THR A 280 -21.51 32.81 -86.27
C THR A 280 -21.06 34.07 -87.01
N SER A 281 -21.36 35.25 -86.45
CA SER A 281 -20.95 36.49 -87.09
C SER A 281 -19.43 36.61 -87.12
N ASP A 282 -18.78 36.27 -86.01
CA ASP A 282 -17.32 36.38 -85.94
C ASP A 282 -16.65 35.42 -86.93
N SER A 283 -17.12 34.17 -86.99
CA SER A 283 -16.55 33.21 -87.92
C SER A 283 -16.81 33.63 -89.36
N ARG A 284 -18.02 34.15 -89.64
CA ARG A 284 -18.32 34.62 -90.99
C ARG A 284 -17.43 35.78 -91.38
N ASP A 285 -16.93 36.54 -90.40
CA ASP A 285 -16.02 37.64 -90.67
C ASP A 285 -14.67 37.12 -91.16
N LYS A 292 -14.51 29.04 -79.86
CA LYS A 292 -14.01 29.35 -78.52
C LYS A 292 -15.14 29.91 -77.66
N ARG A 293 -14.86 30.05 -76.36
CA ARG A 293 -15.82 30.58 -75.41
C ARG A 293 -15.24 31.84 -74.75
N PRO A 294 -15.97 32.94 -74.70
CA PRO A 294 -15.42 34.17 -74.13
C PRO A 294 -15.14 34.03 -72.65
N LYS A 295 -14.12 34.75 -72.19
CA LYS A 295 -13.82 34.83 -70.77
C LYS A 295 -14.90 35.62 -70.06
N TYR A 296 -14.98 35.46 -68.74
CA TYR A 296 -15.99 36.16 -67.96
C TYR A 296 -15.83 37.66 -68.08
N THR A 297 -14.59 38.13 -68.19
CA THR A 297 -14.36 39.56 -68.38
C THR A 297 -14.99 40.04 -69.68
N SER A 298 -14.80 39.28 -70.75
CA SER A 298 -15.40 39.65 -72.03
C SER A 298 -16.93 39.60 -71.96
N ALA A 299 -17.46 38.62 -71.24
CA ALA A 299 -18.91 38.53 -71.11
C ALA A 299 -19.47 39.75 -70.39
N LEU A 300 -18.82 40.16 -69.31
CA LEU A 300 -19.26 41.34 -68.59
C LEU A 300 -19.12 42.58 -69.44
N THR A 301 -18.05 42.64 -70.24
CA THR A 301 -17.87 43.75 -71.15
C THR A 301 -19.03 43.84 -72.13
N TYR A 302 -19.44 42.70 -72.68
CA TYR A 302 -20.58 42.68 -73.58
C TYR A 302 -21.85 43.12 -72.87
N ASP A 303 -22.05 42.63 -71.64
CA ASP A 303 -23.25 43.00 -70.89
C ASP A 303 -23.31 44.49 -70.61
N GLY A 304 -22.16 45.13 -70.38
CA GLY A 304 -22.17 46.55 -70.06
C GLY A 304 -22.73 47.39 -71.19
N VAL A 305 -22.47 46.99 -72.43
CA VAL A 305 -23.07 47.67 -73.56
C VAL A 305 -24.57 47.61 -73.45
N LYS A 306 -25.12 46.44 -73.11
CA LYS A 306 -26.56 46.31 -72.96
C LYS A 306 -27.07 47.20 -71.84
N VAL A 307 -26.30 47.29 -70.75
CA VAL A 307 -26.71 48.14 -69.62
C VAL A 307 -26.85 49.59 -70.08
N MET A 308 -25.80 50.10 -70.72
CA MET A 308 -25.82 51.49 -71.15
C MET A 308 -26.93 51.74 -72.17
N ALA A 309 -27.09 50.81 -73.11
CA ALA A 309 -28.12 50.95 -74.12
C ALA A 309 -29.50 50.94 -73.50
N GLU A 310 -29.74 50.07 -72.53
CA GLU A 310 -31.03 50.01 -71.87
C GLU A 310 -31.32 51.31 -71.15
N ALA A 311 -30.33 51.85 -70.44
CA ALA A 311 -30.56 53.10 -69.72
C ALA A 311 -30.89 54.23 -70.70
N PHE A 312 -30.17 54.30 -71.81
CA PHE A 312 -30.40 55.41 -72.72
C PHE A 312 -31.71 55.25 -73.48
N GLN A 313 -32.07 54.01 -73.83
CA GLN A 313 -33.37 53.75 -74.43
C GLN A 313 -34.49 54.17 -73.49
N SER A 314 -34.39 53.79 -72.21
CA SER A 314 -35.39 54.18 -71.24
C SER A 314 -35.41 55.68 -71.02
N LEU A 315 -34.27 56.35 -71.15
CA LEU A 315 -34.24 57.80 -71.02
C LEU A 315 -34.95 58.47 -72.18
N ARG A 316 -34.70 58.01 -73.39
CA ARG A 316 -35.41 58.55 -74.56
C ARG A 316 -36.91 58.29 -74.44
N ARG A 317 -37.28 57.09 -73.99
CA ARG A 317 -38.70 56.79 -73.81
C ARG A 317 -39.33 57.67 -72.75
N GLN A 318 -38.64 57.87 -71.63
CA GLN A 318 -39.16 58.68 -70.53
C GLN A 318 -39.18 60.17 -70.86
N ARG A 319 -38.58 60.57 -71.97
CA ARG A 319 -38.57 61.98 -72.39
C ARG A 319 -37.97 62.86 -71.30
N ILE A 320 -36.69 62.58 -70.99
CA ILE A 320 -35.93 63.35 -70.01
C ILE A 320 -34.98 64.27 -70.77
N ASP A 321 -34.92 65.53 -70.34
CA ASP A 321 -34.14 66.54 -71.05
C ASP A 321 -32.66 66.32 -70.76
N ILE A 322 -31.94 65.80 -71.76
CA ILE A 322 -30.51 65.60 -71.69
C ILE A 322 -29.85 66.47 -72.74
N SER A 323 -28.89 67.29 -72.32
CA SER A 323 -28.21 68.20 -73.22
C SER A 323 -26.79 68.42 -72.70
N ARG A 324 -25.82 68.43 -73.61
CA ARG A 324 -24.43 68.62 -73.26
C ARG A 324 -24.02 70.04 -73.63
N ARG A 325 -23.60 70.81 -72.62
CA ARG A 325 -23.11 72.15 -72.88
C ARG A 325 -21.74 72.08 -73.54
N GLY A 326 -21.52 72.95 -74.53
CA GLY A 326 -20.26 72.97 -75.23
C GLY A 326 -19.12 73.61 -74.50
N ASN A 327 -19.34 74.01 -73.24
CA ASN A 327 -18.26 74.59 -72.45
C ASN A 327 -17.09 73.62 -72.32
N ALA A 328 -17.39 72.35 -72.06
CA ALA A 328 -16.37 71.32 -71.93
C ALA A 328 -15.26 71.79 -70.98
N GLY A 329 -15.70 72.22 -69.79
CA GLY A 329 -14.75 72.80 -68.85
C GLY A 329 -13.63 71.83 -68.53
N ASP A 330 -12.44 72.37 -68.34
CA ASP A 330 -11.31 71.54 -67.95
C ASP A 330 -11.63 70.79 -66.67
N CYS A 331 -11.29 69.51 -66.64
CA CYS A 331 -11.53 68.71 -65.44
C CYS A 331 -10.94 69.39 -64.22
N LEU A 332 -9.80 70.07 -64.39
CA LEU A 332 -9.15 70.80 -63.30
C LEU A 332 -9.64 72.24 -63.25
N ALA A 333 -10.94 72.38 -63.06
CA ALA A 333 -11.59 73.68 -62.91
C ALA A 333 -11.87 73.91 -61.43
N ASN A 334 -11.47 75.07 -60.93
CA ASN A 334 -11.59 75.38 -59.50
C ASN A 334 -12.58 76.53 -59.30
N PRO A 335 -13.81 76.27 -58.82
CA PRO A 335 -14.38 74.96 -58.50
C PRO A 335 -15.01 74.31 -59.73
N ALA A 336 -15.04 72.98 -59.73
CA ALA A 336 -15.62 72.23 -60.84
C ALA A 336 -17.10 72.03 -60.56
N VAL A 337 -17.95 72.72 -61.30
CA VAL A 337 -19.38 72.60 -61.09
C VAL A 337 -19.85 71.23 -61.54
N PRO A 338 -20.61 70.49 -60.73
CA PRO A 338 -21.17 69.23 -61.21
C PRO A 338 -22.09 69.45 -62.41
N TRP A 339 -22.06 68.49 -63.33
CA TRP A 339 -23.01 68.50 -64.43
C TRP A 339 -24.42 68.26 -63.88
N GLY A 340 -25.35 69.14 -64.23
CA GLY A 340 -26.67 69.07 -63.64
C GLY A 340 -27.40 67.79 -64.00
N GLN A 341 -27.36 67.41 -65.29
CA GLN A 341 -28.07 66.23 -65.73
C GLN A 341 -27.42 64.93 -65.30
N GLY A 342 -26.10 64.96 -65.05
CA GLY A 342 -25.37 63.74 -64.78
C GLY A 342 -25.93 62.93 -63.63
N ILE A 343 -26.63 63.58 -62.71
CA ILE A 343 -27.24 62.84 -61.60
C ILE A 343 -28.33 61.92 -62.11
N ASP A 344 -29.26 62.46 -62.89
CA ASP A 344 -30.40 61.66 -63.31
C ASP A 344 -29.94 60.47 -64.16
N ILE A 345 -28.97 60.70 -65.04
CA ILE A 345 -28.38 59.60 -65.81
C ILE A 345 -28.03 58.46 -64.86
N GLN A 346 -27.33 58.79 -63.76
CA GLN A 346 -26.95 57.76 -62.82
C GLN A 346 -28.17 56.97 -62.37
N ARG A 347 -29.21 57.67 -61.91
CA ARG A 347 -30.40 56.99 -61.47
C ARG A 347 -30.91 56.07 -62.57
N ALA A 348 -30.98 56.59 -63.80
CA ALA A 348 -31.43 55.77 -64.91
C ALA A 348 -30.55 54.54 -65.06
N LEU A 349 -29.22 54.74 -65.07
CA LEU A 349 -28.32 53.61 -65.21
C LEU A 349 -28.49 52.64 -64.06
N GLN A 350 -28.90 53.14 -62.89
CA GLN A 350 -29.13 52.26 -61.75
C GLN A 350 -30.46 51.54 -61.87
N GLN A 351 -31.45 52.17 -62.50
CA GLN A 351 -32.79 51.60 -62.51
C GLN A 351 -32.91 50.42 -63.46
N VAL A 352 -32.10 50.39 -64.52
CA VAL A 352 -32.32 49.41 -65.58
C VAL A 352 -32.27 48.00 -65.00
N ARG A 353 -32.94 47.08 -65.68
CA ARG A 353 -33.00 45.70 -65.22
C ARG A 353 -33.43 44.83 -66.40
N PHE A 354 -32.74 43.71 -66.58
CA PHE A 354 -33.04 42.80 -67.68
C PHE A 354 -32.25 41.52 -67.51
N GLU A 355 -32.71 40.46 -68.16
CA GLU A 355 -32.02 39.18 -68.16
C GLU A 355 -30.93 39.22 -69.21
N GLY A 356 -29.70 39.53 -68.79
CA GLY A 356 -28.58 39.56 -69.69
C GLY A 356 -27.89 38.21 -69.77
N LEU A 357 -26.79 38.20 -70.52
CA LEU A 357 -26.11 36.95 -70.83
C LEU A 357 -25.61 36.26 -69.56
N THR A 358 -24.87 37.00 -68.73
CA THR A 358 -24.30 36.41 -67.53
C THR A 358 -25.37 35.98 -66.55
N GLY A 359 -26.31 36.86 -66.27
CA GLY A 359 -27.41 36.56 -65.36
C GLY A 359 -28.42 37.67 -65.46
N ASN A 360 -29.21 37.81 -64.40
CA ASN A 360 -30.12 38.95 -64.33
C ASN A 360 -29.37 40.17 -63.80
N VAL A 361 -29.40 41.26 -64.57
CA VAL A 361 -28.65 42.45 -64.23
C VAL A 361 -29.50 43.36 -63.35
N GLN A 362 -28.93 43.75 -62.22
CA GLN A 362 -29.59 44.67 -61.29
C GLN A 362 -28.51 45.46 -60.58
N PHE A 363 -28.93 46.49 -59.86
CA PHE A 363 -27.99 47.34 -59.16
C PHE A 363 -28.54 47.80 -57.82
N ASN A 364 -27.70 47.72 -56.81
CA ASN A 364 -28.02 48.20 -55.47
C ASN A 364 -27.92 49.73 -55.43
N GLU A 365 -28.26 50.28 -54.27
CA GLU A 365 -28.11 51.72 -54.07
C GLU A 365 -26.64 52.12 -54.14
N LYS A 366 -25.76 51.31 -53.55
CA LYS A 366 -24.34 51.65 -53.55
C LYS A 366 -23.76 51.61 -54.96
N GLY A 367 -24.45 50.93 -55.88
CA GLY A 367 -23.96 50.81 -57.24
C GLY A 367 -23.20 49.53 -57.50
N ARG A 368 -23.80 48.40 -57.15
CA ARG A 368 -23.14 47.11 -57.25
C ARG A 368 -24.17 46.06 -57.62
N ARG A 369 -23.72 45.02 -58.31
CA ARG A 369 -24.63 43.97 -58.73
C ARG A 369 -25.35 43.38 -57.52
N THR A 370 -26.65 43.19 -57.66
CA THR A 370 -27.48 42.68 -56.60
C THR A 370 -28.42 41.61 -57.15
N ASN A 371 -28.82 40.69 -56.27
CA ASN A 371 -29.81 39.68 -56.60
C ASN A 371 -29.42 38.91 -57.86
N TYR A 372 -28.31 38.20 -57.75
CA TYR A 372 -27.75 37.41 -58.83
C TYR A 372 -27.57 35.97 -58.37
N THR A 373 -27.07 35.14 -59.29
CA THR A 373 -26.85 33.73 -59.00
C THR A 373 -25.46 33.32 -59.47
N LEU A 374 -24.81 32.49 -58.67
CA LEU A 374 -23.55 31.87 -59.02
C LEU A 374 -23.72 30.36 -59.05
N HIS A 375 -22.94 29.68 -59.89
CA HIS A 375 -22.98 28.24 -60.00
C HIS A 375 -21.71 27.65 -59.40
N VAL A 376 -21.87 26.87 -58.33
CA VAL A 376 -20.76 26.14 -57.76
C VAL A 376 -20.47 24.94 -58.66
N ILE A 377 -19.20 24.68 -58.94
CA ILE A 377 -18.83 23.67 -59.90
C ILE A 377 -17.55 22.98 -59.44
N GLU A 378 -17.64 21.69 -59.17
CA GLU A 378 -16.48 20.87 -58.86
C GLU A 378 -16.03 20.15 -60.12
N MET A 379 -14.73 20.07 -60.33
CA MET A 379 -14.16 19.34 -61.45
C MET A 379 -13.52 18.07 -60.91
N LYS A 380 -14.14 16.93 -61.19
CA LYS A 380 -13.56 15.64 -60.85
C LYS A 380 -12.61 15.22 -61.95
N HIS A 381 -11.98 14.04 -61.78
CA HIS A 381 -11.07 13.54 -62.80
C HIS A 381 -11.75 13.54 -64.16
N ASP A 382 -12.94 12.95 -64.24
CA ASP A 382 -13.82 13.09 -65.41
C ASP A 382 -15.21 13.45 -64.87
N GLY A 383 -15.41 14.73 -64.62
CA GLY A 383 -16.69 15.21 -64.12
C GLY A 383 -16.75 16.70 -63.95
N ILE A 384 -17.80 17.31 -64.48
CA ILE A 384 -18.09 18.73 -64.29
C ILE A 384 -19.47 18.81 -63.65
N ARG A 385 -19.52 18.81 -62.33
CA ARG A 385 -20.75 18.65 -61.58
C ARG A 385 -21.17 19.98 -61.00
N LYS A 386 -22.40 20.38 -61.29
CA LYS A 386 -22.98 21.59 -60.70
C LYS A 386 -23.57 21.21 -59.36
N ILE A 387 -22.76 21.34 -58.32
CA ILE A 387 -23.20 20.97 -56.97
C ILE A 387 -24.43 21.78 -56.57
N GLY A 388 -24.38 23.08 -56.78
CA GLY A 388 -25.49 23.93 -56.41
C GLY A 388 -25.28 25.34 -56.92
N TYR A 389 -26.10 26.26 -56.41
CA TYR A 389 -25.98 27.65 -56.79
C TYR A 389 -26.10 28.54 -55.56
N TRP A 390 -25.33 29.62 -55.57
CA TRP A 390 -25.37 30.63 -54.52
C TRP A 390 -26.25 31.79 -54.96
N ASN A 391 -27.01 32.32 -54.00
CA ASN A 391 -27.91 33.45 -54.22
C ASN A 391 -27.77 34.42 -53.07
N GLU A 392 -28.17 35.67 -53.32
CA GLU A 392 -28.09 36.69 -52.29
C GLU A 392 -29.04 36.39 -51.13
N ASP A 393 -30.28 35.97 -51.44
CA ASP A 393 -31.23 35.66 -50.39
C ASP A 393 -30.93 34.33 -49.72
N ASP A 394 -30.51 33.34 -50.50
CA ASP A 394 -30.19 32.03 -49.98
C ASP A 394 -28.72 31.97 -49.57
N LYS A 395 -28.29 30.81 -49.07
CA LYS A 395 -26.90 30.58 -48.69
C LYS A 395 -26.49 29.21 -49.22
N PHE A 396 -26.03 29.18 -50.47
CA PHE A 396 -25.53 27.97 -51.10
C PHE A 396 -26.55 26.84 -50.97
N VAL A 397 -27.72 27.08 -51.55
CA VAL A 397 -28.77 26.06 -51.59
C VAL A 397 -28.33 25.03 -52.61
N PRO A 398 -28.22 23.75 -52.23
CA PRO A 398 -27.72 22.75 -53.17
C PRO A 398 -28.75 22.41 -54.23
N ALA A 399 -28.26 21.75 -55.28
CA ALA A 399 -29.12 21.35 -56.40
C ALA A 399 -28.37 20.39 -57.32
N GLN A 413 -24.01 -7.74 -55.13
CA GLN A 413 -23.59 -8.80 -54.21
C GLN A 413 -22.95 -8.20 -52.96
N ASN A 414 -23.39 -8.64 -51.79
CA ASN A 414 -22.80 -8.16 -50.54
C ASN A 414 -21.30 -8.41 -50.56
N ARG A 415 -20.53 -7.37 -50.25
CA ARG A 415 -19.08 -7.46 -50.37
C ARG A 415 -18.52 -8.45 -49.37
N THR A 416 -17.54 -9.23 -49.81
CA THR A 416 -16.83 -10.12 -48.90
C THR A 416 -16.12 -9.29 -47.85
N TYR A 417 -16.27 -9.69 -46.58
CA TYR A 417 -15.64 -8.98 -45.48
C TYR A 417 -14.27 -9.60 -45.21
N ILE A 418 -13.25 -8.74 -45.10
CA ILE A 418 -11.88 -9.18 -44.96
C ILE A 418 -11.59 -9.43 -43.48
N VAL A 419 -11.11 -10.62 -43.19
CA VAL A 419 -10.84 -11.06 -41.82
C VAL A 419 -9.33 -11.14 -41.62
N THR A 420 -8.85 -10.55 -40.54
CA THR A 420 -7.45 -10.65 -40.15
C THR A 420 -7.30 -11.67 -39.03
N THR A 421 -6.18 -12.38 -39.05
CA THR A 421 -5.88 -13.38 -38.04
C THR A 421 -4.37 -13.41 -37.84
N ILE A 422 -3.88 -14.46 -37.20
CA ILE A 422 -2.45 -14.63 -36.96
C ILE A 422 -2.19 -16.11 -36.72
N LEU A 423 -0.96 -16.54 -36.99
CA LEU A 423 -0.59 -17.93 -36.80
C LEU A 423 -0.22 -18.14 -35.34
N GLU A 424 -1.04 -18.91 -34.63
CA GLU A 424 -0.76 -19.25 -33.24
C GLU A 424 -1.55 -20.51 -32.94
N ASP A 425 -0.86 -21.64 -32.85
CA ASP A 425 -1.54 -22.90 -32.62
C ASP A 425 -2.24 -22.85 -31.26
N PRO A 426 -3.48 -23.36 -31.14
CA PRO A 426 -4.35 -23.94 -32.16
C PRO A 426 -5.32 -22.96 -32.81
N TYR A 427 -5.19 -21.67 -32.49
CA TYR A 427 -6.18 -20.71 -32.94
C TYR A 427 -6.27 -20.66 -34.46
N VAL A 428 -5.13 -20.62 -35.13
CA VAL A 428 -5.09 -20.68 -36.59
C VAL A 428 -3.85 -21.44 -36.99
N MET A 429 -4.03 -22.44 -37.86
CA MET A 429 -2.92 -23.24 -38.35
C MET A 429 -3.15 -23.55 -39.82
N LEU A 430 -2.08 -23.96 -40.49
CA LEU A 430 -2.14 -24.34 -41.90
C LEU A 430 -2.42 -25.83 -42.02
N LYS A 431 -3.46 -26.17 -42.78
CA LYS A 431 -3.88 -27.55 -42.90
C LYS A 431 -2.79 -28.37 -43.60
N LYS A 432 -2.77 -29.67 -43.29
CA LYS A 432 -1.83 -30.57 -43.93
C LYS A 432 -1.99 -30.49 -45.45
N ASN A 433 -0.85 -30.43 -46.15
CA ASN A 433 -0.84 -30.23 -47.60
C ASN A 433 -1.49 -28.89 -47.96
N ALA A 434 -0.84 -27.82 -47.50
CA ALA A 434 -1.37 -26.48 -47.73
C ALA A 434 -1.51 -26.19 -49.21
N ASN A 435 -0.50 -26.56 -50.01
CA ASN A 435 -0.55 -26.28 -51.44
C ASN A 435 -1.76 -26.93 -52.10
N GLN A 436 -2.24 -28.04 -51.54
CA GLN A 436 -3.38 -28.74 -52.12
C GLN A 436 -4.63 -27.87 -52.13
N PHE A 437 -4.88 -27.16 -51.03
CA PHE A 437 -6.09 -26.37 -50.86
C PHE A 437 -5.75 -24.88 -50.98
N GLU A 438 -6.74 -24.10 -51.44
CA GLU A 438 -6.58 -22.68 -51.66
C GLU A 438 -7.69 -21.91 -50.95
N GLY A 439 -7.35 -20.71 -50.49
CA GLY A 439 -8.32 -19.83 -49.85
C GLY A 439 -8.45 -20.07 -48.37
N ASN A 440 -9.69 -20.07 -47.86
CA ASN A 440 -9.92 -20.37 -46.46
C ASN A 440 -9.81 -21.87 -46.16
N ASP A 441 -10.00 -22.73 -47.17
CA ASP A 441 -10.01 -24.17 -46.94
C ASP A 441 -8.66 -24.68 -46.44
N ARG A 442 -7.59 -23.91 -46.61
CA ARG A 442 -6.27 -24.33 -46.17
C ARG A 442 -6.03 -24.06 -44.70
N TYR A 443 -6.87 -23.26 -44.07
CA TYR A 443 -6.70 -22.88 -42.67
C TYR A 443 -7.60 -23.73 -41.79
N GLU A 444 -7.04 -24.26 -40.71
CA GLU A 444 -7.78 -25.06 -39.74
C GLU A 444 -7.43 -24.57 -38.34
N GLY A 445 -8.46 -24.43 -37.51
CA GLY A 445 -8.24 -24.06 -36.13
C GLY A 445 -9.48 -23.54 -35.46
N TYR A 446 -9.33 -23.25 -34.17
CA TYR A 446 -10.43 -22.76 -33.35
C TYR A 446 -11.03 -21.48 -33.94
N CYS A 447 -10.17 -20.50 -34.22
CA CYS A 447 -10.66 -19.22 -34.70
C CYS A 447 -11.35 -19.35 -36.05
N VAL A 448 -10.93 -20.31 -36.88
CA VAL A 448 -11.54 -20.48 -38.19
C VAL A 448 -12.99 -20.91 -38.05
N GLU A 449 -13.24 -21.94 -37.23
CA GLU A 449 -14.60 -22.39 -37.01
C GLU A 449 -15.42 -21.34 -36.29
N LEU A 450 -14.79 -20.58 -35.39
CA LEU A 450 -15.49 -19.48 -34.73
C LEU A 450 -15.96 -18.45 -35.74
N ALA A 451 -15.08 -18.08 -36.66
CA ALA A 451 -15.45 -17.13 -37.71
C ALA A 451 -16.55 -17.70 -38.59
N ALA A 452 -16.45 -18.98 -38.92
CA ALA A 452 -17.51 -19.62 -39.69
C ALA A 452 -18.86 -19.45 -39.02
N GLU A 453 -18.94 -19.81 -37.74
CA GLU A 453 -20.21 -19.71 -37.02
C GLU A 453 -20.68 -18.27 -36.94
N ILE A 454 -19.77 -17.34 -36.67
CA ILE A 454 -20.15 -15.94 -36.52
C ILE A 454 -20.71 -15.40 -37.83
N ALA A 455 -20.04 -15.68 -38.93
CA ALA A 455 -20.53 -15.23 -40.23
C ALA A 455 -21.84 -15.92 -40.60
N LYS A 456 -22.00 -17.17 -40.20
CA LYS A 456 -23.26 -17.86 -40.45
C LYS A 456 -24.42 -17.18 -39.73
N HIS A 457 -24.20 -16.78 -38.47
CA HIS A 457 -25.28 -16.12 -37.73
C HIS A 457 -25.51 -14.71 -38.23
N VAL A 458 -24.45 -13.97 -38.52
CA VAL A 458 -24.60 -12.64 -39.10
C VAL A 458 -25.10 -12.74 -40.54
N GLY A 459 -24.54 -13.68 -41.30
CA GLY A 459 -24.98 -13.89 -42.66
C GLY A 459 -24.18 -13.10 -43.69
N TYR A 460 -22.85 -13.23 -43.65
CA TYR A 460 -21.98 -12.56 -44.59
C TYR A 460 -20.85 -13.50 -45.01
N SER A 461 -20.34 -13.29 -46.21
CA SER A 461 -19.20 -14.06 -46.72
C SER A 461 -17.91 -13.38 -46.31
N TYR A 462 -16.90 -14.19 -46.02
CA TYR A 462 -15.64 -13.70 -45.50
C TYR A 462 -14.47 -14.31 -46.24
N ARG A 463 -13.38 -13.55 -46.33
CA ARG A 463 -12.11 -13.99 -46.88
C ARG A 463 -11.04 -13.78 -45.84
N LEU A 464 -10.31 -14.84 -45.51
CA LEU A 464 -9.28 -14.74 -44.48
C LEU A 464 -7.98 -14.21 -45.07
N GLU A 465 -7.08 -13.83 -44.17
CA GLU A 465 -5.72 -13.43 -44.48
C GLU A 465 -4.95 -13.44 -43.17
N ILE A 466 -3.73 -12.91 -43.19
CA ILE A 466 -2.88 -12.89 -42.01
C ILE A 466 -2.16 -11.55 -41.95
N VAL A 467 -1.98 -11.03 -40.74
CA VAL A 467 -1.24 -9.80 -40.56
C VAL A 467 0.21 -10.04 -40.96
N SER A 468 0.68 -9.29 -41.95
CA SER A 468 2.05 -9.47 -42.43
C SER A 468 3.06 -9.26 -41.31
N ASP A 469 2.85 -8.22 -40.49
CA ASP A 469 3.73 -7.98 -39.36
C ASP A 469 3.76 -9.17 -38.40
N GLY A 470 2.72 -10.00 -38.42
CA GLY A 470 2.68 -11.16 -37.54
C GLY A 470 2.73 -10.81 -36.07
N LYS A 471 2.33 -9.60 -35.71
CA LYS A 471 2.34 -9.15 -34.32
C LYS A 471 0.99 -8.57 -33.97
N TYR A 472 0.59 -8.76 -32.72
CA TYR A 472 -0.66 -8.19 -32.25
C TYR A 472 -0.52 -6.68 -32.11
N GLY A 473 -1.66 -6.00 -32.12
CA GLY A 473 -1.65 -4.55 -32.22
C GLY A 473 -0.85 -3.91 -31.10
N ALA A 474 -0.16 -2.83 -31.46
CA ALA A 474 0.59 -2.02 -30.50
C ALA A 474 1.06 -0.77 -31.21
N ARG A 475 1.06 0.35 -30.47
CA ARG A 475 1.41 1.64 -31.02
C ARG A 475 2.89 1.95 -30.78
N ASP A 476 3.49 2.65 -31.73
CA ASP A 476 4.84 3.16 -31.52
C ASP A 476 4.78 4.36 -30.59
N PRO A 477 5.54 4.37 -29.50
CA PRO A 477 5.38 5.46 -28.51
C PRO A 477 5.59 6.85 -29.12
N ASP A 478 6.53 6.99 -30.05
CA ASP A 478 6.80 8.27 -30.69
C ASP A 478 6.06 8.44 -32.00
N THR A 479 6.12 7.44 -32.88
CA THR A 479 5.46 7.54 -34.17
C THR A 479 3.94 7.55 -34.04
N LYS A 480 3.39 7.07 -32.93
CA LYS A 480 1.95 7.04 -32.70
C LYS A 480 1.22 6.23 -33.77
N ALA A 481 1.84 5.13 -34.23
CA ALA A 481 1.28 4.29 -35.27
C ALA A 481 1.15 2.86 -34.75
N TRP A 482 0.02 2.22 -35.06
CA TRP A 482 -0.25 0.87 -34.60
C TRP A 482 0.48 -0.15 -35.45
N ASN A 483 1.02 -1.17 -34.81
CA ASN A 483 1.79 -2.22 -35.47
C ASN A 483 1.12 -3.56 -35.21
N GLY A 484 0.19 -3.93 -36.10
CA GLY A 484 -0.44 -5.22 -36.05
C GLY A 484 -1.90 -5.11 -36.41
N MET A 485 -2.60 -6.23 -36.22
CA MET A 485 -3.99 -6.36 -36.68
C MET A 485 -4.83 -5.15 -36.28
N VAL A 486 -4.54 -4.53 -35.14
CA VAL A 486 -5.21 -3.28 -34.80
C VAL A 486 -4.98 -2.25 -35.90
N GLY A 487 -3.76 -2.21 -36.43
CA GLY A 487 -3.50 -1.32 -37.55
C GLY A 487 -4.30 -1.68 -38.78
N GLU A 488 -4.35 -2.97 -39.11
CA GLU A 488 -5.14 -3.42 -40.25
C GLU A 488 -6.62 -3.16 -40.06
N LEU A 489 -7.07 -2.88 -38.84
CA LEU A 489 -8.46 -2.56 -38.57
C LEU A 489 -8.73 -1.05 -38.62
N VAL A 490 -8.00 -0.27 -37.83
CA VAL A 490 -8.28 1.15 -37.70
C VAL A 490 -7.87 1.96 -38.91
N TYR A 491 -7.05 1.39 -39.80
CA TYR A 491 -6.64 2.05 -41.03
C TYR A 491 -7.48 1.62 -42.22
N GLY A 492 -8.57 0.89 -41.98
CA GLY A 492 -9.49 0.51 -43.03
C GLY A 492 -9.08 -0.71 -43.83
N ARG A 493 -7.91 -1.29 -43.55
CA ARG A 493 -7.45 -2.43 -44.32
C ARG A 493 -8.36 -3.64 -44.10
N ALA A 494 -8.82 -3.85 -42.88
CA ALA A 494 -9.60 -5.02 -42.51
C ALA A 494 -10.92 -4.61 -41.88
N ASP A 495 -11.91 -5.48 -42.03
CA ASP A 495 -13.26 -5.21 -41.55
C ASP A 495 -13.57 -5.89 -40.23
N VAL A 496 -12.79 -6.89 -39.84
CA VAL A 496 -13.00 -7.60 -38.58
C VAL A 496 -11.75 -8.41 -38.28
N ALA A 497 -11.50 -8.65 -37.00
CA ALA A 497 -10.36 -9.44 -36.55
C ALA A 497 -10.86 -10.56 -35.66
N VAL A 498 -10.49 -11.78 -36.01
CA VAL A 498 -10.92 -12.97 -35.28
C VAL A 498 -9.63 -13.68 -34.86
N ALA A 499 -9.15 -13.37 -33.67
CA ALA A 499 -7.89 -13.91 -33.20
C ALA A 499 -7.81 -13.69 -31.70
N PRO A 500 -6.80 -14.25 -31.05
CA PRO A 500 -6.66 -14.06 -29.60
C PRO A 500 -6.23 -12.64 -29.23
N LEU A 501 -7.09 -11.67 -29.50
CA LEU A 501 -6.82 -10.28 -29.13
C LEU A 501 -7.14 -10.07 -27.65
N THR A 502 -6.09 -9.85 -26.86
CA THR A 502 -6.29 -9.49 -25.47
C THR A 502 -6.99 -8.14 -25.39
N ILE A 503 -7.96 -8.05 -24.50
CA ILE A 503 -8.73 -6.83 -24.32
C ILE A 503 -7.96 -5.91 -23.39
N THR A 504 -7.69 -4.70 -23.86
CA THR A 504 -6.91 -3.73 -23.09
C THR A 504 -7.52 -2.34 -23.29
N LEU A 505 -7.12 -1.43 -22.41
CA LEU A 505 -7.63 -0.07 -22.47
C LEU A 505 -7.14 0.66 -23.71
N VAL A 506 -5.85 0.51 -24.03
CA VAL A 506 -5.29 1.24 -25.17
C VAL A 506 -6.03 0.88 -26.45
N ARG A 507 -6.33 -0.40 -26.64
CA ARG A 507 -7.01 -0.82 -27.86
C ARG A 507 -8.49 -0.50 -27.83
N GLU A 508 -9.13 -0.57 -26.66
CA GLU A 508 -10.57 -0.37 -26.59
C GLU A 508 -10.96 1.06 -26.91
N GLU A 509 -10.01 1.99 -26.87
CA GLU A 509 -10.29 3.37 -27.22
C GLU A 509 -10.41 3.54 -28.73
N VAL A 510 -9.56 2.86 -29.49
CA VAL A 510 -9.51 2.99 -30.94
C VAL A 510 -10.11 1.79 -31.64
N ILE A 511 -10.75 0.87 -30.90
CA ILE A 511 -11.30 -0.34 -31.48
C ILE A 511 -12.55 -0.73 -30.70
N ASP A 512 -13.50 -1.34 -31.39
CA ASP A 512 -14.73 -1.83 -30.79
C ASP A 512 -14.65 -3.34 -30.67
N PHE A 513 -14.40 -3.82 -29.46
CA PHE A 513 -14.29 -5.25 -29.19
C PHE A 513 -15.68 -5.87 -29.06
N SER A 514 -15.68 -7.14 -28.67
CA SER A 514 -16.89 -7.89 -28.36
C SER A 514 -16.73 -8.50 -26.98
N LYS A 515 -17.83 -8.95 -26.42
CA LYS A 515 -17.76 -9.60 -25.12
C LYS A 515 -16.86 -10.82 -25.22
N PRO A 516 -15.97 -11.05 -24.25
CA PRO A 516 -14.96 -12.09 -24.40
C PRO A 516 -15.57 -13.44 -24.72
N PHE A 517 -15.08 -14.08 -25.78
CA PHE A 517 -15.44 -15.44 -26.11
C PHE A 517 -14.58 -16.45 -25.39
N MET A 518 -13.51 -16.01 -24.75
CA MET A 518 -12.65 -16.89 -23.97
C MET A 518 -12.07 -16.07 -22.83
N SER A 519 -12.49 -16.39 -21.60
CA SER A 519 -11.84 -15.82 -20.44
C SER A 519 -10.55 -16.56 -20.17
N LEU A 520 -9.65 -15.91 -19.44
CA LEU A 520 -8.25 -16.28 -19.48
C LEU A 520 -7.55 -15.68 -18.28
N GLY A 521 -6.33 -16.14 -18.04
CA GLY A 521 -5.54 -15.58 -16.95
C GLY A 521 -4.13 -16.13 -16.96
N ILE A 522 -3.32 -15.55 -16.09
CA ILE A 522 -1.95 -16.01 -15.89
C ILE A 522 -1.96 -17.25 -15.01
N SER A 523 -1.07 -18.19 -15.31
CA SER A 523 -1.07 -19.48 -14.65
C SER A 523 0.35 -20.01 -14.60
N ILE A 524 0.52 -21.07 -13.81
CA ILE A 524 1.82 -21.62 -13.45
C ILE A 524 2.01 -22.94 -14.19
N MET A 525 3.16 -23.07 -14.84
CA MET A 525 3.55 -24.24 -15.60
C MET A 525 4.77 -24.86 -14.96
N ILE A 526 4.73 -26.17 -14.72
CA ILE A 526 5.78 -26.89 -14.03
C ILE A 526 6.10 -28.17 -14.79
N LYS A 527 7.24 -28.76 -14.45
CA LYS A 527 7.60 -30.06 -14.99
C LYS A 527 6.66 -31.12 -14.44
N LYS A 528 6.14 -31.96 -15.31
CA LYS A 528 5.24 -33.01 -14.88
C LYS A 528 5.98 -33.99 -13.99
N PRO A 529 5.56 -34.20 -12.75
CA PRO A 529 6.28 -35.15 -11.89
C PRO A 529 6.19 -36.57 -12.42
N GLN A 530 7.34 -37.11 -12.83
CA GLN A 530 7.38 -38.50 -13.27
C GLN A 530 7.02 -39.41 -12.11
N LYS A 531 6.24 -40.44 -12.40
CA LYS A 531 5.85 -41.39 -11.37
C LYS A 531 7.05 -42.22 -10.99
N SER A 532 7.80 -41.78 -9.98
CA SER A 532 9.03 -42.45 -9.58
C SER A 532 8.77 -43.92 -9.32
N LYS A 533 9.31 -44.80 -10.16
CA LYS A 533 9.13 -46.23 -9.97
C LYS A 533 10.10 -46.68 -8.89
N PRO A 534 9.60 -47.12 -7.73
CA PRO A 534 10.52 -47.56 -6.68
C PRO A 534 11.36 -48.72 -7.16
N GLY A 535 12.65 -48.67 -6.84
CA GLY A 535 13.53 -49.73 -7.25
C GLY A 535 13.35 -50.99 -6.43
N VAL A 536 13.55 -52.13 -7.07
CA VAL A 536 13.72 -53.37 -6.33
C VAL A 536 15.03 -53.26 -5.55
N PHE A 537 14.97 -53.63 -4.27
CA PHE A 537 16.06 -53.38 -3.34
C PHE A 537 16.08 -51.90 -2.95
N SER A 538 14.93 -51.26 -2.98
CA SER A 538 14.75 -49.97 -2.32
C SER A 538 14.52 -50.14 -0.83
N PHE A 539 14.20 -51.35 -0.38
CA PHE A 539 14.07 -51.62 1.04
C PHE A 539 15.41 -51.60 1.77
N LEU A 540 16.52 -51.54 1.03
CA LEU A 540 17.83 -51.38 1.61
C LEU A 540 18.25 -49.91 1.73
N ASP A 541 17.45 -48.99 1.24
CA ASP A 541 17.81 -47.59 1.16
C ASP A 541 18.02 -46.94 2.53
N PRO A 542 17.30 -47.37 3.57
CA PRO A 542 17.51 -46.75 4.88
C PRO A 542 18.94 -46.82 5.37
N LEU A 543 19.68 -47.85 4.99
CA LEU A 543 21.07 -48.03 5.38
C LEU A 543 21.96 -48.02 4.15
N ALA A 544 23.11 -47.38 4.26
CA ALA A 544 24.02 -47.26 3.14
C ALA A 544 24.62 -48.62 2.79
N TYR A 545 25.12 -48.71 1.55
CA TYR A 545 25.73 -49.92 1.05
C TYR A 545 26.87 -50.38 1.95
N GLU A 546 27.64 -49.43 2.46
CA GLU A 546 28.79 -49.79 3.30
C GLU A 546 28.35 -50.50 4.57
N ILE A 547 27.22 -50.08 5.14
CA ILE A 547 26.74 -50.70 6.37
C ILE A 547 26.37 -52.16 6.12
N TRP A 548 25.69 -52.44 5.02
CA TRP A 548 25.36 -53.83 4.69
C TRP A 548 26.62 -54.64 4.47
N MET A 549 27.58 -54.09 3.73
CA MET A 549 28.84 -54.79 3.49
C MET A 549 29.51 -55.16 4.80
N CYS A 550 29.67 -54.18 5.69
CA CYS A 550 30.33 -54.43 6.96
C CYS A 550 29.50 -55.29 7.89
N ILE A 551 28.17 -55.31 7.71
CA ILE A 551 27.34 -56.24 8.45
C ILE A 551 27.69 -57.66 8.06
N VAL A 552 27.83 -57.91 6.76
CA VAL A 552 28.21 -59.24 6.30
C VAL A 552 29.58 -59.61 6.86
N PHE A 553 30.54 -58.69 6.77
CA PHE A 553 31.88 -58.96 7.28
C PHE A 553 31.85 -59.28 8.77
N ALA A 554 31.11 -58.50 9.55
CA ALA A 554 31.02 -58.73 10.98
C ALA A 554 30.31 -60.03 11.30
N TYR A 555 29.30 -60.41 10.50
CA TYR A 555 28.67 -61.71 10.68
C TYR A 555 29.68 -62.84 10.52
N ILE A 556 30.49 -62.77 9.48
CA ILE A 556 31.48 -63.81 9.24
C ILE A 556 32.48 -63.85 10.40
N GLY A 557 32.97 -62.68 10.81
CA GLY A 557 33.94 -62.64 11.89
C GLY A 557 33.37 -63.15 13.20
N VAL A 558 32.14 -62.77 13.52
CA VAL A 558 31.50 -63.22 14.74
C VAL A 558 31.34 -64.73 14.73
N SER A 559 30.87 -65.28 13.60
CA SER A 559 30.69 -66.72 13.52
C SER A 559 32.01 -67.45 13.69
N VAL A 560 33.07 -66.96 13.04
CA VAL A 560 34.36 -67.63 13.15
C VAL A 560 34.89 -67.55 14.57
N VAL A 561 34.77 -66.39 15.21
CA VAL A 561 35.30 -66.25 16.56
C VAL A 561 34.51 -67.12 17.54
N LEU A 562 33.20 -67.23 17.33
CA LEU A 562 32.40 -68.12 18.15
C LEU A 562 32.83 -69.57 17.98
N PHE A 563 32.92 -70.03 16.73
CA PHE A 563 33.39 -71.38 16.46
C PHE A 563 34.73 -71.64 17.14
N LEU A 564 35.68 -70.73 16.95
CA LEU A 564 37.00 -70.86 17.56
C LEU A 564 36.90 -70.97 19.07
N VAL A 565 36.43 -69.93 19.74
CA VAL A 565 36.38 -69.90 21.19
C VAL A 565 35.45 -70.96 21.77
N SER A 566 34.75 -71.73 20.94
CA SER A 566 33.95 -72.83 21.42
C SER A 566 34.56 -74.21 21.16
N ARG A 567 35.51 -74.32 20.23
CA ARG A 567 35.99 -75.61 19.75
C ARG A 567 37.50 -75.59 19.61
N PHE A 568 38.20 -75.12 20.64
CA PHE A 568 39.65 -75.05 20.59
C PHE A 568 40.25 -75.77 21.78
N SER A 569 39.61 -75.63 22.94
CA SER A 569 40.16 -76.12 24.19
C SER A 569 39.81 -77.59 24.36
N PRO A 570 40.77 -78.48 24.39
CA PRO A 570 40.45 -79.90 24.63
C PRO A 570 40.05 -80.12 26.08
N TYR A 571 38.90 -79.58 26.45
CA TYR A 571 38.39 -79.69 27.82
C TYR A 571 37.50 -80.93 27.94
N SER A 590 30.24 -81.81 25.47
CA SER A 590 30.86 -81.18 24.32
C SER A 590 30.17 -79.87 23.98
N ASN A 591 30.46 -79.34 22.80
CA ASN A 591 29.87 -78.10 22.30
C ASN A 591 29.30 -78.34 20.92
N GLU A 592 28.10 -77.83 20.69
CA GLU A 592 27.43 -77.93 19.40
C GLU A 592 27.76 -76.78 18.47
N PHE A 593 28.76 -75.97 18.82
CA PHE A 593 29.09 -74.77 18.05
C PHE A 593 30.26 -75.06 17.11
N GLY A 594 29.94 -75.73 16.03
CA GLY A 594 30.83 -75.81 14.89
C GLY A 594 30.79 -74.53 14.10
N ILE A 595 31.23 -74.61 12.86
CA ILE A 595 31.22 -73.44 11.99
C ILE A 595 29.88 -73.27 11.29
N PHE A 596 29.17 -74.36 11.05
CA PHE A 596 27.84 -74.27 10.44
C PHE A 596 26.82 -73.74 11.44
N ASN A 597 26.86 -74.27 12.66
CA ASN A 597 25.90 -73.84 13.67
C ASN A 597 26.25 -72.50 14.26
N SER A 598 27.53 -72.11 14.26
CA SER A 598 27.89 -70.75 14.63
C SER A 598 27.28 -69.75 13.65
N LEU A 599 27.38 -70.04 12.36
CA LEU A 599 26.75 -69.19 11.35
C LEU A 599 25.24 -69.16 11.55
N TRP A 600 24.63 -70.30 11.81
CA TRP A 600 23.20 -70.35 12.04
C TRP A 600 22.79 -69.49 13.23
N PHE A 601 23.51 -69.63 14.35
CA PHE A 601 23.20 -68.87 15.55
C PHE A 601 23.36 -67.38 15.31
N SER A 602 24.44 -66.98 14.65
CA SER A 602 24.66 -65.58 14.36
C SER A 602 23.56 -65.00 13.48
N LEU A 603 23.18 -65.75 12.44
CA LEU A 603 22.11 -65.29 11.57
C LEU A 603 20.80 -65.13 12.32
N GLY A 604 20.43 -66.15 13.10
CA GLY A 604 19.21 -66.05 13.88
C GLY A 604 19.24 -64.92 14.89
N ALA A 605 20.41 -64.64 15.46
CA ALA A 605 20.56 -63.51 16.35
C ALA A 605 20.31 -62.20 15.62
N PHE A 606 20.86 -62.06 14.42
CA PHE A 606 20.68 -60.82 13.67
C PHE A 606 19.22 -60.54 13.39
N MET A 607 18.41 -61.58 13.20
CA MET A 607 17.01 -61.44 12.88
C MET A 607 16.11 -61.44 14.10
N GLN A 608 16.69 -61.44 15.31
CA GLN A 608 15.92 -61.39 16.54
C GLN A 608 14.97 -62.58 16.64
N GLN A 609 15.44 -63.75 16.21
CA GLN A 609 14.67 -64.98 16.26
C GLN A 609 15.16 -65.94 17.33
N GLY A 610 16.46 -66.12 17.47
CA GLY A 610 17.00 -67.11 18.38
C GLY A 610 16.86 -68.51 17.82
N CYS A 611 17.73 -69.42 18.23
CA CYS A 611 17.71 -70.78 17.73
C CYS A 611 17.76 -71.72 18.92
N ASP A 612 17.94 -73.01 18.65
CA ASP A 612 17.91 -74.00 19.72
C ASP A 612 19.11 -73.86 20.64
N ILE A 613 20.30 -73.75 20.06
CA ILE A 613 21.51 -73.72 20.87
C ILE A 613 21.76 -72.31 21.39
N SER A 614 22.54 -72.23 22.46
CA SER A 614 23.01 -70.97 23.00
C SER A 614 24.33 -71.22 23.71
N PRO A 615 25.25 -70.26 23.69
CA PRO A 615 26.55 -70.49 24.32
C PRO A 615 26.43 -70.71 25.82
N ARG A 616 27.41 -71.44 26.36
CA ARG A 616 27.51 -71.68 27.79
C ARG A 616 28.81 -71.19 28.39
N SER A 617 29.81 -70.88 27.58
CA SER A 617 31.10 -70.42 28.05
C SER A 617 31.11 -68.90 28.19
N LEU A 618 32.14 -68.40 28.86
CA LEU A 618 32.26 -66.97 29.05
C LEU A 618 32.59 -66.26 27.74
N SER A 619 33.54 -66.80 26.98
CA SER A 619 33.92 -66.17 25.71
C SER A 619 32.78 -66.19 24.70
N GLY A 620 32.13 -67.35 24.56
CA GLY A 620 31.01 -67.44 23.65
C GLY A 620 29.89 -66.48 24.01
N ARG A 621 29.65 -66.31 25.31
CA ARG A 621 28.61 -65.41 25.76
C ARG A 621 28.98 -63.94 25.56
N ILE A 622 30.26 -63.60 25.72
CA ILE A 622 30.71 -62.26 25.35
C ILE A 622 30.43 -61.99 23.88
N VAL A 623 30.80 -62.94 23.03
CA VAL A 623 30.58 -62.79 21.59
C VAL A 623 29.11 -62.61 21.29
N GLY A 624 28.28 -63.49 21.86
CA GLY A 624 26.85 -63.40 21.62
C GLY A 624 26.25 -62.11 22.11
N GLY A 625 26.71 -61.62 23.26
CA GLY A 625 26.19 -60.37 23.79
C GLY A 625 26.50 -59.17 22.91
N VAL A 626 27.76 -59.07 22.46
CA VAL A 626 28.09 -57.94 21.59
C VAL A 626 27.35 -58.04 20.26
N TRP A 627 27.23 -59.26 19.72
CA TRP A 627 26.45 -59.43 18.50
C TRP A 627 25.00 -59.03 18.71
N TRP A 628 24.43 -59.37 19.86
CA TRP A 628 23.06 -59.01 20.17
C TRP A 628 22.88 -57.51 20.24
N PHE A 629 23.82 -56.82 20.91
CA PHE A 629 23.78 -55.37 20.98
C PHE A 629 23.84 -54.75 19.60
N PHE A 630 24.78 -55.21 18.78
CA PHE A 630 24.90 -54.74 17.41
C PHE A 630 23.60 -54.93 16.65
N THR A 631 23.02 -56.12 16.72
CA THR A 631 21.77 -56.40 16.05
C THR A 631 20.68 -55.45 16.49
N LEU A 632 20.55 -55.24 17.80
CA LEU A 632 19.52 -54.36 18.32
C LEU A 632 19.66 -52.97 17.74
N ILE A 633 20.86 -52.40 17.83
CA ILE A 633 21.08 -51.05 17.33
C ILE A 633 20.77 -50.97 15.85
N ILE A 634 21.25 -51.95 15.07
CA ILE A 634 21.10 -51.89 13.62
C ILE A 634 19.64 -51.99 13.20
N ILE A 635 18.90 -52.92 13.80
CA ILE A 635 17.50 -53.09 13.42
C ILE A 635 16.69 -51.87 13.84
N SER A 636 16.95 -51.33 15.02
CA SER A 636 16.25 -50.13 15.44
C SER A 636 16.55 -48.97 14.51
N SER A 637 17.80 -48.81 14.10
CA SER A 637 18.17 -47.75 13.18
C SER A 637 17.47 -47.92 11.83
N TYR A 638 17.42 -49.15 11.33
CA TYR A 638 16.73 -49.38 10.06
C TYR A 638 15.27 -48.98 10.15
N THR A 639 14.58 -49.46 11.18
CA THR A 639 13.16 -49.11 11.33
C THR A 639 12.96 -47.61 11.46
N ALA A 640 13.80 -46.96 12.26
CA ALA A 640 13.63 -45.54 12.51
C ALA A 640 13.89 -44.71 11.26
N ASN A 641 14.94 -45.03 10.51
CA ASN A 641 15.23 -44.27 9.31
C ASN A 641 14.21 -44.54 8.22
N LEU A 642 13.66 -45.75 8.16
CA LEU A 642 12.57 -45.99 7.23
C LEU A 642 11.34 -45.17 7.59
N ALA A 643 11.03 -45.09 8.89
CA ALA A 643 9.93 -44.24 9.31
C ALA A 643 10.17 -42.79 8.93
N ALA A 644 11.40 -42.33 9.12
CA ALA A 644 11.76 -40.97 8.69
C ALA A 644 11.51 -40.78 7.21
N PHE A 645 11.98 -41.72 6.39
CA PHE A 645 11.80 -41.63 4.95
C PHE A 645 10.32 -41.47 4.60
N LEU A 646 9.50 -42.38 5.12
CA LEU A 646 8.09 -42.37 4.75
C LEU A 646 7.37 -41.14 5.28
N THR A 647 7.70 -40.73 6.51
CA THR A 647 7.08 -39.53 7.08
C THR A 647 7.40 -38.31 6.22
N VAL A 648 8.66 -38.14 5.85
CA VAL A 648 9.04 -36.99 5.03
C VAL A 648 8.37 -37.06 3.67
N GLU A 649 8.34 -38.25 3.06
CA GLU A 649 7.64 -38.41 1.80
C GLU A 649 6.16 -38.14 1.93
N ARG A 650 5.63 -38.15 3.15
CA ARG A 650 4.23 -37.84 3.38
C ARG A 650 3.98 -36.37 3.71
N MET A 651 5.01 -35.65 4.14
CA MET A 651 4.89 -34.22 4.36
C MET A 651 4.82 -33.44 3.07
N VAL A 652 5.38 -33.99 1.99
CA VAL A 652 5.66 -33.23 0.80
C VAL A 652 4.36 -32.69 0.23
N SER A 653 4.20 -31.37 0.28
CA SER A 653 3.07 -30.69 -0.32
C SER A 653 3.54 -30.00 -1.59
N PRO A 654 3.13 -30.45 -2.77
CA PRO A 654 3.64 -29.83 -4.00
C PRO A 654 3.17 -28.40 -4.13
N ILE A 655 3.60 -27.71 -5.18
CA ILE A 655 3.10 -26.37 -5.46
C ILE A 655 1.69 -26.48 -5.98
N GLU A 656 0.79 -25.68 -5.42
CA GLU A 656 -0.62 -25.69 -5.84
C GLU A 656 -1.19 -24.29 -5.94
N SER A 657 -0.39 -23.24 -5.76
CA SER A 657 -0.89 -21.88 -5.75
C SER A 657 0.28 -20.92 -5.86
N ALA A 658 -0.06 -19.65 -6.05
CA ALA A 658 0.99 -18.63 -6.16
C ALA A 658 1.73 -18.45 -4.84
N GLU A 659 1.04 -18.62 -3.71
CA GLU A 659 1.67 -18.42 -2.42
C GLU A 659 2.76 -19.47 -2.17
N ASP A 660 2.44 -20.74 -2.46
CA ASP A 660 3.41 -21.81 -2.24
C ASP A 660 4.69 -21.53 -3.02
N LEU A 661 4.54 -21.07 -4.26
CA LEU A 661 5.71 -20.68 -5.04
C LEU A 661 6.39 -19.45 -4.47
N ALA A 662 5.59 -18.52 -3.91
CA ALA A 662 6.13 -17.25 -3.46
C ALA A 662 7.07 -17.43 -2.27
N LYS A 663 6.61 -18.15 -1.24
CA LYS A 663 7.41 -18.28 -0.03
C LYS A 663 8.68 -19.07 -0.29
N GLN A 664 8.56 -20.23 -0.94
CA GLN A 664 9.72 -21.06 -1.19
C GLN A 664 10.65 -20.39 -2.20
N THR A 665 11.88 -20.87 -2.23
CA THR A 665 12.87 -20.38 -3.19
C THR A 665 13.71 -21.49 -3.81
N GLU A 666 13.48 -22.76 -3.45
CA GLU A 666 14.22 -23.85 -4.05
C GLU A 666 13.95 -23.96 -5.54
N ILE A 667 12.86 -23.37 -6.03
CA ILE A 667 12.52 -23.36 -7.44
C ILE A 667 12.46 -21.92 -7.90
N ALA A 668 12.99 -21.65 -9.09
CA ALA A 668 12.99 -20.32 -9.67
C ALA A 668 11.82 -20.20 -10.64
N TYR A 669 11.23 -19.01 -10.70
CA TYR A 669 10.13 -18.75 -11.61
C TYR A 669 10.32 -17.40 -12.29
N GLY A 670 10.15 -17.39 -13.61
CA GLY A 670 10.29 -16.16 -14.37
C GLY A 670 9.44 -16.21 -15.63
N THR A 671 9.00 -15.05 -16.07
CA THR A 671 8.14 -14.90 -17.23
C THR A 671 8.90 -14.27 -18.38
N LEU A 672 8.17 -13.96 -19.45
CA LEU A 672 8.78 -13.38 -20.64
C LEU A 672 9.37 -12.01 -20.33
N GLU A 673 10.50 -11.70 -20.98
CA GLU A 673 11.17 -10.44 -20.73
C GLU A 673 10.27 -9.26 -21.05
N ALA A 674 9.65 -9.29 -22.23
CA ALA A 674 8.73 -8.24 -22.68
C ALA A 674 7.34 -8.84 -22.83
N GLY A 675 6.37 -8.26 -22.15
CA GLY A 675 5.02 -8.77 -22.23
C GLY A 675 4.14 -8.16 -21.16
N SER A 676 2.88 -8.58 -21.18
CA SER A 676 1.90 -8.09 -20.22
C SER A 676 2.10 -8.67 -18.83
N THR A 677 2.76 -9.83 -18.72
CA THR A 677 2.97 -10.44 -17.41
C THR A 677 4.00 -9.67 -16.59
N LYS A 678 5.11 -9.28 -17.23
CA LYS A 678 6.11 -8.49 -16.52
C LYS A 678 5.52 -7.17 -16.04
N GLU A 679 4.75 -6.51 -16.91
CA GLU A 679 4.09 -5.26 -16.51
C GLU A 679 3.08 -5.50 -15.39
N PHE A 680 2.34 -6.60 -15.48
CA PHE A 680 1.32 -6.88 -14.47
C PHE A 680 1.97 -7.08 -13.10
N PHE A 681 3.11 -7.77 -13.07
CA PHE A 681 3.78 -7.99 -11.80
C PHE A 681 4.44 -6.70 -11.30
N ARG A 682 5.11 -5.98 -12.20
CA ARG A 682 5.76 -4.73 -11.81
C ARG A 682 4.75 -3.74 -11.24
N ARG A 683 3.62 -3.56 -11.92
CA ARG A 683 2.61 -2.59 -11.54
C ARG A 683 1.57 -3.15 -10.58
N SER A 684 1.93 -4.18 -9.81
CA SER A 684 0.97 -4.84 -8.94
C SER A 684 0.95 -4.21 -7.56
N LYS A 685 -0.25 -4.05 -7.00
CA LYS A 685 -0.44 -3.55 -5.65
C LYS A 685 -0.80 -4.65 -4.66
N ILE A 686 -0.67 -5.92 -5.06
CA ILE A 686 -1.02 -7.04 -4.20
C ILE A 686 0.22 -7.49 -3.45
N ALA A 687 0.01 -8.08 -2.27
CA ALA A 687 1.12 -8.49 -1.42
C ALA A 687 1.93 -9.61 -2.07
N VAL A 688 1.26 -10.67 -2.50
CA VAL A 688 1.98 -11.86 -2.97
C VAL A 688 2.75 -11.54 -4.24
N PHE A 689 2.09 -10.87 -5.19
CA PHE A 689 2.78 -10.54 -6.43
C PHE A 689 3.82 -9.45 -6.22
N GLU A 690 3.63 -8.60 -5.21
CA GLU A 690 4.70 -7.68 -4.81
C GLU A 690 5.92 -8.44 -4.36
N LYS A 691 5.73 -9.48 -3.54
CA LYS A 691 6.86 -10.31 -3.11
C LYS A 691 7.49 -11.01 -4.30
N MET A 692 6.68 -11.51 -5.23
CA MET A 692 7.21 -12.13 -6.43
C MET A 692 8.10 -11.16 -7.20
N TRP A 693 7.61 -9.93 -7.39
CA TRP A 693 8.38 -8.94 -8.12
C TRP A 693 9.67 -8.59 -7.38
N THR A 694 9.60 -8.51 -6.05
CA THR A 694 10.81 -8.30 -5.27
C THR A 694 11.82 -9.42 -5.54
N TYR A 695 11.36 -10.66 -5.54
CA TYR A 695 12.20 -11.77 -5.99
C TYR A 695 12.55 -11.62 -7.46
N MET A 696 11.59 -11.19 -8.28
CA MET A 696 11.82 -11.09 -9.71
C MET A 696 12.90 -10.04 -10.01
N LYS A 697 13.59 -10.25 -11.12
CA LYS A 697 14.73 -9.42 -11.51
C LYS A 697 15.96 -9.71 -10.66
N SER A 698 16.00 -10.89 -10.05
CA SER A 698 17.09 -11.30 -9.19
C SER A 698 18.21 -11.92 -10.05
N ALA A 699 19.18 -12.55 -9.38
CA ALA A 699 20.33 -13.14 -10.06
C ALA A 699 20.08 -14.64 -10.22
N GLU A 700 19.35 -14.98 -11.26
CA GLU A 700 19.04 -16.35 -11.61
C GLU A 700 20.22 -17.06 -12.28
N PRO A 701 20.98 -16.40 -13.16
CA PRO A 701 21.05 -14.97 -13.48
C PRO A 701 19.81 -14.39 -14.13
N SER A 702 19.15 -15.15 -15.02
CA SER A 702 18.04 -14.65 -15.83
C SER A 702 16.83 -15.55 -15.66
N VAL A 703 15.96 -15.20 -14.70
CA VAL A 703 14.66 -15.87 -14.63
C VAL A 703 13.83 -15.54 -15.85
N PHE A 704 13.94 -14.30 -16.36
CA PHE A 704 13.20 -13.89 -17.54
C PHE A 704 13.65 -14.66 -18.76
N VAL A 705 12.91 -14.48 -19.86
CA VAL A 705 13.15 -15.18 -21.12
C VAL A 705 12.72 -14.25 -22.25
N ARG A 706 13.17 -14.57 -23.46
CA ARG A 706 12.84 -13.80 -24.65
C ARG A 706 11.75 -14.44 -25.50
N THR A 707 11.74 -15.77 -25.60
CA THR A 707 10.76 -16.49 -26.40
C THR A 707 10.03 -17.50 -25.54
N THR A 708 8.73 -17.66 -25.80
CA THR A 708 7.92 -18.60 -25.04
C THR A 708 8.42 -20.03 -25.22
N GLU A 709 8.75 -20.42 -26.45
CA GLU A 709 9.35 -21.73 -26.67
C GLU A 709 10.62 -21.88 -25.83
N GLU A 710 11.35 -20.78 -25.67
CA GLU A 710 12.53 -20.82 -24.81
C GLU A 710 12.15 -21.15 -23.37
N GLY A 711 11.08 -20.55 -22.87
CA GLY A 711 10.64 -20.86 -21.51
C GLY A 711 10.20 -22.30 -21.36
N MET A 712 9.44 -22.81 -22.34
CA MET A 712 9.00 -24.20 -22.28
C MET A 712 10.20 -25.15 -22.29
N ILE A 713 11.18 -24.88 -23.17
CA ILE A 713 12.36 -25.74 -23.22
C ILE A 713 13.13 -25.66 -21.92
N ARG A 714 13.24 -24.46 -21.34
CA ARG A 714 13.98 -24.29 -20.11
C ARG A 714 13.32 -25.06 -18.97
N VAL A 715 11.99 -25.01 -18.90
CA VAL A 715 11.29 -25.78 -17.87
C VAL A 715 11.47 -27.27 -18.09
N ARG A 716 11.41 -27.71 -19.34
CA ARG A 716 11.57 -29.14 -19.62
C ARG A 716 12.97 -29.62 -19.25
N LYS A 717 13.98 -28.82 -19.56
CA LYS A 717 15.35 -29.21 -19.24
C LYS A 717 15.58 -29.22 -17.73
N SER A 718 15.14 -28.16 -17.05
CA SER A 718 15.27 -28.11 -15.60
C SER A 718 14.52 -29.28 -14.97
N LYS A 719 15.15 -29.91 -13.99
CA LYS A 719 14.56 -31.07 -13.31
C LYS A 719 13.62 -30.60 -12.20
N GLY A 720 12.63 -29.81 -12.61
CA GLY A 720 11.70 -29.22 -11.68
C GLY A 720 12.21 -27.98 -10.97
N LYS A 721 13.34 -27.43 -11.42
CA LYS A 721 13.94 -26.27 -10.80
C LYS A 721 13.48 -24.95 -11.41
N TYR A 722 12.63 -24.99 -12.43
CA TYR A 722 12.08 -23.78 -13.04
C TYR A 722 10.58 -23.91 -13.20
N ALA A 723 9.87 -22.81 -12.94
CA ALA A 723 8.44 -22.72 -13.14
C ALA A 723 8.14 -21.52 -14.01
N TYR A 724 7.32 -21.71 -15.05
CA TYR A 724 7.02 -20.65 -16.00
C TYR A 724 5.66 -20.05 -15.69
N LEU A 725 5.52 -18.76 -15.94
CA LEU A 725 4.26 -18.04 -15.79
C LEU A 725 3.77 -17.63 -17.17
N LEU A 726 2.57 -18.08 -17.54
CA LEU A 726 2.09 -17.81 -18.89
C LEU A 726 0.58 -17.92 -18.92
N GLU A 727 0.01 -17.55 -20.07
CA GLU A 727 -1.43 -17.63 -20.24
C GLU A 727 -1.92 -19.05 -20.09
N SER A 728 -3.08 -19.21 -19.46
CA SER A 728 -3.60 -20.53 -19.13
C SER A 728 -3.87 -21.36 -20.38
N THR A 729 -4.39 -20.72 -21.42
CA THR A 729 -4.76 -21.45 -22.62
C THR A 729 -3.55 -22.18 -23.22
N MET A 730 -2.44 -21.46 -23.36
CA MET A 730 -1.23 -22.08 -23.88
C MET A 730 -0.71 -23.14 -22.93
N ASN A 731 -0.84 -22.93 -21.62
CA ASN A 731 -0.41 -23.93 -20.67
C ASN A 731 -1.17 -25.24 -20.90
N GLU A 732 -2.48 -25.16 -21.07
CA GLU A 732 -3.27 -26.35 -21.32
C GLU A 732 -2.89 -26.99 -22.64
N TYR A 733 -2.78 -26.19 -23.71
CA TYR A 733 -2.41 -26.73 -25.01
C TYR A 733 -1.10 -27.49 -24.92
N ILE A 734 -0.08 -26.87 -24.32
CA ILE A 734 1.21 -27.52 -24.16
C ILE A 734 1.06 -28.79 -23.34
N GLU A 735 0.29 -28.73 -22.25
CA GLU A 735 0.08 -29.91 -21.42
C GLU A 735 -0.50 -31.06 -22.23
N GLN A 736 -1.28 -30.76 -23.26
CA GLN A 736 -1.85 -31.78 -24.11
C GLN A 736 -1.01 -32.07 -25.35
N ARG A 737 0.21 -31.54 -25.41
CA ARG A 737 1.11 -31.78 -26.53
C ARG A 737 2.13 -32.85 -26.16
N LYS A 738 2.57 -33.60 -27.18
CA LYS A 738 3.65 -34.54 -26.96
C LYS A 738 4.91 -33.76 -26.57
N PRO A 739 5.73 -34.30 -25.65
CA PRO A 739 5.64 -35.61 -25.01
C PRO A 739 4.72 -35.65 -23.79
N CYS A 740 4.03 -34.54 -23.50
CA CYS A 740 3.16 -34.43 -22.33
C CYS A 740 3.98 -34.63 -21.05
N ASP A 741 5.05 -33.85 -20.94
CA ASP A 741 5.95 -33.89 -19.79
C ASP A 741 5.93 -32.59 -19.00
N THR A 742 4.77 -31.92 -18.97
CA THR A 742 4.62 -30.69 -18.20
C THR A 742 3.16 -30.55 -17.83
N MET A 743 2.89 -29.71 -16.82
CA MET A 743 1.54 -29.57 -16.32
C MET A 743 1.27 -28.14 -15.87
N LYS A 744 -0.01 -27.80 -15.84
CA LYS A 744 -0.50 -26.54 -15.29
C LYS A 744 -0.96 -26.79 -13.86
N VAL A 745 -0.63 -25.86 -12.97
CA VAL A 745 -0.97 -26.03 -11.56
C VAL A 745 -1.49 -24.71 -11.00
N GLY A 746 -2.51 -24.80 -10.16
CA GLY A 746 -3.06 -23.65 -9.49
C GLY A 746 -4.10 -22.93 -10.31
N GLY A 747 -4.73 -21.95 -9.68
CA GLY A 747 -5.69 -21.09 -10.35
C GLY A 747 -4.99 -20.04 -11.17
N ASN A 748 -5.78 -19.09 -11.64
CA ASN A 748 -5.28 -18.02 -12.50
C ASN A 748 -5.01 -16.78 -11.65
N LEU A 749 -3.76 -16.30 -11.69
CA LEU A 749 -3.40 -15.14 -10.90
C LEU A 749 -4.20 -13.91 -11.31
N ASP A 750 -4.32 -13.66 -12.60
CA ASP A 750 -5.04 -12.53 -13.15
C ASP A 750 -6.33 -13.01 -13.80
N SER A 751 -7.04 -12.08 -14.43
CA SER A 751 -8.27 -12.41 -15.13
C SER A 751 -8.44 -11.43 -16.29
N LYS A 752 -8.36 -11.94 -17.51
CA LYS A 752 -8.53 -11.15 -18.71
C LYS A 752 -9.33 -11.96 -19.71
N GLY A 753 -9.45 -11.45 -20.92
CA GLY A 753 -10.25 -12.12 -21.92
C GLY A 753 -9.74 -11.86 -23.32
N TYR A 754 -10.17 -12.71 -24.24
CA TYR A 754 -9.91 -12.54 -25.66
C TYR A 754 -11.21 -12.14 -26.34
N GLY A 755 -11.10 -11.22 -27.29
CA GLY A 755 -12.28 -10.65 -27.90
C GLY A 755 -12.16 -10.57 -29.41
N ILE A 756 -13.27 -10.20 -30.04
CA ILE A 756 -13.37 -10.04 -31.48
C ILE A 756 -13.47 -8.55 -31.77
N ALA A 757 -12.57 -8.05 -32.60
CA ALA A 757 -12.42 -6.62 -32.83
C ALA A 757 -13.03 -6.20 -34.15
N THR A 758 -13.72 -5.06 -34.12
CA THR A 758 -14.19 -4.37 -35.30
C THR A 758 -13.79 -2.91 -35.21
N PRO A 759 -13.61 -2.24 -36.34
CA PRO A 759 -13.21 -0.83 -36.29
C PRO A 759 -14.34 0.05 -35.78
N LYS A 760 -13.94 1.19 -35.21
CA LYS A 760 -14.90 2.11 -34.64
C LYS A 760 -15.95 2.51 -35.68
N GLY A 761 -17.19 2.60 -35.25
CA GLY A 761 -18.26 3.01 -36.14
C GLY A 761 -18.53 2.03 -37.26
N SER A 762 -18.55 0.74 -36.95
CA SER A 762 -18.80 -0.30 -37.93
C SER A 762 -20.18 -0.91 -37.72
N ALA A 763 -20.70 -1.50 -38.79
CA ALA A 763 -22.01 -2.14 -38.74
C ALA A 763 -21.94 -3.56 -38.19
N LEU A 764 -20.75 -4.07 -37.89
CA LEU A 764 -20.56 -5.42 -37.40
C LEU A 764 -20.22 -5.43 -35.91
N ARG A 765 -20.81 -4.51 -35.15
CA ARG A 765 -20.57 -4.42 -33.71
C ARG A 765 -21.63 -5.18 -32.92
N GLY A 766 -22.88 -4.79 -33.06
CA GLY A 766 -23.96 -5.43 -32.33
C GLY A 766 -24.14 -6.88 -32.72
N PRO A 767 -24.24 -7.14 -34.03
CA PRO A 767 -24.43 -8.54 -34.47
C PRO A 767 -23.33 -9.46 -34.00
N VAL A 768 -22.08 -9.01 -34.00
CA VAL A 768 -20.98 -9.86 -33.61
C VAL A 768 -21.04 -10.17 -32.12
N ASN A 769 -21.29 -9.15 -31.30
CA ASN A 769 -21.41 -9.37 -29.86
C ASN A 769 -22.56 -10.32 -29.55
N LEU A 770 -23.71 -10.10 -30.19
CA LEU A 770 -24.84 -10.98 -30.00
C LEU A 770 -24.51 -12.41 -30.40
N ALA A 771 -23.80 -12.57 -31.52
CA ALA A 771 -23.43 -13.91 -31.96
C ALA A 771 -22.50 -14.58 -30.96
N VAL A 772 -21.52 -13.84 -30.45
CA VAL A 772 -20.59 -14.42 -29.48
C VAL A 772 -21.35 -14.88 -28.24
N LEU A 773 -22.23 -14.04 -27.73
CA LEU A 773 -22.98 -14.41 -26.53
C LEU A 773 -23.88 -15.61 -26.79
N LYS A 774 -24.57 -15.62 -27.93
CA LYS A 774 -25.43 -16.74 -28.26
C LYS A 774 -24.63 -18.04 -28.35
N LEU A 775 -23.45 -17.97 -28.98
CA LEU A 775 -22.59 -19.13 -29.05
C LEU A 775 -22.18 -19.61 -27.66
N SER A 776 -21.84 -18.67 -26.77
CA SER A 776 -21.42 -19.06 -25.44
C SER A 776 -22.54 -19.76 -24.68
N GLU A 777 -23.76 -19.21 -24.76
CA GLU A 777 -24.88 -19.88 -24.10
C GLU A 777 -25.16 -21.24 -24.72
N GLN A 778 -25.07 -21.34 -26.05
CA GLN A 778 -25.34 -22.60 -26.73
C GLN A 778 -24.27 -23.65 -26.45
N GLY A 779 -23.14 -23.27 -25.87
CA GLY A 779 -22.08 -24.20 -25.59
C GLY A 779 -21.14 -24.47 -26.74
N VAL A 780 -21.22 -23.70 -27.83
CA VAL A 780 -20.37 -23.93 -28.98
C VAL A 780 -18.90 -23.71 -28.62
N LEU A 781 -18.62 -22.59 -27.97
CA LEU A 781 -17.23 -22.22 -27.71
C LEU A 781 -16.55 -23.23 -26.80
N ASP A 782 -17.26 -23.72 -25.80
CA ASP A 782 -16.69 -24.75 -24.93
C ASP A 782 -16.40 -26.02 -25.69
N LYS A 783 -17.29 -26.40 -26.61
CA LYS A 783 -17.08 -27.59 -27.41
C LYS A 783 -15.85 -27.44 -28.30
N LEU A 784 -15.69 -26.27 -28.93
CA LEU A 784 -14.50 -26.03 -29.74
C LEU A 784 -13.24 -26.06 -28.89
N LYS A 785 -13.32 -25.48 -27.69
CA LYS A 785 -12.20 -25.54 -26.77
C LYS A 785 -11.80 -26.98 -26.51
N SER A 786 -12.78 -27.82 -26.13
CA SER A 786 -12.47 -29.21 -25.84
C SER A 786 -11.92 -29.92 -27.06
N LYS A 787 -12.47 -29.63 -28.23
CA LYS A 787 -12.04 -30.32 -29.44
C LYS A 787 -10.58 -30.00 -29.76
N TRP A 788 -10.24 -28.72 -29.80
CA TRP A 788 -8.90 -28.33 -30.24
C TRP A 788 -7.87 -28.35 -29.12
N TRP A 789 -8.28 -28.62 -27.88
CA TRP A 789 -7.34 -28.75 -26.77
C TRP A 789 -7.18 -30.17 -26.28
N TYR A 790 -8.25 -30.97 -26.29
CA TYR A 790 -8.23 -32.30 -25.71
C TYR A 790 -8.54 -33.39 -26.72
N ASP A 791 -9.59 -33.23 -27.54
CA ASP A 791 -9.89 -34.23 -28.56
C ASP A 791 -8.83 -34.28 -29.65
N LYS A 792 -7.78 -33.47 -29.56
CA LYS A 792 -6.65 -33.52 -30.48
C LYS A 792 -5.33 -33.52 -29.73
N GLY A 793 -5.35 -33.88 -28.46
CA GLY A 793 -4.15 -33.91 -27.65
C GLY A 793 -3.43 -35.24 -27.76
N GLU A 794 -2.10 -35.16 -27.84
CA GLU A 794 -1.30 -36.38 -27.91
C GLU A 794 -1.41 -37.18 -26.63
N CYS A 795 -1.76 -36.52 -25.52
CA CYS A 795 -1.68 -37.11 -24.21
C CYS A 795 -3.08 -37.60 -23.83
N GLY A 796 -3.27 -37.96 -22.56
CA GLY A 796 -4.52 -38.52 -22.12
C GLY A 796 -5.56 -37.46 -21.83
N SER A 797 -6.61 -37.88 -21.12
CA SER A 797 -7.71 -37.01 -20.74
C SER A 797 -7.61 -36.53 -19.31
N LYS A 798 -7.27 -37.43 -18.39
CA LYS A 798 -7.14 -37.08 -16.98
C LYS A 798 -5.85 -37.68 -16.40
N LYS A 805 -2.39 -41.86 -4.67
CA LYS A 805 -3.68 -41.65 -4.01
C LYS A 805 -3.67 -42.28 -2.62
N THR A 806 -3.06 -43.45 -2.51
CA THR A 806 -2.96 -44.17 -1.24
C THR A 806 -1.51 -44.18 -0.79
N SER A 807 -1.29 -43.81 0.48
CA SER A 807 0.04 -43.84 1.06
C SER A 807 0.42 -45.20 1.60
N ALA A 808 -0.50 -46.16 1.57
CA ALA A 808 -0.19 -47.51 1.99
C ALA A 808 0.94 -48.07 1.15
N LEU A 809 1.83 -48.82 1.79
CA LEU A 809 2.96 -49.39 1.09
C LEU A 809 2.50 -50.33 -0.01
N SER A 810 3.08 -50.19 -1.19
CA SER A 810 2.73 -50.99 -2.34
C SER A 810 3.73 -52.13 -2.51
N LEU A 811 3.30 -53.15 -3.25
CA LEU A 811 4.13 -54.31 -3.48
C LEU A 811 5.42 -53.96 -4.21
N SER A 812 5.44 -52.84 -4.92
CA SER A 812 6.66 -52.42 -5.61
C SER A 812 7.74 -51.98 -4.64
N ASN A 813 7.38 -51.61 -3.42
CA ASN A 813 8.37 -51.15 -2.45
C ASN A 813 9.16 -52.30 -1.86
N VAL A 814 8.56 -53.48 -1.76
CA VAL A 814 9.16 -54.62 -1.08
C VAL A 814 9.32 -55.79 -2.04
N ALA A 815 9.44 -55.49 -3.33
CA ALA A 815 9.54 -56.54 -4.33
C ALA A 815 10.80 -57.37 -4.14
N GLY A 816 11.93 -56.72 -3.87
CA GLY A 816 13.17 -57.45 -3.70
C GLY A 816 13.08 -58.52 -2.63
N VAL A 817 12.32 -58.27 -1.59
CA VAL A 817 12.15 -59.26 -0.53
C VAL A 817 11.53 -60.53 -1.10
N PHE A 818 10.47 -60.37 -1.90
CA PHE A 818 9.81 -61.54 -2.46
C PHE A 818 10.69 -62.24 -3.49
N TYR A 819 11.43 -61.47 -4.29
CA TYR A 819 12.35 -62.10 -5.23
C TYR A 819 13.40 -62.92 -4.50
N ILE A 820 13.95 -62.37 -3.42
CA ILE A 820 14.95 -63.09 -2.63
C ILE A 820 14.33 -64.34 -2.03
N LEU A 821 13.09 -64.23 -1.56
CA LEU A 821 12.42 -65.38 -0.95
C LEU A 821 12.25 -66.50 -1.96
N ILE A 822 11.78 -66.18 -3.17
CA ILE A 822 11.59 -67.20 -4.19
C ILE A 822 12.93 -67.81 -4.59
N GLY A 823 13.96 -66.98 -4.76
CA GLY A 823 15.26 -67.50 -5.08
C GLY A 823 15.78 -68.44 -4.02
N GLY A 824 15.59 -68.09 -2.74
CA GLY A 824 16.04 -68.95 -1.67
C GLY A 824 15.27 -70.26 -1.62
N LEU A 825 13.97 -70.20 -1.87
CA LEU A 825 13.18 -71.44 -1.92
C LEU A 825 13.68 -72.36 -3.02
N GLY A 826 13.91 -71.81 -4.22
CA GLY A 826 14.41 -72.62 -5.32
C GLY A 826 15.78 -73.19 -5.02
N LEU A 827 16.67 -72.38 -4.45
CA LEU A 827 18.00 -72.85 -4.09
C LEU A 827 17.91 -73.95 -3.05
N ALA A 828 16.97 -73.83 -2.11
CA ALA A 828 16.79 -74.85 -1.10
C ALA A 828 16.33 -76.16 -1.73
N MET A 829 15.41 -76.09 -2.70
CA MET A 829 15.00 -77.30 -3.40
C MET A 829 16.18 -77.94 -4.12
N LEU A 830 17.00 -77.12 -4.79
CA LEU A 830 18.15 -77.63 -5.51
C LEU A 830 19.13 -78.31 -4.56
N VAL A 831 19.44 -77.65 -3.44
CA VAL A 831 20.37 -78.20 -2.48
C VAL A 831 19.82 -79.47 -1.85
N ALA A 832 18.51 -79.53 -1.64
CA ALA A 832 17.91 -80.75 -1.12
C ALA A 832 18.04 -81.90 -2.11
N LEU A 833 17.88 -81.60 -3.40
CA LEU A 833 18.08 -82.64 -4.42
C LEU A 833 19.53 -83.12 -4.42
N ILE A 834 20.47 -82.19 -4.32
CA ILE A 834 21.89 -82.56 -4.28
C ILE A 834 22.17 -83.45 -3.07
N GLU A 835 21.66 -83.06 -1.91
CA GLU A 835 21.85 -83.84 -0.70
C GLU A 835 21.20 -85.21 -0.84
N PHE A 836 20.03 -85.27 -1.48
CA PHE A 836 19.35 -86.53 -1.70
C PHE A 836 20.21 -87.48 -2.52
N CYS A 837 20.75 -86.98 -3.64
CA CYS A 837 21.60 -87.82 -4.47
C CYS A 837 22.86 -88.25 -3.71
N TYR A 838 23.51 -87.32 -3.03
CA TYR A 838 24.73 -87.62 -2.30
C TYR A 838 24.49 -88.69 -1.23
N LYS A 839 23.44 -88.51 -0.43
CA LYS A 839 23.14 -89.46 0.62
C LYS A 839 22.74 -90.82 0.05
N SER A 840 21.99 -90.81 -1.06
CA SER A 840 21.62 -92.07 -1.68
C SER A 840 22.86 -92.83 -2.13
N ARG A 841 23.82 -92.13 -2.75
CA ARG A 841 25.03 -92.82 -3.19
C ARG A 841 25.84 -93.33 -2.01
N SER A 842 25.99 -92.50 -0.96
CA SER A 842 26.78 -92.93 0.19
C SER A 842 26.13 -94.12 0.89
N GLU A 843 24.80 -94.16 0.94
CA GLU A 843 24.11 -95.28 1.56
C GLU A 843 24.21 -96.54 0.71
N SER A 844 24.00 -96.40 -0.60
CA SER A 844 24.18 -97.53 -1.50
C SER A 844 25.60 -98.09 -1.40
N LYS A 845 26.57 -97.22 -1.09
CA LYS A 845 27.91 -97.72 -0.78
C LYS A 845 27.88 -98.59 0.47
N ARG A 846 27.04 -98.23 1.45
CA ARG A 846 26.91 -99.00 2.68
C ARG A 846 25.90 -100.12 2.51
N ASN B 25 -54.30 83.15 0.65
CA ASN B 25 -53.72 83.62 1.90
C ASN B 25 -52.22 83.36 1.92
N SER B 26 -51.45 84.42 1.71
CA SER B 26 -50.00 84.29 1.71
C SER B 26 -49.49 84.09 3.12
N ILE B 27 -48.54 83.17 3.28
CA ILE B 27 -47.86 82.92 4.54
C ILE B 27 -46.38 83.14 4.32
N GLN B 28 -45.76 83.97 5.16
CA GLN B 28 -44.36 84.31 4.97
C GLN B 28 -43.49 83.10 5.21
N ILE B 29 -42.49 82.92 4.35
CA ILE B 29 -41.60 81.76 4.38
C ILE B 29 -40.18 82.24 4.16
N GLY B 30 -39.24 81.51 4.75
CA GLY B 30 -37.84 81.80 4.59
C GLY B 30 -37.10 80.66 3.95
N GLY B 31 -36.04 80.96 3.21
CA GLY B 31 -35.29 79.95 2.51
C GLY B 31 -33.81 80.21 2.54
N LEU B 32 -33.05 79.17 2.87
CA LEU B 32 -31.60 79.20 2.85
C LEU B 32 -31.10 78.19 1.86
N PHE B 33 -30.11 78.55 1.05
CA PHE B 33 -29.60 77.64 0.04
C PHE B 33 -28.08 77.75 -0.02
N PRO B 34 -27.37 76.63 0.05
CA PRO B 34 -25.91 76.69 0.06
C PRO B 34 -25.38 77.24 -1.25
N ARG B 35 -24.31 78.02 -1.14
CA ARG B 35 -23.63 78.54 -2.31
C ARG B 35 -23.22 77.39 -3.22
N GLY B 36 -23.66 77.44 -4.47
CA GLY B 36 -23.34 76.40 -5.41
C GLY B 36 -24.29 75.23 -5.41
N ALA B 37 -25.58 75.49 -5.21
CA ALA B 37 -26.62 74.46 -5.28
C ALA B 37 -27.71 75.02 -6.18
N ASP B 38 -27.63 74.73 -7.47
CA ASP B 38 -28.53 75.33 -8.43
C ASP B 38 -29.78 74.49 -8.63
N GLN B 39 -29.64 73.16 -8.69
CA GLN B 39 -30.78 72.30 -8.94
C GLN B 39 -31.84 72.44 -7.86
N GLU B 40 -31.41 72.59 -6.61
CA GLU B 40 -32.35 72.55 -5.50
C GLU B 40 -33.27 73.76 -5.50
N TYR B 41 -32.74 74.95 -5.77
CA TYR B 41 -33.58 76.13 -5.87
C TYR B 41 -34.53 76.01 -7.06
N SER B 42 -34.08 75.40 -8.15
CA SER B 42 -34.95 75.19 -9.29
C SER B 42 -36.12 74.28 -8.93
N ALA B 43 -35.84 73.21 -8.19
CA ALA B 43 -36.91 72.33 -7.74
C ALA B 43 -37.84 73.06 -6.78
N PHE B 44 -37.28 73.97 -5.98
CA PHE B 44 -38.09 74.80 -5.11
C PHE B 44 -39.09 75.62 -5.93
N ARG B 45 -38.61 76.27 -6.99
CA ARG B 45 -39.48 77.09 -7.83
C ARG B 45 -40.52 76.23 -8.53
N VAL B 46 -40.12 75.05 -9.02
CA VAL B 46 -41.06 74.16 -9.67
C VAL B 46 -42.14 73.71 -8.70
N GLY B 47 -41.76 73.39 -7.47
CA GLY B 47 -42.74 73.03 -6.47
C GLY B 47 -43.67 74.17 -6.16
N MET B 48 -43.13 75.40 -6.14
CA MET B 48 -43.99 76.56 -5.94
C MET B 48 -45.07 76.62 -7.01
N VAL B 49 -44.67 76.55 -8.28
CA VAL B 49 -45.67 76.64 -9.35
C VAL B 49 -46.65 75.49 -9.27
N GLN B 50 -46.16 74.30 -8.93
CA GLN B 50 -47.02 73.12 -8.93
C GLN B 50 -48.07 73.19 -7.82
N PHE B 51 -47.65 73.55 -6.62
CA PHE B 51 -48.53 73.53 -5.45
C PHE B 51 -49.13 74.89 -5.14
N SER B 52 -48.76 75.94 -5.87
CA SER B 52 -49.39 77.24 -5.68
C SER B 52 -50.84 77.19 -6.12
N THR B 53 -51.68 77.97 -5.43
CA THR B 53 -53.10 78.03 -5.73
C THR B 53 -53.59 79.46 -5.55
N SER B 54 -54.78 79.74 -6.10
CA SER B 54 -55.37 81.05 -5.91
C SER B 54 -55.68 81.30 -4.44
N GLU B 55 -56.20 80.30 -3.75
CA GLU B 55 -56.62 80.47 -2.36
C GLU B 55 -55.46 80.39 -1.38
N PHE B 56 -54.37 79.72 -1.73
CA PHE B 56 -53.22 79.62 -0.86
C PHE B 56 -51.94 79.72 -1.68
N ARG B 57 -50.88 80.18 -1.03
CA ARG B 57 -49.58 80.35 -1.67
C ARG B 57 -48.52 80.48 -0.58
N LEU B 58 -47.29 80.73 -1.02
CA LEU B 58 -46.18 80.97 -0.12
C LEU B 58 -45.35 82.13 -0.66
N THR B 59 -44.85 82.95 0.26
CA THR B 59 -44.00 84.09 -0.07
C THR B 59 -42.61 83.81 0.49
N PRO B 60 -41.70 83.28 -0.32
CA PRO B 60 -40.36 82.95 0.19
C PRO B 60 -39.35 84.08 0.05
N HIS B 61 -38.60 84.33 1.12
CA HIS B 61 -37.47 85.23 1.10
C HIS B 61 -36.21 84.39 1.14
N ILE B 62 -35.37 84.53 0.12
CA ILE B 62 -34.26 83.64 -0.11
C ILE B 62 -32.95 84.26 0.34
N ASP B 63 -32.05 83.42 0.82
CA ASP B 63 -30.68 83.82 1.14
C ASP B 63 -29.75 82.70 0.71
N ASN B 64 -28.63 83.10 0.12
CA ASN B 64 -27.60 82.18 -0.32
C ASN B 64 -26.31 82.51 0.41
N LEU B 65 -25.65 81.49 0.93
CA LEU B 65 -24.52 81.70 1.82
C LEU B 65 -23.73 80.40 1.90
N GLU B 66 -22.65 80.44 2.66
CA GLU B 66 -21.83 79.27 2.96
C GLU B 66 -22.32 78.71 4.29
N VAL B 67 -23.08 77.62 4.21
CA VAL B 67 -23.72 77.04 5.39
C VAL B 67 -22.73 76.52 6.42
N ALA B 68 -21.46 76.38 6.05
CA ALA B 68 -20.44 75.95 6.99
C ALA B 68 -19.81 77.11 7.74
N ASN B 69 -20.33 78.32 7.54
CA ASN B 69 -19.92 79.50 8.31
C ASN B 69 -21.07 79.83 9.26
N SER B 70 -20.92 79.41 10.50
CA SER B 70 -21.98 79.62 11.48
C SER B 70 -22.32 81.09 11.65
N PHE B 71 -21.36 81.98 11.39
CA PHE B 71 -21.63 83.40 11.46
C PHE B 71 -22.65 83.81 10.40
N ALA B 72 -22.45 83.37 9.17
CA ALA B 72 -23.38 83.70 8.10
C ALA B 72 -24.75 83.10 8.37
N VAL B 73 -24.78 81.86 8.86
CA VAL B 73 -26.05 81.23 9.19
C VAL B 73 -26.76 82.02 10.27
N THR B 74 -26.04 82.45 11.29
CA THR B 74 -26.64 83.24 12.35
C THR B 74 -27.20 84.54 11.81
N ASN B 75 -26.43 85.23 10.98
CA ASN B 75 -26.89 86.49 10.42
C ASN B 75 -28.15 86.29 9.58
N ALA B 76 -28.15 85.28 8.71
CA ALA B 76 -29.30 85.05 7.86
C ALA B 76 -30.53 84.66 8.67
N PHE B 77 -30.34 83.76 9.63
CA PHE B 77 -31.43 83.31 10.49
C PHE B 77 -32.02 84.46 11.28
N CYS B 78 -31.19 85.32 11.84
CA CYS B 78 -31.65 86.47 12.59
C CYS B 78 -32.35 87.49 11.71
N SER B 79 -31.81 87.76 10.52
CA SER B 79 -32.48 88.67 9.59
C SER B 79 -33.86 88.15 9.23
N GLN B 80 -33.96 86.88 8.86
CA GLN B 80 -35.26 86.32 8.51
C GLN B 80 -36.21 86.33 9.69
N PHE B 81 -35.70 86.02 10.88
CA PHE B 81 -36.53 86.08 12.08
C PHE B 81 -37.08 87.49 12.29
N SER B 82 -36.23 88.50 12.07
CA SER B 82 -36.69 89.88 12.14
C SER B 82 -37.76 90.16 11.08
N ARG B 83 -37.64 89.51 9.92
CA ARG B 83 -38.62 89.64 8.86
C ARG B 83 -39.91 88.86 9.13
N GLY B 84 -40.08 88.32 10.34
CA GLY B 84 -41.32 87.66 10.71
C GLY B 84 -41.64 86.41 9.92
N VAL B 85 -40.67 85.52 9.76
CA VAL B 85 -40.88 84.27 9.03
C VAL B 85 -41.41 83.23 10.00
N TYR B 86 -42.48 82.54 9.59
CA TYR B 86 -43.08 81.52 10.45
C TYR B 86 -42.28 80.22 10.42
N ALA B 87 -41.74 79.86 9.26
CA ALA B 87 -40.90 78.69 9.13
C ALA B 87 -39.77 78.97 8.15
N ILE B 88 -38.67 78.24 8.31
CA ILE B 88 -37.46 78.46 7.54
C ILE B 88 -37.03 77.14 6.93
N PHE B 89 -37.10 77.05 5.61
CA PHE B 89 -36.47 75.96 4.90
C PHE B 89 -35.00 76.25 4.69
N GLY B 90 -34.18 75.22 4.67
CA GLY B 90 -32.77 75.43 4.47
C GLY B 90 -31.97 74.17 4.63
N PHE B 91 -30.68 74.32 4.40
CA PHE B 91 -29.68 73.29 4.55
C PHE B 91 -28.77 73.63 5.72
N TYR B 92 -28.04 72.63 6.17
CA TYR B 92 -27.03 72.82 7.18
C TYR B 92 -25.96 71.75 7.06
N ASP B 93 -24.78 72.07 7.58
CA ASP B 93 -23.63 71.20 7.57
C ASP B 93 -23.22 70.89 9.01
N LYS B 94 -22.21 70.02 9.15
CA LYS B 94 -21.78 69.57 10.46
C LYS B 94 -21.32 70.72 11.35
N LYS B 95 -20.90 71.83 10.75
CA LYS B 95 -20.42 72.98 11.50
C LYS B 95 -21.50 74.02 11.74
N SER B 96 -22.75 73.72 11.40
CA SER B 96 -23.84 74.65 11.61
C SER B 96 -25.08 73.98 12.18
N VAL B 97 -25.02 72.70 12.51
CA VAL B 97 -26.18 72.02 13.07
C VAL B 97 -26.57 72.67 14.38
N ASN B 98 -25.59 72.78 15.27
CA ASN B 98 -25.87 73.13 16.64
C ASN B 98 -26.42 74.54 16.74
N THR B 99 -25.83 75.46 15.99
CA THR B 99 -26.34 76.82 15.94
C THR B 99 -27.80 76.84 15.56
N ILE B 100 -28.14 76.15 14.48
CA ILE B 100 -29.50 76.20 13.95
C ILE B 100 -30.47 75.57 14.92
N THR B 101 -30.15 74.38 15.41
CA THR B 101 -31.06 73.67 16.30
C THR B 101 -31.28 74.45 17.59
N SER B 102 -30.21 75.03 18.15
CA SER B 102 -30.37 75.84 19.35
C SER B 102 -31.27 77.03 19.08
N PHE B 103 -31.06 77.71 17.95
CA PHE B 103 -31.90 78.86 17.65
C PHE B 103 -33.35 78.46 17.50
N CYS B 104 -33.62 77.35 16.83
CA CYS B 104 -34.99 76.89 16.67
C CYS B 104 -35.62 76.53 18.02
N GLY B 105 -34.88 75.84 18.88
CA GLY B 105 -35.42 75.48 20.17
C GLY B 105 -35.72 76.69 21.03
N THR B 106 -34.83 77.68 20.99
CA THR B 106 -35.02 78.85 21.83
C THR B 106 -36.17 79.71 21.33
N LEU B 107 -36.22 79.97 20.03
CA LEU B 107 -37.22 80.85 19.44
C LEU B 107 -38.47 80.13 18.98
N HIS B 108 -38.53 78.81 19.16
CA HIS B 108 -39.70 78.05 18.74
C HIS B 108 -40.02 78.31 17.27
N VAL B 109 -38.98 78.45 16.46
CA VAL B 109 -39.10 78.61 15.02
C VAL B 109 -38.76 77.27 14.36
N SER B 110 -39.59 76.86 13.41
CA SER B 110 -39.40 75.58 12.75
C SER B 110 -38.26 75.65 11.75
N PHE B 111 -37.82 74.48 11.32
CA PHE B 111 -36.76 74.35 10.32
C PHE B 111 -36.96 73.05 9.57
N ILE B 112 -36.99 73.15 8.24
CA ILE B 112 -37.27 72.02 7.37
C ILE B 112 -36.05 71.81 6.49
N THR B 113 -35.47 70.62 6.53
CA THR B 113 -34.22 70.35 5.86
C THR B 113 -34.27 69.03 5.11
N PRO B 114 -33.64 68.96 3.94
CA PRO B 114 -33.25 67.67 3.36
C PRO B 114 -31.86 67.21 3.73
N SER B 115 -31.16 67.96 4.57
CA SER B 115 -29.80 67.61 4.94
C SER B 115 -29.83 66.50 5.98
N PHE B 116 -28.64 66.13 6.45
CA PHE B 116 -28.51 64.91 7.22
C PHE B 116 -29.30 65.01 8.52
N PRO B 117 -29.98 63.94 8.92
CA PRO B 117 -30.74 64.00 10.16
C PRO B 117 -29.85 64.10 11.38
N THR B 118 -30.34 64.83 12.37
CA THR B 118 -29.58 65.09 13.58
C THR B 118 -29.38 63.80 14.36
N ASP B 119 -28.21 63.70 15.00
CA ASP B 119 -27.93 62.61 15.92
C ASP B 119 -28.48 62.99 17.29
N GLY B 120 -29.81 63.02 17.37
CA GLY B 120 -30.47 63.45 18.58
C GLY B 120 -31.97 63.51 18.39
N THR B 121 -32.62 64.27 19.26
CA THR B 121 -34.07 64.46 19.25
C THR B 121 -34.39 65.93 19.33
N HIS B 122 -33.65 66.73 18.58
CA HIS B 122 -33.80 68.16 18.66
C HIS B 122 -35.18 68.58 18.19
N PRO B 123 -35.83 69.50 18.88
CA PRO B 123 -37.19 69.88 18.54
C PRO B 123 -37.23 71.04 17.55
N PHE B 124 -38.42 71.25 17.00
CA PHE B 124 -38.67 72.32 16.03
C PHE B 124 -37.74 72.20 14.84
N VAL B 125 -37.47 70.96 14.42
CA VAL B 125 -36.64 70.69 13.26
C VAL B 125 -37.23 69.49 12.55
N ILE B 126 -37.83 69.72 11.40
CA ILE B 126 -38.37 68.65 10.58
C ILE B 126 -37.31 68.21 9.60
N GLN B 127 -37.15 66.89 9.48
CA GLN B 127 -36.10 66.30 8.67
C GLN B 127 -36.73 65.51 7.55
N MET B 128 -36.43 65.88 6.32
CA MET B 128 -36.99 65.22 5.17
C MET B 128 -36.14 64.07 4.67
N ARG B 129 -34.93 63.91 5.19
CA ARG B 129 -34.03 62.86 4.73
C ARG B 129 -34.17 61.62 5.61
N PRO B 130 -34.47 60.46 5.04
CA PRO B 130 -34.52 59.25 5.84
C PRO B 130 -33.15 58.81 6.32
N ASP B 131 -33.13 58.10 7.43
CA ASP B 131 -31.91 57.50 7.92
C ASP B 131 -31.48 56.39 6.97
N LEU B 132 -30.25 55.94 7.16
CA LEU B 132 -29.63 54.97 6.27
C LEU B 132 -28.98 53.80 6.97
N LYS B 133 -28.71 53.89 8.27
CA LYS B 133 -27.94 52.84 8.94
C LYS B 133 -28.64 51.50 8.85
N GLY B 134 -29.97 51.49 9.00
CA GLY B 134 -30.69 50.23 8.96
C GLY B 134 -30.49 49.50 7.66
N ALA B 135 -30.68 50.20 6.55
CA ALA B 135 -30.55 49.57 5.24
C ALA B 135 -29.12 49.14 4.99
N LEU B 136 -28.16 49.97 5.40
CA LEU B 136 -26.76 49.64 5.20
C LEU B 136 -26.40 48.36 5.94
N LEU B 137 -26.81 48.25 7.20
CA LEU B 137 -26.44 47.09 8.00
C LEU B 137 -27.23 45.85 7.62
N SER B 138 -28.42 46.02 7.05
CA SER B 138 -29.12 44.86 6.49
C SER B 138 -28.44 44.38 5.22
N LEU B 139 -28.06 45.30 4.35
CA LEU B 139 -27.41 44.93 3.10
C LEU B 139 -26.08 44.24 3.36
N ILE B 140 -25.28 44.75 4.29
CA ILE B 140 -24.03 44.09 4.62
C ILE B 140 -24.26 42.70 5.16
N GLU B 141 -25.48 42.37 5.55
CA GLU B 141 -25.80 41.04 6.03
C GLU B 141 -26.45 40.17 4.97
N TYR B 142 -27.04 40.79 3.95
CA TYR B 142 -27.52 40.04 2.79
C TYR B 142 -26.39 39.55 1.92
N TYR B 143 -25.16 39.95 2.21
CA TYR B 143 -23.99 39.55 1.45
C TYR B 143 -22.96 38.82 2.30
N GLN B 144 -23.21 38.65 3.60
CA GLN B 144 -22.34 37.89 4.48
C GLN B 144 -20.92 38.45 4.45
N TRP B 145 -20.80 39.70 4.90
CA TRP B 145 -19.54 40.40 4.91
C TRP B 145 -18.90 40.30 6.29
N ASP B 146 -17.62 40.11 6.31
CA ASP B 146 -16.87 40.01 7.55
C ASP B 146 -15.66 40.91 7.59
N LYS B 147 -15.00 41.12 6.44
CA LYS B 147 -13.79 41.94 6.35
C LYS B 147 -14.01 42.91 5.21
N PHE B 148 -14.34 44.15 5.55
CA PHE B 148 -14.57 45.18 4.55
C PHE B 148 -14.02 46.50 5.03
N ALA B 149 -13.56 47.30 4.08
CA ALA B 149 -13.15 48.66 4.38
C ALA B 149 -14.36 49.58 4.44
N TYR B 150 -14.16 50.74 5.04
CA TYR B 150 -15.20 51.73 5.19
C TYR B 150 -14.58 53.11 4.98
N LEU B 151 -14.60 53.56 3.73
CA LEU B 151 -14.16 54.91 3.44
C LEU B 151 -15.28 55.89 3.75
N TYR B 152 -14.98 56.90 4.55
CA TYR B 152 -15.99 57.83 5.02
C TYR B 152 -15.49 59.26 4.90
N ASP B 153 -16.42 60.16 4.66
CA ASP B 153 -16.13 61.58 4.63
C ASP B 153 -16.50 62.20 5.97
N SER B 154 -15.72 63.20 6.37
CA SER B 154 -15.95 63.89 7.64
C SER B 154 -17.04 64.94 7.45
N ASP B 155 -18.22 64.44 7.14
CA ASP B 155 -19.41 65.27 6.99
C ASP B 155 -20.61 64.43 7.39
N ARG B 156 -21.75 65.11 7.51
CA ARG B 156 -22.98 64.46 7.98
C ARG B 156 -22.73 63.67 9.25
N GLY B 157 -21.72 64.05 10.01
CA GLY B 157 -21.40 63.39 11.25
C GLY B 157 -20.73 62.04 11.00
N LEU B 158 -20.55 61.32 12.10
CA LEU B 158 -19.99 59.98 12.08
C LEU B 158 -20.95 58.97 12.68
N SER B 159 -22.25 59.28 12.63
CA SER B 159 -23.25 58.43 13.23
C SER B 159 -23.21 57.03 12.63
N THR B 160 -23.20 56.96 11.30
CA THR B 160 -23.22 55.67 10.63
C THR B 160 -21.90 54.91 10.82
N LEU B 161 -20.79 55.64 10.93
CA LEU B 161 -19.52 55.01 11.27
C LEU B 161 -19.61 54.33 12.63
N GLN B 162 -20.13 55.04 13.63
CA GLN B 162 -20.27 54.47 14.95
C GLN B 162 -21.19 53.26 14.93
N ALA B 163 -22.30 53.35 14.20
CA ALA B 163 -23.21 52.23 14.10
C ALA B 163 -22.51 51.00 13.53
N VAL B 164 -21.73 51.21 12.47
CA VAL B 164 -21.03 50.11 11.84
C VAL B 164 -20.00 49.51 12.80
N LEU B 165 -19.27 50.35 13.52
CA LEU B 165 -18.28 49.83 14.46
C LEU B 165 -18.94 49.05 15.59
N ASP B 166 -20.06 49.53 16.10
CA ASP B 166 -20.76 48.84 17.17
C ASP B 166 -21.25 47.48 16.70
N SER B 167 -21.87 47.44 15.53
CA SER B 167 -22.32 46.15 15.01
C SER B 167 -21.15 45.25 14.68
N ALA B 168 -19.98 45.82 14.43
CA ALA B 168 -18.78 45.00 14.26
C ALA B 168 -18.40 44.35 15.58
N ALA B 169 -18.38 45.13 16.65
CA ALA B 169 -18.10 44.56 17.96
C ALA B 169 -19.05 43.41 18.27
N GLU B 170 -20.34 43.61 17.99
CA GLU B 170 -21.29 42.53 18.24
C GLU B 170 -21.02 41.31 17.36
N LYS B 171 -20.77 41.54 16.07
CA LYS B 171 -20.70 40.45 15.10
C LYS B 171 -19.28 40.08 14.70
N LYS B 172 -18.27 40.62 15.38
CA LYS B 172 -16.88 40.24 15.16
C LYS B 172 -16.44 40.53 13.73
N TRP B 173 -16.87 41.66 13.20
CA TRP B 173 -16.44 42.10 11.87
C TRP B 173 -15.03 42.65 11.93
N GLN B 174 -14.45 42.83 10.75
CA GLN B 174 -13.12 43.40 10.58
C GLN B 174 -13.23 44.61 9.67
N VAL B 175 -13.32 45.79 10.27
CA VAL B 175 -13.56 47.02 9.54
C VAL B 175 -12.30 47.87 9.53
N THR B 176 -11.91 48.31 8.35
CA THR B 176 -10.82 49.24 8.13
C THR B 176 -11.44 50.57 7.73
N ALA B 177 -11.49 51.50 8.67
CA ALA B 177 -12.16 52.77 8.46
C ALA B 177 -11.12 53.83 8.12
N ILE B 178 -11.35 54.52 7.02
CA ILE B 178 -10.39 55.48 6.48
C ILE B 178 -11.13 56.76 6.13
N ASN B 179 -10.51 57.89 6.43
CA ASN B 179 -11.07 59.19 6.12
C ASN B 179 -10.44 59.74 4.87
N VAL B 180 -11.26 60.36 4.03
CA VAL B 180 -10.82 60.86 2.74
C VAL B 180 -11.32 62.30 2.57
N GLY B 181 -11.91 62.85 3.64
CA GLY B 181 -12.47 64.18 3.61
C GLY B 181 -11.51 65.29 3.84
N ASN B 182 -10.27 64.98 4.22
CA ASN B 182 -9.24 65.98 4.47
C ASN B 182 -8.13 65.88 3.45
N ILE B 183 -8.49 65.61 2.20
CA ILE B 183 -7.54 65.41 1.12
C ILE B 183 -7.56 66.64 0.21
N ASN B 184 -6.38 67.22 0.00
CA ASN B 184 -6.27 68.39 -0.86
C ASN B 184 -6.51 68.00 -2.32
N ASN B 185 -7.29 68.83 -3.02
CA ASN B 185 -7.58 68.56 -4.43
C ASN B 185 -6.31 68.56 -5.26
N ASP B 186 -5.37 69.45 -4.93
CA ASP B 186 -4.14 69.54 -5.72
C ASP B 186 -3.33 68.26 -5.66
N LYS B 187 -3.25 67.63 -4.47
CA LYS B 187 -2.47 66.42 -4.28
C LYS B 187 -3.34 65.18 -4.15
N LYS B 188 -4.55 65.22 -4.70
CA LYS B 188 -5.48 64.11 -4.52
C LYS B 188 -4.98 62.82 -5.14
N ASP B 189 -4.28 62.92 -6.27
CA ASP B 189 -3.92 61.71 -7.02
C ASP B 189 -2.99 60.81 -6.23
N GLU B 190 -1.97 61.38 -5.58
CA GLU B 190 -0.98 60.57 -4.91
C GLU B 190 -1.58 59.80 -3.73
N THR B 191 -2.44 60.45 -2.96
CA THR B 191 -2.93 59.84 -1.73
C THR B 191 -3.82 58.63 -2.01
N TYR B 192 -4.74 58.76 -2.96
CA TYR B 192 -5.71 57.70 -3.21
C TYR B 192 -5.02 56.41 -3.63
N ARG B 193 -4.01 56.53 -4.49
CA ARG B 193 -3.30 55.34 -4.95
C ARG B 193 -2.59 54.65 -3.79
N SER B 194 -1.95 55.42 -2.91
CA SER B 194 -1.30 54.82 -1.74
C SER B 194 -2.33 54.19 -0.82
N LEU B 195 -3.49 54.82 -0.68
CA LEU B 195 -4.57 54.26 0.11
C LEU B 195 -4.95 52.87 -0.40
N PHE B 196 -5.19 52.75 -1.70
CA PHE B 196 -5.57 51.46 -2.24
C PHE B 196 -4.41 50.47 -2.22
N GLN B 197 -3.17 50.97 -2.32
CA GLN B 197 -2.02 50.09 -2.16
C GLN B 197 -1.99 49.48 -0.77
N ASP B 198 -2.28 50.31 0.25
CA ASP B 198 -2.41 49.79 1.60
C ASP B 198 -3.50 48.74 1.69
N LEU B 199 -4.68 49.06 1.15
CA LEU B 199 -5.79 48.12 1.23
C LEU B 199 -5.46 46.79 0.54
N GLU B 200 -4.62 46.83 -0.49
CA GLU B 200 -4.35 45.60 -1.23
C GLU B 200 -3.62 44.59 -0.38
N LEU B 201 -2.71 45.04 0.48
CA LEU B 201 -1.94 44.13 1.32
C LEU B 201 -2.86 43.26 2.18
N LYS B 202 -4.05 43.74 2.47
CA LYS B 202 -5.03 43.01 3.25
C LYS B 202 -6.04 42.27 2.39
N LYS B 203 -5.90 42.33 1.07
CA LYS B 203 -6.87 41.75 0.15
C LYS B 203 -8.27 42.29 0.44
N GLU B 204 -8.37 43.62 0.47
CA GLU B 204 -9.66 44.27 0.69
C GLU B 204 -10.36 44.39 -0.64
N ARG B 205 -11.19 43.39 -0.93
CA ARG B 205 -11.97 43.35 -2.16
C ARG B 205 -13.35 43.97 -1.98
N ARG B 206 -13.67 44.45 -0.78
CA ARG B 206 -14.99 44.98 -0.48
C ARG B 206 -14.85 46.33 0.17
N VAL B 207 -15.69 47.27 -0.23
CA VAL B 207 -15.56 48.66 0.17
C VAL B 207 -16.94 49.30 0.25
N ILE B 208 -17.08 50.24 1.17
CA ILE B 208 -18.28 51.03 1.35
C ILE B 208 -17.88 52.48 1.16
N LEU B 209 -18.41 53.10 0.13
CA LEU B 209 -18.09 54.48 -0.20
C LEU B 209 -19.18 55.37 0.39
N ASP B 210 -18.99 55.72 1.66
CA ASP B 210 -19.95 56.57 2.37
C ASP B 210 -19.55 58.03 2.17
N CYS B 211 -19.97 58.59 1.05
CA CYS B 211 -19.61 59.95 0.72
C CYS B 211 -20.68 60.52 -0.19
N GLU B 212 -20.63 61.83 -0.38
CA GLU B 212 -21.55 62.49 -1.28
C GLU B 212 -21.13 62.28 -2.72
N ARG B 213 -22.01 62.68 -3.64
CA ARG B 213 -21.85 62.46 -5.07
C ARG B 213 -20.45 62.82 -5.55
N ASP B 214 -19.98 64.02 -5.23
CA ASP B 214 -18.75 64.53 -5.80
C ASP B 214 -17.55 63.66 -5.44
N LYS B 215 -17.42 63.30 -4.17
CA LYS B 215 -16.26 62.50 -3.80
C LYS B 215 -16.40 61.06 -4.27
N VAL B 216 -17.63 60.58 -4.41
CA VAL B 216 -17.82 59.25 -4.98
C VAL B 216 -17.29 59.24 -6.40
N ASN B 217 -17.59 60.28 -7.17
CA ASN B 217 -17.05 60.37 -8.52
C ASN B 217 -15.52 60.47 -8.48
N ASP B 218 -14.99 61.33 -7.62
CA ASP B 218 -13.54 61.50 -7.54
C ASP B 218 -12.83 60.22 -7.11
N ILE B 219 -13.54 59.29 -6.49
CA ILE B 219 -12.94 58.02 -6.10
C ILE B 219 -13.11 56.98 -7.19
N VAL B 220 -14.29 56.90 -7.78
CA VAL B 220 -14.54 55.99 -8.88
C VAL B 220 -13.63 56.28 -10.05
N ASP B 221 -13.23 57.54 -10.21
CA ASP B 221 -12.28 57.90 -11.25
C ASP B 221 -10.85 57.63 -10.87
N GLN B 222 -10.62 56.95 -9.75
CA GLN B 222 -9.31 56.49 -9.36
C GLN B 222 -9.28 55.01 -9.02
N VAL B 223 -10.44 54.37 -8.88
CA VAL B 223 -10.50 52.93 -8.91
C VAL B 223 -10.25 52.45 -10.33
N ILE B 224 -10.80 53.16 -11.30
CA ILE B 224 -10.68 52.77 -12.70
C ILE B 224 -9.23 52.82 -13.13
N THR B 225 -8.57 53.94 -12.88
CA THR B 225 -7.20 54.13 -13.29
C THR B 225 -6.31 52.98 -12.86
N ILE B 226 -6.52 52.45 -11.66
CA ILE B 226 -5.69 51.38 -11.12
C ILE B 226 -6.33 50.02 -11.34
N GLY B 227 -7.43 49.95 -12.08
CA GLY B 227 -7.97 48.66 -12.48
C GLY B 227 -8.49 47.83 -11.35
N LYS B 228 -9.10 48.47 -10.36
CA LYS B 228 -9.72 47.75 -9.26
C LYS B 228 -11.22 47.62 -9.42
N HIS B 229 -11.75 47.99 -10.58
CA HIS B 229 -13.13 47.72 -10.97
C HIS B 229 -13.15 46.49 -11.88
N VAL B 230 -13.05 45.31 -11.25
CA VAL B 230 -13.02 44.06 -11.98
C VAL B 230 -13.80 43.02 -11.21
N LYS B 231 -13.81 41.80 -11.73
CA LYS B 231 -14.73 40.78 -11.24
C LYS B 231 -14.59 40.57 -9.73
N GLY B 232 -13.39 40.72 -9.21
CA GLY B 232 -13.16 40.38 -7.81
C GLY B 232 -13.77 41.34 -6.82
N TYR B 233 -13.95 42.60 -7.21
CA TYR B 233 -14.27 43.65 -6.26
C TYR B 233 -15.77 43.85 -6.13
N HIS B 234 -16.15 44.40 -4.97
CA HIS B 234 -17.52 44.79 -4.67
C HIS B 234 -17.49 46.15 -4.03
N TYR B 235 -18.42 47.02 -4.42
CA TYR B 235 -18.53 48.35 -3.87
C TYR B 235 -19.96 48.61 -3.45
N ILE B 236 -20.11 49.23 -2.28
CA ILE B 236 -21.40 49.64 -1.77
C ILE B 236 -21.33 51.15 -1.60
N ILE B 237 -22.22 51.85 -2.29
CA ILE B 237 -22.23 53.31 -2.28
C ILE B 237 -23.30 53.74 -1.30
N ALA B 238 -22.86 54.10 -0.09
CA ALA B 238 -23.75 54.38 1.03
C ALA B 238 -24.29 55.80 0.89
N ASN B 239 -25.27 55.92 0.00
CA ASN B 239 -25.87 57.19 -0.33
C ASN B 239 -27.28 56.92 -0.81
N LEU B 240 -28.16 57.88 -0.61
CA LEU B 240 -29.53 57.73 -1.06
C LEU B 240 -29.71 58.07 -2.52
N GLY B 241 -28.67 58.55 -3.17
CA GLY B 241 -28.68 58.74 -4.60
C GLY B 241 -27.60 57.90 -5.25
N PHE B 242 -28.04 56.89 -5.98
CA PHE B 242 -27.16 55.92 -6.61
C PHE B 242 -26.90 56.28 -8.05
N THR B 243 -27.96 56.62 -8.78
CA THR B 243 -27.83 57.04 -10.17
C THR B 243 -27.17 58.40 -10.29
N ASP B 244 -27.35 59.27 -9.30
CA ASP B 244 -26.92 60.66 -9.37
C ASP B 244 -25.51 60.78 -9.91
N GLY B 245 -24.64 59.85 -9.54
CA GLY B 245 -23.27 59.89 -10.00
C GLY B 245 -23.14 59.45 -11.44
N ASP B 246 -21.94 59.04 -11.82
CA ASP B 246 -21.67 58.52 -13.16
C ASP B 246 -21.28 57.06 -13.01
N LEU B 247 -22.24 56.18 -13.25
CA LEU B 247 -22.01 54.75 -13.16
C LEU B 247 -21.70 54.12 -14.51
N LEU B 248 -21.76 54.88 -15.60
CA LEU B 248 -21.44 54.32 -16.90
C LEU B 248 -19.98 53.92 -17.01
N LYS B 249 -19.15 54.37 -16.06
CA LYS B 249 -17.75 54.01 -16.09
C LYS B 249 -17.52 52.59 -15.62
N ILE B 250 -18.34 52.10 -14.69
CA ILE B 250 -18.10 50.83 -14.02
C ILE B 250 -19.17 49.80 -14.33
N GLN B 251 -20.14 50.11 -15.19
CA GLN B 251 -21.11 49.10 -15.58
C GLN B 251 -20.42 47.85 -16.11
N PHE B 252 -19.36 48.05 -16.89
CA PHE B 252 -18.79 47.00 -17.72
C PHE B 252 -17.50 46.42 -17.19
N GLY B 253 -16.91 47.01 -16.16
CA GLY B 253 -15.67 46.48 -15.63
C GLY B 253 -15.80 45.07 -15.12
N GLY B 254 -16.98 44.70 -14.65
CA GLY B 254 -17.23 43.38 -14.10
C GLY B 254 -17.41 43.33 -12.61
N ALA B 255 -17.33 44.47 -11.94
CA ALA B 255 -17.40 44.54 -10.49
C ALA B 255 -18.82 44.88 -10.05
N ASN B 256 -19.21 44.30 -8.92
CA ASN B 256 -20.51 44.61 -8.36
C ASN B 256 -20.55 46.06 -7.90
N VAL B 257 -21.74 46.62 -7.92
CA VAL B 257 -21.97 47.95 -7.37
C VAL B 257 -23.39 47.99 -6.85
N SER B 258 -23.54 48.23 -5.56
CA SER B 258 -24.81 48.24 -4.87
C SER B 258 -25.05 49.62 -4.27
N GLY B 259 -26.31 49.92 -4.01
CA GLY B 259 -26.65 51.22 -3.52
C GLY B 259 -28.12 51.34 -3.23
N PHE B 260 -28.52 52.55 -2.87
CA PHE B 260 -29.86 52.83 -2.39
C PHE B 260 -30.42 54.02 -3.13
N GLN B 261 -31.73 54.02 -3.33
CA GLN B 261 -32.43 55.10 -4.00
C GLN B 261 -33.81 55.22 -3.38
N ILE B 262 -34.17 56.44 -2.99
CA ILE B 262 -35.51 56.69 -2.47
C ILE B 262 -36.45 57.08 -3.60
N VAL B 263 -35.94 57.74 -4.62
CA VAL B 263 -36.75 58.22 -5.74
C VAL B 263 -36.91 57.07 -6.72
N ASP B 264 -38.07 56.43 -6.71
CA ASP B 264 -38.36 55.34 -7.64
C ASP B 264 -38.84 55.95 -8.94
N TYR B 265 -38.17 55.62 -10.04
CA TYR B 265 -38.51 56.18 -11.33
C TYR B 265 -39.62 55.40 -12.04
N ASP B 266 -39.99 54.22 -11.53
CA ASP B 266 -41.09 53.45 -12.07
C ASP B 266 -42.42 53.81 -11.41
N ASP B 267 -42.53 55.01 -10.85
CA ASP B 267 -43.74 55.47 -10.20
C ASP B 267 -44.49 56.46 -11.09
N SER B 268 -45.72 56.77 -10.68
CA SER B 268 -46.57 57.64 -11.47
C SER B 268 -46.23 59.11 -11.25
N LEU B 269 -46.27 59.56 -9.99
CA LEU B 269 -45.94 60.94 -9.69
C LEU B 269 -44.54 61.28 -10.18
N VAL B 270 -43.61 60.34 -10.02
CA VAL B 270 -42.24 60.57 -10.47
C VAL B 270 -42.20 60.75 -11.98
N SER B 271 -42.92 59.91 -12.71
CA SER B 271 -42.90 60.01 -14.16
C SER B 271 -43.51 61.32 -14.65
N LYS B 272 -44.63 61.73 -14.04
CA LYS B 272 -45.22 63.01 -14.41
C LYS B 272 -44.28 64.17 -14.09
N PHE B 273 -43.62 64.10 -12.93
CA PHE B 273 -42.67 65.14 -12.57
C PHE B 273 -41.53 65.19 -13.57
N ILE B 274 -41.08 64.03 -14.04
CA ILE B 274 -40.02 64.01 -15.05
C ILE B 274 -40.51 64.62 -16.35
N GLU B 275 -41.75 64.31 -16.72
CA GLU B 275 -42.32 64.95 -17.91
C GLU B 275 -42.25 66.46 -17.80
N ARG B 276 -42.58 66.99 -16.61
CA ARG B 276 -42.48 68.44 -16.40
C ARG B 276 -41.04 68.92 -16.22
N TRP B 277 -40.11 68.00 -15.94
CA TRP B 277 -38.74 68.36 -15.61
C TRP B 277 -37.87 68.45 -16.85
N SER B 278 -37.87 67.39 -17.67
CA SER B 278 -37.08 67.39 -18.89
C SER B 278 -37.49 68.53 -19.82
N THR B 279 -38.80 68.78 -19.92
CA THR B 279 -39.31 69.91 -20.70
C THR B 279 -39.25 71.19 -19.87
N LEU B 280 -38.02 71.56 -19.52
CA LEU B 280 -37.75 72.75 -18.73
C LEU B 280 -36.62 73.54 -19.36
N GLU B 281 -36.71 74.86 -19.25
CA GLU B 281 -35.75 75.76 -19.87
C GLU B 281 -34.54 75.89 -18.97
N GLU B 282 -33.45 75.18 -19.31
CA GLU B 282 -32.24 75.27 -18.51
C GLU B 282 -31.76 76.71 -18.40
N LYS B 283 -32.10 77.56 -19.36
CA LYS B 283 -31.83 78.98 -19.20
C LYS B 283 -32.56 79.54 -17.98
N GLU B 284 -33.61 78.86 -17.52
CA GLU B 284 -34.37 79.27 -16.35
C GLU B 284 -34.28 78.30 -15.19
N TYR B 285 -34.21 76.99 -15.47
CA TYR B 285 -34.18 75.94 -14.45
C TYR B 285 -32.90 75.13 -14.60
N PRO B 286 -31.77 75.64 -14.12
CA PRO B 286 -30.50 74.90 -14.28
C PRO B 286 -30.59 73.51 -13.67
N GLY B 287 -30.03 72.54 -14.39
CA GLY B 287 -30.10 71.15 -13.99
C GLY B 287 -31.40 70.47 -14.31
N ALA B 288 -32.40 71.20 -14.78
CA ALA B 288 -33.74 70.63 -14.96
C ALA B 288 -33.86 69.76 -16.21
N HIS B 289 -33.09 70.04 -17.25
CA HIS B 289 -33.30 69.34 -18.51
C HIS B 289 -33.06 67.84 -18.36
N THR B 290 -32.02 67.45 -17.63
CA THR B 290 -31.66 66.05 -17.51
C THR B 290 -32.83 65.22 -17.02
N ALA B 291 -32.80 63.93 -17.35
CA ALA B 291 -33.84 63.02 -16.90
C ALA B 291 -33.64 62.63 -15.44
N THR B 292 -32.43 62.73 -14.92
CA THR B 292 -32.20 62.39 -13.53
C THR B 292 -32.59 63.55 -12.61
N ILE B 293 -32.96 63.20 -11.38
CA ILE B 293 -33.22 64.17 -10.33
C ILE B 293 -32.52 63.71 -9.07
N LYS B 294 -31.78 64.61 -8.44
CA LYS B 294 -31.04 64.30 -7.23
C LYS B 294 -31.97 64.30 -6.02
N TYR B 295 -31.66 63.43 -5.06
CA TYR B 295 -32.58 63.24 -3.96
C TYR B 295 -32.76 64.51 -3.14
N THR B 296 -31.73 65.35 -3.06
CA THR B 296 -31.89 66.61 -2.34
C THR B 296 -32.97 67.48 -2.97
N SER B 297 -32.96 67.58 -4.29
CA SER B 297 -33.99 68.36 -4.98
C SER B 297 -35.36 67.73 -4.80
N ALA B 298 -35.43 66.40 -4.86
CA ALA B 298 -36.71 65.73 -4.66
C ALA B 298 -37.27 66.03 -3.30
N LEU B 299 -36.43 66.00 -2.27
CA LEU B 299 -36.87 66.30 -0.93
C LEU B 299 -37.23 67.76 -0.77
N THR B 300 -36.58 68.65 -1.51
CA THR B 300 -36.98 70.06 -1.49
C THR B 300 -38.39 70.23 -2.05
N TYR B 301 -38.67 69.58 -3.18
CA TYR B 301 -40.00 69.62 -3.76
C TYR B 301 -41.04 69.07 -2.79
N ASP B 302 -40.76 67.89 -2.23
CA ASP B 302 -41.66 67.32 -1.25
C ASP B 302 -41.80 68.23 -0.03
N ALA B 303 -40.77 69.00 0.30
CA ALA B 303 -40.84 69.91 1.43
C ALA B 303 -41.82 71.03 1.16
N VAL B 304 -41.81 71.55 -0.07
CA VAL B 304 -42.82 72.54 -0.42
C VAL B 304 -44.20 71.93 -0.24
N GLN B 305 -44.39 70.70 -0.71
CA GLN B 305 -45.67 70.05 -0.52
C GLN B 305 -46.02 69.94 0.97
N VAL B 306 -45.04 69.60 1.79
CA VAL B 306 -45.25 69.44 3.23
C VAL B 306 -45.72 70.74 3.85
N MET B 307 -45.01 71.84 3.56
CA MET B 307 -45.39 73.12 4.12
C MET B 307 -46.79 73.51 3.70
N THR B 308 -47.11 73.36 2.41
CA THR B 308 -48.45 73.72 1.96
C THR B 308 -49.50 72.89 2.68
N GLU B 309 -49.28 71.58 2.79
CA GLU B 309 -50.27 70.73 3.43
C GLU B 309 -50.48 71.14 4.88
N ALA B 310 -49.40 71.37 5.62
CA ALA B 310 -49.54 71.73 7.04
C ALA B 310 -50.25 73.06 7.20
N PHE B 311 -49.85 74.05 6.42
CA PHE B 311 -50.40 75.39 6.56
C PHE B 311 -51.87 75.41 6.15
N ARG B 312 -52.22 74.68 5.10
CA ARG B 312 -53.61 74.59 4.68
C ARG B 312 -54.44 73.82 5.72
N ASN B 313 -53.85 72.82 6.35
CA ASN B 313 -54.54 72.13 7.45
C ASN B 313 -54.80 73.10 8.59
N LEU B 314 -53.85 73.96 8.90
CA LEU B 314 -54.08 74.99 9.90
C LEU B 314 -55.23 75.89 9.50
N ARG B 315 -55.23 76.34 8.24
CA ARG B 315 -56.31 77.23 7.79
C ARG B 315 -57.66 76.56 7.91
N LYS B 316 -57.75 75.29 7.50
CA LYS B 316 -59.01 74.57 7.61
C LYS B 316 -59.42 74.39 9.07
N GLN B 317 -58.45 74.10 9.95
CA GLN B 317 -58.75 73.89 11.36
C GLN B 317 -58.97 75.18 12.11
N ARG B 318 -58.69 76.32 11.48
CA ARG B 318 -58.88 77.65 12.04
C ARG B 318 -57.85 77.98 13.11
N ILE B 319 -56.78 77.19 13.23
CA ILE B 319 -55.73 77.51 14.18
C ILE B 319 -55.22 78.91 13.90
N GLU B 320 -55.07 79.71 14.96
CA GLU B 320 -54.73 81.12 14.84
C GLU B 320 -53.21 81.26 14.79
N ILE B 321 -52.69 81.67 13.63
CA ILE B 321 -51.26 81.86 13.42
C ILE B 321 -51.09 83.21 12.74
N SER B 322 -50.53 84.18 13.46
CA SER B 322 -50.30 85.50 12.90
C SER B 322 -49.43 86.29 13.85
N ARG B 323 -48.49 87.05 13.30
CA ARG B 323 -47.53 87.82 14.08
C ARG B 323 -48.09 89.23 14.25
N ARG B 324 -48.74 89.48 15.38
CA ARG B 324 -49.28 90.80 15.68
C ARG B 324 -48.16 91.66 16.26
N GLY B 325 -47.41 92.30 15.36
CA GLY B 325 -46.32 93.15 15.76
C GLY B 325 -45.05 92.88 14.99
N ASN B 326 -43.93 92.74 15.70
CA ASN B 326 -42.64 92.45 15.09
C ASN B 326 -41.79 91.68 16.07
N ALA B 327 -41.16 90.62 15.59
CA ALA B 327 -40.15 89.92 16.37
C ALA B 327 -38.90 90.77 16.42
N GLY B 328 -38.64 91.36 17.59
CA GLY B 328 -37.59 92.34 17.73
C GLY B 328 -36.26 91.89 17.16
N ASP B 329 -35.65 90.89 17.80
CA ASP B 329 -34.37 90.39 17.35
C ASP B 329 -34.19 88.97 17.85
N CYS B 330 -33.36 88.21 17.14
CA CYS B 330 -33.04 86.86 17.58
C CYS B 330 -32.35 86.89 18.94
N LEU B 331 -31.37 87.78 19.09
CA LEU B 331 -30.65 87.94 20.36
C LEU B 331 -31.39 88.96 21.21
N ALA B 332 -32.09 88.48 22.22
CA ALA B 332 -32.84 89.36 23.13
C ALA B 332 -32.90 88.69 24.49
N ASN B 333 -32.44 89.41 25.51
CA ASN B 333 -32.42 88.88 26.86
C ASN B 333 -33.57 89.49 27.66
N PRO B 334 -34.54 88.70 28.13
CA PRO B 334 -34.72 87.26 27.93
C PRO B 334 -35.28 86.92 26.55
N ALA B 335 -35.05 85.69 26.11
CA ALA B 335 -35.70 85.20 24.91
C ALA B 335 -37.18 84.97 25.17
N VAL B 336 -38.02 85.46 24.27
CA VAL B 336 -39.48 85.36 24.45
C VAL B 336 -40.09 84.72 23.22
N PRO B 337 -40.06 83.40 23.11
CA PRO B 337 -40.68 82.73 21.96
C PRO B 337 -42.16 83.04 21.87
N TRP B 338 -42.62 83.18 20.63
CA TRP B 338 -44.05 83.39 20.36
C TRP B 338 -44.76 82.04 20.36
N GLY B 339 -45.88 81.98 21.07
CA GLY B 339 -46.47 80.71 21.46
C GLY B 339 -47.27 79.98 20.42
N GLN B 340 -47.43 80.53 19.22
CA GLN B 340 -48.11 79.80 18.15
C GLN B 340 -47.17 78.88 17.39
N GLY B 341 -45.87 78.90 17.69
CA GLY B 341 -44.95 78.03 17.00
C GLY B 341 -45.21 76.56 17.23
N VAL B 342 -45.67 76.20 18.43
CA VAL B 342 -46.01 74.81 18.71
C VAL B 342 -47.06 74.32 17.72
N GLU B 343 -48.05 75.17 17.41
CA GLU B 343 -49.08 74.78 16.47
C GLU B 343 -48.48 74.49 15.10
N ILE B 344 -47.57 75.35 14.64
CA ILE B 344 -46.95 75.15 13.34
C ILE B 344 -46.16 73.85 13.31
N GLU B 345 -45.37 73.61 14.36
CA GLU B 345 -44.58 72.39 14.41
C GLU B 345 -45.47 71.16 14.41
N ARG B 346 -46.54 71.20 15.19
CA ARG B 346 -47.42 70.03 15.23
C ARG B 346 -48.08 69.79 13.88
N ALA B 347 -48.50 70.87 13.22
CA ALA B 347 -49.10 70.71 11.90
C ALA B 347 -48.10 70.12 10.91
N LEU B 348 -46.86 70.61 10.95
CA LEU B 348 -45.84 70.10 10.03
C LEU B 348 -45.57 68.62 10.29
N LYS B 349 -45.53 68.23 11.56
CA LYS B 349 -45.27 66.84 11.88
C LYS B 349 -46.49 65.97 11.64
N GLN B 350 -47.68 66.56 11.68
CA GLN B 350 -48.92 65.81 11.45
C GLN B 350 -49.42 65.99 10.02
N VAL B 351 -48.63 65.48 9.07
CA VAL B 351 -49.02 65.47 7.67
C VAL B 351 -48.58 64.16 7.05
N GLN B 352 -49.42 63.60 6.19
CA GLN B 352 -49.23 62.26 5.64
C GLN B 352 -49.56 62.37 4.15
N VAL B 353 -48.54 62.44 3.29
CA VAL B 353 -48.77 62.59 1.86
C VAL B 353 -47.74 61.80 1.07
N GLU B 354 -48.10 61.51 -0.17
CA GLU B 354 -47.17 60.90 -1.10
C GLU B 354 -46.44 61.96 -1.91
N GLY B 355 -45.24 61.61 -2.32
CA GLY B 355 -44.40 62.51 -3.08
C GLY B 355 -43.33 61.74 -3.79
N LEU B 356 -42.40 62.47 -4.41
CA LEU B 356 -41.35 61.85 -5.20
C LEU B 356 -40.61 60.81 -4.39
N SER B 357 -40.19 61.17 -3.18
CA SER B 357 -39.44 60.24 -2.34
C SER B 357 -40.29 59.03 -1.95
N GLY B 358 -41.59 59.24 -1.81
CA GLY B 358 -42.47 58.18 -1.38
C GLY B 358 -43.49 58.65 -0.37
N ASN B 359 -43.67 57.90 0.71
CA ASN B 359 -44.67 58.26 1.70
C ASN B 359 -44.00 59.06 2.81
N ILE B 360 -44.54 60.23 3.11
CA ILE B 360 -43.91 61.18 4.01
C ILE B 360 -44.72 61.23 5.30
N LYS B 361 -44.14 60.69 6.36
CA LYS B 361 -44.71 60.65 7.70
C LYS B 361 -43.61 60.98 8.70
N PHE B 362 -43.96 61.68 9.77
CA PHE B 362 -43.00 62.10 10.76
C PHE B 362 -43.38 61.60 12.14
N ASP B 363 -42.45 61.76 13.07
CA ASP B 363 -42.63 61.42 14.47
C ASP B 363 -42.94 62.68 15.26
N GLN B 364 -42.99 62.53 16.59
CA GLN B 364 -42.99 63.70 17.46
C GLN B 364 -41.62 64.35 17.52
N ASN B 365 -40.57 63.66 17.08
CA ASN B 365 -39.21 64.21 17.10
C ASN B 365 -38.82 64.87 15.79
N GLY B 366 -39.49 64.53 14.70
CA GLY B 366 -39.23 65.11 13.39
C GLY B 366 -38.65 64.15 12.39
N LYS B 367 -38.08 63.04 12.84
CA LYS B 367 -37.50 62.07 11.91
C LYS B 367 -38.59 61.36 11.13
N ARG B 368 -38.29 61.02 9.89
CA ARG B 368 -39.26 60.39 9.02
C ARG B 368 -39.41 58.91 9.35
N ILE B 369 -40.61 58.39 9.09
CA ILE B 369 -40.94 56.99 9.32
C ILE B 369 -41.85 56.50 8.20
N ASN B 370 -42.11 55.20 8.20
CA ASN B 370 -42.97 54.56 7.22
C ASN B 370 -42.53 54.91 5.80
N TYR B 371 -41.26 54.68 5.53
CA TYR B 371 -40.67 54.97 4.23
C TYR B 371 -40.03 53.71 3.67
N THR B 372 -39.86 53.68 2.36
CA THR B 372 -39.25 52.55 1.67
C THR B 372 -38.01 53.04 0.95
N ILE B 373 -36.90 52.34 1.16
CA ILE B 373 -35.62 52.68 0.58
C ILE B 373 -35.30 51.59 -0.43
N ASN B 374 -35.48 51.88 -1.71
CA ASN B 374 -35.24 50.88 -2.74
C ASN B 374 -33.76 50.59 -2.86
N ILE B 375 -33.43 49.33 -3.09
CA ILE B 375 -32.07 48.88 -3.23
C ILE B 375 -31.80 48.61 -4.70
N MET B 376 -30.57 48.82 -5.11
CA MET B 376 -30.23 48.73 -6.52
C MET B 376 -28.84 48.15 -6.68
N GLU B 377 -28.65 47.48 -7.81
CA GLU B 377 -27.37 46.99 -8.26
C GLU B 377 -27.03 47.64 -9.59
N LEU B 378 -25.85 47.31 -10.08
CA LEU B 378 -25.40 47.80 -11.38
C LEU B 378 -25.16 46.61 -12.29
N LYS B 379 -25.85 46.62 -13.43
CA LYS B 379 -25.72 45.58 -14.44
C LYS B 379 -25.38 46.23 -15.78
N THR B 380 -24.79 45.44 -16.67
CA THR B 380 -24.36 45.95 -17.96
C THR B 380 -25.49 46.66 -18.67
N ASN B 381 -26.71 46.14 -18.55
CA ASN B 381 -27.87 46.84 -19.09
C ASN B 381 -28.07 48.17 -18.39
N GLY B 382 -27.84 48.21 -17.08
CA GLY B 382 -28.04 49.40 -16.30
C GLY B 382 -28.42 49.06 -14.88
N PRO B 383 -28.68 50.08 -14.07
CA PRO B 383 -29.18 49.82 -12.72
C PRO B 383 -30.51 49.11 -12.74
N ARG B 384 -30.66 48.15 -11.83
CA ARG B 384 -31.89 47.41 -11.69
C ARG B 384 -32.16 47.19 -10.21
N LYS B 385 -33.41 47.37 -9.84
CA LYS B 385 -33.83 47.17 -8.46
C LYS B 385 -33.94 45.69 -8.15
N ILE B 386 -33.50 45.32 -6.95
CA ILE B 386 -33.57 43.95 -6.48
C ILE B 386 -34.39 43.79 -5.23
N GLY B 387 -34.74 44.89 -4.57
CA GLY B 387 -35.48 44.79 -3.33
C GLY B 387 -35.69 46.16 -2.72
N TYR B 388 -36.18 46.15 -1.50
CA TYR B 388 -36.42 47.38 -0.77
C TYR B 388 -36.14 47.13 0.70
N TRP B 389 -36.43 48.13 1.51
CA TRP B 389 -36.12 48.06 2.93
C TRP B 389 -37.04 49.01 3.66
N SER B 390 -37.71 48.51 4.68
CA SER B 390 -38.56 49.31 5.54
C SER B 390 -38.25 48.97 6.98
N GLU B 391 -38.36 49.97 7.85
CA GLU B 391 -37.99 49.78 9.25
C GLU B 391 -38.84 48.72 9.90
N VAL B 392 -40.14 48.71 9.60
CA VAL B 392 -41.03 47.75 10.22
C VAL B 392 -40.71 46.33 9.77
N ASP B 393 -40.60 46.12 8.46
CA ASP B 393 -40.55 44.74 7.99
C ASP B 393 -39.14 44.15 8.04
N LYS B 394 -38.29 44.54 7.09
CA LYS B 394 -36.95 43.99 6.99
C LYS B 394 -36.32 44.50 5.70
N MET B 395 -35.11 44.05 5.40
CA MET B 395 -34.70 44.00 4.01
C MET B 395 -35.56 43.00 3.26
N VAL B 396 -36.21 43.45 2.20
CA VAL B 396 -37.15 42.65 1.43
C VAL B 396 -36.61 42.50 0.03
N VAL B 397 -36.78 41.30 -0.54
CA VAL B 397 -36.23 40.96 -1.85
C VAL B 397 -37.37 40.58 -2.78
N THR B 398 -37.33 41.11 -4.00
CA THR B 398 -38.28 40.73 -5.05
C THR B 398 -37.56 40.06 -6.21
N LEU B 399 -36.59 40.73 -6.82
CA LEU B 399 -35.85 40.17 -7.95
C LEU B 399 -34.56 39.52 -7.48
N VAL B 417 -28.39 8.12 -10.39
CA VAL B 417 -29.36 7.20 -9.82
C VAL B 417 -28.91 5.76 -10.08
N VAL B 418 -27.82 5.35 -9.43
CA VAL B 418 -27.29 4.00 -9.56
C VAL B 418 -28.24 3.03 -8.89
N THR B 419 -28.01 1.73 -9.12
CA THR B 419 -28.84 0.69 -8.55
C THR B 419 -27.95 -0.42 -8.01
N THR B 420 -28.50 -1.23 -7.12
CA THR B 420 -27.74 -2.27 -6.43
C THR B 420 -28.71 -3.26 -5.83
N ILE B 421 -28.17 -4.35 -5.27
CA ILE B 421 -28.97 -5.41 -4.68
C ILE B 421 -28.21 -5.97 -3.48
N LEU B 422 -28.96 -6.35 -2.44
CA LEU B 422 -28.39 -6.68 -1.15
C LEU B 422 -27.57 -7.98 -1.16
N GLU B 423 -27.61 -8.74 -2.24
CA GLU B 423 -26.80 -9.97 -2.32
C GLU B 423 -25.37 -9.69 -1.90
N SER B 424 -24.95 -10.35 -0.82
CA SER B 424 -23.62 -10.13 -0.27
C SER B 424 -22.58 -10.99 -0.96
N PRO B 425 -21.30 -10.60 -0.90
CA PRO B 425 -20.77 -9.39 -0.27
C PRO B 425 -20.67 -8.20 -1.22
N TYR B 426 -21.72 -7.99 -2.01
CA TYR B 426 -21.75 -6.89 -2.96
C TYR B 426 -22.39 -5.65 -2.36
N VAL B 427 -23.57 -5.80 -1.77
CA VAL B 427 -24.25 -4.72 -1.05
C VAL B 427 -24.70 -5.25 0.29
N MET B 428 -24.36 -4.54 1.36
CA MET B 428 -24.87 -4.87 2.69
C MET B 428 -24.98 -3.58 3.48
N MET B 429 -25.83 -3.62 4.50
CA MET B 429 -26.04 -2.47 5.37
C MET B 429 -25.02 -2.49 6.51
N LYS B 430 -24.28 -1.40 6.65
CA LYS B 430 -23.23 -1.36 7.64
C LYS B 430 -23.80 -1.49 9.05
N LYS B 431 -22.99 -2.01 9.96
CA LYS B 431 -23.43 -2.16 11.35
C LYS B 431 -23.85 -0.79 11.89
N ASN B 432 -25.02 -0.76 12.54
CA ASN B 432 -25.58 0.47 13.04
C ASN B 432 -25.91 1.43 11.90
N HIS B 433 -26.63 0.92 10.90
CA HIS B 433 -27.01 1.72 9.75
C HIS B 433 -28.10 2.73 10.07
N GLU B 434 -28.77 2.61 11.22
CA GLU B 434 -29.68 3.66 11.65
C GLU B 434 -28.94 4.99 11.83
N MET B 435 -27.73 4.93 12.38
CA MET B 435 -26.92 6.13 12.52
C MET B 435 -26.59 6.73 11.17
N LEU B 436 -26.20 5.90 10.21
CA LEU B 436 -25.91 6.39 8.86
C LEU B 436 -27.20 6.83 8.16
N GLU B 437 -27.11 7.88 7.36
CA GLU B 437 -28.28 8.46 6.72
C GLU B 437 -28.52 7.89 5.34
N GLY B 438 -27.56 8.05 4.43
CA GLY B 438 -27.73 7.58 3.08
C GLY B 438 -26.44 7.59 2.28
N ASN B 439 -26.22 6.54 1.50
CA ASN B 439 -25.03 6.35 0.67
C ASN B 439 -23.79 6.05 1.50
N GLU B 440 -23.88 6.06 2.83
CA GLU B 440 -22.79 5.69 3.70
C GLU B 440 -23.13 4.52 4.61
N ARG B 441 -24.41 4.18 4.74
CA ARG B 441 -24.79 2.98 5.47
C ARG B 441 -24.40 1.72 4.71
N TYR B 442 -24.48 1.76 3.38
CA TYR B 442 -24.17 0.59 2.57
C TYR B 442 -22.68 0.30 2.58
N GLU B 443 -22.35 -0.99 2.47
CA GLU B 443 -20.97 -1.43 2.33
C GLU B 443 -20.95 -2.67 1.45
N GLY B 444 -19.78 -2.94 0.88
CA GLY B 444 -19.60 -4.14 0.08
C GLY B 444 -18.66 -3.89 -1.08
N TYR B 445 -18.76 -4.78 -2.06
CA TYR B 445 -17.90 -4.72 -3.25
C TYR B 445 -18.47 -3.78 -4.30
N CYS B 446 -19.75 -3.95 -4.63
CA CYS B 446 -20.37 -3.10 -5.65
C CYS B 446 -20.33 -1.63 -5.26
N VAL B 447 -20.38 -1.32 -3.96
CA VAL B 447 -20.43 0.08 -3.54
C VAL B 447 -19.06 0.73 -3.76
N ASP B 448 -17.98 0.05 -3.37
CA ASP B 448 -16.65 0.58 -3.65
C ASP B 448 -16.43 0.68 -5.16
N LEU B 449 -16.95 -0.28 -5.91
CA LEU B 449 -16.82 -0.23 -7.36
C LEU B 449 -17.51 1.01 -7.92
N ALA B 450 -18.73 1.28 -7.47
CA ALA B 450 -19.45 2.46 -7.93
C ALA B 450 -18.72 3.72 -7.54
N ALA B 451 -18.12 3.73 -6.35
CA ALA B 451 -17.33 4.88 -5.93
C ALA B 451 -16.20 5.14 -6.92
N GLU B 452 -15.43 4.11 -7.24
CA GLU B 452 -14.32 4.28 -8.16
C GLU B 452 -14.80 4.64 -9.57
N ILE B 453 -15.92 4.08 -10.00
CA ILE B 453 -16.46 4.39 -11.32
C ILE B 453 -16.86 5.85 -11.39
N ALA B 454 -17.56 6.35 -10.37
CA ALA B 454 -17.93 7.75 -10.33
C ALA B 454 -16.69 8.63 -10.28
N LYS B 455 -15.67 8.22 -9.54
CA LYS B 455 -14.44 9.00 -9.48
C LYS B 455 -13.79 9.10 -10.86
N HIS B 456 -13.72 8.00 -11.60
CA HIS B 456 -13.10 8.03 -12.92
C HIS B 456 -14.00 8.65 -13.97
N CYS B 457 -15.30 8.81 -13.69
CA CYS B 457 -16.21 9.47 -14.61
C CYS B 457 -16.66 10.83 -14.12
N GLY B 458 -16.67 11.07 -12.81
CA GLY B 458 -16.95 12.36 -12.24
C GLY B 458 -18.34 12.50 -11.65
N PHE B 459 -19.35 11.90 -12.27
CA PHE B 459 -20.73 12.10 -11.86
C PHE B 459 -20.91 11.74 -10.39
N LYS B 460 -22.00 12.26 -9.82
CA LYS B 460 -22.40 11.97 -8.45
C LYS B 460 -23.55 10.98 -8.45
N TYR B 461 -23.58 10.13 -7.43
CA TYR B 461 -24.51 9.01 -7.40
C TYR B 461 -25.13 8.88 -6.02
N LYS B 462 -26.34 8.31 -5.99
CA LYS B 462 -27.01 7.95 -4.75
C LYS B 462 -27.42 6.48 -4.85
N LEU B 463 -26.80 5.63 -4.05
CA LEU B 463 -27.10 4.21 -4.09
C LEU B 463 -28.56 3.97 -3.72
N THR B 464 -29.19 3.05 -4.43
CA THR B 464 -30.60 2.73 -4.21
C THR B 464 -30.80 1.22 -4.25
N ILE B 465 -32.05 0.81 -4.08
CA ILE B 465 -32.47 -0.58 -4.17
C ILE B 465 -33.79 -0.62 -4.93
N VAL B 466 -34.12 -1.79 -5.46
CA VAL B 466 -35.29 -1.98 -6.30
C VAL B 466 -36.22 -3.07 -5.75
N GLY B 467 -35.65 -4.21 -5.35
CA GLY B 467 -36.51 -5.34 -5.05
C GLY B 467 -37.27 -5.79 -6.28
N ASP B 468 -38.47 -6.31 -6.05
CA ASP B 468 -39.38 -6.69 -7.13
C ASP B 468 -38.72 -7.70 -8.08
N GLY B 469 -37.97 -8.64 -7.53
CA GLY B 469 -37.31 -9.66 -8.33
C GLY B 469 -35.84 -9.77 -8.01
N LYS B 470 -35.22 -8.66 -7.67
CA LYS B 470 -33.82 -8.51 -7.29
C LYS B 470 -32.87 -8.62 -8.47
N TYR B 471 -33.36 -8.97 -9.67
CA TYR B 471 -32.51 -9.08 -10.85
C TYR B 471 -33.38 -8.95 -12.08
N GLY B 472 -32.73 -8.92 -13.24
CA GLY B 472 -33.44 -8.76 -14.48
C GLY B 472 -34.04 -10.07 -14.98
N ALA B 473 -35.18 -9.93 -15.67
CA ALA B 473 -35.87 -11.04 -16.29
C ALA B 473 -37.07 -10.45 -17.03
N ARG B 474 -37.77 -11.31 -17.77
CA ARG B 474 -38.93 -10.89 -18.54
C ARG B 474 -40.05 -11.90 -18.38
N ASP B 475 -41.28 -11.39 -18.31
CA ASP B 475 -42.48 -12.22 -18.32
C ASP B 475 -42.95 -12.36 -19.76
N ALA B 476 -42.99 -13.60 -20.25
CA ALA B 476 -43.34 -13.82 -21.66
C ALA B 476 -44.70 -13.24 -22.00
N ASP B 477 -45.65 -13.29 -21.06
CA ASP B 477 -46.97 -12.72 -21.30
C ASP B 477 -46.97 -11.20 -21.14
N THR B 478 -46.62 -10.73 -19.95
CA THR B 478 -46.60 -9.29 -19.71
C THR B 478 -45.61 -8.57 -20.61
N LYS B 479 -44.52 -9.25 -20.98
CA LYS B 479 -43.49 -8.65 -21.83
C LYS B 479 -42.94 -7.37 -21.21
N ILE B 480 -42.86 -7.35 -19.89
CA ILE B 480 -42.35 -6.21 -19.13
C ILE B 480 -41.15 -6.67 -18.32
N TRP B 481 -40.04 -5.96 -18.44
CA TRP B 481 -38.84 -6.31 -17.71
C TRP B 481 -38.98 -5.93 -16.25
N ASN B 482 -38.36 -6.74 -15.38
CA ASN B 482 -38.44 -6.57 -13.94
C ASN B 482 -37.05 -6.41 -13.36
N GLY B 483 -36.98 -5.72 -12.22
CA GLY B 483 -35.72 -5.59 -11.52
C GLY B 483 -34.85 -4.46 -12.05
N MET B 484 -33.54 -4.63 -11.89
CA MET B 484 -32.59 -3.63 -12.36
C MET B 484 -32.73 -3.41 -13.86
N VAL B 485 -32.86 -4.49 -14.63
CA VAL B 485 -33.05 -4.38 -16.06
C VAL B 485 -34.33 -3.62 -16.36
N GLY B 486 -35.41 -3.97 -15.66
CA GLY B 486 -36.68 -3.30 -15.89
C GLY B 486 -36.59 -1.81 -15.65
N GLU B 487 -35.91 -1.41 -14.58
CA GLU B 487 -35.86 0.01 -14.25
C GLU B 487 -34.92 0.76 -15.18
N LEU B 488 -33.81 0.13 -15.59
CA LEU B 488 -32.91 0.79 -16.53
C LEU B 488 -33.59 0.99 -17.87
N VAL B 489 -34.38 0.01 -18.32
CA VAL B 489 -35.06 0.14 -19.60
C VAL B 489 -36.05 1.30 -19.55
N TYR B 490 -36.69 1.52 -18.41
CA TYR B 490 -37.77 2.48 -18.27
C TYR B 490 -37.36 3.77 -17.60
N GLY B 491 -36.05 4.01 -17.46
CA GLY B 491 -35.56 5.29 -16.99
C GLY B 491 -35.59 5.51 -15.50
N LYS B 492 -36.03 4.51 -14.72
CA LYS B 492 -36.08 4.67 -13.28
C LYS B 492 -34.69 4.76 -12.65
N ALA B 493 -33.63 4.50 -13.41
CA ALA B 493 -32.28 4.57 -12.88
C ALA B 493 -31.33 4.92 -14.02
N ASP B 494 -30.14 5.40 -13.64
CA ASP B 494 -29.13 5.76 -14.61
C ASP B 494 -28.31 4.56 -15.06
N ILE B 495 -27.71 3.85 -14.11
CA ILE B 495 -26.94 2.64 -14.37
C ILE B 495 -27.17 1.64 -13.25
N ALA B 496 -26.83 0.40 -13.52
CA ALA B 496 -26.91 -0.68 -12.54
C ALA B 496 -25.51 -1.21 -12.27
N ILE B 497 -25.08 -1.14 -11.02
CA ILE B 497 -23.79 -1.64 -10.58
C ILE B 497 -24.06 -2.76 -9.59
N ALA B 498 -23.85 -3.99 -10.02
CA ALA B 498 -24.23 -5.13 -9.21
C ALA B 498 -23.77 -6.42 -9.89
N PRO B 499 -23.82 -7.55 -9.20
CA PRO B 499 -23.52 -8.81 -9.87
C PRO B 499 -24.60 -9.17 -10.87
N LEU B 500 -24.67 -8.41 -11.95
CA LEU B 500 -25.65 -8.62 -13.00
C LEU B 500 -24.99 -9.43 -14.12
N THR B 501 -25.59 -10.55 -14.46
CA THR B 501 -24.96 -11.50 -15.36
C THR B 501 -25.15 -11.07 -16.80
N ILE B 502 -24.08 -11.20 -17.59
CA ILE B 502 -24.15 -10.85 -19.00
C ILE B 502 -24.86 -11.96 -19.74
N THR B 503 -25.85 -11.59 -20.54
CA THR B 503 -26.68 -12.56 -21.24
C THR B 503 -27.20 -11.91 -22.51
N LEU B 504 -27.61 -12.78 -23.45
CA LEU B 504 -28.04 -12.30 -24.76
C LEU B 504 -29.30 -11.44 -24.66
N VAL B 505 -30.30 -11.93 -23.93
CA VAL B 505 -31.59 -11.24 -23.89
C VAL B 505 -31.43 -9.83 -23.34
N ARG B 506 -30.55 -9.67 -22.35
CA ARG B 506 -30.37 -8.36 -21.72
C ARG B 506 -29.58 -7.42 -22.62
N GLU B 507 -28.57 -7.92 -23.31
CA GLU B 507 -27.77 -7.06 -24.19
C GLU B 507 -28.59 -6.50 -25.34
N GLU B 508 -29.69 -7.17 -25.70
CA GLU B 508 -30.57 -6.68 -26.75
C GLU B 508 -31.36 -5.46 -26.34
N VAL B 509 -31.43 -5.14 -25.05
CA VAL B 509 -32.30 -4.08 -24.56
C VAL B 509 -31.52 -3.10 -23.70
N ILE B 510 -30.31 -3.48 -23.30
CA ILE B 510 -29.40 -2.60 -22.57
C ILE B 510 -27.99 -2.83 -23.11
N ASP B 511 -27.04 -2.10 -22.54
CA ASP B 511 -25.64 -2.19 -22.94
C ASP B 511 -24.80 -2.50 -21.73
N PHE B 512 -23.93 -3.49 -21.84
CA PHE B 512 -23.07 -3.92 -20.75
C PHE B 512 -21.68 -3.33 -20.94
N SER B 513 -20.89 -3.41 -19.87
CA SER B 513 -19.48 -3.12 -19.92
C SER B 513 -18.71 -4.42 -20.08
N LYS B 514 -17.40 -4.31 -20.22
CA LYS B 514 -16.57 -5.49 -20.17
C LYS B 514 -16.61 -6.06 -18.75
N PRO B 515 -16.63 -7.38 -18.59
CA PRO B 515 -16.81 -7.94 -17.24
C PRO B 515 -15.76 -7.41 -16.27
N PHE B 516 -16.23 -6.97 -15.11
CA PHE B 516 -15.35 -6.60 -14.03
C PHE B 516 -15.01 -7.79 -13.13
N MET B 517 -15.67 -8.93 -13.35
CA MET B 517 -15.38 -10.13 -12.59
C MET B 517 -15.89 -11.32 -13.38
N SER B 518 -14.97 -12.20 -13.77
CA SER B 518 -15.30 -13.40 -14.51
C SER B 518 -15.37 -14.58 -13.56
N LEU B 519 -16.28 -15.51 -13.84
CA LEU B 519 -16.58 -16.61 -12.95
C LEU B 519 -17.14 -17.76 -13.77
N GLY B 520 -17.67 -18.75 -13.08
CA GLY B 520 -18.28 -19.89 -13.73
C GLY B 520 -18.80 -20.85 -12.69
N ILE B 521 -19.40 -21.94 -13.19
CA ILE B 521 -19.97 -22.93 -12.30
C ILE B 521 -18.87 -23.75 -11.64
N SER B 522 -19.11 -24.15 -10.40
CA SER B 522 -18.13 -24.85 -9.60
C SER B 522 -18.86 -25.75 -8.60
N ILE B 523 -18.08 -26.52 -7.85
CA ILE B 523 -18.56 -27.61 -7.03
C ILE B 523 -18.23 -27.31 -5.57
N MET B 524 -19.25 -27.33 -4.72
CA MET B 524 -19.14 -27.14 -3.28
C MET B 524 -19.36 -28.47 -2.60
N ILE B 525 -18.44 -28.83 -1.70
CA ILE B 525 -18.56 -30.04 -0.91
C ILE B 525 -18.26 -29.71 0.54
N LYS B 526 -18.69 -30.60 1.43
CA LYS B 526 -18.32 -30.48 2.83
C LYS B 526 -16.86 -30.89 3.01
N LYS B 527 -16.16 -30.17 3.87
CA LYS B 527 -14.74 -30.40 4.04
C LYS B 527 -14.51 -31.83 4.54
N PRO B 528 -13.64 -32.60 3.90
CA PRO B 528 -13.34 -33.93 4.44
C PRO B 528 -12.83 -33.82 5.86
N GLN B 529 -13.36 -34.67 6.73
CA GLN B 529 -13.01 -34.68 8.14
C GLN B 529 -12.15 -35.90 8.44
N LYS B 530 -11.59 -35.90 9.65
CA LYS B 530 -10.90 -37.10 10.11
C LYS B 530 -11.90 -38.23 10.15
N SER B 531 -11.78 -39.18 9.23
CA SER B 531 -12.75 -40.25 9.14
C SER B 531 -12.73 -41.09 10.41
N LYS B 532 -13.91 -41.49 10.86
CA LYS B 532 -13.99 -42.38 11.99
C LYS B 532 -13.20 -43.65 11.67
N PRO B 533 -12.25 -44.06 12.50
CA PRO B 533 -11.43 -45.21 12.14
C PRO B 533 -12.28 -46.44 11.91
N GLY B 534 -11.91 -47.20 10.88
CA GLY B 534 -12.66 -48.37 10.51
C GLY B 534 -12.10 -49.63 11.15
N VAL B 535 -13.00 -50.58 11.42
CA VAL B 535 -12.56 -51.88 11.85
C VAL B 535 -11.67 -52.46 10.77
N PHE B 536 -10.52 -53.00 11.17
CA PHE B 536 -9.49 -53.47 10.25
C PHE B 536 -8.74 -52.32 9.59
N SER B 537 -8.66 -51.18 10.30
CA SER B 537 -7.76 -50.11 9.90
C SER B 537 -6.31 -50.40 10.25
N PHE B 538 -6.05 -51.48 10.99
CA PHE B 538 -4.70 -51.88 11.30
C PHE B 538 -4.00 -52.54 10.13
N LEU B 539 -4.71 -52.81 9.04
CA LEU B 539 -4.11 -53.33 7.82
C LEU B 539 -3.74 -52.23 6.83
N ASP B 540 -4.10 -50.99 7.10
CA ASP B 540 -3.96 -49.89 6.16
C ASP B 540 -2.51 -49.60 5.81
N PRO B 541 -1.56 -49.77 6.73
CA PRO B 541 -0.16 -49.47 6.40
C PRO B 541 0.37 -50.28 5.23
N LEU B 542 -0.20 -51.45 4.95
CA LEU B 542 0.20 -52.27 3.82
C LEU B 542 -1.00 -52.53 2.93
N ALA B 543 -0.76 -52.55 1.62
CA ALA B 543 -1.81 -52.81 0.66
C ALA B 543 -2.28 -54.26 0.77
N TYR B 544 -3.53 -54.48 0.37
CA TYR B 544 -4.12 -55.81 0.45
C TYR B 544 -3.29 -56.83 -0.30
N GLU B 545 -2.72 -56.44 -1.44
CA GLU B 545 -1.91 -57.37 -2.22
C GLU B 545 -0.71 -57.85 -1.42
N ILE B 546 -0.11 -56.96 -0.63
CA ILE B 546 1.01 -57.38 0.22
C ILE B 546 0.55 -58.41 1.22
N TRP B 547 -0.62 -58.22 1.82
CA TRP B 547 -1.12 -59.16 2.81
C TRP B 547 -1.36 -60.53 2.19
N MET B 548 -1.95 -60.56 0.99
CA MET B 548 -2.21 -61.84 0.34
C MET B 548 -0.91 -62.52 -0.08
N CYS B 549 0.05 -61.75 -0.59
CA CYS B 549 1.36 -62.32 -0.89
C CYS B 549 2.02 -62.86 0.37
N ILE B 550 1.81 -62.19 1.50
CA ILE B 550 2.34 -62.67 2.77
C ILE B 550 1.73 -64.02 3.12
N VAL B 551 0.41 -64.13 2.99
CA VAL B 551 -0.28 -65.38 3.31
C VAL B 551 0.28 -66.51 2.45
N PHE B 552 0.35 -66.28 1.14
CA PHE B 552 0.75 -67.35 0.26
C PHE B 552 2.24 -67.64 0.32
N ALA B 553 3.06 -66.66 0.68
CA ALA B 553 4.47 -66.93 0.95
C ALA B 553 4.62 -67.77 2.21
N TYR B 554 3.78 -67.53 3.22
CA TYR B 554 3.76 -68.39 4.40
C TYR B 554 3.43 -69.82 3.99
N ILE B 555 2.39 -70.00 3.18
CA ILE B 555 2.02 -71.34 2.72
C ILE B 555 3.19 -71.97 1.99
N GLY B 556 3.79 -71.23 1.04
CA GLY B 556 4.84 -71.80 0.23
C GLY B 556 6.09 -72.16 1.02
N VAL B 557 6.48 -71.29 1.96
CA VAL B 557 7.64 -71.57 2.80
C VAL B 557 7.38 -72.81 3.64
N SER B 558 6.20 -72.91 4.23
CA SER B 558 5.87 -74.10 5.00
C SER B 558 5.96 -75.35 4.13
N VAL B 559 5.41 -75.28 2.92
CA VAL B 559 5.39 -76.45 2.04
C VAL B 559 6.81 -76.85 1.66
N VAL B 560 7.64 -75.87 1.29
CA VAL B 560 9.00 -76.18 0.86
C VAL B 560 9.80 -76.75 2.02
N LEU B 561 9.60 -76.22 3.23
CA LEU B 561 10.28 -76.79 4.39
C LEU B 561 9.84 -78.22 4.62
N PHE B 562 8.54 -78.48 4.49
CA PHE B 562 8.02 -79.83 4.64
C PHE B 562 8.65 -80.78 3.65
N LEU B 563 8.69 -80.40 2.38
CA LEU B 563 9.27 -81.27 1.35
C LEU B 563 10.74 -81.51 1.61
N VAL B 564 11.50 -80.43 1.79
CA VAL B 564 12.93 -80.52 2.00
C VAL B 564 13.27 -81.36 3.22
N SER B 565 12.42 -81.34 4.24
CA SER B 565 12.69 -82.10 5.45
C SER B 565 12.19 -83.53 5.36
N ARG B 566 11.23 -83.81 4.49
CA ARG B 566 10.73 -85.16 4.32
C ARG B 566 11.63 -85.98 3.41
N PHE B 567 11.89 -85.48 2.20
CA PHE B 567 12.62 -86.26 1.21
C PHE B 567 14.12 -86.02 1.21
N SER B 568 14.60 -85.03 1.97
CA SER B 568 16.04 -84.83 2.17
C SER B 568 16.31 -84.58 3.65
N PRO B 569 16.01 -85.54 4.51
CA PRO B 569 16.13 -85.32 5.95
C PRO B 569 17.57 -85.32 6.42
N TYR B 570 17.75 -84.78 7.63
CA TYR B 570 19.06 -84.80 8.27
C TYR B 570 19.52 -86.23 8.53
N GLU B 571 18.61 -87.09 8.97
CA GLU B 571 18.94 -88.48 9.26
C GLU B 571 19.92 -88.57 10.42
N GLU B 587 12.06 -89.29 12.81
CA GLU B 587 13.42 -88.79 12.95
C GLU B 587 13.50 -87.30 12.63
N SER B 588 13.63 -86.99 11.33
CA SER B 588 13.69 -85.61 10.86
C SER B 588 12.43 -85.18 10.13
N THR B 589 11.44 -86.07 9.99
CA THR B 589 10.16 -85.72 9.39
C THR B 589 9.01 -85.76 10.39
N ASN B 590 9.11 -86.59 11.44
CA ASN B 590 8.20 -86.42 12.56
C ASN B 590 8.33 -85.00 13.13
N GLU B 591 9.51 -84.41 12.97
CA GLU B 591 9.71 -82.98 13.14
C GLU B 591 9.74 -82.34 11.76
N PHE B 592 9.01 -81.24 11.61
CA PHE B 592 8.87 -80.54 10.33
C PHE B 592 8.02 -81.33 9.35
N GLY B 593 6.91 -81.89 9.83
CA GLY B 593 5.80 -82.17 8.98
C GLY B 593 5.18 -80.87 8.51
N ILE B 594 3.99 -80.98 7.92
CA ILE B 594 3.32 -79.78 7.43
C ILE B 594 2.83 -78.94 8.59
N PHE B 595 2.25 -79.58 9.60
CA PHE B 595 1.69 -78.85 10.74
C PHE B 595 2.78 -78.08 11.48
N ASN B 596 3.85 -78.78 11.84
CA ASN B 596 4.94 -78.13 12.57
C ASN B 596 5.68 -77.15 11.69
N SER B 597 5.70 -77.37 10.37
CA SER B 597 6.29 -76.39 9.47
C SER B 597 5.50 -75.09 9.47
N LEU B 598 4.17 -75.19 9.36
CA LEU B 598 3.33 -74.00 9.47
C LEU B 598 3.55 -73.30 10.80
N TRP B 599 3.63 -74.07 11.88
CA TRP B 599 3.86 -73.48 13.20
C TRP B 599 5.19 -72.74 13.27
N PHE B 600 6.25 -73.35 12.75
CA PHE B 600 7.56 -72.71 12.77
C PHE B 600 7.53 -71.41 11.97
N SER B 601 6.92 -71.45 10.78
CA SER B 601 6.86 -70.26 9.95
C SER B 601 6.08 -69.15 10.64
N LEU B 602 4.95 -69.50 11.26
CA LEU B 602 4.14 -68.50 11.95
C LEU B 602 4.88 -67.89 13.12
N GLY B 603 5.55 -68.73 13.92
CA GLY B 603 6.34 -68.20 15.01
C GLY B 603 7.47 -67.33 14.55
N ALA B 604 8.01 -67.61 13.37
CA ALA B 604 9.03 -66.74 12.80
C ALA B 604 8.44 -65.40 12.41
N PHE B 605 7.29 -65.40 11.73
CA PHE B 605 6.71 -64.16 11.25
C PHE B 605 6.35 -63.22 12.40
N MET B 606 5.99 -63.76 13.56
CA MET B 606 5.56 -62.95 14.69
C MET B 606 6.69 -62.66 15.66
N ARG B 607 7.94 -62.86 15.25
CA ARG B 607 9.11 -62.52 16.04
C ARG B 607 9.20 -63.32 17.33
N GLN B 608 8.41 -64.37 17.46
CA GLN B 608 8.52 -65.28 18.58
C GLN B 608 9.68 -66.23 18.31
N GLY B 609 9.79 -67.27 19.12
CA GLY B 609 10.88 -68.23 19.01
C GLY B 609 10.46 -69.47 18.25
N CYS B 610 11.03 -70.60 18.67
CA CYS B 610 10.76 -71.86 18.00
C CYS B 610 11.12 -73.00 18.94
N ASP B 611 10.23 -73.99 19.03
CA ASP B 611 10.56 -75.23 19.71
C ASP B 611 11.40 -76.16 18.84
N ILE B 612 11.64 -75.80 17.58
CA ILE B 612 12.46 -76.58 16.67
C ILE B 612 13.04 -75.62 15.64
N SER B 613 14.31 -75.84 15.29
CA SER B 613 14.92 -75.14 14.18
C SER B 613 15.58 -76.14 13.24
N PRO B 614 15.56 -75.88 11.94
CA PRO B 614 16.12 -76.85 11.00
C PRO B 614 17.60 -77.07 11.20
N ARG B 615 18.04 -78.29 10.89
CA ARG B 615 19.44 -78.67 11.00
C ARG B 615 20.11 -78.87 9.64
N SER B 616 19.33 -79.03 8.58
CA SER B 616 19.88 -79.22 7.24
C SER B 616 20.05 -77.88 6.54
N LEU B 617 21.00 -77.86 5.59
CA LEU B 617 21.32 -76.61 4.91
C LEU B 617 20.13 -76.07 4.12
N SER B 618 19.33 -76.94 3.54
CA SER B 618 18.18 -76.50 2.75
C SER B 618 17.10 -75.90 3.63
N GLY B 619 16.73 -76.60 4.70
CA GLY B 619 15.77 -76.04 5.63
C GLY B 619 16.27 -74.75 6.26
N ARG B 620 17.57 -74.67 6.51
CA ARG B 620 18.15 -73.47 7.09
C ARG B 620 18.13 -72.31 6.11
N ILE B 621 18.34 -72.60 4.82
CA ILE B 621 18.21 -71.57 3.80
C ILE B 621 16.79 -71.02 3.78
N VAL B 622 15.81 -71.92 3.79
CA VAL B 622 14.41 -71.51 3.80
C VAL B 622 14.14 -70.63 5.02
N GLY B 623 14.57 -71.08 6.19
CA GLY B 623 14.36 -70.32 7.40
C GLY B 623 15.02 -68.95 7.37
N GLY B 624 16.24 -68.88 6.84
CA GLY B 624 16.93 -67.60 6.78
C GLY B 624 16.21 -66.60 5.90
N VAL B 625 15.77 -67.04 4.72
CA VAL B 625 15.08 -66.10 3.84
C VAL B 625 13.74 -65.71 4.44
N TRP B 626 13.05 -66.65 5.10
CA TRP B 626 11.81 -66.30 5.78
C TRP B 626 12.06 -65.28 6.88
N TRP B 627 13.18 -65.42 7.59
CA TRP B 627 13.52 -64.51 8.66
C TRP B 627 13.77 -63.10 8.12
N PHE B 628 14.54 -63.01 7.03
CA PHE B 628 14.77 -61.72 6.38
C PHE B 628 13.45 -61.08 5.97
N PHE B 629 12.59 -61.87 5.32
CA PHE B 629 11.29 -61.37 4.89
C PHE B 629 10.50 -60.83 6.06
N THR B 630 10.43 -61.59 7.14
CA THR B 630 9.69 -61.17 8.32
C THR B 630 10.24 -59.87 8.88
N LEU B 631 11.55 -59.78 9.01
CA LEU B 631 12.16 -58.58 9.56
C LEU B 631 11.78 -57.36 8.74
N ILE B 632 11.96 -57.46 7.42
CA ILE B 632 11.66 -56.32 6.55
C ILE B 632 10.20 -55.93 6.66
N ILE B 633 9.30 -56.92 6.64
CA ILE B 633 7.88 -56.61 6.59
C ILE B 633 7.41 -55.98 7.90
N ILE B 634 7.86 -56.51 9.03
CA ILE B 634 7.45 -55.91 10.30
C ILE B 634 8.00 -54.50 10.43
N SER B 635 9.26 -54.29 10.06
CA SER B 635 9.82 -52.95 10.11
C SER B 635 9.02 -51.99 9.24
N SER B 636 8.67 -52.43 8.03
CA SER B 636 7.91 -51.58 7.13
C SER B 636 6.54 -51.24 7.70
N TYR B 637 5.86 -52.23 8.27
CA TYR B 637 4.56 -51.96 8.86
C TYR B 637 4.66 -50.91 9.95
N THR B 638 5.60 -51.10 10.89
CA THR B 638 5.73 -50.15 11.98
C THR B 638 6.08 -48.76 11.47
N ALA B 639 6.99 -48.67 10.51
CA ALA B 639 7.43 -47.38 10.01
C ALA B 639 6.29 -46.64 9.30
N ASN B 640 5.57 -47.34 8.43
CA ASN B 640 4.48 -46.68 7.71
C ASN B 640 3.34 -46.32 8.64
N LEU B 641 3.10 -47.12 9.68
CA LEU B 641 2.10 -46.73 10.68
C LEU B 641 2.53 -45.48 11.42
N ALA B 642 3.81 -45.36 11.75
CA ALA B 642 4.30 -44.14 12.37
C ALA B 642 4.08 -42.95 11.45
N ALA B 643 4.37 -43.12 10.16
CA ALA B 643 4.09 -42.07 9.20
C ALA B 643 2.62 -41.67 9.23
N PHE B 644 1.72 -42.65 9.14
CA PHE B 644 0.30 -42.37 9.14
C PHE B 644 -0.11 -41.58 10.37
N LEU B 645 0.34 -42.01 11.54
CA LEU B 645 -0.06 -41.37 12.78
C LEU B 645 0.60 -40.02 12.99
N THR B 646 1.71 -39.75 12.31
CA THR B 646 2.41 -38.49 12.46
C THR B 646 1.86 -37.40 11.55
N VAL B 647 1.45 -37.76 10.34
CA VAL B 647 0.99 -36.81 9.33
C VAL B 647 -0.44 -37.14 8.97
N GLU B 648 -1.35 -36.23 9.27
CA GLU B 648 -2.74 -36.38 8.86
C GLU B 648 -2.90 -35.85 7.43
N ARG B 649 -3.52 -36.66 6.57
CA ARG B 649 -3.79 -36.27 5.20
C ARG B 649 -5.22 -36.66 4.87
N MET B 650 -6.08 -35.67 4.68
CA MET B 650 -7.47 -35.89 4.31
C MET B 650 -7.61 -35.64 2.82
N VAL B 651 -7.95 -36.69 2.08
CA VAL B 651 -8.08 -36.62 0.63
C VAL B 651 -9.54 -36.36 0.30
N SER B 652 -9.78 -35.35 -0.52
CA SER B 652 -11.12 -35.12 -1.03
C SER B 652 -11.47 -36.20 -2.04
N PRO B 653 -12.65 -36.82 -1.95
CA PRO B 653 -12.98 -37.85 -2.95
C PRO B 653 -13.03 -37.30 -4.36
N ILE B 654 -13.19 -36.00 -4.54
CA ILE B 654 -13.42 -35.39 -5.83
C ILE B 654 -12.38 -34.31 -6.07
N GLU B 655 -11.79 -34.32 -7.27
CA GLU B 655 -10.90 -33.25 -7.70
C GLU B 655 -11.29 -32.72 -9.08
N SER B 656 -12.46 -33.06 -9.57
CA SER B 656 -12.91 -32.69 -10.90
C SER B 656 -14.41 -32.96 -10.99
N ALA B 657 -14.95 -32.88 -12.19
CA ALA B 657 -16.37 -33.15 -12.43
C ALA B 657 -16.63 -34.53 -12.99
N GLU B 658 -15.72 -35.07 -13.81
CA GLU B 658 -15.87 -36.44 -14.28
C GLU B 658 -15.89 -37.41 -13.12
N ASP B 659 -15.00 -37.21 -12.14
CA ASP B 659 -15.03 -37.99 -10.92
C ASP B 659 -16.42 -37.93 -10.28
N LEU B 660 -17.09 -36.78 -10.39
CA LEU B 660 -18.40 -36.63 -9.79
C LEU B 660 -19.47 -37.37 -10.58
N SER B 661 -19.31 -37.45 -11.90
CA SER B 661 -20.30 -38.17 -12.71
C SER B 661 -20.15 -39.67 -12.52
N LYS B 662 -18.92 -40.17 -12.49
CA LYS B 662 -18.70 -41.60 -12.29
C LYS B 662 -19.23 -42.05 -10.93
N GLN B 663 -18.99 -41.26 -9.89
CA GLN B 663 -19.44 -41.62 -8.56
C GLN B 663 -20.97 -41.63 -8.49
N THR B 664 -21.52 -42.63 -7.80
CA THR B 664 -22.94 -42.69 -7.51
C THR B 664 -23.25 -42.55 -6.03
N GLU B 665 -22.26 -42.76 -5.15
CA GLU B 665 -22.49 -42.58 -3.72
C GLU B 665 -22.81 -41.13 -3.40
N ILE B 666 -22.13 -40.19 -4.04
CA ILE B 666 -22.35 -38.77 -3.82
C ILE B 666 -23.46 -38.29 -4.73
N ALA B 667 -24.38 -37.52 -4.18
CA ALA B 667 -25.48 -36.93 -4.93
C ALA B 667 -25.20 -35.45 -5.17
N TYR B 668 -25.67 -34.94 -6.31
CA TYR B 668 -25.45 -33.55 -6.65
C TYR B 668 -26.64 -33.00 -7.40
N GLY B 669 -26.99 -31.75 -7.10
CA GLY B 669 -28.08 -31.09 -7.81
C GLY B 669 -27.94 -29.59 -7.73
N THR B 670 -28.60 -28.92 -8.66
CA THR B 670 -28.55 -27.48 -8.79
C THR B 670 -29.75 -26.85 -8.11
N LEU B 671 -29.94 -25.55 -8.34
CA LEU B 671 -31.13 -24.85 -7.91
C LEU B 671 -32.21 -24.98 -8.99
N ASP B 672 -33.41 -25.39 -8.58
CA ASP B 672 -34.48 -25.62 -9.53
C ASP B 672 -34.98 -24.30 -10.11
N SER B 673 -35.27 -24.31 -11.41
CA SER B 673 -35.71 -23.11 -12.13
C SER B 673 -34.62 -22.02 -12.05
N GLY B 674 -33.49 -22.32 -12.66
CA GLY B 674 -32.37 -21.40 -12.68
C GLY B 674 -31.58 -21.54 -13.97
N SER B 675 -30.55 -20.69 -14.08
CA SER B 675 -29.71 -20.70 -15.27
C SER B 675 -28.76 -21.89 -15.30
N THR B 676 -28.35 -22.38 -14.14
CA THR B 676 -27.45 -23.53 -14.09
C THR B 676 -28.14 -24.79 -14.62
N LYS B 677 -29.38 -25.02 -14.21
CA LYS B 677 -30.13 -26.14 -14.75
C LYS B 677 -30.36 -25.98 -16.24
N GLU B 678 -30.66 -24.76 -16.68
CA GLU B 678 -30.82 -24.52 -18.11
C GLU B 678 -29.53 -24.80 -18.87
N PHE B 679 -28.38 -24.55 -18.24
CA PHE B 679 -27.10 -24.89 -18.85
C PHE B 679 -26.94 -26.38 -18.98
N PHE B 680 -27.18 -27.12 -17.90
CA PHE B 680 -26.99 -28.57 -17.95
C PHE B 680 -27.98 -29.20 -18.92
N ARG B 681 -29.18 -28.65 -19.04
CA ARG B 681 -30.20 -29.22 -19.90
C ARG B 681 -29.78 -29.18 -21.36
N ARG B 682 -29.35 -28.01 -21.85
CA ARG B 682 -29.05 -27.80 -23.25
C ARG B 682 -27.59 -28.13 -23.58
N SER B 683 -26.92 -28.92 -22.76
CA SER B 683 -25.50 -29.15 -22.92
C SER B 683 -25.23 -30.10 -24.09
N LYS B 684 -24.00 -30.03 -24.59
CA LYS B 684 -23.51 -30.93 -25.62
C LYS B 684 -22.28 -31.72 -25.19
N ILE B 685 -21.62 -31.32 -24.10
CA ILE B 685 -20.48 -32.08 -23.60
C ILE B 685 -20.99 -33.37 -22.96
N ALA B 686 -20.20 -34.43 -23.12
CA ALA B 686 -20.65 -35.75 -22.67
C ALA B 686 -20.86 -35.78 -21.17
N VAL B 687 -19.92 -35.23 -20.41
CA VAL B 687 -19.98 -35.33 -18.96
C VAL B 687 -21.23 -34.65 -18.43
N PHE B 688 -21.53 -33.46 -18.94
CA PHE B 688 -22.69 -32.73 -18.46
C PHE B 688 -23.98 -33.37 -18.96
N ASP B 689 -23.94 -34.04 -20.11
CA ASP B 689 -25.11 -34.82 -20.52
C ASP B 689 -25.38 -35.95 -19.53
N LYS B 690 -24.32 -36.63 -19.08
CA LYS B 690 -24.49 -37.67 -18.08
C LYS B 690 -25.04 -37.10 -16.78
N MET B 691 -24.51 -35.94 -16.35
CA MET B 691 -25.02 -35.32 -15.13
C MET B 691 -26.49 -34.95 -15.29
N TRP B 692 -26.88 -34.45 -16.46
CA TRP B 692 -28.28 -34.10 -16.67
C TRP B 692 -29.16 -35.34 -16.62
N THR B 693 -28.71 -36.44 -17.23
CA THR B 693 -29.44 -37.68 -17.14
C THR B 693 -29.65 -38.07 -15.68
N TYR B 694 -28.58 -38.05 -14.89
CA TYR B 694 -28.68 -38.38 -13.48
C TYR B 694 -29.69 -37.48 -12.78
N MET B 695 -29.55 -36.17 -12.95
CA MET B 695 -30.40 -35.23 -12.23
C MET B 695 -31.86 -35.35 -12.65
N ARG B 696 -32.11 -35.76 -13.90
CA ARG B 696 -33.48 -35.97 -14.34
C ARG B 696 -34.04 -37.31 -13.87
N SER B 697 -33.17 -38.27 -13.55
CA SER B 697 -33.57 -39.59 -13.08
C SER B 697 -33.11 -39.84 -11.65
N ALA B 698 -33.30 -38.85 -10.78
CA ALA B 698 -32.79 -38.90 -9.41
C ALA B 698 -33.95 -38.86 -8.43
N GLU B 699 -33.91 -39.74 -7.43
CA GLU B 699 -34.89 -39.78 -6.36
C GLU B 699 -34.14 -39.82 -5.03
N PRO B 700 -34.46 -38.92 -4.08
CA PRO B 700 -35.44 -37.83 -4.17
C PRO B 700 -34.96 -36.69 -5.05
N SER B 701 -35.56 -35.52 -4.92
CA SER B 701 -35.21 -34.37 -5.76
C SER B 701 -33.86 -33.82 -5.32
N VAL B 702 -32.83 -34.04 -6.14
CA VAL B 702 -31.55 -33.40 -5.90
C VAL B 702 -31.69 -31.88 -5.98
N PHE B 703 -32.59 -31.40 -6.84
CA PHE B 703 -32.76 -29.97 -7.02
C PHE B 703 -33.20 -29.30 -5.72
N VAL B 704 -33.22 -27.97 -5.74
CA VAL B 704 -33.42 -27.16 -4.56
C VAL B 704 -34.14 -25.88 -4.98
N ARG B 705 -34.78 -25.22 -4.01
CA ARG B 705 -35.56 -24.03 -4.28
C ARG B 705 -34.82 -22.74 -3.94
N THR B 706 -33.74 -22.81 -3.16
CA THR B 706 -32.99 -21.62 -2.78
C THR B 706 -31.54 -22.01 -2.54
N THR B 707 -30.66 -21.00 -2.67
CA THR B 707 -29.23 -21.23 -2.45
C THR B 707 -28.96 -21.69 -1.02
N ALA B 708 -29.53 -20.99 -0.04
CA ALA B 708 -29.34 -21.39 1.35
C ALA B 708 -29.83 -22.81 1.59
N GLU B 709 -30.88 -23.22 0.90
CA GLU B 709 -31.33 -24.61 1.03
C GLU B 709 -30.25 -25.58 0.59
N GLY B 710 -29.59 -25.30 -0.53
CA GLY B 710 -28.51 -26.16 -0.98
C GLY B 710 -27.34 -26.16 -0.02
N VAL B 711 -26.97 -25.00 0.50
CA VAL B 711 -25.87 -24.93 1.44
C VAL B 711 -26.18 -25.74 2.69
N ALA B 712 -27.40 -25.60 3.21
CA ALA B 712 -27.80 -26.35 4.39
C ALA B 712 -27.82 -27.84 4.11
N ARG B 713 -28.32 -28.23 2.94
CA ARG B 713 -28.35 -29.65 2.59
C ARG B 713 -26.95 -30.23 2.52
N VAL B 714 -26.00 -29.46 1.97
CA VAL B 714 -24.61 -29.92 1.94
C VAL B 714 -24.05 -30.04 3.34
N ARG B 715 -24.31 -29.04 4.19
CA ARG B 715 -23.68 -29.02 5.51
C ARG B 715 -24.25 -30.10 6.42
N LYS B 716 -25.57 -30.28 6.40
CA LYS B 716 -26.19 -31.28 7.28
C LYS B 716 -25.68 -32.68 6.97
N SER B 717 -25.66 -33.04 5.69
CA SER B 717 -25.12 -34.33 5.28
C SER B 717 -23.61 -34.36 5.55
N LYS B 718 -23.00 -35.52 5.27
CA LYS B 718 -21.58 -35.74 5.50
C LYS B 718 -20.99 -36.37 4.24
N GLY B 719 -20.52 -35.52 3.33
CA GLY B 719 -19.91 -36.00 2.10
C GLY B 719 -20.85 -36.69 1.15
N LYS B 720 -22.16 -36.55 1.32
CA LYS B 720 -23.13 -37.20 0.45
C LYS B 720 -23.69 -36.28 -0.63
N TYR B 721 -23.79 -34.98 -0.36
CA TYR B 721 -24.34 -34.03 -1.31
C TYR B 721 -23.28 -33.04 -1.75
N ALA B 722 -23.22 -32.80 -3.07
CA ALA B 722 -22.34 -31.81 -3.67
C ALA B 722 -23.18 -30.82 -4.44
N TYR B 723 -22.99 -29.53 -4.18
CA TYR B 723 -23.82 -28.50 -4.76
C TYR B 723 -23.08 -27.75 -5.86
N LEU B 724 -23.76 -27.58 -7.00
CA LEU B 724 -23.19 -26.94 -8.18
C LEU B 724 -23.72 -25.51 -8.23
N LEU B 725 -22.81 -24.54 -8.19
CA LEU B 725 -23.23 -23.15 -8.07
C LEU B 725 -22.19 -22.27 -8.74
N GLU B 726 -22.23 -20.98 -8.42
CA GLU B 726 -21.30 -20.01 -8.97
C GLU B 726 -20.02 -19.98 -8.16
N SER B 727 -18.90 -19.69 -8.83
CA SER B 727 -17.61 -19.71 -8.16
C SER B 727 -17.53 -18.67 -7.06
N THR B 728 -18.14 -17.50 -7.26
CA THR B 728 -17.95 -16.39 -6.33
C THR B 728 -18.63 -16.68 -4.99
N MET B 729 -19.88 -17.10 -5.02
CA MET B 729 -20.57 -17.41 -3.77
C MET B 729 -19.93 -18.59 -3.08
N ASN B 730 -19.44 -19.56 -3.85
CA ASN B 730 -18.75 -20.70 -3.26
C ASN B 730 -17.49 -20.26 -2.54
N GLU B 731 -16.70 -19.39 -3.16
CA GLU B 731 -15.49 -18.88 -2.54
C GLU B 731 -15.84 -18.09 -1.28
N TYR B 732 -16.91 -17.31 -1.33
CA TYR B 732 -17.35 -16.56 -0.15
C TYR B 732 -17.72 -17.50 0.99
N ILE B 733 -18.54 -18.50 0.69
CA ILE B 733 -19.01 -19.43 1.71
C ILE B 733 -17.88 -20.25 2.29
N GLU B 734 -16.89 -20.60 1.47
CA GLU B 734 -15.73 -21.34 1.96
C GLU B 734 -14.96 -20.53 3.00
N GLN B 735 -15.34 -19.26 3.18
CA GLN B 735 -14.71 -18.39 4.16
C GLN B 735 -15.66 -17.96 5.26
N ARG B 736 -16.84 -18.57 5.36
CA ARG B 736 -17.84 -18.22 6.35
C ARG B 736 -17.81 -19.19 7.52
N LYS B 737 -18.22 -18.70 8.68
CA LYS B 737 -18.39 -19.53 9.86
C LYS B 737 -19.81 -20.08 9.86
N PRO B 738 -20.01 -21.40 9.90
CA PRO B 738 -18.99 -22.44 10.03
C PRO B 738 -18.20 -22.64 8.76
N CYS B 739 -16.88 -22.78 8.88
CA CYS B 739 -16.01 -23.04 7.73
C CYS B 739 -15.97 -24.55 7.50
N ASP B 740 -17.10 -25.08 7.04
CA ASP B 740 -17.28 -26.51 6.84
C ASP B 740 -17.54 -26.86 5.38
N THR B 741 -17.06 -26.03 4.45
CA THR B 741 -17.24 -26.28 3.03
C THR B 741 -15.97 -25.88 2.29
N MET B 742 -15.78 -26.48 1.12
CA MET B 742 -14.75 -26.03 0.21
C MET B 742 -15.18 -26.26 -1.23
N LYS B 743 -14.54 -25.49 -2.11
CA LYS B 743 -14.73 -25.58 -3.55
C LYS B 743 -13.71 -26.52 -4.13
N VAL B 744 -14.13 -27.34 -5.08
CA VAL B 744 -13.26 -28.34 -5.69
C VAL B 744 -13.28 -28.20 -7.20
N GLY B 745 -12.17 -28.58 -7.82
CA GLY B 745 -12.07 -28.62 -9.25
C GLY B 745 -12.08 -27.23 -9.87
N GLY B 746 -12.11 -27.23 -11.20
CA GLY B 746 -12.15 -26.01 -11.96
C GLY B 746 -13.57 -25.52 -12.16
N ASN B 747 -13.76 -24.76 -13.23
CA ASN B 747 -15.05 -24.17 -13.55
C ASN B 747 -15.59 -24.79 -14.83
N LEU B 748 -16.89 -25.08 -14.83
CA LEU B 748 -17.53 -25.79 -15.91
C LEU B 748 -18.14 -24.86 -16.96
N ASP B 749 -18.07 -23.55 -16.74
CA ASP B 749 -18.66 -22.59 -17.64
C ASP B 749 -17.89 -21.27 -17.47
N SER B 750 -18.04 -20.39 -18.45
CA SER B 750 -17.46 -19.06 -18.39
C SER B 750 -18.60 -18.04 -18.40
N LYS B 751 -18.54 -17.11 -17.45
CA LYS B 751 -19.51 -16.03 -17.37
C LYS B 751 -18.82 -14.82 -16.78
N GLY B 752 -19.50 -13.69 -16.86
CA GLY B 752 -18.98 -12.46 -16.30
C GLY B 752 -20.10 -11.60 -15.76
N TYR B 753 -19.76 -10.82 -14.74
CA TYR B 753 -20.68 -9.85 -14.17
C TYR B 753 -20.32 -8.47 -14.74
N GLY B 754 -21.32 -7.80 -15.30
CA GLY B 754 -21.08 -6.59 -16.04
C GLY B 754 -21.95 -5.44 -15.59
N ILE B 755 -21.37 -4.25 -15.65
CA ILE B 755 -22.10 -3.01 -15.41
C ILE B 755 -23.04 -2.76 -16.58
N ALA B 756 -24.29 -2.41 -16.27
CA ALA B 756 -25.30 -2.20 -17.28
C ALA B 756 -25.58 -0.71 -17.48
N THR B 757 -26.28 -0.42 -18.56
CA THR B 757 -26.61 0.95 -18.94
C THR B 757 -27.76 0.94 -19.94
N PRO B 758 -28.65 1.92 -19.92
CA PRO B 758 -29.70 1.97 -20.93
C PRO B 758 -29.14 2.25 -22.32
N LYS B 759 -29.85 1.77 -23.33
CA LYS B 759 -29.44 1.97 -24.72
C LYS B 759 -29.44 3.45 -25.06
N GLY B 760 -28.26 3.99 -25.37
CA GLY B 760 -28.12 5.38 -25.74
C GLY B 760 -27.58 6.29 -24.66
N SER B 761 -27.32 5.76 -23.47
CA SER B 761 -26.74 6.59 -22.42
C SER B 761 -25.31 6.97 -22.78
N SER B 762 -24.92 8.17 -22.37
CA SER B 762 -23.57 8.66 -22.59
C SER B 762 -22.56 8.07 -21.64
N LEU B 763 -22.96 7.09 -20.82
CA LEU B 763 -22.11 6.51 -19.80
C LEU B 763 -21.47 5.19 -20.22
N GLY B 764 -21.77 4.68 -21.41
CA GLY B 764 -21.23 3.40 -21.83
C GLY B 764 -19.72 3.37 -21.94
N THR B 765 -19.19 4.16 -22.87
CA THR B 765 -17.74 4.16 -23.10
C THR B 765 -16.96 4.51 -21.84
N PRO B 766 -17.33 5.53 -21.07
CA PRO B 766 -16.57 5.82 -19.85
C PRO B 766 -16.53 4.68 -18.86
N VAL B 767 -17.64 3.98 -18.63
CA VAL B 767 -17.62 2.89 -17.66
C VAL B 767 -16.83 1.70 -18.20
N ASN B 768 -16.95 1.42 -19.50
CA ASN B 768 -16.12 0.38 -20.09
C ASN B 768 -14.65 0.68 -19.84
N LEU B 769 -14.23 1.90 -20.15
CA LEU B 769 -12.83 2.26 -19.98
C LEU B 769 -12.43 2.27 -18.51
N ALA B 770 -13.37 2.62 -17.62
CA ALA B 770 -13.06 2.64 -16.20
C ALA B 770 -12.81 1.23 -15.67
N VAL B 771 -13.68 0.29 -16.02
CA VAL B 771 -13.48 -1.08 -15.55
C VAL B 771 -12.20 -1.66 -16.16
N LEU B 772 -11.92 -1.35 -17.43
CA LEU B 772 -10.69 -1.85 -18.03
C LEU B 772 -9.47 -1.28 -17.33
N LYS B 773 -9.48 0.02 -17.01
CA LYS B 773 -8.35 0.62 -16.31
C LYS B 773 -8.17 0.02 -14.94
N LEU B 774 -9.28 -0.16 -14.20
CA LEU B 774 -9.21 -0.73 -12.87
C LEU B 774 -8.64 -2.14 -12.93
N SER B 775 -9.10 -2.95 -13.89
CA SER B 775 -8.59 -4.31 -14.02
C SER B 775 -7.10 -4.29 -14.34
N GLU B 776 -6.68 -3.42 -15.26
CA GLU B 776 -5.27 -3.38 -15.65
C GLU B 776 -4.39 -2.99 -14.47
N GLN B 777 -4.80 -2.00 -13.69
CA GLN B 777 -3.96 -1.56 -12.58
C GLN B 777 -4.04 -2.53 -11.40
N GLY B 778 -5.22 -3.08 -11.13
CA GLY B 778 -5.35 -4.14 -10.14
C GLY B 778 -6.27 -3.82 -8.99
N VAL B 779 -7.21 -2.89 -9.20
CA VAL B 779 -8.11 -2.50 -8.12
C VAL B 779 -9.09 -3.62 -7.81
N LEU B 780 -9.69 -4.20 -8.84
CA LEU B 780 -10.75 -5.18 -8.62
C LEU B 780 -10.24 -6.39 -7.86
N ASP B 781 -9.03 -6.85 -8.19
CA ASP B 781 -8.45 -7.96 -7.44
C ASP B 781 -8.29 -7.61 -5.98
N LYS B 782 -7.84 -6.39 -5.69
CA LYS B 782 -7.68 -5.96 -4.31
C LYS B 782 -9.02 -5.94 -3.58
N LEU B 783 -10.07 -5.45 -4.25
CA LEU B 783 -11.39 -5.43 -3.62
C LEU B 783 -11.89 -6.84 -3.36
N LYS B 784 -11.66 -7.75 -4.30
CA LYS B 784 -12.06 -9.14 -4.08
C LYS B 784 -11.32 -9.73 -2.88
N ASN B 785 -10.00 -9.49 -2.80
CA ASN B 785 -9.26 -9.94 -1.63
C ASN B 785 -9.82 -9.32 -0.36
N LYS B 786 -10.30 -8.08 -0.45
CA LYS B 786 -10.77 -7.37 0.73
C LYS B 786 -12.10 -7.92 1.22
N TRP B 787 -12.97 -8.32 0.30
CA TRP B 787 -14.33 -8.71 0.67
C TRP B 787 -14.55 -10.23 0.67
N TRP B 788 -13.58 -11.02 0.22
CA TRP B 788 -13.70 -12.47 0.20
C TRP B 788 -12.71 -13.13 1.15
N TYR B 789 -11.42 -12.84 1.00
CA TYR B 789 -10.38 -13.48 1.81
C TYR B 789 -10.08 -12.64 3.05
N ASP B 790 -9.64 -11.41 2.85
CA ASP B 790 -9.68 -10.44 3.93
C ASP B 790 -11.13 -10.10 4.24
N LYS B 791 -11.38 -9.66 5.46
CA LYS B 791 -12.74 -9.62 6.00
C LYS B 791 -13.34 -11.01 6.04
N GLY B 792 -12.50 -12.03 5.95
CA GLY B 792 -12.93 -13.42 5.98
C GLY B 792 -12.52 -14.06 7.30
N GLU B 793 -13.46 -14.84 7.86
CA GLU B 793 -13.28 -15.33 9.22
C GLU B 793 -12.12 -16.31 9.32
N CYS B 794 -12.21 -17.43 8.59
CA CYS B 794 -11.18 -18.46 8.65
C CYS B 794 -10.17 -18.26 7.54
N GLY B 795 -8.90 -18.18 7.91
CA GLY B 795 -7.83 -18.03 6.94
C GLY B 795 -7.51 -19.33 6.24
N ALA B 796 -6.23 -19.55 5.96
CA ALA B 796 -5.80 -20.77 5.29
C ALA B 796 -4.44 -21.23 5.79
N LYS B 802 -0.65 -29.67 12.78
CA LYS B 802 -0.10 -28.90 13.90
C LYS B 802 -0.68 -29.41 15.22
N GLU B 803 -1.91 -29.89 15.17
CA GLU B 803 -2.57 -30.38 16.38
C GLU B 803 -1.76 -31.49 17.02
N LYS B 804 -1.66 -31.44 18.35
CA LYS B 804 -0.90 -32.46 19.08
C LYS B 804 -1.47 -33.83 18.80
N THR B 805 -0.58 -34.82 18.74
CA THR B 805 -0.99 -36.17 18.41
C THR B 805 -1.82 -36.78 19.53
N SER B 806 -2.80 -37.58 19.14
CA SER B 806 -3.73 -38.20 20.07
C SER B 806 -3.36 -39.64 20.34
N ALA B 807 -3.63 -40.08 21.56
CA ALA B 807 -3.45 -41.48 21.92
C ALA B 807 -4.40 -42.35 21.12
N LEU B 808 -3.94 -43.55 20.78
CA LEU B 808 -4.78 -44.49 20.05
C LEU B 808 -5.97 -44.91 20.90
N SER B 809 -7.12 -45.02 20.24
CA SER B 809 -8.35 -45.42 20.89
C SER B 809 -8.68 -46.86 20.54
N LEU B 810 -9.58 -47.44 21.33
CA LEU B 810 -9.98 -48.82 21.11
C LEU B 810 -10.56 -49.01 19.71
N SER B 811 -11.24 -47.99 19.18
CA SER B 811 -11.83 -48.10 17.86
C SER B 811 -10.78 -48.32 16.78
N ASN B 812 -9.54 -47.92 17.04
CA ASN B 812 -8.49 -48.13 16.05
C ASN B 812 -8.12 -49.59 15.93
N VAL B 813 -8.12 -50.32 17.05
CA VAL B 813 -7.62 -51.68 17.11
C VAL B 813 -8.69 -52.66 17.59
N ALA B 814 -9.97 -52.31 17.42
CA ALA B 814 -11.02 -53.25 17.80
C ALA B 814 -10.97 -54.51 16.95
N GLY B 815 -10.43 -54.40 15.74
CA GLY B 815 -10.40 -55.55 14.86
C GLY B 815 -9.57 -56.69 15.41
N VAL B 816 -8.42 -56.38 16.01
CA VAL B 816 -7.60 -57.45 16.57
C VAL B 816 -8.31 -58.11 17.74
N PHE B 817 -9.06 -57.34 18.53
CA PHE B 817 -9.81 -57.94 19.62
C PHE B 817 -10.90 -58.87 19.09
N TYR B 818 -11.63 -58.43 18.08
CA TYR B 818 -12.66 -59.28 17.49
C TYR B 818 -12.05 -60.56 16.91
N ILE B 819 -10.93 -60.41 16.19
CA ILE B 819 -10.25 -61.55 15.59
C ILE B 819 -9.78 -62.51 16.67
N LEU B 820 -9.23 -61.97 17.75
CA LEU B 820 -8.73 -62.79 18.84
C LEU B 820 -9.85 -63.59 19.48
N VAL B 821 -10.97 -62.93 19.78
CA VAL B 821 -12.07 -63.62 20.43
C VAL B 821 -12.68 -64.66 19.49
N GLY B 822 -12.73 -64.36 18.19
CA GLY B 822 -13.17 -65.35 17.23
C GLY B 822 -12.25 -66.55 17.20
N GLY B 823 -10.94 -66.32 17.26
CA GLY B 823 -10.00 -67.41 17.31
C GLY B 823 -10.14 -68.25 18.56
N LEU B 824 -10.42 -67.60 19.69
CA LEU B 824 -10.64 -68.34 20.93
C LEU B 824 -11.88 -69.22 20.84
N GLY B 825 -12.98 -68.67 20.35
CA GLY B 825 -14.18 -69.47 20.17
C GLY B 825 -13.97 -70.62 19.20
N LEU B 826 -13.29 -70.34 18.10
CA LEU B 826 -12.97 -71.39 17.13
C LEU B 826 -12.11 -72.48 17.75
N ALA B 827 -11.11 -72.10 18.55
CA ALA B 827 -10.25 -73.07 19.19
C ALA B 827 -11.04 -73.95 20.14
N MET B 828 -11.92 -73.34 20.93
CA MET B 828 -12.74 -74.13 21.85
C MET B 828 -13.65 -75.09 21.09
N LEU B 829 -14.23 -74.63 19.97
CA LEU B 829 -15.09 -75.49 19.19
C LEU B 829 -14.32 -76.66 18.58
N VAL B 830 -13.16 -76.38 17.98
CA VAL B 830 -12.30 -77.43 17.46
C VAL B 830 -11.94 -78.42 18.55
N ALA B 831 -11.63 -77.92 19.74
CA ALA B 831 -11.24 -78.80 20.84
C ALA B 831 -12.39 -79.73 21.21
N LEU B 832 -13.59 -79.19 21.33
CA LEU B 832 -14.73 -80.03 21.69
C LEU B 832 -15.03 -81.04 20.59
N ILE B 833 -14.90 -80.63 19.33
CA ILE B 833 -15.11 -81.56 18.22
C ILE B 833 -14.13 -82.71 18.30
N GLU B 834 -12.84 -82.40 18.49
CA GLU B 834 -11.85 -83.46 18.59
C GLU B 834 -12.13 -84.36 19.77
N PHE B 835 -12.57 -83.79 20.89
CA PHE B 835 -12.86 -84.58 22.08
C PHE B 835 -14.00 -85.54 21.83
N CYS B 836 -15.10 -85.06 21.25
CA CYS B 836 -16.22 -85.93 20.96
C CYS B 836 -15.82 -87.03 19.99
N TYR B 837 -15.12 -86.65 18.91
CA TYR B 837 -14.72 -87.63 17.91
C TYR B 837 -13.82 -88.69 18.50
N LYS B 838 -12.81 -88.28 19.28
CA LYS B 838 -11.89 -89.23 19.87
C LYS B 838 -12.58 -90.12 20.88
N SER B 839 -13.48 -89.56 21.69
CA SER B 839 -14.19 -90.38 22.68
C SER B 839 -15.06 -91.42 21.98
N ARG B 840 -15.75 -91.02 20.92
CA ARG B 840 -16.55 -91.98 20.16
C ARG B 840 -15.67 -93.06 19.53
N ALA B 841 -14.52 -92.67 19.00
CA ALA B 841 -13.65 -93.65 18.35
C ALA B 841 -13.09 -94.65 19.38
N GLU B 842 -12.55 -94.15 20.49
CA GLU B 842 -12.02 -95.02 21.53
C GLU B 842 -13.12 -95.82 22.22
N ALA B 843 -14.37 -95.37 22.11
CA ALA B 843 -15.49 -96.12 22.66
C ALA B 843 -15.86 -97.33 21.82
N LYS B 844 -15.25 -97.49 20.65
CA LYS B 844 -15.56 -98.60 19.76
C LYS B 844 -14.29 -99.36 19.39
N ALA C 2 4.19 -54.87 -14.26
CA ALA C 2 5.04 -54.75 -13.08
C ALA C 2 4.73 -55.85 -12.08
N PHE C 3 5.55 -55.94 -11.03
CA PHE C 3 5.32 -56.93 -10.00
C PHE C 3 3.95 -56.76 -9.37
N THR C 4 3.26 -57.88 -9.15
CA THR C 4 1.92 -57.86 -8.61
C THR C 4 1.65 -59.21 -7.96
N PHE C 5 0.43 -59.35 -7.42
CA PHE C 5 0.07 -60.57 -6.72
C PHE C 5 0.09 -61.78 -7.64
N ALA C 6 -0.44 -61.64 -8.85
CA ALA C 6 -0.49 -62.76 -9.78
C ALA C 6 0.91 -63.22 -10.17
N ALA C 7 1.82 -62.28 -10.38
CA ALA C 7 3.18 -62.66 -10.74
C ALA C 7 3.85 -63.45 -9.62
N PHE C 8 3.64 -63.04 -8.37
CA PHE C 8 4.20 -63.79 -7.26
C PHE C 8 3.59 -65.17 -7.17
N CYS C 9 2.27 -65.28 -7.40
CA CYS C 9 1.65 -66.60 -7.44
C CYS C 9 2.30 -67.47 -8.51
N TYR C 10 2.54 -66.89 -9.69
CA TYR C 10 3.16 -67.67 -10.76
C TYR C 10 4.57 -68.11 -10.38
N MET C 11 5.34 -67.22 -9.74
CA MET C 11 6.68 -67.60 -9.31
C MET C 11 6.63 -68.76 -8.32
N LEU C 12 5.74 -68.67 -7.34
CA LEU C 12 5.66 -69.70 -6.33
C LEU C 12 5.20 -71.03 -6.92
N THR C 13 4.23 -70.98 -7.83
CA THR C 13 3.79 -72.20 -8.50
C THR C 13 4.90 -72.79 -9.37
N LEU C 14 5.70 -71.92 -9.99
CA LEU C 14 6.84 -72.38 -10.77
C LEU C 14 7.83 -73.12 -9.89
N VAL C 15 8.09 -72.60 -8.69
CA VAL C 15 9.00 -73.25 -7.78
C VAL C 15 8.42 -74.57 -7.29
N LEU C 16 7.12 -74.62 -7.05
CA LEU C 16 6.50 -75.82 -6.50
C LEU C 16 6.19 -76.88 -7.54
N CYS C 17 6.18 -76.54 -8.83
CA CYS C 17 5.91 -77.53 -9.86
C CYS C 17 7.10 -78.45 -10.10
N ALA C 18 8.31 -77.97 -9.79
CA ALA C 18 9.47 -78.84 -9.81
C ALA C 18 9.27 -80.02 -8.87
N SER C 19 8.63 -79.78 -7.72
CA SER C 19 8.36 -80.88 -6.80
C SER C 19 7.42 -81.90 -7.42
N LEU C 20 6.39 -81.43 -8.14
CA LEU C 20 5.49 -82.35 -8.80
C LEU C 20 6.19 -83.14 -9.89
N ILE C 21 7.09 -82.49 -10.63
CA ILE C 21 7.88 -83.19 -11.63
C ILE C 21 8.72 -84.28 -10.97
N PHE C 22 9.34 -83.94 -9.85
CA PHE C 22 10.14 -84.92 -9.10
C PHE C 22 9.27 -86.09 -8.65
N PHE C 23 8.06 -85.80 -8.17
CA PHE C 23 7.18 -86.86 -7.69
C PHE C 23 6.77 -87.80 -8.83
N VAL C 24 6.42 -87.24 -9.99
CA VAL C 24 5.99 -88.08 -11.10
C VAL C 24 7.17 -88.88 -11.64
N ILE C 25 8.36 -88.28 -11.67
CA ILE C 25 9.55 -89.02 -12.10
C ILE C 25 9.81 -90.18 -11.17
N TRP C 26 9.68 -89.95 -9.86
CA TRP C 26 9.80 -91.04 -8.90
C TRP C 26 8.75 -92.11 -9.14
N HIS C 27 7.51 -91.69 -9.42
CA HIS C 27 6.45 -92.64 -9.74
C HIS C 27 6.85 -93.54 -10.90
N ILE C 28 7.30 -92.94 -12.00
CA ILE C 28 7.60 -93.73 -13.18
C ILE C 28 8.81 -94.63 -12.95
N ILE C 29 9.79 -94.15 -12.17
CA ILE C 29 10.93 -95.01 -11.87
C ILE C 29 10.49 -96.21 -11.04
N ALA C 30 9.66 -95.98 -10.03
CA ALA C 30 9.17 -97.07 -9.21
C ALA C 30 8.36 -98.06 -10.03
N PHE C 31 7.55 -97.55 -10.97
CA PHE C 31 6.75 -98.45 -11.79
C PHE C 31 7.59 -99.18 -12.83
N ASP C 32 8.68 -98.57 -13.28
CA ASP C 32 9.62 -99.29 -14.13
C ASP C 32 10.28 -100.42 -13.36
N GLU C 33 10.62 -100.18 -12.10
CA GLU C 33 11.15 -101.27 -11.27
C GLU C 33 10.10 -102.35 -11.06
N LEU C 34 8.85 -101.96 -10.84
CA LEU C 34 7.77 -102.93 -10.69
C LEU C 34 7.60 -103.76 -11.96
N ARG C 35 7.70 -103.12 -13.12
CA ARG C 35 7.63 -103.86 -14.38
C ARG C 35 8.81 -104.81 -14.53
N THR C 36 10.01 -104.35 -14.17
CA THR C 36 11.17 -105.23 -14.22
C THR C 36 10.97 -106.45 -13.33
N ASP C 37 10.27 -106.28 -12.21
CA ASP C 37 9.97 -107.42 -11.34
C ASP C 37 8.85 -108.29 -11.90
N PHE C 38 7.88 -107.69 -12.60
CA PHE C 38 6.70 -108.42 -13.05
C PHE C 38 6.97 -109.17 -14.34
N LYS C 39 7.31 -108.44 -15.41
CA LYS C 39 7.62 -109.08 -16.68
C LYS C 39 8.73 -110.11 -16.54
N ASN C 40 9.69 -109.85 -15.65
CA ASN C 40 10.69 -110.86 -15.34
C ASN C 40 10.01 -112.05 -14.65
N PRO C 41 10.60 -113.24 -14.75
CA PRO C 41 9.95 -114.42 -14.19
C PRO C 41 9.58 -114.24 -12.73
N ILE C 42 8.35 -114.60 -12.39
CA ILE C 42 7.82 -114.42 -11.05
C ILE C 42 7.90 -115.71 -10.24
N ASP C 43 8.74 -116.65 -10.65
CA ASP C 43 8.89 -117.89 -9.90
C ASP C 43 9.35 -117.58 -8.48
N GLN C 44 8.67 -118.19 -7.50
CA GLN C 44 8.96 -117.98 -6.09
C GLN C 44 9.34 -119.29 -5.42
N GLY C 45 10.14 -120.11 -6.11
CA GLY C 45 10.55 -121.37 -5.52
C GLY C 45 11.39 -121.19 -4.27
N ASN C 46 12.30 -120.22 -4.29
CA ASN C 46 13.12 -119.96 -3.12
C ASN C 46 12.33 -119.13 -2.12
N PRO C 47 12.10 -119.64 -0.89
CA PRO C 47 11.38 -118.82 0.09
C PRO C 47 12.02 -117.47 0.34
N ALA C 48 13.36 -117.42 0.37
CA ALA C 48 14.05 -116.15 0.54
C ALA C 48 13.78 -115.21 -0.62
N ARG C 49 13.81 -115.73 -1.85
CA ARG C 49 13.55 -114.89 -3.02
C ARG C 49 12.12 -114.36 -2.99
N ALA C 50 11.16 -115.23 -2.66
CA ALA C 50 9.77 -114.79 -2.57
C ALA C 50 9.60 -113.71 -1.51
N ARG C 51 10.21 -113.90 -0.34
CA ARG C 51 10.10 -112.90 0.71
C ARG C 51 10.72 -111.58 0.28
N GLU C 52 11.88 -111.63 -0.36
CA GLU C 52 12.54 -110.40 -0.81
C GLU C 52 11.67 -109.67 -1.83
N ARG C 53 11.12 -110.40 -2.80
CA ARG C 53 10.28 -109.77 -3.81
C ARG C 53 9.03 -109.17 -3.18
N LEU C 54 8.40 -109.89 -2.26
CA LEU C 54 7.20 -109.37 -1.62
C LEU C 54 7.51 -108.11 -0.82
N LYS C 55 8.62 -108.11 -0.09
CA LYS C 55 8.95 -106.94 0.71
C LYS C 55 9.34 -105.75 -0.17
N ASN C 56 9.99 -106.01 -1.31
CA ASN C 56 10.27 -104.93 -2.25
C ASN C 56 8.97 -104.33 -2.77
N ILE C 57 8.01 -105.19 -3.15
CA ILE C 57 6.73 -104.69 -3.66
C ILE C 57 6.02 -103.87 -2.58
N GLU C 58 6.01 -104.38 -1.35
CA GLU C 58 5.35 -103.67 -0.26
C GLU C 58 6.03 -102.34 0.01
N ARG C 59 7.36 -102.30 -0.01
CA ARG C 59 8.08 -101.06 0.23
C ARG C 59 7.76 -100.03 -0.84
N ILE C 60 7.74 -100.45 -2.10
CA ILE C 60 7.46 -99.51 -3.18
C ILE C 60 6.03 -98.99 -3.06
N CYS C 61 5.09 -99.88 -2.74
CA CYS C 61 3.70 -99.46 -2.56
C CYS C 61 3.58 -98.45 -1.42
N CYS C 62 4.26 -98.71 -0.30
CA CYS C 62 4.22 -97.78 0.82
C CYS C 62 4.81 -96.44 0.43
N LEU C 63 5.92 -96.45 -0.30
CA LEU C 63 6.52 -95.20 -0.76
C LEU C 63 5.54 -94.43 -1.63
N LEU C 64 4.90 -95.10 -2.58
CA LEU C 64 3.96 -94.41 -3.46
C LEU C 64 2.79 -93.84 -2.67
N ARG C 65 2.25 -94.60 -1.71
CA ARG C 65 1.14 -94.11 -0.92
C ARG C 65 1.54 -92.90 -0.09
N LYS C 66 2.72 -92.94 0.53
CA LYS C 66 3.17 -91.81 1.34
C LYS C 66 3.40 -90.56 0.50
N LEU C 67 3.56 -90.72 -0.81
CA LEU C 67 4.02 -89.65 -1.69
C LEU C 67 2.91 -89.06 -2.55
N VAL C 68 1.67 -89.52 -2.40
CA VAL C 68 0.59 -89.10 -3.28
C VAL C 68 -0.11 -87.85 -2.73
N VAL C 69 -0.40 -87.82 -1.43
CA VAL C 69 -1.14 -86.69 -0.87
C VAL C 69 -0.42 -85.37 -1.13
N PRO C 70 0.90 -85.26 -0.97
CA PRO C 70 1.57 -83.99 -1.27
C PRO C 70 1.29 -83.47 -2.66
N GLU C 71 1.33 -84.34 -3.67
CA GLU C 71 1.07 -83.92 -5.04
C GLU C 71 -0.32 -83.30 -5.17
N TYR C 72 -1.34 -84.04 -4.72
CA TYR C 72 -2.72 -83.58 -4.91
C TYR C 72 -2.96 -82.30 -4.13
N SER C 73 -2.48 -82.24 -2.89
CA SER C 73 -2.74 -81.07 -2.06
C SER C 73 -1.98 -79.85 -2.57
N ILE C 74 -0.78 -80.04 -3.10
CA ILE C 74 -0.03 -78.91 -3.66
C ILE C 74 -0.71 -78.40 -4.92
N HIS C 75 -1.24 -79.30 -5.74
CA HIS C 75 -2.00 -78.85 -6.91
C HIS C 75 -3.26 -78.10 -6.48
N GLY C 76 -3.92 -78.57 -5.41
CA GLY C 76 -5.04 -77.83 -4.87
C GLY C 76 -4.63 -76.46 -4.38
N LEU C 77 -3.43 -76.35 -3.81
CA LEU C 77 -2.90 -75.05 -3.42
C LEU C 77 -2.75 -74.15 -4.64
N PHE C 78 -2.23 -74.70 -5.73
CA PHE C 78 -2.13 -73.93 -6.97
C PHE C 78 -3.50 -73.40 -7.38
N CYS C 79 -4.51 -74.27 -7.35
CA CYS C 79 -5.85 -73.86 -7.76
C CYS C 79 -6.38 -72.76 -6.85
N LEU C 80 -6.19 -72.90 -5.54
CA LEU C 80 -6.65 -71.89 -4.60
C LEU C 80 -5.95 -70.55 -4.85
N MET C 81 -4.63 -70.59 -5.07
CA MET C 81 -3.90 -69.36 -5.33
C MET C 81 -4.41 -68.67 -6.57
N PHE C 82 -4.62 -69.42 -7.65
CA PHE C 82 -5.10 -68.80 -8.88
C PHE C 82 -6.54 -68.31 -8.74
N LEU C 83 -7.32 -68.92 -7.85
CA LEU C 83 -8.65 -68.38 -7.57
C LEU C 83 -8.55 -67.04 -6.87
N CYS C 84 -7.74 -66.97 -5.80
CA CYS C 84 -7.67 -65.73 -5.04
C CYS C 84 -7.08 -64.60 -5.87
N ALA C 85 -6.07 -64.90 -6.67
CA ALA C 85 -5.46 -63.89 -7.54
C ALA C 85 -6.37 -63.48 -8.69
N ALA C 86 -7.48 -64.19 -8.91
CA ALA C 86 -8.39 -63.90 -10.01
C ALA C 86 -7.70 -64.09 -11.37
N GLU C 87 -7.01 -65.21 -11.50
CA GLU C 87 -6.45 -65.65 -12.78
C GLU C 87 -7.34 -66.79 -13.27
N TRP C 88 -8.35 -66.43 -14.07
CA TRP C 88 -9.42 -67.37 -14.39
C TRP C 88 -8.97 -68.42 -15.40
N VAL C 89 -8.14 -68.06 -16.37
CA VAL C 89 -7.75 -69.01 -17.40
C VAL C 89 -6.98 -70.18 -16.80
N THR C 90 -5.96 -69.88 -16.00
CA THR C 90 -5.14 -70.94 -15.42
C THR C 90 -5.98 -71.81 -14.49
N LEU C 91 -6.87 -71.19 -13.72
CA LEU C 91 -7.74 -71.96 -12.85
C LEU C 91 -8.62 -72.91 -13.66
N GLY C 92 -9.12 -72.44 -14.81
CA GLY C 92 -9.89 -73.33 -15.66
C GLY C 92 -9.06 -74.49 -16.19
N LEU C 93 -7.83 -74.20 -16.63
CA LEU C 93 -6.96 -75.28 -17.09
C LEU C 93 -6.65 -76.28 -15.98
N ASN C 94 -6.63 -75.84 -14.73
CA ASN C 94 -6.19 -76.71 -13.64
C ASN C 94 -7.33 -77.43 -12.94
N ILE C 95 -8.56 -76.94 -13.03
CA ILE C 95 -9.69 -77.60 -12.36
C ILE C 95 -9.85 -79.04 -12.81
N PRO C 96 -9.76 -79.38 -14.09
CA PRO C 96 -9.98 -80.80 -14.47
C PRO C 96 -9.03 -81.76 -13.77
N LEU C 97 -7.75 -81.42 -13.67
CA LEU C 97 -6.82 -82.30 -12.97
C LEU C 97 -7.14 -82.36 -11.49
N LEU C 98 -7.59 -81.24 -10.91
CA LEU C 98 -8.03 -81.24 -9.52
C LEU C 98 -9.13 -82.26 -9.31
N PHE C 99 -10.16 -82.23 -10.16
CA PHE C 99 -11.27 -83.15 -9.99
C PHE C 99 -10.84 -84.59 -10.29
N TYR C 100 -9.94 -84.79 -11.25
CA TYR C 100 -9.45 -86.14 -11.51
C TYR C 100 -8.73 -86.70 -10.29
N HIS C 101 -7.88 -85.89 -9.66
CA HIS C 101 -7.19 -86.34 -8.46
C HIS C 101 -8.17 -86.61 -7.33
N LEU C 102 -9.17 -85.74 -7.18
CA LEU C 102 -10.19 -85.96 -6.16
C LEU C 102 -10.88 -87.30 -6.38
N TRP C 103 -11.31 -87.56 -7.61
CA TRP C 103 -12.00 -88.80 -7.93
C TRP C 103 -11.09 -90.00 -7.66
N ARG C 104 -9.83 -89.90 -8.11
CA ARG C 104 -8.88 -90.99 -7.96
C ARG C 104 -8.64 -91.31 -6.49
N TYR C 105 -8.51 -90.28 -5.65
CA TYR C 105 -8.24 -90.51 -4.24
C TYR C 105 -9.46 -91.03 -3.50
N PHE C 106 -10.66 -90.55 -3.85
CA PHE C 106 -11.86 -90.85 -3.08
C PHE C 106 -12.75 -91.94 -3.67
N HIS C 107 -12.32 -92.61 -4.72
CA HIS C 107 -13.07 -93.75 -5.28
C HIS C 107 -12.52 -95.09 -4.81
N ARG C 108 -11.22 -95.30 -4.89
CA ARG C 108 -10.64 -96.59 -4.56
C ARG C 108 -11.37 -97.64 -5.40
N PRO C 109 -11.15 -97.61 -6.71
CA PRO C 109 -11.81 -98.62 -7.57
C PRO C 109 -11.48 -100.04 -7.15
N ALA C 110 -10.32 -100.25 -6.54
CA ALA C 110 -10.00 -101.56 -5.99
C ALA C 110 -11.05 -101.95 -4.96
N ASP C 111 -11.48 -103.21 -5.03
CA ASP C 111 -12.53 -103.67 -4.14
C ASP C 111 -12.13 -103.58 -2.68
N GLY C 112 -10.82 -103.63 -2.39
CA GLY C 112 -10.37 -103.53 -1.01
C GLY C 112 -10.76 -102.21 -0.38
N SER C 113 -10.50 -101.11 -1.09
CA SER C 113 -10.90 -99.77 -0.65
C SER C 113 -10.31 -99.43 0.72
N GLU C 114 -9.00 -99.65 0.85
CA GLU C 114 -8.29 -99.26 2.06
C GLU C 114 -7.03 -98.46 1.71
N VAL C 115 -6.48 -98.69 0.51
CA VAL C 115 -5.32 -97.97 0.03
C VAL C 115 -5.47 -97.73 -1.46
N MET C 116 -4.94 -96.59 -1.92
CA MET C 116 -4.93 -96.32 -3.36
C MET C 116 -4.17 -97.41 -4.09
N TYR C 117 -2.94 -97.69 -3.65
CA TYR C 117 -2.13 -98.78 -4.17
C TYR C 117 -2.07 -99.86 -3.09
N ASP C 118 -2.43 -101.09 -3.46
CA ASP C 118 -2.42 -102.22 -2.56
C ASP C 118 -1.50 -103.29 -3.12
N ALA C 119 -0.55 -103.75 -2.29
CA ALA C 119 0.44 -104.71 -2.75
C ALA C 119 -0.23 -105.91 -3.40
N VAL C 120 -1.34 -106.38 -2.84
CA VAL C 120 -2.03 -107.54 -3.40
C VAL C 120 -2.62 -107.19 -4.76
N SER C 121 -3.30 -106.04 -4.85
CA SER C 121 -3.87 -105.63 -6.14
C SER C 121 -2.78 -105.21 -7.11
N ILE C 122 -1.71 -104.59 -6.60
CA ILE C 122 -0.57 -104.27 -7.44
C ILE C 122 0.03 -105.58 -7.98
N MET C 123 0.86 -105.44 -9.02
CA MET C 123 1.46 -106.51 -9.81
C MET C 123 0.48 -106.97 -10.88
N ASN C 124 -0.74 -106.43 -10.91
CA ASN C 124 -1.68 -106.71 -11.99
C ASN C 124 -1.30 -105.90 -13.22
N ALA C 125 -1.29 -106.56 -14.38
CA ALA C 125 -0.82 -105.90 -15.60
C ALA C 125 -1.70 -104.72 -15.96
N ASP C 126 -3.02 -104.87 -15.85
CA ASP C 126 -3.91 -103.76 -16.18
C ASP C 126 -3.64 -102.55 -15.29
N ILE C 127 -3.63 -102.77 -13.97
CA ILE C 127 -3.40 -101.67 -13.03
C ILE C 127 -2.00 -101.08 -13.23
N LEU C 128 -1.00 -101.93 -13.41
CA LEU C 128 0.36 -101.45 -13.63
C LEU C 128 0.44 -100.55 -14.84
N ASN C 129 -0.12 -100.99 -15.97
CA ASN C 129 -0.05 -100.22 -17.21
C ASN C 129 -0.84 -98.93 -17.08
N TYR C 130 -2.00 -98.98 -16.43
CA TYR C 130 -2.78 -97.77 -16.25
C TYR C 130 -2.00 -96.75 -15.42
N CYS C 131 -1.36 -97.21 -14.35
CA CYS C 131 -0.57 -96.30 -13.53
C CYS C 131 0.59 -95.71 -14.32
N GLN C 132 1.25 -96.54 -15.13
CA GLN C 132 2.37 -96.06 -15.92
C GLN C 132 1.92 -94.97 -16.89
N LYS C 133 0.83 -95.22 -17.61
CA LYS C 133 0.33 -94.24 -18.58
C LYS C 133 -0.11 -92.97 -17.87
N GLU C 134 -0.80 -93.11 -16.74
CA GLU C 134 -1.25 -91.94 -15.98
C GLU C 134 -0.05 -91.11 -15.55
N SER C 135 0.99 -91.76 -15.03
CA SER C 135 2.17 -91.04 -14.59
C SER C 135 2.84 -90.31 -15.75
N TRP C 136 2.93 -90.96 -16.91
CA TRP C 136 3.58 -90.31 -18.06
C TRP C 136 2.78 -89.09 -18.52
N CYS C 137 1.46 -89.24 -18.63
CA CYS C 137 0.64 -88.11 -19.03
C CYS C 137 0.73 -86.98 -18.01
N LYS C 138 0.76 -87.33 -16.72
CA LYS C 138 0.86 -86.32 -15.68
C LYS C 138 2.19 -85.59 -15.76
N LEU C 139 3.28 -86.32 -16.06
CA LEU C 139 4.58 -85.68 -16.24
C LEU C 139 4.53 -84.69 -17.39
N ALA C 140 3.95 -85.09 -18.52
CA ALA C 140 3.84 -84.17 -19.65
C ALA C 140 3.03 -82.93 -19.27
N PHE C 141 1.91 -83.14 -18.56
CA PHE C 141 1.08 -82.02 -18.15
C PHE C 141 1.84 -81.07 -17.23
N TYR C 142 2.59 -81.63 -16.28
CA TYR C 142 3.32 -80.79 -15.33
C TYR C 142 4.43 -80.01 -16.03
N LEU C 143 5.11 -80.63 -16.99
CA LEU C 143 6.11 -79.90 -17.76
C LEU C 143 5.48 -78.73 -18.52
N LEU C 144 4.36 -79.01 -19.20
CA LEU C 144 3.69 -77.96 -19.96
C LEU C 144 3.22 -76.84 -19.05
N SER C 145 2.65 -77.19 -17.90
CA SER C 145 2.15 -76.19 -16.96
C SER C 145 3.29 -75.37 -16.38
N PHE C 146 4.44 -76.01 -16.12
CA PHE C 146 5.60 -75.28 -15.65
C PHE C 146 6.04 -74.23 -16.65
N PHE C 147 6.13 -74.61 -17.93
CA PHE C 147 6.55 -73.65 -18.94
C PHE C 147 5.52 -72.55 -19.13
N TYR C 148 4.23 -72.91 -19.06
CA TYR C 148 3.17 -71.91 -19.14
C TYR C 148 3.26 -70.92 -17.98
N TYR C 149 3.52 -71.42 -16.77
CA TYR C 149 3.66 -70.54 -15.62
C TYR C 149 4.83 -69.60 -15.78
N LEU C 150 5.96 -70.12 -16.28
CA LEU C 150 7.11 -69.26 -16.52
C LEU C 150 6.77 -68.16 -17.52
N TYR C 151 6.13 -68.53 -18.63
CA TYR C 151 5.77 -67.54 -19.64
C TYR C 151 4.83 -66.49 -19.06
N SER C 152 3.83 -66.92 -18.30
CA SER C 152 2.87 -65.97 -17.74
C SER C 152 3.56 -65.05 -16.73
N MET C 153 4.48 -65.59 -15.94
CA MET C 153 5.22 -64.77 -14.99
C MET C 153 6.01 -63.69 -15.71
N VAL C 154 6.75 -64.07 -16.76
CA VAL C 154 7.54 -63.08 -17.49
C VAL C 154 6.62 -62.04 -18.13
N TYR C 155 5.52 -62.50 -18.72
CA TYR C 155 4.57 -61.59 -19.35
C TYR C 155 4.04 -60.56 -18.35
N THR C 156 3.62 -61.03 -17.18
CA THR C 156 3.06 -60.13 -16.18
C THR C 156 4.13 -59.19 -15.63
N LEU C 157 5.36 -59.66 -15.50
CA LEU C 157 6.42 -58.78 -14.99
C LEU C 157 6.72 -57.66 -15.98
N VAL C 158 6.94 -58.00 -17.25
CA VAL C 158 7.41 -56.98 -18.19
C VAL C 158 6.37 -55.89 -18.39
N SER C 159 5.10 -56.27 -18.40
CA SER C 159 4.02 -55.29 -18.58
C SER C 159 3.75 -54.54 -17.28
N GLU D 16 -10.41 -79.49 48.91
CA GLU D 16 -10.89 -80.73 48.32
C GLU D 16 -11.95 -80.45 47.26
N LYS D 17 -12.57 -81.52 46.75
CA LYS D 17 -13.56 -81.35 45.69
C LYS D 17 -14.77 -80.58 46.18
N GLY D 18 -15.23 -80.86 47.40
CA GLY D 18 -16.42 -80.19 47.90
C GLY D 18 -16.26 -78.68 47.99
N VAL D 19 -15.13 -78.25 48.55
CA VAL D 19 -14.89 -76.82 48.70
C VAL D 19 -14.74 -76.15 47.34
N GLN D 20 -14.09 -76.83 46.39
CA GLN D 20 -13.96 -76.27 45.05
C GLN D 20 -15.32 -76.11 44.39
N VAL D 21 -16.19 -77.11 44.52
CA VAL D 21 -17.53 -77.00 43.96
C VAL D 21 -18.30 -75.88 44.63
N LEU D 22 -18.12 -75.73 45.95
CA LEU D 22 -18.81 -74.66 46.67
C LEU D 22 -18.37 -73.30 46.16
N LEU D 23 -17.06 -73.12 46.00
CA LEU D 23 -16.54 -71.87 45.43
C LEU D 23 -17.09 -71.65 44.03
N THR D 24 -17.15 -72.70 43.22
CA THR D 24 -17.67 -72.55 41.85
C THR D 24 -19.11 -72.07 41.86
N THR D 25 -19.95 -72.69 42.70
CA THR D 25 -21.35 -72.28 42.74
C THR D 25 -21.50 -70.86 43.28
N ILE D 26 -20.73 -70.52 44.32
CA ILE D 26 -20.79 -69.17 44.87
C ILE D 26 -20.36 -68.16 43.82
N GLY D 27 -19.29 -68.45 43.09
CA GLY D 27 -18.84 -67.55 42.04
C GLY D 27 -19.86 -67.41 40.93
N ALA D 28 -20.52 -68.50 40.56
CA ALA D 28 -21.56 -68.42 39.54
C ALA D 28 -22.68 -67.50 39.99
N PHE D 29 -23.16 -67.70 41.22
CA PHE D 29 -24.23 -66.85 41.73
C PHE D 29 -23.79 -65.38 41.79
N ALA D 30 -22.59 -65.14 42.29
CA ALA D 30 -22.10 -63.78 42.43
C ALA D 30 -21.93 -63.10 41.09
N ALA D 31 -21.33 -63.81 40.12
CA ALA D 31 -21.13 -63.23 38.80
C ALA D 31 -22.46 -62.94 38.11
N PHE D 32 -23.41 -63.87 38.21
CA PHE D 32 -24.73 -63.64 37.64
C PHE D 32 -25.37 -62.40 38.27
N GLY D 33 -25.29 -62.29 39.59
CA GLY D 33 -25.89 -61.14 40.25
C GLY D 33 -25.22 -59.84 39.85
N LEU D 34 -23.89 -59.83 39.82
CA LEU D 34 -23.17 -58.62 39.44
C LEU D 34 -23.51 -58.20 38.01
N MET D 35 -23.58 -59.16 37.10
CA MET D 35 -23.84 -58.80 35.71
C MET D 35 -25.28 -58.32 35.53
N THR D 36 -26.24 -58.97 36.20
CA THR D 36 -27.62 -58.49 36.14
C THR D 36 -27.73 -57.09 36.73
N ILE D 37 -27.02 -56.84 37.84
CA ILE D 37 -27.01 -55.51 38.44
C ILE D 37 -26.46 -54.49 37.46
N ALA D 38 -25.34 -54.82 36.83
CA ALA D 38 -24.70 -53.88 35.91
C ALA D 38 -25.60 -53.59 34.71
N ILE D 39 -26.25 -54.62 34.17
CA ILE D 39 -27.14 -54.41 33.04
C ILE D 39 -28.32 -53.54 33.43
N SER D 40 -29.00 -53.91 34.53
CA SER D 40 -30.15 -53.14 34.97
C SER D 40 -29.76 -51.76 35.45
N THR D 41 -28.62 -51.65 36.12
CA THR D 41 -28.16 -50.37 36.65
C THR D 41 -27.83 -49.41 35.52
N ASP D 42 -27.86 -48.12 35.84
CA ASP D 42 -27.61 -47.07 34.86
C ASP D 42 -26.51 -46.13 35.35
N TYR D 43 -25.41 -46.68 35.83
CA TYR D 43 -24.27 -45.92 36.32
C TYR D 43 -22.98 -46.38 35.64
N TRP D 44 -23.03 -46.58 34.33
CA TRP D 44 -21.84 -47.01 33.60
C TRP D 44 -20.90 -45.84 33.34
N LEU D 45 -21.42 -44.76 32.78
CA LEU D 45 -20.61 -43.67 32.26
C LEU D 45 -21.06 -42.35 32.86
N TYR D 46 -20.11 -41.58 33.37
CA TYR D 46 -20.34 -40.22 33.84
C TYR D 46 -19.77 -39.26 32.80
N THR D 47 -20.62 -38.42 32.22
CA THR D 47 -20.17 -37.56 31.14
C THR D 47 -20.98 -36.27 31.15
N ARG D 48 -20.84 -35.50 30.08
CA ARG D 48 -21.59 -34.27 29.87
C ARG D 48 -22.32 -34.38 28.54
N ALA D 49 -23.61 -34.08 28.56
CA ALA D 49 -24.47 -34.25 27.38
C ALA D 49 -25.22 -32.97 27.08
N LEU D 50 -25.48 -32.77 25.78
CA LEU D 50 -26.23 -31.59 25.35
C LEU D 50 -27.66 -31.63 25.88
N ILE D 51 -28.29 -32.81 25.87
CA ILE D 51 -29.69 -32.93 26.30
C ILE D 51 -29.66 -33.14 27.81
N CYS D 52 -29.49 -32.04 28.53
CA CYS D 52 -29.60 -32.06 29.99
C CYS D 52 -30.23 -30.79 30.55
N ASN D 53 -30.71 -29.87 29.71
CA ASN D 53 -31.30 -28.61 30.17
C ASN D 53 -30.28 -27.73 30.87
N THR D 54 -29.01 -27.86 30.48
CA THR D 54 -27.96 -27.04 31.06
C THR D 54 -27.81 -27.32 32.55
N PRO D 78 -20.65 -27.17 27.42
CA PRO D 78 -21.09 -28.03 26.31
C PRO D 78 -22.32 -28.87 26.65
N GLY D 79 -22.68 -28.90 27.93
CA GLY D 79 -23.84 -29.66 28.34
C GLY D 79 -23.84 -29.84 29.85
N GLY D 80 -24.79 -30.64 30.30
CA GLY D 80 -24.95 -30.93 31.71
C GLY D 80 -24.45 -32.32 32.07
N LEU D 81 -24.11 -32.48 33.35
CA LEU D 81 -23.63 -33.76 33.83
C LEU D 81 -24.73 -34.82 33.70
N THR D 82 -24.32 -36.02 33.30
CA THR D 82 -25.22 -37.15 33.13
C THR D 82 -24.52 -38.42 33.60
N HIS D 83 -25.32 -39.34 34.14
CA HIS D 83 -24.84 -40.70 34.42
C HIS D 83 -25.75 -41.62 33.60
N SER D 84 -25.11 -42.47 32.80
CA SER D 84 -25.81 -43.30 31.83
C SER D 84 -25.60 -44.77 32.13
N GLY D 85 -26.09 -45.60 31.22
CA GLY D 85 -25.96 -47.03 31.33
C GLY D 85 -26.04 -47.68 29.97
N LEU D 86 -26.72 -48.81 29.88
CA LEU D 86 -26.90 -49.48 28.61
C LEU D 86 -28.17 -49.03 27.90
N TRP D 87 -29.21 -48.66 28.66
CA TRP D 87 -30.52 -48.35 28.11
C TRP D 87 -30.90 -46.89 28.26
N ARG D 88 -30.79 -46.33 29.46
CA ARG D 88 -31.32 -45.03 29.78
C ARG D 88 -30.24 -44.14 30.38
N ILE D 89 -30.49 -42.84 30.32
CA ILE D 89 -29.55 -41.82 30.82
C ILE D 89 -30.30 -40.92 31.78
N CYS D 90 -29.62 -40.53 32.85
CA CYS D 90 -30.21 -39.74 33.93
C CYS D 90 -29.36 -38.49 34.10
N CYS D 91 -29.98 -37.33 34.19
CA CYS D 91 -29.24 -36.11 34.49
C CYS D 91 -29.07 -35.93 35.98
N LEU D 92 -27.91 -35.40 36.36
CA LEU D 92 -27.62 -35.02 37.73
C LEU D 92 -27.02 -33.62 37.72
N GLU D 93 -27.22 -32.91 38.81
CA GLU D 93 -26.76 -31.52 38.93
C GLU D 93 -27.30 -30.69 37.77
N GLY D 94 -28.63 -30.60 37.72
CA GLY D 94 -29.29 -29.83 36.69
C GLY D 94 -30.74 -29.60 37.05
N LEU D 95 -31.37 -28.71 36.30
CA LEU D 95 -32.78 -28.40 36.55
C LEU D 95 -33.64 -29.65 36.36
N LYS D 96 -33.40 -30.40 35.29
CA LYS D 96 -34.07 -31.68 35.09
C LYS D 96 -33.31 -32.77 35.86
N ARG D 97 -33.14 -32.58 37.16
CA ARG D 97 -32.41 -33.52 37.98
C ARG D 97 -33.29 -34.70 38.35
N GLY D 98 -32.78 -35.92 38.11
CA GLY D 98 -33.44 -37.14 38.48
C GLY D 98 -34.26 -37.77 37.37
N VAL D 99 -34.57 -37.01 36.31
CA VAL D 99 -35.37 -37.56 35.24
C VAL D 99 -34.48 -38.43 34.35
N CYS D 100 -34.91 -39.66 34.12
CA CYS D 100 -34.19 -40.60 33.26
C CYS D 100 -34.99 -40.92 32.02
N VAL D 101 -34.31 -40.88 30.88
CA VAL D 101 -34.94 -41.02 29.57
C VAL D 101 -34.19 -42.08 28.78
N LYS D 102 -34.93 -42.83 27.97
CA LYS D 102 -34.33 -43.87 27.15
C LYS D 102 -33.31 -43.27 26.20
N ILE D 103 -32.21 -43.98 26.00
CA ILE D 103 -31.13 -43.50 25.15
C ILE D 103 -31.57 -43.57 23.69
N ASN D 104 -31.27 -42.51 22.94
CA ASN D 104 -31.67 -42.40 21.54
C ASN D 104 -30.46 -42.76 20.68
N HIS D 105 -30.32 -44.05 20.39
CA HIS D 105 -29.31 -44.48 19.46
C HIS D 105 -29.61 -43.93 18.06
N PHE D 106 -28.70 -44.19 17.13
CA PHE D 106 -28.88 -43.74 15.76
C PHE D 106 -28.96 -42.22 15.70
N ASP D 115 -22.14 -46.94 5.76
CA ASP D 115 -22.03 -47.02 7.21
C ASP D 115 -22.63 -48.32 7.72
N SER D 116 -22.42 -49.40 6.96
CA SER D 116 -22.97 -50.69 7.36
C SER D 116 -22.38 -51.17 8.69
N ALA D 117 -21.07 -51.02 8.86
CA ALA D 117 -20.43 -51.44 10.11
C ALA D 117 -20.92 -50.59 11.27
N GLU D 118 -21.07 -49.29 11.06
CA GLU D 118 -21.61 -48.43 12.11
C GLU D 118 -23.03 -48.85 12.47
N TYR D 119 -23.83 -49.21 11.46
CA TYR D 119 -25.19 -49.67 11.73
C TYR D 119 -25.18 -50.94 12.56
N LEU D 120 -24.34 -51.90 12.19
CA LEU D 120 -24.28 -53.15 12.95
C LEU D 120 -23.81 -52.88 14.37
N LEU D 121 -22.83 -52.01 14.55
CA LEU D 121 -22.35 -51.70 15.89
C LEU D 121 -23.45 -51.05 16.72
N ARG D 122 -24.21 -50.13 16.13
CA ARG D 122 -25.30 -49.49 16.84
C ARG D 122 -26.35 -50.52 17.23
N VAL D 123 -26.66 -51.45 16.34
CA VAL D 123 -27.64 -52.48 16.64
C VAL D 123 -27.19 -53.34 17.81
N VAL D 124 -25.94 -53.80 17.75
CA VAL D 124 -25.41 -54.67 18.80
C VAL D 124 -25.36 -53.94 20.12
N ARG D 125 -24.98 -52.67 20.10
CA ARG D 125 -24.91 -51.88 21.33
C ARG D 125 -26.30 -51.67 21.91
N ALA D 126 -27.29 -51.43 21.05
CA ALA D 126 -28.65 -51.24 21.54
C ALA D 126 -29.20 -52.52 22.16
N SER D 127 -29.08 -53.64 21.44
CA SER D 127 -29.60 -54.90 21.96
C SER D 127 -28.89 -55.32 23.24
N SER D 128 -27.61 -54.98 23.37
CA SER D 128 -26.81 -55.43 24.50
C SER D 128 -26.89 -56.94 24.64
N ILE D 129 -26.88 -57.63 23.50
CA ILE D 129 -27.08 -59.07 23.50
C ILE D 129 -25.88 -59.79 24.11
N PHE D 130 -24.71 -59.17 24.14
CA PHE D 130 -23.52 -59.86 24.59
C PHE D 130 -23.45 -59.93 26.12
N PRO D 131 -23.65 -58.82 26.84
CA PRO D 131 -23.76 -58.95 28.31
C PRO D 131 -24.90 -59.83 28.76
N ILE D 132 -26.04 -59.72 28.08
CA ILE D 132 -27.18 -60.56 28.42
C ILE D 132 -26.85 -62.03 28.19
N LEU D 133 -26.17 -62.32 27.09
CA LEU D 133 -25.73 -63.68 26.83
C LEU D 133 -24.75 -64.15 27.88
N SER D 134 -23.86 -63.27 28.33
CA SER D 134 -22.93 -63.63 29.40
C SER D 134 -23.70 -64.04 30.65
N ALA D 135 -24.69 -63.24 31.04
CA ALA D 135 -25.48 -63.57 32.22
C ALA D 135 -26.23 -64.89 32.04
N ILE D 136 -26.82 -65.09 30.86
CA ILE D 136 -27.57 -66.31 30.59
C ILE D 136 -26.65 -67.53 30.69
N LEU D 137 -25.47 -67.44 30.09
CA LEU D 137 -24.53 -68.55 30.12
C LEU D 137 -24.05 -68.82 31.53
N LEU D 138 -23.84 -67.77 32.33
CA LEU D 138 -23.48 -67.98 33.72
C LEU D 138 -24.59 -68.72 34.47
N LEU D 139 -25.84 -68.33 34.21
CA LEU D 139 -26.97 -69.01 34.85
C LEU D 139 -26.99 -70.49 34.47
N LEU D 140 -26.87 -70.77 33.17
CA LEU D 140 -26.90 -72.16 32.72
C LEU D 140 -25.73 -72.95 33.29
N GLY D 141 -24.56 -72.33 33.41
CA GLY D 141 -23.43 -73.01 34.00
C GLY D 141 -23.64 -73.33 35.46
N GLY D 142 -24.20 -72.40 36.22
CA GLY D 142 -24.55 -72.68 37.60
C GLY D 142 -25.55 -73.81 37.72
N VAL D 143 -26.53 -73.84 36.81
CA VAL D 143 -27.50 -74.92 36.80
C VAL D 143 -26.82 -76.25 36.52
N CYS D 144 -25.90 -76.28 35.56
CA CYS D 144 -25.18 -77.49 35.25
C CYS D 144 -24.34 -77.95 36.44
N VAL D 145 -23.75 -77.00 37.16
CA VAL D 145 -22.99 -77.37 38.36
C VAL D 145 -23.91 -78.00 39.40
N ALA D 146 -25.07 -77.39 39.61
CA ALA D 146 -26.02 -77.96 40.56
C ALA D 146 -26.42 -79.36 40.17
N ALA D 147 -26.62 -79.59 38.87
CA ALA D 147 -26.89 -80.95 38.40
C ALA D 147 -25.72 -81.87 38.70
N SER D 148 -24.49 -81.39 38.47
CA SER D 148 -23.31 -82.17 38.81
C SER D 148 -23.29 -82.54 40.29
N ARG D 149 -23.94 -81.71 41.12
CA ARG D 149 -24.12 -82.05 42.53
C ARG D 149 -25.16 -83.14 42.73
N VAL D 150 -25.79 -83.64 41.66
CA VAL D 150 -26.81 -84.68 41.77
C VAL D 150 -26.38 -85.90 40.97
N TYR D 151 -26.25 -85.74 39.66
CA TYR D 151 -25.76 -86.81 38.78
C TYR D 151 -24.23 -86.88 38.90
N LYS D 152 -23.78 -87.35 40.05
CA LYS D 152 -22.34 -87.46 40.29
C LYS D 152 -21.67 -88.41 39.31
N SER D 153 -22.44 -89.27 38.66
CA SER D 153 -21.86 -90.20 37.68
C SER D 153 -21.48 -89.47 36.41
N LYS D 154 -22.43 -88.79 35.78
CA LYS D 154 -22.17 -88.07 34.54
C LYS D 154 -21.13 -87.00 34.77
N ARG D 155 -19.92 -87.18 34.23
CA ARG D 155 -18.82 -86.26 34.43
C ARG D 155 -18.74 -85.17 33.37
N ASN D 156 -19.53 -85.26 32.30
CA ASN D 156 -19.49 -84.30 31.22
C ASN D 156 -20.46 -83.14 31.45
N ILE D 157 -20.77 -82.85 32.70
CA ILE D 157 -21.64 -81.74 33.08
C ILE D 157 -20.85 -80.57 33.63
N ILE D 158 -19.96 -80.86 34.58
CA ILE D 158 -19.07 -79.86 35.16
C ILE D 158 -18.09 -79.39 34.11
N LEU D 159 -18.09 -80.04 32.95
CA LEU D 159 -17.35 -79.56 31.79
C LEU D 159 -18.15 -78.51 31.01
N GLY D 160 -19.42 -78.81 30.75
CA GLY D 160 -20.27 -77.81 30.13
C GLY D 160 -20.33 -76.55 30.96
N ALA D 161 -20.34 -76.68 32.28
CA ALA D 161 -20.33 -75.51 33.14
C ALA D 161 -19.11 -74.64 32.87
N GLY D 162 -17.94 -75.25 32.80
CA GLY D 162 -16.73 -74.50 32.56
C GLY D 162 -16.70 -73.85 31.19
N ILE D 163 -17.15 -74.60 30.17
CA ILE D 163 -17.20 -74.03 28.82
C ILE D 163 -18.12 -72.82 28.80
N LEU D 164 -19.27 -72.92 29.45
CA LEU D 164 -20.22 -71.82 29.48
C LEU D 164 -19.65 -70.62 30.23
N PHE D 165 -18.96 -70.86 31.34
CA PHE D 165 -18.37 -69.75 32.08
C PHE D 165 -17.32 -69.03 31.23
N VAL D 166 -16.46 -69.77 30.55
CA VAL D 166 -15.43 -69.16 29.73
C VAL D 166 -16.07 -68.38 28.58
N ALA D 167 -17.08 -68.96 27.93
CA ALA D 167 -17.77 -68.26 26.86
C ALA D 167 -18.45 -67.00 27.36
N ALA D 168 -19.00 -67.04 28.58
CA ALA D 168 -19.59 -65.86 29.16
C ALA D 168 -18.56 -64.76 29.35
N GLY D 169 -17.37 -65.12 29.83
CA GLY D 169 -16.31 -64.15 29.94
C GLY D 169 -15.96 -63.52 28.61
N LEU D 170 -15.87 -64.35 27.57
CA LEU D 170 -15.58 -63.81 26.24
C LEU D 170 -16.66 -62.85 25.78
N SER D 171 -17.94 -63.22 25.99
CA SER D 171 -19.03 -62.36 25.58
C SER D 171 -19.00 -61.03 26.34
N ASN D 172 -18.64 -61.07 27.62
CA ASN D 172 -18.52 -59.84 28.38
C ASN D 172 -17.40 -58.96 27.81
N ILE D 173 -16.28 -59.57 27.43
CA ILE D 173 -15.22 -58.80 26.78
C ILE D 173 -15.76 -58.11 25.54
N ILE D 174 -16.50 -58.86 24.72
CA ILE D 174 -17.01 -58.31 23.47
C ILE D 174 -17.98 -57.17 23.75
N GLY D 175 -18.84 -57.34 24.74
CA GLY D 175 -19.78 -56.28 25.08
C GLY D 175 -19.08 -55.03 25.56
N VAL D 176 -18.03 -55.19 26.36
CA VAL D 176 -17.26 -54.04 26.81
C VAL D 176 -16.64 -53.31 25.63
N ILE D 177 -16.06 -54.07 24.71
CA ILE D 177 -15.44 -53.47 23.53
C ILE D 177 -16.47 -52.72 22.73
N VAL D 178 -17.65 -53.32 22.51
CA VAL D 178 -18.69 -52.69 21.72
C VAL D 178 -19.15 -51.40 22.40
N TYR D 179 -19.37 -51.46 23.71
CA TYR D 179 -19.82 -50.27 24.44
C TYR D 179 -18.82 -49.14 24.29
N ILE D 180 -17.54 -49.43 24.55
CA ILE D 180 -16.52 -48.39 24.47
C ILE D 180 -16.41 -47.83 23.06
N SER D 181 -16.45 -48.70 22.05
CA SER D 181 -16.35 -48.25 20.68
C SER D 181 -17.53 -47.37 20.29
N ALA D 182 -18.74 -47.76 20.70
CA ALA D 182 -19.93 -47.02 20.30
C ALA D 182 -20.00 -45.66 20.97
N ASN D 183 -19.59 -45.58 22.24
CA ASN D 183 -19.60 -44.29 22.92
C ASN D 183 -18.82 -43.24 22.14
N ALA D 184 -17.66 -43.62 21.61
CA ALA D 184 -16.83 -42.69 20.88
C ALA D 184 -17.52 -42.22 19.60
N GLY D 185 -17.26 -40.96 19.24
CA GLY D 185 -17.83 -40.39 18.04
C GLY D 185 -17.00 -39.22 17.56
N GLU D 186 -17.32 -38.76 16.35
CA GLU D 186 -16.63 -37.64 15.74
C GLU D 186 -17.18 -37.36 14.35
N LYS D 196 -18.22 -33.20 26.85
CA LYS D 196 -17.64 -33.91 25.71
C LYS D 196 -16.17 -34.21 25.97
N ASN D 197 -15.82 -34.40 27.24
CA ASN D 197 -14.45 -34.70 27.63
C ASN D 197 -14.47 -35.00 29.13
N HIS D 198 -13.29 -35.37 29.65
CA HIS D 198 -13.13 -35.64 31.08
C HIS D 198 -14.13 -36.67 31.57
N TYR D 199 -14.62 -37.53 30.68
CA TYR D 199 -15.58 -38.54 31.06
C TYR D 199 -14.93 -39.57 31.97
N SER D 200 -15.76 -40.48 32.49
CA SER D 200 -15.29 -41.46 33.45
C SER D 200 -16.27 -42.63 33.46
N TYR D 201 -15.81 -43.75 34.01
CA TYR D 201 -16.58 -44.98 34.08
C TYR D 201 -17.03 -45.22 35.52
N GLY D 202 -18.24 -45.74 35.67
CA GLY D 202 -18.84 -45.94 36.97
C GLY D 202 -18.68 -47.36 37.48
N TRP D 203 -19.28 -47.59 38.65
CA TRP D 203 -19.12 -48.87 39.34
C TRP D 203 -19.84 -50.01 38.63
N SER D 204 -20.80 -49.72 37.76
CA SER D 204 -21.45 -50.77 36.99
C SER D 204 -20.49 -51.40 35.98
N PHE D 205 -19.68 -50.57 35.33
CA PHE D 205 -18.68 -51.06 34.40
C PHE D 205 -17.71 -52.00 35.10
N TYR D 206 -17.26 -51.63 36.29
CA TYR D 206 -16.35 -52.47 37.04
C TYR D 206 -17.05 -53.68 37.63
N PHE D 207 -18.36 -53.61 37.86
CA PHE D 207 -19.12 -54.81 38.18
C PHE D 207 -19.07 -55.79 37.03
N GLY D 208 -19.23 -55.30 35.81
CA GLY D 208 -19.09 -56.17 34.65
C GLY D 208 -17.71 -56.80 34.56
N GLY D 209 -16.67 -56.00 34.78
CA GLY D 209 -15.33 -56.54 34.77
C GLY D 209 -15.12 -57.60 35.84
N LEU D 210 -15.63 -57.35 37.04
CA LEU D 210 -15.53 -58.34 38.12
C LEU D 210 -16.26 -59.62 37.75
N SER D 211 -17.43 -59.48 37.11
CA SER D 211 -18.16 -60.66 36.64
C SER D 211 -17.31 -61.46 35.67
N PHE D 212 -16.64 -60.78 34.74
CA PHE D 212 -15.79 -61.48 33.80
C PHE D 212 -14.69 -62.25 34.52
N ILE D 213 -14.01 -61.59 35.45
CA ILE D 213 -12.90 -62.23 36.17
C ILE D 213 -13.41 -63.45 36.93
N LEU D 214 -14.53 -63.29 37.63
CA LEU D 214 -15.07 -64.40 38.40
C LEU D 214 -15.47 -65.56 37.50
N ALA D 215 -16.06 -65.25 36.35
CA ALA D 215 -16.46 -66.31 35.42
C ALA D 215 -15.25 -67.10 34.95
N GLU D 216 -14.17 -66.40 34.59
CA GLU D 216 -12.98 -67.12 34.16
C GLU D 216 -12.42 -67.98 35.29
N VAL D 217 -12.39 -67.45 36.51
CA VAL D 217 -11.87 -68.21 37.64
C VAL D 217 -12.68 -69.48 37.87
N ILE D 218 -14.01 -69.36 37.84
CA ILE D 218 -14.83 -70.53 38.14
C ILE D 218 -14.81 -71.51 36.99
N GLY D 219 -14.61 -71.03 35.76
CA GLY D 219 -14.35 -71.96 34.67
C GLY D 219 -13.10 -72.77 34.89
N VAL D 220 -12.03 -72.10 35.37
CA VAL D 220 -10.81 -72.81 35.70
C VAL D 220 -11.07 -73.88 36.76
N LEU D 221 -11.79 -73.50 37.82
CA LEU D 221 -12.05 -74.44 38.91
C LEU D 221 -12.88 -75.62 38.42
N ALA D 222 -13.89 -75.36 37.59
CA ALA D 222 -14.72 -76.45 37.08
C ALA D 222 -13.90 -77.39 36.21
N VAL D 223 -13.02 -76.85 35.37
CA VAL D 223 -12.18 -77.71 34.55
C VAL D 223 -11.27 -78.55 35.42
N ASN D 224 -10.73 -77.96 36.50
CA ASN D 224 -9.90 -78.73 37.40
C ASN D 224 -10.69 -79.85 38.07
N ILE D 225 -11.94 -79.56 38.43
CA ILE D 225 -12.80 -80.58 39.02
C ILE D 225 -13.02 -81.72 38.04
N TYR D 226 -13.31 -81.38 36.79
CA TYR D 226 -13.47 -82.41 35.76
C TYR D 226 -12.20 -83.24 35.63
N ILE D 227 -11.05 -82.58 35.66
CA ILE D 227 -9.78 -83.30 35.55
C ILE D 227 -9.65 -84.30 36.68
N GLU D 228 -9.85 -83.84 37.93
CA GLU D 228 -9.69 -84.72 39.07
C GLU D 228 -10.67 -85.89 39.01
N ARG D 229 -11.92 -85.62 38.67
CA ARG D 229 -12.94 -86.66 38.64
C ARG D 229 -12.65 -87.69 37.57
N SER D 230 -12.33 -87.23 36.36
CA SER D 230 -12.00 -88.16 35.28
C SER D 230 -10.76 -88.98 35.61
N ARG D 231 -9.75 -88.34 36.21
CA ARG D 231 -8.55 -89.06 36.60
C ARG D 231 -8.88 -90.14 37.62
N GLU D 232 -9.66 -89.80 38.64
CA GLU D 232 -10.04 -90.79 39.64
C GLU D 232 -10.76 -91.97 38.98
N ALA D 233 -11.75 -91.69 38.14
CA ALA D 233 -12.52 -92.76 37.54
C ALA D 233 -11.65 -93.63 36.63
N HIS D 234 -10.81 -93.00 35.81
CA HIS D 234 -9.98 -93.75 34.88
C HIS D 234 -8.95 -94.61 35.62
N CYS D 235 -8.32 -94.06 36.66
CA CYS D 235 -7.36 -94.84 37.43
C CYS D 235 -8.05 -96.01 38.13
N GLN D 236 -9.22 -95.76 38.71
CA GLN D 236 -9.96 -96.84 39.35
C GLN D 236 -10.30 -97.94 38.36
N SER D 237 -10.76 -97.55 37.17
CA SER D 237 -11.14 -98.55 36.17
C SER D 237 -9.94 -99.35 35.70
N ARG D 238 -8.85 -98.65 35.33
CA ARG D 238 -7.67 -99.34 34.82
C ARG D 238 -7.07 -100.26 35.87
N SER D 239 -6.95 -99.77 37.10
CA SER D 239 -6.45 -100.62 38.19
C SER D 239 -7.39 -101.77 38.49
N ASP D 240 -8.64 -101.69 38.05
CA ASP D 240 -9.61 -102.76 38.26
C ASP D 240 -9.68 -103.68 37.04
N ASN E 25 19.04 83.95 -52.05
CA ASN E 25 18.49 83.39 -53.29
C ASN E 25 17.23 82.58 -53.00
N SER E 26 16.08 83.18 -53.28
CA SER E 26 14.81 82.49 -53.05
C SER E 26 14.61 81.39 -54.06
N ILE E 27 14.14 80.24 -53.59
CA ILE E 27 13.79 79.10 -54.43
C ILE E 27 12.33 78.77 -54.19
N GLN E 28 11.54 78.71 -55.26
CA GLN E 28 10.12 78.49 -55.12
C GLN E 28 9.84 77.11 -54.57
N ILE E 29 8.89 77.03 -53.64
CA ILE E 29 8.55 75.80 -52.94
C ILE E 29 7.04 75.68 -52.84
N GLY E 30 6.57 74.46 -52.84
CA GLY E 30 5.15 74.19 -52.70
C GLY E 30 4.86 73.38 -51.46
N GLY E 31 3.68 73.57 -50.88
CA GLY E 31 3.33 72.89 -49.66
C GLY E 31 1.88 72.46 -49.65
N LEU E 32 1.64 71.22 -49.28
CA LEU E 32 0.31 70.66 -49.11
C LEU E 32 0.15 70.23 -47.67
N PHE E 33 -1.01 70.54 -47.09
CA PHE E 33 -1.25 70.18 -45.69
C PHE E 33 -2.66 69.67 -45.51
N PRO E 34 -2.85 68.52 -44.89
CA PRO E 34 -4.20 67.98 -44.76
C PRO E 34 -5.07 68.86 -43.90
N ARG E 35 -6.34 68.96 -44.29
CA ARG E 35 -7.31 69.68 -43.50
C ARG E 35 -7.34 69.14 -42.07
N GLY E 36 -7.12 70.03 -41.11
CA GLY E 36 -7.12 69.63 -39.73
C GLY E 36 -5.79 69.14 -39.22
N ALA E 37 -4.69 69.75 -39.67
CA ALA E 37 -3.35 69.44 -39.19
C ALA E 37 -2.70 70.78 -38.87
N ASP E 38 -2.83 71.21 -37.62
CA ASP E 38 -2.37 72.54 -37.23
C ASP E 38 -0.93 72.52 -36.76
N GLN E 39 -0.54 71.51 -36.00
CA GLN E 39 0.82 71.45 -35.46
C GLN E 39 1.86 71.42 -36.56
N GLU E 40 1.57 70.69 -37.64
CA GLU E 40 2.58 70.46 -38.65
C GLU E 40 2.94 71.73 -39.41
N TYR E 41 1.94 72.53 -39.76
CA TYR E 41 2.22 73.81 -40.40
C TYR E 41 2.98 74.74 -39.46
N SER E 42 2.67 74.68 -38.17
CA SER E 42 3.41 75.48 -37.20
C SER E 42 4.87 75.09 -37.16
N ALA E 43 5.15 73.78 -37.16
CA ALA E 43 6.53 73.32 -37.21
C ALA E 43 7.19 73.73 -38.51
N PHE E 44 6.43 73.75 -39.59
CA PHE E 44 6.94 74.25 -40.87
C PHE E 44 7.41 75.69 -40.74
N ARG E 45 6.58 76.54 -40.13
CA ARG E 45 6.94 77.95 -39.98
C ARG E 45 8.13 78.12 -39.04
N VAL E 46 8.18 77.33 -37.97
CA VAL E 46 9.31 77.39 -37.05
C VAL E 46 10.59 76.98 -37.75
N GLY E 47 10.52 75.93 -38.56
CA GLY E 47 11.69 75.53 -39.32
C GLY E 47 12.11 76.59 -40.31
N MET E 48 11.14 77.27 -40.91
CA MET E 48 11.48 78.37 -41.80
C MET E 48 12.30 79.43 -41.06
N VAL E 49 11.80 79.89 -39.92
CA VAL E 49 12.52 80.93 -39.20
C VAL E 49 13.90 80.43 -38.76
N GLN E 50 13.98 79.16 -38.34
CA GLN E 50 15.23 78.63 -37.82
C GLN E 50 16.29 78.52 -38.91
N PHE E 51 15.92 77.98 -40.06
CA PHE E 51 16.87 77.70 -41.13
C PHE E 51 16.92 78.80 -42.19
N SER E 52 16.06 79.81 -42.10
CA SER E 52 16.13 80.93 -43.02
C SER E 52 17.42 81.72 -42.79
N THR E 53 17.95 82.27 -43.88
CA THR E 53 19.18 83.06 -43.83
C THR E 53 19.06 84.21 -44.81
N SER E 54 19.96 85.19 -44.63
CA SER E 54 20.00 86.31 -45.57
C SER E 54 20.36 85.84 -46.98
N GLU E 55 21.34 84.94 -47.08
CA GLU E 55 21.83 84.49 -48.37
C GLU E 55 20.93 83.45 -49.02
N PHE E 56 20.17 82.69 -48.24
CA PHE E 56 19.27 81.69 -48.78
C PHE E 56 17.97 81.69 -47.99
N ARG E 57 16.90 81.25 -48.67
CA ARG E 57 15.58 81.19 -48.06
C ARG E 57 14.70 80.27 -48.91
N LEU E 58 13.43 80.21 -48.54
CA LEU E 58 12.44 79.45 -49.29
C LEU E 58 11.16 80.26 -49.35
N THR E 59 10.49 80.18 -50.51
CA THR E 59 9.22 80.87 -50.75
C THR E 59 8.15 79.80 -50.90
N PRO E 60 7.43 79.45 -49.83
CA PRO E 60 6.41 78.41 -49.91
C PRO E 60 5.03 78.91 -50.29
N HIS E 61 4.39 78.23 -51.23
CA HIS E 61 2.99 78.46 -51.56
C HIS E 61 2.19 77.29 -51.00
N ILE E 62 1.24 77.59 -50.12
CA ILE E 62 0.56 76.61 -49.31
C ILE E 62 -0.81 76.31 -49.88
N ASP E 63 -1.23 75.05 -49.74
CA ASP E 63 -2.58 74.63 -50.05
C ASP E 63 -3.04 73.66 -48.98
N ASN E 64 -4.30 73.80 -48.57
CA ASN E 64 -4.92 72.94 -47.58
C ASN E 64 -6.12 72.28 -48.21
N LEU E 65 -6.25 70.98 -48.02
CA LEU E 65 -7.25 70.20 -48.74
C LEU E 65 -7.43 68.87 -48.03
N GLU E 66 -8.33 68.05 -48.57
CA GLU E 66 -8.56 66.70 -48.09
C GLU E 66 -7.72 65.77 -48.96
N VAL E 67 -6.60 65.31 -48.41
CA VAL E 67 -5.64 64.51 -49.16
C VAL E 67 -6.19 63.18 -49.62
N ALA E 68 -7.33 62.75 -49.09
CA ALA E 68 -7.97 61.53 -49.52
C ALA E 68 -8.90 61.74 -50.71
N ASN E 69 -8.95 62.95 -51.25
CA ASN E 69 -9.70 63.25 -52.46
C ASN E 69 -8.66 63.45 -53.57
N SER E 70 -8.47 62.41 -54.37
CA SER E 70 -7.47 62.48 -55.43
C SER E 70 -7.73 63.62 -56.39
N PHE E 71 -9.00 64.03 -56.53
CA PHE E 71 -9.30 65.17 -57.39
C PHE E 71 -8.67 66.45 -56.85
N ALA E 72 -8.84 66.70 -55.55
CA ALA E 72 -8.27 67.88 -54.94
C ALA E 72 -6.75 67.85 -55.01
N VAL E 73 -6.16 66.68 -54.76
CA VAL E 73 -4.72 66.56 -54.84
C VAL E 73 -4.25 66.85 -56.26
N THR E 74 -4.95 66.33 -57.26
CA THR E 74 -4.58 66.60 -58.64
C THR E 74 -4.66 68.08 -58.95
N ASN E 75 -5.75 68.72 -58.53
CA ASN E 75 -5.91 70.15 -58.79
C ASN E 75 -4.79 70.95 -58.13
N ALA E 76 -4.50 70.67 -56.86
CA ALA E 76 -3.47 71.42 -56.16
C ALA E 76 -2.09 71.18 -56.77
N PHE E 77 -1.78 69.92 -57.07
CA PHE E 77 -0.51 69.58 -57.68
C PHE E 77 -0.33 70.25 -59.02
N CYS E 78 -1.36 70.26 -59.86
CA CYS E 78 -1.30 70.90 -61.16
C CYS E 78 -1.19 72.42 -61.05
N SER E 79 -1.93 73.03 -60.13
CA SER E 79 -1.83 74.47 -59.92
C SER E 79 -0.41 74.84 -59.50
N GLN E 80 0.14 74.13 -58.53
CA GLN E 80 1.50 74.42 -58.08
C GLN E 80 2.51 74.19 -59.20
N PHE E 81 2.33 73.12 -59.97
CA PHE E 81 3.21 72.86 -61.09
C PHE E 81 3.17 74.02 -62.08
N SER E 82 1.97 74.54 -62.35
CA SER E 82 1.85 75.72 -63.20
C SER E 82 2.56 76.91 -62.58
N ARG E 83 2.57 77.01 -61.26
CA ARG E 83 3.27 78.07 -60.55
C ARG E 83 4.78 77.86 -60.51
N GLY E 84 5.30 76.88 -61.26
CA GLY E 84 6.74 76.71 -61.36
C GLY E 84 7.44 76.32 -60.07
N VAL E 85 6.89 75.36 -59.34
CA VAL E 85 7.49 74.90 -58.09
C VAL E 85 8.52 73.82 -58.40
N TYR E 86 9.71 73.95 -57.81
CA TYR E 86 10.76 72.98 -58.06
C TYR E 86 10.57 71.71 -57.24
N ALA E 87 10.07 71.84 -56.02
CA ALA E 87 9.76 70.69 -55.18
C ALA E 87 8.51 70.97 -54.39
N ILE E 88 7.82 69.89 -54.00
CA ILE E 88 6.53 69.99 -53.33
C ILE E 88 6.58 69.15 -52.07
N PHE E 89 6.52 69.81 -50.92
CA PHE E 89 6.30 69.13 -49.66
C PHE E 89 4.81 68.86 -49.48
N GLY E 90 4.49 67.78 -48.81
CA GLY E 90 3.09 67.47 -48.59
C GLY E 90 2.90 66.12 -47.96
N PHE E 91 1.63 65.83 -47.68
CA PHE E 91 1.17 64.58 -47.15
C PHE E 91 0.35 63.84 -48.20
N TYR E 92 0.15 62.56 -47.95
CA TYR E 92 -0.71 61.75 -48.80
C TYR E 92 -1.27 60.59 -47.99
N ASP E 93 -2.39 60.08 -48.46
CA ASP E 93 -3.10 58.96 -47.85
C ASP E 93 -3.16 57.80 -48.84
N LYS E 94 -3.70 56.69 -48.37
CA LYS E 94 -3.75 55.47 -49.18
C LYS E 94 -4.50 55.67 -50.48
N LYS E 95 -5.41 56.64 -50.53
CA LYS E 95 -6.21 56.91 -51.71
C LYS E 95 -5.62 57.99 -52.59
N SER E 96 -4.42 58.45 -52.29
CA SER E 96 -3.77 59.47 -53.09
C SER E 96 -2.31 59.17 -53.37
N VAL E 97 -1.81 58.02 -52.94
CA VAL E 97 -0.41 57.69 -53.19
C VAL E 97 -0.15 57.63 -54.67
N ASN E 98 -0.96 56.84 -55.37
CA ASN E 98 -0.67 56.48 -56.74
C ASN E 98 -0.72 57.71 -57.63
N THR E 99 -1.73 58.55 -57.43
CA THR E 99 -1.82 59.80 -58.17
C THR E 99 -0.54 60.60 -58.05
N ILE E 100 -0.10 60.81 -56.81
CA ILE E 100 1.04 61.67 -56.55
C ILE E 100 2.31 61.08 -57.13
N THR E 101 2.55 59.79 -56.88
CA THR E 101 3.77 59.16 -57.36
C THR E 101 3.83 59.15 -58.87
N SER E 102 2.69 58.85 -59.53
CA SER E 102 2.66 58.88 -60.97
C SER E 102 2.97 60.27 -61.50
N PHE E 103 2.37 61.30 -60.89
CA PHE E 103 2.62 62.65 -61.35
C PHE E 103 4.08 63.03 -61.19
N CYS E 104 4.69 62.66 -60.06
CA CYS E 104 6.10 62.96 -59.84
C CYS E 104 6.97 62.23 -60.85
N GLY E 105 6.70 60.96 -61.11
CA GLY E 105 7.50 60.22 -62.07
C GLY E 105 7.40 60.79 -63.46
N THR E 106 6.18 61.18 -63.86
CA THR E 106 6.00 61.68 -65.21
C THR E 106 6.63 63.06 -65.39
N LEU E 107 6.41 63.97 -64.44
CA LEU E 107 6.88 65.34 -64.54
C LEU E 107 8.25 65.55 -63.92
N HIS E 108 8.86 64.50 -63.38
CA HIS E 108 10.17 64.63 -62.75
C HIS E 108 10.18 65.73 -61.69
N VAL E 109 9.06 65.84 -60.96
CA VAL E 109 8.92 66.78 -59.85
C VAL E 109 9.07 66.00 -58.56
N SER E 110 9.86 66.53 -57.64
CA SER E 110 10.12 65.84 -56.38
C SER E 110 8.92 65.98 -55.45
N PHE E 111 8.93 65.15 -54.41
CA PHE E 111 7.90 65.16 -53.39
C PHE E 111 8.51 64.69 -52.09
N ILE E 112 8.33 65.47 -51.03
CA ILE E 112 8.92 65.20 -49.72
C ILE E 112 7.77 65.03 -48.73
N THR E 113 7.74 63.88 -48.07
CA THR E 113 6.63 63.53 -47.21
C THR E 113 7.10 62.96 -45.89
N PRO E 114 6.41 63.28 -44.79
CA PRO E 114 6.51 62.48 -43.58
C PRO E 114 5.48 61.37 -43.47
N SER E 115 4.64 61.20 -44.50
CA SER E 115 3.61 60.20 -44.47
C SER E 115 4.21 58.82 -44.73
N PHE E 116 3.33 57.82 -44.79
CA PHE E 116 3.80 56.45 -44.76
C PHE E 116 4.65 56.16 -45.99
N PRO E 117 5.75 55.43 -45.85
CA PRO E 117 6.57 55.10 -47.00
C PRO E 117 5.88 54.17 -47.97
N THR E 118 6.16 54.40 -49.25
CA THR E 118 5.53 53.64 -50.31
C THR E 118 5.96 52.19 -50.26
N ASP E 119 5.02 51.29 -50.59
CA ASP E 119 5.32 49.87 -50.75
C ASP E 119 5.85 49.66 -52.17
N GLY E 120 7.05 50.18 -52.41
CA GLY E 120 7.63 50.12 -53.73
C GLY E 120 8.95 50.87 -53.77
N THR E 121 9.35 51.23 -54.98
CA THR E 121 10.57 51.96 -55.24
C THR E 121 10.29 53.15 -56.15
N HIS E 122 9.19 53.84 -55.85
CA HIS E 122 8.76 54.92 -56.70
C HIS E 122 9.81 56.04 -56.69
N PRO E 123 10.11 56.62 -57.85
CA PRO E 123 11.15 57.64 -57.93
C PRO E 123 10.60 59.04 -57.72
N PHE E 124 11.51 59.97 -57.51
CA PHE E 124 11.18 61.38 -57.31
C PHE E 124 10.23 61.56 -56.12
N VAL E 125 10.43 60.75 -55.09
CA VAL E 125 9.64 60.83 -53.87
C VAL E 125 10.57 60.55 -52.70
N ILE E 126 10.88 61.57 -51.93
CA ILE E 126 11.69 61.43 -50.74
C ILE E 126 10.77 61.20 -49.55
N GLN E 127 11.13 60.22 -48.73
CA GLN E 127 10.32 59.78 -47.61
C GLN E 127 11.07 60.04 -46.33
N MET E 128 10.49 60.85 -45.46
CA MET E 128 11.11 61.20 -44.21
C MET E 128 10.74 60.27 -43.07
N ARG E 129 9.78 59.37 -43.29
CA ARG E 129 9.32 58.48 -42.24
C ARG E 129 10.05 57.15 -42.33
N PRO E 130 10.73 56.72 -41.27
CA PRO E 130 11.35 55.40 -41.29
C PRO E 130 10.34 54.27 -41.30
N ASP E 131 10.77 53.15 -41.85
CA ASP E 131 9.96 51.94 -41.79
C ASP E 131 9.88 51.45 -40.35
N LEU E 132 8.98 50.51 -40.12
CA LEU E 132 8.69 50.01 -38.79
C LEU E 132 8.66 48.51 -38.68
N LYS E 133 8.55 47.78 -39.78
CA LYS E 133 8.35 46.33 -39.69
C LYS E 133 9.53 45.66 -38.98
N GLY E 134 10.74 46.11 -39.25
CA GLY E 134 11.90 45.49 -38.64
C GLY E 134 11.85 45.56 -37.13
N ALA E 135 11.59 46.75 -36.60
CA ALA E 135 11.56 46.92 -35.16
C ALA E 135 10.40 46.15 -34.55
N LEU E 136 9.25 46.16 -35.21
CA LEU E 136 8.09 45.45 -34.71
C LEU E 136 8.37 43.96 -34.60
N LEU E 137 8.95 43.37 -35.64
CA LEU E 137 9.18 41.95 -35.66
C LEU E 137 10.35 41.54 -34.77
N SER E 138 11.28 42.45 -34.52
CA SER E 138 12.31 42.17 -33.52
C SER E 138 11.73 42.21 -32.11
N LEU E 139 10.89 43.21 -31.83
CA LEU E 139 10.30 43.32 -30.51
C LEU E 139 9.39 42.14 -30.20
N ILE E 140 8.59 41.71 -31.16
CA ILE E 140 7.76 40.53 -30.94
C ILE E 140 8.59 39.30 -30.67
N GLU E 141 9.89 39.35 -30.97
CA GLU E 141 10.77 38.23 -30.70
C GLU E 141 11.57 38.41 -29.41
N TYR E 142 11.73 39.65 -28.96
CA TYR E 142 12.32 39.91 -27.65
C TYR E 142 11.38 39.55 -26.52
N TYR E 143 10.13 39.19 -26.84
CA TYR E 143 9.15 38.82 -25.85
C TYR E 143 8.61 37.41 -26.05
N GLN E 144 9.07 36.71 -27.07
CA GLN E 144 8.70 35.32 -27.31
C GLN E 144 7.19 35.17 -27.41
N TRP E 145 6.63 35.81 -28.43
CA TRP E 145 5.21 35.81 -28.68
C TRP E 145 4.85 34.76 -29.71
N ASP E 146 3.77 34.07 -29.46
CA ASP E 146 3.29 33.04 -30.37
C ASP E 146 1.82 33.20 -30.73
N LYS E 147 1.00 33.70 -29.82
CA LYS E 147 -0.44 33.86 -30.03
C LYS E 147 -0.78 35.28 -29.63
N PHE E 148 -0.93 36.16 -30.61
CA PHE E 148 -1.26 37.54 -30.35
C PHE E 148 -2.23 38.06 -31.39
N ALA E 149 -3.10 38.97 -30.97
CA ALA E 149 -3.97 39.65 -31.90
C ALA E 149 -3.23 40.79 -32.58
N TYR E 150 -3.79 41.26 -33.68
CA TYR E 150 -3.24 42.34 -34.47
C TYR E 150 -4.39 43.22 -34.95
N LEU E 151 -4.70 44.24 -34.16
CA LEU E 151 -5.68 45.23 -34.57
C LEU E 151 -5.02 46.23 -35.48
N TYR E 152 -5.60 46.44 -36.66
CA TYR E 152 -4.99 47.28 -37.67
C TYR E 152 -6.04 48.21 -38.27
N ASP E 153 -5.58 49.39 -38.67
CA ASP E 153 -6.41 50.35 -39.37
C ASP E 153 -6.17 50.25 -40.86
N SER E 154 -7.22 50.46 -41.63
CA SER E 154 -7.12 50.38 -43.09
C SER E 154 -6.58 51.71 -43.63
N ASP E 155 -5.34 51.98 -43.24
CA ASP E 155 -4.62 53.16 -43.69
C ASP E 155 -3.14 52.81 -43.72
N ARG E 156 -2.36 53.71 -44.33
CA ARG E 156 -0.93 53.48 -44.52
C ARG E 156 -0.67 52.11 -45.12
N GLY E 157 -1.65 51.58 -45.85
CA GLY E 157 -1.52 50.29 -46.48
C GLY E 157 -1.61 49.16 -45.49
N LEU E 158 -1.34 47.96 -45.99
CA LEU E 158 -1.32 46.75 -45.19
C LEU E 158 0.04 46.08 -45.27
N SER E 159 1.08 46.86 -45.55
CA SER E 159 2.41 46.30 -45.72
C SER E 159 2.87 45.58 -44.46
N THR E 160 2.71 46.21 -43.30
CA THR E 160 3.16 45.62 -42.05
C THR E 160 2.29 44.43 -41.67
N LEU E 161 1.00 44.46 -42.01
CA LEU E 161 0.15 43.29 -41.81
C LEU E 161 0.67 42.10 -42.60
N GLN E 162 1.00 42.31 -43.87
CA GLN E 162 1.52 41.23 -44.68
C GLN E 162 2.83 40.72 -44.13
N ALA E 163 3.70 41.63 -43.70
CA ALA E 163 4.98 41.22 -43.13
C ALA E 163 4.75 40.32 -41.92
N VAL E 164 3.83 40.72 -41.05
CA VAL E 164 3.55 39.95 -39.85
C VAL E 164 3.00 38.58 -40.20
N LEU E 165 2.08 38.52 -41.17
CA LEU E 165 1.51 37.25 -41.56
C LEU E 165 2.57 36.32 -42.16
N ASP E 166 3.45 36.87 -42.99
CA ASP E 166 4.51 36.07 -43.59
C ASP E 166 5.44 35.50 -42.53
N SER E 167 5.88 36.35 -41.60
CA SER E 167 6.73 35.86 -40.54
C SER E 167 5.98 34.89 -39.64
N ALA E 168 4.65 34.97 -39.60
CA ALA E 168 3.88 33.96 -38.88
C ALA E 168 3.96 32.62 -39.58
N ALA E 169 3.77 32.62 -40.90
CA ALA E 169 3.92 31.38 -41.65
C ALA E 169 5.27 30.76 -41.41
N GLU E 170 6.34 31.57 -41.43
CA GLU E 170 7.66 31.02 -41.18
C GLU E 170 7.79 30.48 -39.76
N LYS E 171 7.30 31.22 -38.77
CA LYS E 171 7.55 30.91 -37.36
C LYS E 171 6.36 30.27 -36.67
N LYS E 172 5.32 29.90 -37.40
CA LYS E 172 4.18 29.17 -36.85
C LYS E 172 3.48 29.97 -35.76
N TRP E 173 3.35 31.27 -35.97
CA TRP E 173 2.62 32.13 -35.04
C TRP E 173 1.12 31.94 -35.22
N GLN E 174 0.36 32.46 -34.26
CA GLN E 174 -1.08 32.44 -34.27
C GLN E 174 -1.58 33.86 -34.17
N VAL E 175 -1.90 34.46 -35.31
CA VAL E 175 -2.28 35.87 -35.39
C VAL E 175 -3.76 35.98 -35.68
N THR E 176 -4.43 36.79 -34.88
CA THR E 176 -5.84 37.14 -35.07
C THR E 176 -5.85 38.60 -35.52
N ALA E 177 -6.07 38.82 -36.80
CA ALA E 177 -5.99 40.15 -37.39
C ALA E 177 -7.39 40.70 -37.55
N ILE E 178 -7.61 41.89 -37.03
CA ILE E 178 -8.92 42.51 -36.97
C ILE E 178 -8.83 43.94 -37.45
N ASN E 179 -9.81 44.37 -38.23
CA ASN E 179 -9.85 45.72 -38.74
C ASN E 179 -10.82 46.54 -37.91
N VAL E 180 -10.42 47.78 -37.64
CA VAL E 180 -11.19 48.67 -36.78
C VAL E 180 -11.33 50.03 -37.46
N GLY E 181 -10.89 50.10 -38.71
CA GLY E 181 -10.91 51.35 -39.46
C GLY E 181 -12.20 51.66 -40.15
N ASN E 182 -13.14 50.72 -40.14
CA ASN E 182 -14.45 50.91 -40.77
C ASN E 182 -15.55 50.94 -39.73
N ILE E 183 -15.28 51.55 -38.59
CA ILE E 183 -16.20 51.59 -37.45
C ILE E 183 -16.79 52.99 -37.35
N ASN E 184 -18.12 53.06 -37.36
CA ASN E 184 -18.79 54.34 -37.24
C ASN E 184 -18.60 54.93 -35.85
N ASN E 185 -18.32 56.22 -35.80
CA ASN E 185 -18.13 56.89 -34.51
C ASN E 185 -19.39 56.82 -33.66
N ASP E 186 -20.57 56.94 -34.30
CA ASP E 186 -21.82 56.92 -33.55
C ASP E 186 -22.02 55.60 -32.81
N LYS E 187 -21.70 54.48 -33.47
CA LYS E 187 -21.90 53.15 -32.89
C LYS E 187 -20.59 52.52 -32.44
N LYS E 188 -19.58 53.33 -32.14
CA LYS E 188 -18.27 52.79 -31.81
C LYS E 188 -18.29 51.95 -30.53
N ASP E 189 -19.11 52.33 -29.56
CA ASP E 189 -19.04 51.70 -28.25
C ASP E 189 -19.43 50.23 -28.31
N GLU E 190 -20.49 49.91 -29.04
CA GLU E 190 -20.99 48.53 -29.05
C GLU E 190 -19.98 47.58 -29.70
N THR E 191 -19.35 48.00 -30.79
CA THR E 191 -18.51 47.08 -31.55
C THR E 191 -17.25 46.71 -30.79
N TYR E 192 -16.60 47.68 -30.16
CA TYR E 192 -15.32 47.41 -29.50
C TYR E 192 -15.49 46.40 -28.37
N ARG E 193 -16.55 46.53 -27.60
CA ARG E 193 -16.79 45.60 -26.50
C ARG E 193 -17.00 44.19 -27.02
N SER E 194 -17.77 44.04 -28.09
CA SER E 194 -17.97 42.71 -28.67
C SER E 194 -16.67 42.16 -29.22
N LEU E 195 -15.85 43.03 -29.82
CA LEU E 195 -14.54 42.63 -30.30
C LEU E 195 -13.71 42.02 -29.19
N PHE E 196 -13.62 42.72 -28.06
CA PHE E 196 -12.81 42.20 -26.96
C PHE E 196 -13.47 40.99 -26.31
N GLN E 197 -14.80 40.91 -26.35
CA GLN E 197 -15.47 39.70 -25.88
C GLN E 197 -15.08 38.50 -26.72
N ASP E 198 -15.02 38.68 -28.04
CA ASP E 198 -14.52 37.63 -28.91
C ASP E 198 -13.09 37.25 -28.55
N LEU E 199 -12.22 38.25 -28.41
CA LEU E 199 -10.83 37.96 -28.10
C LEU E 199 -10.69 37.20 -26.79
N GLU E 200 -11.60 37.43 -25.84
CA GLU E 200 -11.44 36.81 -24.53
C GLU E 200 -11.59 35.30 -24.61
N LEU E 201 -12.49 34.82 -25.47
CA LEU E 201 -12.70 33.39 -25.60
C LEU E 201 -11.43 32.65 -25.96
N LYS E 202 -10.49 33.34 -26.60
CA LYS E 202 -9.21 32.78 -26.97
C LYS E 202 -8.11 33.10 -25.98
N LYS E 203 -8.43 33.78 -24.89
CA LYS E 203 -7.43 34.23 -23.92
C LYS E 203 -6.35 35.05 -24.62
N GLU E 204 -6.78 36.05 -25.37
CA GLU E 204 -5.85 36.94 -26.05
C GLU E 204 -5.43 38.02 -25.08
N ARG E 205 -4.32 37.77 -24.41
CA ARG E 205 -3.74 38.71 -23.46
C ARG E 205 -2.73 39.63 -24.09
N ARG E 206 -2.47 39.49 -25.38
CA ARG E 206 -1.45 40.25 -26.07
C ARG E 206 -2.04 40.86 -27.34
N VAL E 207 -1.70 42.11 -27.59
CA VAL E 207 -2.32 42.87 -28.66
C VAL E 207 -1.32 43.86 -29.23
N ILE E 208 -1.46 44.12 -30.53
CA ILE E 208 -0.65 45.11 -31.23
C ILE E 208 -1.62 46.12 -31.80
N LEU E 209 -1.52 47.36 -31.33
CA LEU E 209 -2.41 48.43 -31.76
C LEU E 209 -1.72 49.21 -32.85
N ASP E 210 -1.85 48.72 -34.08
CA ASP E 210 -1.24 49.37 -35.24
C ASP E 210 -2.20 50.38 -35.81
N CYS E 211 -2.20 51.57 -35.22
CA CYS E 211 -3.11 52.63 -35.63
C CYS E 211 -2.49 53.96 -35.29
N GLU E 212 -3.08 55.01 -35.84
CA GLU E 212 -2.62 56.36 -35.54
C GLU E 212 -3.11 56.80 -34.17
N ARG E 213 -2.60 57.94 -33.73
CA ARG E 213 -2.84 58.47 -32.39
C ARG E 213 -4.31 58.42 -32.01
N ASP E 214 -5.17 58.96 -32.87
CA ASP E 214 -6.57 59.15 -32.52
C ASP E 214 -7.26 57.82 -32.20
N LYS E 215 -7.08 56.83 -33.06
CA LYS E 215 -7.75 55.56 -32.83
C LYS E 215 -7.10 54.80 -31.68
N VAL E 216 -5.81 55.01 -31.44
CA VAL E 216 -5.20 54.41 -30.28
C VAL E 216 -5.84 54.94 -29.01
N ASN E 217 -6.09 56.25 -28.96
CA ASN E 217 -6.80 56.80 -27.82
C ASN E 217 -8.21 56.25 -27.72
N ASP E 218 -8.93 56.21 -28.84
CA ASP E 218 -10.30 55.71 -28.82
C ASP E 218 -10.37 54.25 -28.43
N ILE E 219 -9.28 53.50 -28.53
CA ILE E 219 -9.26 52.12 -28.10
C ILE E 219 -8.83 51.99 -26.66
N VAL E 220 -7.81 52.73 -26.26
CA VAL E 220 -7.35 52.72 -24.88
C VAL E 220 -8.45 53.20 -23.95
N ASP E 221 -9.34 54.05 -24.44
CA ASP E 221 -10.47 54.50 -23.65
C ASP E 221 -11.61 53.51 -23.65
N GLN E 222 -11.40 52.32 -24.21
CA GLN E 222 -12.36 51.24 -24.13
C GLN E 222 -11.75 49.95 -23.62
N VAL E 223 -10.42 49.87 -23.54
CA VAL E 223 -9.79 48.84 -22.74
C VAL E 223 -10.01 49.12 -21.26
N ILE E 224 -9.92 50.40 -20.90
CA ILE E 224 -10.05 50.80 -19.50
C ILE E 224 -11.45 50.48 -19.01
N THR E 225 -12.46 50.92 -19.74
CA THR E 225 -13.84 50.72 -19.34
C THR E 225 -14.13 49.27 -18.97
N ILE E 226 -13.57 48.33 -19.72
CA ILE E 226 -13.81 46.92 -19.50
C ILE E 226 -12.72 46.27 -18.66
N GLY E 227 -11.79 47.05 -18.14
CA GLY E 227 -10.85 46.54 -17.17
C GLY E 227 -9.89 45.52 -17.75
N LYS E 228 -9.46 45.72 -18.98
CA LYS E 228 -8.48 44.85 -19.59
C LYS E 228 -7.08 45.45 -19.57
N HIS E 229 -6.90 46.56 -18.85
CA HIS E 229 -5.59 47.12 -18.54
C HIS E 229 -5.18 46.69 -17.14
N VAL E 230 -4.74 45.45 -17.01
CA VAL E 230 -4.35 44.89 -15.73
C VAL E 230 -3.12 44.02 -15.91
N LYS E 231 -2.69 43.38 -14.82
CA LYS E 231 -1.38 42.73 -14.80
C LYS E 231 -1.23 41.73 -15.92
N GLY E 232 -2.32 41.09 -16.31
CA GLY E 232 -2.22 39.99 -17.27
C GLY E 232 -1.92 40.42 -18.69
N TYR E 233 -2.30 41.63 -19.05
CA TYR E 233 -2.32 42.05 -20.45
C TYR E 233 -1.01 42.73 -20.85
N HIS E 234 -0.73 42.67 -22.16
CA HIS E 234 0.39 43.36 -22.77
C HIS E 234 -0.11 44.03 -24.03
N TYR E 235 0.34 45.25 -24.27
CA TYR E 235 -0.03 46.00 -25.46
C TYR E 235 1.23 46.54 -26.12
N ILE E 236 1.26 46.45 -27.44
CA ILE E 236 2.33 47.00 -28.24
C ILE E 236 1.68 48.01 -29.18
N ILE E 237 2.12 49.25 -29.09
CA ILE E 237 1.55 50.33 -29.87
C ILE E 237 2.47 50.57 -31.06
N ALA E 238 2.08 50.01 -32.21
CA ALA E 238 2.92 49.99 -33.40
C ALA E 238 2.82 51.33 -34.09
N ASN E 239 3.55 52.29 -33.54
CA ASN E 239 3.53 53.66 -34.02
C ASN E 239 4.86 54.28 -33.63
N LEU E 240 5.30 55.25 -34.41
CA LEU E 240 6.55 55.93 -34.12
C LEU E 240 6.39 57.03 -33.09
N GLY E 241 5.16 57.32 -32.70
CA GLY E 241 4.92 58.22 -31.60
C GLY E 241 4.19 57.51 -30.48
N PHE E 242 4.90 57.31 -29.37
CA PHE E 242 4.41 56.57 -28.23
C PHE E 242 3.84 57.51 -27.18
N THR E 243 4.57 58.57 -26.88
CA THR E 243 4.11 59.57 -25.93
C THR E 243 2.95 60.39 -26.48
N ASP E 244 2.89 60.58 -27.79
CA ASP E 244 1.94 61.47 -28.42
C ASP E 244 0.54 61.28 -27.87
N GLY E 245 0.17 60.03 -27.58
CA GLY E 245 -1.15 59.76 -27.06
C GLY E 245 -1.28 60.14 -25.60
N ASP E 246 -2.26 59.56 -24.92
CA ASP E 246 -2.46 59.78 -23.49
C ASP E 246 -2.20 58.45 -22.79
N LEU E 247 -1.01 58.30 -22.23
CA LEU E 247 -0.62 57.11 -21.51
C LEU E 247 -0.84 57.23 -20.01
N LEU E 248 -1.21 58.40 -19.51
CA LEU E 248 -1.46 58.55 -18.09
C LEU E 248 -2.63 57.72 -17.62
N LYS E 249 -3.44 57.21 -18.55
CA LYS E 249 -4.58 56.38 -18.17
C LYS E 249 -4.15 54.99 -17.76
N ILE E 250 -3.09 54.46 -18.39
CA ILE E 250 -2.71 53.07 -18.24
C ILE E 250 -1.37 52.90 -17.55
N GLN E 251 -0.73 53.98 -17.12
CA GLN E 251 0.51 53.83 -16.36
C GLN E 251 0.31 52.90 -15.17
N PHE E 252 -0.83 53.03 -14.50
CA PHE E 252 -1.03 52.47 -13.18
C PHE E 252 -1.90 51.23 -13.15
N GLY E 253 -2.54 50.88 -14.26
CA GLY E 253 -3.38 49.70 -14.29
C GLY E 253 -2.63 48.43 -13.97
N GLY E 254 -1.35 48.38 -14.30
CA GLY E 254 -0.53 47.21 -14.08
C GLY E 254 -0.16 46.46 -15.34
N ALA E 255 -0.60 46.91 -16.50
CA ALA E 255 -0.37 46.23 -17.75
C ALA E 255 0.83 46.81 -18.46
N ASN E 256 1.57 45.94 -19.15
CA ASN E 256 2.70 46.40 -19.94
C ASN E 256 2.21 47.25 -21.10
N VAL E 257 3.06 48.17 -21.53
CA VAL E 257 2.81 48.95 -22.72
C VAL E 257 4.15 49.27 -23.35
N SER E 258 4.35 48.82 -24.57
CA SER E 258 5.58 48.99 -25.31
C SER E 258 5.33 49.79 -26.56
N GLY E 259 6.38 50.38 -27.08
CA GLY E 259 6.23 51.23 -28.25
C GLY E 259 7.55 51.76 -28.73
N PHE E 260 7.47 52.63 -29.72
CA PHE E 260 8.64 53.12 -30.42
C PHE E 260 8.57 54.63 -30.51
N GLN E 261 9.74 55.26 -30.49
CA GLN E 261 9.85 56.70 -30.60
C GLN E 261 11.14 57.02 -31.34
N ILE E 262 11.03 57.87 -32.36
CA ILE E 262 12.21 58.32 -33.08
C ILE E 262 12.76 59.60 -32.46
N VAL E 263 11.89 60.42 -31.90
CA VAL E 263 12.29 61.71 -31.32
C VAL E 263 12.77 61.44 -29.90
N ASP E 264 14.09 61.41 -29.71
CA ASP E 264 14.66 61.23 -28.38
C ASP E 264 14.70 62.56 -27.67
N TYR E 265 14.07 62.62 -26.49
CA TYR E 265 13.99 63.87 -25.74
C TYR E 265 15.22 64.12 -24.88
N ASP E 266 16.09 63.12 -24.71
CA ASP E 266 17.33 63.28 -23.98
C ASP E 266 18.48 63.72 -24.88
N ASP E 267 18.17 64.37 -26.00
CA ASP E 267 19.17 64.85 -26.94
C ASP E 267 19.34 66.37 -26.80
N SER E 268 20.39 66.88 -27.46
CA SER E 268 20.70 68.30 -27.37
C SER E 268 19.83 69.13 -28.30
N LEU E 269 19.86 68.81 -29.59
CA LEU E 269 19.02 69.55 -30.55
C LEU E 269 17.57 69.49 -30.14
N VAL E 270 17.11 68.34 -29.67
CA VAL E 270 15.72 68.19 -29.25
C VAL E 270 15.41 69.11 -28.09
N SER E 271 16.31 69.17 -27.10
CA SER E 271 16.07 70.00 -25.94
C SER E 271 16.04 71.48 -26.32
N LYS E 272 16.96 71.91 -27.17
CA LYS E 272 16.94 73.30 -27.62
C LYS E 272 15.67 73.62 -28.39
N PHE E 273 15.24 72.68 -29.25
CA PHE E 273 14.01 72.89 -29.99
C PHE E 273 12.82 72.99 -29.04
N ILE E 274 12.82 72.19 -27.97
CA ILE E 274 11.74 72.28 -27.01
C ILE E 274 11.78 73.62 -26.29
N GLU E 275 12.98 74.11 -25.96
CA GLU E 275 13.09 75.43 -25.37
C GLU E 275 12.42 76.47 -26.28
N ARG E 276 12.66 76.37 -27.59
CA ARG E 276 12.02 77.29 -28.53
C ARG E 276 10.55 76.97 -28.76
N TRP E 277 10.10 75.77 -28.40
CA TRP E 277 8.76 75.30 -28.71
C TRP E 277 7.77 75.68 -27.61
N SER E 278 8.10 75.32 -26.36
CA SER E 278 7.22 75.66 -25.25
C SER E 278 7.02 77.15 -25.13
N THR E 279 8.09 77.93 -25.33
CA THR E 279 8.00 79.39 -25.34
C THR E 279 7.53 79.88 -26.71
N LEU E 280 6.31 79.47 -27.06
CA LEU E 280 5.71 79.82 -28.34
C LEU E 280 4.27 80.28 -28.09
N GLU E 281 3.84 81.25 -28.89
CA GLU E 281 2.53 81.87 -28.73
C GLU E 281 1.50 80.99 -29.42
N GLU E 282 0.75 80.21 -28.63
CA GLU E 282 -0.28 79.36 -29.20
C GLU E 282 -1.29 80.17 -30.02
N LYS E 283 -1.44 81.45 -29.70
CA LYS E 283 -2.22 82.31 -30.57
C LYS E 283 -1.63 82.38 -31.97
N GLU E 284 -0.35 82.05 -32.12
CA GLU E 284 0.32 82.04 -33.41
C GLU E 284 0.79 80.66 -33.84
N TYR E 285 1.21 79.81 -32.90
CA TYR E 285 1.73 78.48 -33.20
C TYR E 285 0.89 77.44 -32.48
N PRO E 286 -0.29 77.10 -33.02
CA PRO E 286 -1.15 76.13 -32.35
C PRO E 286 -0.45 74.80 -32.13
N GLY E 287 -0.65 74.23 -30.94
CA GLY E 287 0.01 73.02 -30.54
C GLY E 287 1.43 73.20 -30.06
N ALA E 288 1.98 74.41 -30.18
CA ALA E 288 3.40 74.62 -29.88
C ALA E 288 3.69 74.68 -28.39
N HIS E 289 2.75 75.13 -27.57
CA HIS E 289 3.07 75.36 -26.16
C HIS E 289 3.47 74.07 -25.46
N THR E 290 2.77 72.98 -25.74
CA THR E 290 3.01 71.74 -25.05
C THR E 290 4.48 71.33 -25.15
N ALA E 291 4.92 70.53 -24.18
CA ALA E 291 6.29 70.02 -24.20
C ALA E 291 6.47 68.89 -25.19
N THR E 292 5.39 68.19 -25.54
CA THR E 292 5.50 67.11 -26.49
C THR E 292 5.50 67.64 -27.92
N ILE E 293 6.13 66.87 -28.80
CA ILE E 293 6.12 67.14 -30.24
C ILE E 293 5.83 65.84 -30.96
N LYS E 294 4.87 65.88 -31.89
CA LYS E 294 4.49 64.71 -32.64
C LYS E 294 5.49 64.44 -33.76
N TYR E 295 5.68 63.17 -34.07
CA TYR E 295 6.73 62.80 -35.00
C TYR E 295 6.49 63.38 -36.38
N THR E 296 5.23 63.56 -36.77
CA THR E 296 4.96 64.17 -38.07
C THR E 296 5.51 65.59 -38.13
N SER E 297 5.29 66.37 -37.08
CA SER E 297 5.82 67.73 -37.04
C SER E 297 7.34 67.72 -37.02
N ALA E 298 7.93 66.80 -36.27
CA ALA E 298 9.38 66.70 -36.23
C ALA E 298 9.95 66.43 -37.60
N LEU E 299 9.33 65.51 -38.34
CA LEU E 299 9.79 65.21 -39.67
C LEU E 299 9.55 66.35 -40.63
N THR E 300 8.50 67.14 -40.41
CA THR E 300 8.30 68.34 -41.22
C THR E 300 9.44 69.34 -41.02
N TYR E 301 9.81 69.57 -39.76
CA TYR E 301 10.92 70.45 -39.45
C TYR E 301 12.21 69.94 -40.08
N ASP E 302 12.50 68.66 -39.89
CA ASP E 302 13.67 68.07 -40.52
C ASP E 302 13.59 68.15 -42.04
N ALA E 303 12.39 68.12 -42.60
CA ALA E 303 12.25 68.23 -44.04
C ALA E 303 12.64 69.62 -44.53
N VAL E 304 12.27 70.65 -43.79
CA VAL E 304 12.74 71.98 -44.13
C VAL E 304 14.26 72.00 -44.12
N GLN E 305 14.86 71.40 -43.09
CA GLN E 305 16.32 71.33 -43.07
C GLN E 305 16.86 70.60 -44.28
N VAL E 306 16.21 69.51 -44.68
CA VAL E 306 16.66 68.72 -45.82
C VAL E 306 16.65 69.55 -47.08
N MET E 307 15.53 70.23 -47.34
CA MET E 307 15.42 71.04 -48.55
C MET E 307 16.48 72.12 -48.57
N THR E 308 16.67 72.82 -47.45
CA THR E 308 17.68 73.87 -47.42
C THR E 308 19.06 73.30 -47.70
N GLU E 309 19.39 72.18 -47.07
CA GLU E 309 20.72 71.60 -47.27
C GLU E 309 20.93 71.22 -48.73
N ALA E 310 19.95 70.56 -49.35
CA ALA E 310 20.12 70.13 -50.73
C ALA E 310 20.25 71.32 -51.67
N PHE E 311 19.38 72.31 -51.49
CA PHE E 311 19.37 73.45 -52.39
C PHE E 311 20.64 74.28 -52.23
N ARG E 312 21.12 74.44 -51.00
CA ARG E 312 22.36 75.14 -50.77
C ARG E 312 23.55 74.37 -51.33
N ASN E 313 23.50 73.04 -51.25
CA ASN E 313 24.54 72.23 -51.88
C ASN E 313 24.55 72.44 -53.39
N LEU E 314 23.36 72.54 -53.99
CA LEU E 314 23.30 72.87 -55.41
C LEU E 314 23.93 74.21 -55.69
N ARG E 315 23.59 75.23 -54.88
CA ARG E 315 24.14 76.56 -55.10
C ARG E 315 25.66 76.54 -55.01
N LYS E 316 26.20 75.86 -54.00
CA LYS E 316 27.65 75.77 -53.85
C LYS E 316 28.27 75.02 -55.03
N GLN E 317 27.63 73.95 -55.48
CA GLN E 317 28.17 73.16 -56.58
C GLN E 317 27.94 73.82 -57.93
N ARG E 318 27.15 74.89 -57.98
CA ARG E 318 26.86 75.66 -59.19
C ARG E 318 25.93 74.90 -60.14
N ILE E 319 25.30 73.82 -59.68
CA ILE E 319 24.34 73.13 -60.54
C ILE E 319 23.26 74.12 -60.99
N GLU E 320 22.95 74.09 -62.28
CA GLU E 320 22.06 75.06 -62.89
C GLU E 320 20.62 74.57 -62.74
N ILE E 321 19.84 75.29 -61.93
CA ILE E 321 18.44 74.97 -61.69
C ILE E 321 17.65 76.27 -61.82
N SER E 322 16.86 76.38 -62.88
CA SER E 322 16.04 77.57 -63.09
C SER E 322 15.05 77.29 -64.21
N ARG E 323 13.83 77.77 -64.03
CA ARG E 323 12.75 77.54 -65.00
C ARG E 323 12.71 78.73 -65.95
N ARG E 324 13.34 78.57 -67.11
CA ARG E 324 13.35 79.61 -68.14
C ARG E 324 12.06 79.49 -68.94
N GLY E 325 11.01 80.14 -68.44
CA GLY E 325 9.72 80.12 -69.10
C GLY E 325 8.58 79.82 -68.16
N ASN E 326 7.73 78.88 -68.56
CA ASN E 326 6.59 78.48 -67.73
C ASN E 326 6.24 77.03 -68.06
N ALA E 327 6.04 76.24 -67.01
CA ALA E 327 5.52 74.89 -67.16
C ALA E 327 4.04 75.00 -67.52
N GLY E 328 3.71 74.71 -68.77
CA GLY E 328 2.38 74.95 -69.29
C GLY E 328 1.29 74.36 -68.42
N ASP E 329 1.23 73.04 -68.35
CA ASP E 329 0.21 72.39 -67.56
C ASP E 329 0.67 70.99 -67.20
N CYS E 330 0.13 70.46 -66.10
CA CYS E 330 0.44 69.10 -65.71
C CYS E 330 -0.03 68.12 -66.77
N LEU E 331 -1.25 68.30 -67.27
CA LEU E 331 -1.80 67.46 -68.32
C LEU E 331 -1.43 68.07 -69.66
N ALA E 332 -0.47 67.46 -70.35
CA ALA E 332 -0.03 67.93 -71.65
C ALA E 332 0.47 66.74 -72.45
N ASN E 333 -0.10 66.53 -73.63
CA ASN E 333 0.27 65.41 -74.48
C ASN E 333 1.16 65.92 -75.60
N PRO E 334 2.42 65.47 -75.69
CA PRO E 334 3.14 64.58 -74.77
C PRO E 334 3.61 65.28 -73.51
N ALA E 335 3.84 64.51 -72.45
CA ALA E 335 4.46 65.05 -71.26
C ALA E 335 5.93 65.33 -71.52
N VAL E 336 6.39 66.52 -71.15
CA VAL E 336 7.76 66.94 -71.42
C VAL E 336 8.42 67.36 -70.11
N PRO E 337 8.91 66.42 -69.32
CA PRO E 337 9.58 66.79 -68.07
C PRO E 337 10.80 67.67 -68.32
N TRP E 338 11.01 68.62 -67.41
CA TRP E 338 12.17 69.48 -67.47
C TRP E 338 13.36 68.78 -66.83
N GLY E 339 14.50 68.80 -67.53
CA GLY E 339 15.59 67.89 -67.24
C GLY E 339 16.47 68.23 -66.08
N GLN E 340 16.24 69.35 -65.39
CA GLN E 340 17.01 69.64 -64.19
C GLN E 340 16.44 68.98 -62.95
N GLY E 341 15.29 68.31 -63.06
CA GLY E 341 14.71 67.66 -61.90
C GLY E 341 15.57 66.55 -61.33
N VAL E 342 16.28 65.82 -62.20
CA VAL E 342 17.18 64.79 -61.73
C VAL E 342 18.21 65.37 -60.77
N GLU E 343 18.72 66.56 -61.08
CA GLU E 343 19.69 67.21 -60.20
C GLU E 343 19.09 67.46 -58.83
N ILE E 344 17.87 67.97 -58.80
CA ILE E 344 17.22 68.27 -57.53
C ILE E 344 17.01 67.00 -56.73
N GLU E 345 16.53 65.95 -57.39
CA GLU E 345 16.30 64.69 -56.67
C GLU E 345 17.60 64.15 -56.12
N ARG E 346 18.67 64.18 -56.92
CA ARG E 346 19.94 63.64 -56.44
C ARG E 346 20.45 64.45 -55.27
N ALA E 347 20.32 65.78 -55.32
CA ALA E 347 20.75 66.61 -54.21
C ALA E 347 19.96 66.29 -52.95
N LEU E 348 18.64 66.13 -53.09
CA LEU E 348 17.81 65.82 -51.94
C LEU E 348 18.18 64.48 -51.34
N LYS E 349 18.46 63.49 -52.18
CA LYS E 349 18.83 62.19 -51.68
C LYS E 349 20.26 62.16 -51.14
N GLN E 350 21.10 63.06 -51.63
CA GLN E 350 22.50 63.13 -51.20
C GLN E 350 22.70 64.22 -50.15
N VAL E 351 22.07 64.03 -48.99
CA VAL E 351 22.24 64.93 -47.85
C VAL E 351 22.29 64.11 -46.59
N GLN E 352 23.17 64.48 -45.66
CA GLN E 352 23.46 63.70 -44.46
C GLN E 352 23.52 64.71 -43.32
N VAL E 353 22.46 64.81 -42.52
CA VAL E 353 22.42 65.78 -41.43
C VAL E 353 21.71 65.19 -40.22
N GLU E 354 21.98 65.79 -39.07
CA GLU E 354 21.27 65.45 -37.85
C GLU E 354 20.08 66.37 -37.66
N GLY E 355 19.07 65.84 -36.99
CA GLY E 355 17.86 66.58 -36.73
C GLY E 355 17.11 65.94 -35.59
N LEU E 356 15.89 66.44 -35.37
CA LEU E 356 15.09 65.98 -34.25
C LEU E 356 14.94 64.47 -34.28
N SER E 357 14.56 63.92 -35.43
CA SER E 357 14.37 62.48 -35.55
C SER E 357 15.67 61.73 -35.34
N GLY E 358 16.79 62.33 -35.71
CA GLY E 358 18.06 61.66 -35.61
C GLY E 358 18.92 61.89 -36.84
N ASN E 359 19.54 60.83 -37.35
CA ASN E 359 20.42 60.98 -38.50
C ASN E 359 19.64 60.71 -39.77
N ILE E 360 19.68 61.64 -40.71
CA ILE E 360 18.85 61.61 -41.90
C ILE E 360 19.74 61.29 -43.10
N LYS E 361 19.56 60.08 -43.63
CA LYS E 361 20.27 59.58 -44.80
C LYS E 361 19.27 58.85 -45.68
N PHE E 362 19.44 58.95 -46.99
CA PHE E 362 18.53 58.34 -47.93
C PHE E 362 19.26 57.39 -48.87
N ASP E 363 18.46 56.63 -49.61
CA ASP E 363 18.94 55.71 -50.62
C ASP E 363 18.83 56.34 -52.00
N GLN E 364 19.10 55.55 -53.03
CA GLN E 364 18.75 55.95 -54.39
C GLN E 364 17.25 55.87 -54.64
N ASN E 365 16.52 55.15 -53.77
CA ASN E 365 15.07 55.00 -53.92
C ASN E 365 14.28 56.03 -53.13
N GLY E 366 14.88 56.63 -52.11
CA GLY E 366 14.24 57.65 -51.31
C GLY E 366 13.97 57.23 -49.88
N LYS E 367 13.96 55.94 -49.59
CA LYS E 367 13.71 55.48 -48.24
C LYS E 367 14.88 55.81 -47.34
N ARG E 368 14.58 56.10 -46.07
CA ARG E 368 15.60 56.47 -45.13
C ARG E 368 16.38 55.26 -44.63
N ILE E 369 17.64 55.50 -44.27
CA ILE E 369 18.53 54.48 -43.75
C ILE E 369 19.40 55.07 -42.66
N ASN E 370 20.16 54.20 -41.99
CA ASN E 370 21.07 54.60 -40.94
C ASN E 370 20.35 55.44 -39.89
N TYR E 371 19.25 54.90 -39.38
CA TYR E 371 18.43 55.56 -38.38
C TYR E 371 18.29 54.66 -37.16
N THR E 372 17.99 55.27 -36.04
CA THR E 372 17.80 54.56 -34.78
C THR E 372 16.38 54.80 -34.29
N ILE E 373 15.69 53.72 -33.97
CA ILE E 373 14.31 53.76 -33.51
C ILE E 373 14.32 53.35 -32.04
N ASN E 374 14.20 54.33 -31.15
CA ASN E 374 14.26 54.03 -29.73
C ASN E 374 13.02 53.28 -29.30
N ILE E 375 13.20 52.35 -28.40
CA ILE E 375 12.11 51.53 -27.88
C ILE E 375 11.80 52.00 -26.47
N MET E 376 10.55 51.88 -26.09
CA MET E 376 10.09 52.42 -24.83
C MET E 376 9.04 51.51 -24.21
N GLU E 377 9.00 51.54 -22.90
CA GLU E 377 7.97 50.89 -22.11
C GLU E 377 7.23 51.95 -21.29
N LEU E 378 6.23 51.49 -20.57
CA LEU E 378 5.46 52.36 -19.69
C LEU E 378 5.60 51.87 -18.26
N LYS E 379 6.09 52.75 -17.39
CA LYS E 379 6.24 52.47 -15.97
C LYS E 379 5.50 53.52 -15.17
N THR E 380 5.18 53.17 -13.93
CA THR E 380 4.41 54.07 -13.07
C THR E 380 5.06 55.43 -12.98
N ASN E 381 6.39 55.47 -12.95
CA ASN E 381 7.10 56.75 -13.01
C ASN E 381 6.83 57.44 -14.33
N GLY E 382 6.77 56.68 -15.42
CA GLY E 382 6.58 57.23 -16.74
C GLY E 382 7.24 56.38 -17.78
N PRO E 383 7.17 56.82 -19.04
CA PRO E 383 7.89 56.11 -20.10
C PRO E 383 9.39 56.11 -19.84
N ARG E 384 10.02 54.99 -20.12
CA ARG E 384 11.46 54.85 -19.98
C ARG E 384 11.99 54.01 -21.14
N LYS E 385 13.09 54.47 -21.70
CA LYS E 385 13.73 53.75 -22.79
C LYS E 385 14.46 52.52 -22.27
N ILE E 386 14.37 51.43 -23.03
CA ILE E 386 15.04 50.18 -22.69
C ILE E 386 16.02 49.74 -23.76
N GLY E 387 15.97 50.34 -24.94
CA GLY E 387 16.85 49.92 -26.00
C GLY E 387 16.56 50.70 -27.26
N TYR E 388 17.17 50.24 -28.34
CA TYR E 388 16.98 50.86 -29.64
C TYR E 388 17.01 49.79 -30.70
N TRP E 389 16.98 50.21 -31.96
CA TRP E 389 16.92 49.27 -33.07
C TRP E 389 17.45 49.97 -34.30
N SER E 390 18.40 49.31 -34.96
CA SER E 390 18.97 49.81 -36.20
C SER E 390 19.01 48.66 -37.20
N GLU E 391 18.82 49.00 -38.48
CA GLU E 391 18.73 47.96 -39.49
C GLU E 391 20.02 47.16 -39.57
N VAL E 392 21.16 47.84 -39.48
CA VAL E 392 22.44 47.15 -39.59
C VAL E 392 22.65 46.21 -38.41
N ASP E 393 22.47 46.71 -37.18
CA ASP E 393 22.91 45.91 -36.04
C ASP E 393 21.89 44.87 -35.60
N LYS E 394 20.84 45.32 -34.93
CA LYS E 394 19.83 44.43 -34.37
C LYS E 394 18.88 45.23 -33.51
N MET E 395 17.93 44.57 -32.87
CA MET E 395 17.40 45.11 -31.63
C MET E 395 18.49 45.11 -30.57
N VAL E 396 18.75 46.27 -30.00
CA VAL E 396 19.83 46.47 -29.05
C VAL E 396 19.23 46.88 -27.71
N VAL E 397 19.78 46.37 -26.63
CA VAL E 397 19.25 46.58 -25.28
C VAL E 397 20.32 47.25 -24.44
N THR E 398 19.92 48.28 -23.69
CA THR E 398 20.79 48.94 -22.73
C THR E 398 20.26 48.77 -21.31
N LEU E 399 19.04 49.19 -21.05
CA LEU E 399 18.45 49.09 -19.72
C LEU E 399 17.58 47.84 -19.61
N VAL E 417 24.76 20.98 -0.55
CA VAL E 417 26.03 20.25 -0.57
C VAL E 417 26.03 19.19 0.51
N VAL E 418 25.21 18.16 0.33
CA VAL E 418 25.12 17.06 1.29
C VAL E 418 26.40 16.24 1.22
N THR E 419 26.57 15.32 2.17
CA THR E 419 27.75 14.48 2.22
C THR E 419 27.29 13.04 2.45
N THR E 420 28.18 12.09 2.18
CA THR E 420 27.86 10.68 2.28
C THR E 420 29.16 9.89 2.27
N ILE E 421 29.05 8.57 2.49
CA ILE E 421 30.20 7.69 2.54
C ILE E 421 29.79 6.34 1.97
N LEU E 422 30.72 5.69 1.27
CA LEU E 422 30.42 4.51 0.47
C LEU E 422 30.06 3.29 1.30
N GLU E 423 30.22 3.33 2.63
CA GLU E 423 29.85 2.21 3.47
C GLU E 423 28.46 1.71 3.11
N SER E 424 28.38 0.46 2.68
CA SER E 424 27.12 -0.12 2.23
C SER E 424 26.35 -0.70 3.39
N PRO E 425 25.02 -0.85 3.25
CA PRO E 425 24.20 -0.46 2.10
C PRO E 425 23.64 0.95 2.20
N TYR E 426 24.47 1.89 2.62
CA TYR E 426 24.04 3.28 2.75
C TYR E 426 24.32 4.07 1.48
N VAL E 427 25.54 4.00 0.96
CA VAL E 427 25.90 4.62 -0.30
C VAL E 427 26.64 3.59 -1.13
N MET E 428 26.21 3.40 -2.38
CA MET E 428 26.93 2.55 -3.31
C MET E 428 26.71 3.10 -4.71
N MET E 429 27.62 2.75 -5.61
CA MET E 429 27.55 3.19 -7.00
C MET E 429 26.73 2.20 -7.80
N LYS E 430 25.69 2.70 -8.47
CA LYS E 430 24.78 1.82 -9.18
C LYS E 430 25.51 1.10 -10.31
N LYS E 431 25.01 -0.08 -10.67
CA LYS E 431 25.61 -0.84 -11.75
C LYS E 431 25.63 0.00 -13.02
N ASN E 432 26.79 0.03 -13.69
CA ASN E 432 26.99 0.85 -14.87
C ASN E 432 26.86 2.34 -14.52
N HIS E 433 27.61 2.75 -13.50
CA HIS E 433 27.59 4.13 -13.06
C HIS E 433 28.33 5.07 -14.01
N GLU E 434 29.11 4.53 -14.95
CA GLU E 434 29.69 5.37 -16.00
C GLU E 434 28.58 6.02 -16.82
N MET E 435 27.52 5.27 -17.12
CA MET E 435 26.38 5.84 -17.84
C MET E 435 25.75 6.98 -17.05
N LEU E 436 25.54 6.78 -15.75
CA LEU E 436 24.98 7.83 -14.91
C LEU E 436 25.98 8.96 -14.73
N GLU E 437 25.46 10.18 -14.67
CA GLU E 437 26.33 11.37 -14.62
C GLU E 437 26.60 11.81 -13.19
N GLY E 438 25.55 12.15 -12.44
CA GLY E 438 25.70 12.62 -11.08
C GLY E 438 24.41 12.68 -10.31
N ASN E 439 24.44 12.27 -9.05
CA ASN E 439 23.31 12.22 -8.15
C ASN E 439 22.31 11.13 -8.52
N GLU E 440 22.54 10.40 -9.62
CA GLU E 440 21.71 9.27 -10.00
C GLU E 440 22.50 7.97 -10.10
N ARG E 441 23.84 8.04 -10.14
CA ARG E 441 24.65 6.84 -10.08
C ARG E 441 24.61 6.21 -8.70
N TYR E 442 24.54 7.02 -7.65
CA TYR E 442 24.53 6.52 -6.28
C TYR E 442 23.22 5.80 -5.97
N GLU E 443 23.31 4.80 -5.11
CA GLU E 443 22.13 4.11 -4.60
C GLU E 443 22.41 3.67 -3.17
N GLY E 444 21.34 3.43 -2.43
CA GLY E 444 21.46 2.92 -1.08
C GLY E 444 20.36 3.48 -0.20
N TYR E 445 20.62 3.41 1.11
CA TYR E 445 19.69 3.87 2.13
C TYR E 445 19.82 5.36 2.39
N CYS E 446 21.05 5.83 2.61
CA CYS E 446 21.27 7.24 2.89
C CYS E 446 20.80 8.11 1.74
N VAL E 447 20.90 7.63 0.50
CA VAL E 447 20.52 8.45 -0.64
C VAL E 447 19.01 8.64 -0.70
N ASP E 448 18.25 7.55 -0.52
CA ASP E 448 16.80 7.69 -0.44
C ASP E 448 16.39 8.57 0.73
N LEU E 449 17.12 8.43 1.85
CA LEU E 449 16.82 9.27 3.01
C LEU E 449 17.02 10.74 2.68
N ALA E 450 18.13 11.07 2.03
CA ALA E 450 18.39 12.45 1.65
C ALA E 450 17.34 12.95 0.68
N ALA E 451 16.90 12.09 -0.23
CA ALA E 451 15.83 12.46 -1.14
C ALA E 451 14.58 12.87 -0.38
N GLU E 452 14.14 12.02 0.56
CA GLU E 452 12.94 12.33 1.33
C GLU E 452 13.13 13.56 2.21
N ILE E 453 14.33 13.74 2.77
CA ILE E 453 14.61 14.91 3.60
C ILE E 453 14.50 16.19 2.78
N ALA E 454 15.12 16.19 1.59
CA ALA E 454 15.03 17.35 0.71
C ALA E 454 13.58 17.60 0.30
N LYS E 455 12.83 16.52 0.04
CA LYS E 455 11.43 16.68 -0.32
C LYS E 455 10.63 17.34 0.79
N HIS E 456 10.85 16.92 2.04
CA HIS E 456 10.12 17.50 3.16
C HIS E 456 10.66 18.87 3.56
N CYS E 457 11.86 19.23 3.11
CA CYS E 457 12.41 20.55 3.38
C CYS E 457 12.46 21.45 2.15
N GLY E 458 12.52 20.88 0.95
CA GLY E 458 12.44 21.61 -0.29
C GLY E 458 13.76 21.81 -0.99
N PHE E 459 14.83 22.04 -0.24
CA PHE E 459 16.12 22.39 -0.83
C PHE E 459 16.55 21.33 -1.85
N LYS E 460 17.48 21.74 -2.72
CA LYS E 460 18.09 20.86 -3.70
C LYS E 460 19.49 20.49 -3.25
N TYR E 461 19.90 19.26 -3.59
CA TYR E 461 21.13 18.69 -3.07
C TYR E 461 21.90 18.00 -4.19
N LYS E 462 23.21 17.93 -4.01
CA LYS E 462 24.10 17.17 -4.88
C LYS E 462 24.95 16.26 -4.00
N LEU E 463 24.70 14.95 -4.10
CA LEU E 463 25.44 14.00 -3.27
C LEU E 463 26.92 14.07 -3.59
N THR E 464 27.75 13.98 -2.55
CA THR E 464 29.19 14.07 -2.68
C THR E 464 29.86 13.01 -1.81
N ILE E 465 31.19 13.01 -1.84
CA ILE E 465 32.02 12.15 -1.02
C ILE E 465 33.19 12.98 -0.51
N VAL E 466 33.82 12.49 0.56
CA VAL E 466 34.90 13.20 1.23
C VAL E 466 36.17 12.37 1.30
N GLY E 467 36.05 11.10 1.70
CA GLY E 467 37.24 10.34 2.01
C GLY E 467 37.98 10.96 3.19
N ASP E 468 39.29 10.81 3.18
CA ASP E 468 40.16 11.43 4.18
C ASP E 468 39.76 11.02 5.60
N GLY E 469 39.41 9.75 5.77
CA GLY E 469 39.03 9.24 7.07
C GLY E 469 37.71 8.48 7.04
N LYS E 470 36.80 8.95 6.19
CA LYS E 470 35.48 8.39 5.93
C LYS E 470 34.50 8.68 7.07
N TYR E 471 34.95 9.26 8.18
CA TYR E 471 34.06 9.59 9.28
C TYR E 471 34.71 10.68 10.12
N GLY E 472 33.96 11.15 11.11
CA GLY E 472 34.46 12.21 11.96
C GLY E 472 35.40 11.71 13.05
N ALA E 473 36.34 12.57 13.41
CA ALA E 473 37.29 12.31 14.48
C ALA E 473 38.15 13.56 14.62
N ARG E 474 39.01 13.55 15.64
CA ARG E 474 39.89 14.68 15.90
C ARG E 474 41.28 14.18 16.23
N ASP E 475 42.29 14.93 15.77
CA ASP E 475 43.67 14.69 16.12
C ASP E 475 44.02 15.56 17.31
N ALA E 476 44.40 14.92 18.43
CA ALA E 476 44.65 15.67 19.66
C ALA E 476 45.71 16.74 19.46
N ASP E 477 46.71 16.46 18.62
CA ASP E 477 47.76 17.45 18.36
C ASP E 477 47.30 18.49 17.36
N THR E 478 46.93 18.06 16.15
CA THR E 478 46.48 19.00 15.13
C THR E 478 45.22 19.75 15.56
N LYS E 479 44.37 19.11 16.36
CA LYS E 479 43.13 19.72 16.81
C LYS E 479 42.27 20.15 15.63
N ILE E 480 42.32 19.38 14.55
CA ILE E 480 41.56 19.64 13.34
C ILE E 480 40.66 18.44 13.07
N TRP E 481 39.37 18.70 12.87
CA TRP E 481 38.43 17.63 12.61
C TRP E 481 38.60 17.11 11.19
N ASN E 482 38.35 15.82 11.02
CA ASN E 482 38.53 15.14 9.74
C ASN E 482 37.23 14.48 9.31
N GLY E 483 37.05 14.33 8.01
CA GLY E 483 35.90 13.62 7.50
C GLY E 483 34.67 14.51 7.36
N MET E 484 33.51 13.86 7.46
CA MET E 484 32.24 14.60 7.39
C MET E 484 32.16 15.67 8.47
N VAL E 485 32.55 15.33 9.69
CA VAL E 485 32.54 16.31 10.77
C VAL E 485 33.48 17.46 10.44
N GLY E 486 34.67 17.12 9.96
CA GLY E 486 35.63 18.17 9.61
C GLY E 486 35.11 19.12 8.58
N GLU E 487 34.44 18.59 7.54
CA GLU E 487 33.96 19.45 6.47
C GLU E 487 32.75 20.27 6.91
N LEU E 488 31.86 19.68 7.70
CA LEU E 488 30.70 20.42 8.20
C LEU E 488 31.15 21.56 9.10
N VAL E 489 32.15 21.33 9.94
CA VAL E 489 32.63 22.39 10.83
C VAL E 489 33.20 23.54 10.02
N TYR E 490 33.84 23.24 8.90
CA TYR E 490 34.58 24.23 8.12
C TYR E 490 33.84 24.70 6.89
N GLY E 491 32.55 24.38 6.77
CA GLY E 491 31.72 24.93 5.70
C GLY E 491 31.84 24.24 4.37
N LYS E 492 32.64 23.18 4.26
CA LYS E 492 32.79 22.48 2.98
C LYS E 492 31.53 21.75 2.57
N ALA E 493 30.53 21.66 3.44
CA ALA E 493 29.29 20.98 3.11
C ALA E 493 28.17 21.58 3.93
N ASP E 494 26.93 21.35 3.48
CA ASP E 494 25.77 21.88 4.17
C ASP E 494 25.35 20.96 5.31
N ILE E 495 25.08 19.68 4.99
CA ILE E 495 24.71 18.68 5.99
C ILE E 495 25.37 17.36 5.63
N ALA E 496 25.41 16.46 6.60
CA ALA E 496 25.93 15.12 6.42
C ALA E 496 24.81 14.12 6.65
N ILE E 497 24.53 13.31 5.64
CA ILE E 497 23.51 12.28 5.71
C ILE E 497 24.21 10.95 5.51
N ALA E 498 24.38 10.20 6.59
CA ALA E 498 25.18 8.99 6.55
C ALA E 498 25.07 8.26 7.88
N PRO E 499 25.56 7.03 7.96
CA PRO E 499 25.62 6.37 9.27
C PRO E 499 26.63 7.02 10.17
N LEU E 500 26.34 8.24 10.61
CA LEU E 500 27.22 8.99 11.48
C LEU E 500 26.74 8.83 12.91
N THR E 501 27.62 8.36 13.78
CA THR E 501 27.23 7.95 15.12
C THR E 501 27.12 9.16 16.03
N ILE E 502 26.08 9.18 16.86
CA ILE E 502 25.89 10.27 17.79
C ILE E 502 26.85 10.09 18.97
N THR E 503 27.58 11.15 19.29
CA THR E 503 28.59 11.09 20.33
C THR E 503 28.75 12.47 20.94
N LEU E 504 29.30 12.49 22.15
CA LEU E 504 29.42 13.73 22.90
C LEU E 504 30.34 14.73 22.19
N VAL E 505 31.52 14.26 21.78
CA VAL E 505 32.51 15.17 21.22
C VAL E 505 31.98 15.85 19.97
N ARG E 506 31.20 15.13 19.17
CA ARG E 506 30.69 15.70 17.93
C ARG E 506 29.55 16.68 18.19
N GLU E 507 28.67 16.38 19.15
CA GLU E 507 27.57 17.27 19.44
C GLU E 507 28.04 18.61 19.98
N GLU E 508 29.25 18.67 20.54
CA GLU E 508 29.81 19.92 21.02
C GLU E 508 30.21 20.86 19.90
N VAL E 509 30.31 20.38 18.66
CA VAL E 509 30.84 21.17 17.57
C VAL E 509 29.89 21.17 16.39
N ILE E 510 28.92 20.27 16.40
CA ILE E 510 27.85 20.22 15.40
C ILE E 510 26.54 19.91 16.12
N ASP E 511 25.47 19.83 15.33
CA ASP E 511 24.14 19.55 15.87
C ASP E 511 23.57 18.35 15.14
N PHE E 512 23.06 17.40 15.89
CA PHE E 512 22.48 16.18 15.33
C PHE E 512 20.97 16.29 15.28
N SER E 513 20.38 15.36 14.56
CA SER E 513 18.94 15.15 14.59
C SER E 513 18.61 14.02 15.55
N LYS E 514 17.33 13.77 15.73
CA LYS E 514 16.93 12.58 16.46
C LYS E 514 17.29 11.35 15.62
N PRO E 515 17.75 10.27 16.24
CA PRO E 515 18.23 9.13 15.46
C PRO E 515 17.19 8.63 14.48
N PHE E 516 17.61 8.46 13.23
CA PHE E 516 16.77 7.82 12.23
C PHE E 516 16.93 6.32 12.22
N MET E 517 17.87 5.79 12.99
CA MET E 517 18.07 4.34 13.09
C MET E 517 18.84 4.07 14.37
N SER E 518 18.22 3.34 15.28
CA SER E 518 18.83 2.96 16.54
C SER E 518 19.38 1.54 16.43
N LEU E 519 20.49 1.30 17.11
CA LEU E 519 21.22 0.06 16.97
C LEU E 519 22.03 -0.17 18.25
N GLY E 520 22.93 -1.14 18.20
CA GLY E 520 23.79 -1.44 19.33
C GLY E 520 24.70 -2.58 18.98
N ILE E 521 25.55 -2.93 19.95
CA ILE E 521 26.51 -4.01 19.73
C ILE E 521 25.79 -5.35 19.78
N SER E 522 26.27 -6.29 18.98
CA SER E 522 25.65 -7.60 18.83
C SER E 522 26.73 -8.61 18.47
N ILE E 523 26.32 -9.87 18.39
CA ILE E 523 27.21 -11.01 18.30
C ILE E 523 26.95 -11.74 16.98
N MET E 524 28.01 -11.91 16.20
CA MET E 524 27.99 -12.63 14.93
C MET E 524 28.69 -13.95 15.11
N ILE E 525 28.03 -15.04 14.68
CA ILE E 525 28.61 -16.37 14.73
C ILE E 525 28.37 -17.04 13.39
N LYS E 526 29.15 -18.10 13.14
CA LYS E 526 28.91 -18.92 11.97
C LYS E 526 27.69 -19.79 12.21
N LYS E 527 26.89 -19.97 11.17
CA LYS E 527 25.64 -20.69 11.32
C LYS E 527 25.93 -22.13 11.76
N PRO E 528 25.29 -22.63 12.81
CA PRO E 528 25.48 -24.03 13.17
C PRO E 528 25.11 -24.93 12.01
N GLN E 529 25.98 -25.89 11.72
CA GLN E 529 25.79 -26.83 10.64
C GLN E 529 25.41 -28.19 11.17
N LYS E 530 25.00 -29.07 10.27
CA LYS E 530 24.78 -30.46 10.64
C LYS E 530 26.10 -31.01 11.15
N SER E 531 26.18 -31.24 12.46
CA SER E 531 27.43 -31.69 13.05
C SER E 531 27.82 -33.05 12.51
N LYS E 532 29.10 -33.24 12.25
CA LYS E 532 29.57 -34.54 11.83
C LYS E 532 29.20 -35.56 12.91
N PRO E 533 28.52 -36.65 12.55
CA PRO E 533 28.07 -37.57 13.60
C PRO E 533 29.24 -38.10 14.41
N GLY E 534 29.04 -38.19 15.72
CA GLY E 534 30.07 -38.63 16.61
C GLY E 534 30.01 -40.12 16.88
N VAL E 535 31.18 -40.70 17.11
CA VAL E 535 31.23 -42.08 17.56
C VAL E 535 30.46 -42.17 18.87
N PHE E 536 29.59 -43.17 18.97
CA PHE E 536 28.68 -43.32 20.09
C PHE E 536 27.54 -42.31 20.02
N SER E 537 27.17 -41.89 18.82
CA SER E 537 25.95 -41.14 18.61
C SER E 537 24.71 -42.03 18.65
N PHE E 538 24.89 -43.34 18.70
CA PHE E 538 23.77 -44.26 18.82
C PHE E 538 23.19 -44.31 20.23
N LEU E 539 23.84 -43.66 21.19
CA LEU E 539 23.31 -43.54 22.54
C LEU E 539 22.51 -42.26 22.75
N ASP E 540 22.49 -41.37 21.77
CA ASP E 540 21.91 -40.04 21.92
C ASP E 540 20.41 -40.07 22.20
N PRO E 541 19.67 -41.03 21.64
CA PRO E 541 18.22 -41.06 21.89
C PRO E 541 17.85 -41.17 23.35
N LEU E 542 18.73 -41.70 24.20
CA LEU E 542 18.49 -41.80 25.62
C LEU E 542 19.61 -41.10 26.38
N ALA E 543 19.25 -40.45 27.47
CA ALA E 543 20.24 -39.76 28.29
C ALA E 543 21.14 -40.76 28.99
N TYR E 544 22.36 -40.30 29.30
CA TYR E 544 23.34 -41.17 29.93
C TYR E 544 22.79 -41.78 31.22
N GLU E 545 22.03 -41.01 31.98
CA GLU E 545 21.49 -41.51 33.23
C GLU E 545 20.59 -42.71 32.99
N ILE E 546 19.82 -42.69 31.90
CA ILE E 546 18.98 -43.84 31.57
C ILE E 546 19.85 -45.06 31.30
N TRP E 547 20.95 -44.88 30.58
CA TRP E 547 21.83 -46.00 30.27
C TRP E 547 22.42 -46.60 31.54
N MET E 548 22.87 -45.75 32.47
CA MET E 548 23.44 -46.25 33.71
C MET E 548 22.39 -46.94 34.57
N CYS E 549 21.19 -46.37 34.64
CA CYS E 549 20.11 -47.05 35.35
C CYS E 549 19.78 -48.38 34.71
N ILE E 550 19.89 -48.47 33.38
CA ILE E 550 19.67 -49.74 32.68
C ILE E 550 20.72 -50.75 33.11
N VAL E 551 21.98 -50.33 33.14
CA VAL E 551 23.06 -51.24 33.52
C VAL E 551 22.80 -51.78 34.92
N PHE E 552 22.53 -50.89 35.87
CA PHE E 552 22.39 -51.31 37.25
C PHE E 552 21.08 -52.04 37.52
N ALA E 553 20.04 -51.77 36.75
CA ALA E 553 18.83 -52.58 36.83
C ALA E 553 19.08 -53.98 36.30
N TYR E 554 19.90 -54.11 35.25
CA TYR E 554 20.32 -55.42 34.79
C TYR E 554 21.04 -56.18 35.90
N ILE E 555 22.00 -55.51 36.55
CA ILE E 555 22.72 -56.14 37.65
C ILE E 555 21.74 -56.57 38.75
N GLY E 556 20.85 -55.67 39.14
CA GLY E 556 19.94 -55.97 40.24
C GLY E 556 18.97 -57.08 39.92
N VAL E 557 18.42 -57.08 38.72
CA VAL E 557 17.50 -58.14 38.31
C VAL E 557 18.22 -59.48 38.31
N SER E 558 19.44 -59.52 37.78
CA SER E 558 20.21 -60.75 37.81
C SER E 558 20.43 -61.23 39.24
N VAL E 559 20.80 -60.30 40.12
CA VAL E 559 21.10 -60.66 41.50
C VAL E 559 19.85 -61.21 42.20
N VAL E 560 18.73 -60.52 42.02
CA VAL E 560 17.49 -60.94 42.68
C VAL E 560 17.04 -62.29 42.15
N LEU E 561 17.18 -62.53 40.85
CA LEU E 561 16.85 -63.83 40.30
C LEU E 561 17.74 -64.91 40.90
N PHE E 562 19.04 -64.61 41.02
CA PHE E 562 19.97 -65.55 41.61
C PHE E 562 19.57 -65.90 43.04
N LEU E 563 19.28 -64.89 43.86
CA LEU E 563 18.91 -65.13 45.24
C LEU E 563 17.62 -65.93 45.33
N VAL E 564 16.59 -65.47 44.64
CA VAL E 564 15.28 -66.10 44.67
C VAL E 564 15.36 -67.55 44.19
N SER E 565 16.26 -67.86 43.28
CA SER E 565 16.39 -69.21 42.76
C SER E 565 17.29 -70.08 43.60
N ARG E 566 18.19 -69.48 44.37
CA ARG E 566 19.08 -70.24 45.23
C ARG E 566 18.40 -70.62 46.54
N PHE E 567 17.87 -69.63 47.26
CA PHE E 567 17.33 -69.87 48.59
C PHE E 567 15.83 -70.16 48.60
N SER E 568 15.14 -70.02 47.46
CA SER E 568 13.75 -70.44 47.34
C SER E 568 13.57 -71.18 46.02
N PRO E 569 14.25 -72.31 45.85
CA PRO E 569 14.21 -73.01 44.56
C PRO E 569 12.91 -73.74 44.33
N TYR E 570 12.69 -74.09 43.05
CA TYR E 570 11.53 -74.89 42.68
C TYR E 570 11.58 -76.26 43.33
N GLU E 571 12.76 -76.87 43.38
CA GLU E 571 12.91 -78.19 43.98
C GLU E 571 12.14 -79.24 43.20
N GLU E 587 20.02 -78.65 40.85
CA GLU E 587 18.59 -78.80 40.59
C GLU E 587 18.02 -77.50 40.00
N SER E 588 17.67 -76.57 40.89
CA SER E 588 17.11 -75.29 40.49
C SER E 588 18.09 -74.13 40.70
N THR E 589 19.29 -74.41 41.22
CA THR E 589 20.32 -73.40 41.37
C THR E 589 21.52 -73.64 40.47
N ASN E 590 21.81 -74.89 40.10
CA ASN E 590 22.72 -75.11 38.99
C ASN E 590 22.21 -74.42 37.74
N GLU E 591 20.89 -74.25 37.65
CA GLU E 591 20.27 -73.34 36.71
C GLU E 591 19.89 -72.07 37.46
N PHE E 592 20.22 -70.92 36.87
CA PHE E 592 19.99 -69.62 37.49
C PHE E 592 20.95 -69.37 38.66
N GLY E 593 22.20 -69.73 38.48
CA GLY E 593 23.26 -69.09 39.22
C GLY E 593 23.38 -67.65 38.77
N ILE E 594 24.47 -67.01 39.20
CA ILE E 594 24.67 -65.62 38.84
C ILE E 594 25.00 -65.49 37.36
N PHE E 595 25.85 -66.37 36.84
CA PHE E 595 26.26 -66.29 35.45
C PHE E 595 25.07 -66.49 34.52
N ASN E 596 24.31 -67.56 34.72
CA ASN E 596 23.17 -67.84 33.89
C ASN E 596 22.05 -66.83 34.11
N SER E 597 21.97 -66.24 35.30
CA SER E 597 21.01 -65.17 35.55
C SER E 597 21.35 -63.94 34.71
N LEU E 598 22.61 -63.53 34.72
CA LEU E 598 23.04 -62.43 33.86
C LEU E 598 22.75 -62.74 32.40
N TRP E 599 23.03 -63.97 31.97
CA TRP E 599 22.77 -64.34 30.58
C TRP E 599 21.28 -64.25 30.24
N PHE E 600 20.42 -64.76 31.12
CA PHE E 600 18.99 -64.70 30.87
C PHE E 600 18.52 -63.26 30.77
N SER E 601 18.98 -62.41 31.69
CA SER E 601 18.57 -61.02 31.68
C SER E 601 19.03 -60.32 30.40
N LEU E 602 20.27 -60.58 29.99
CA LEU E 602 20.79 -59.97 28.77
C LEU E 602 20.02 -60.42 27.55
N GLY E 603 19.73 -61.72 27.44
CA GLY E 603 18.92 -62.20 26.35
C GLY E 603 17.52 -61.61 26.34
N ALA E 604 16.96 -61.36 27.52
CA ALA E 604 15.68 -60.68 27.59
C ALA E 604 15.78 -59.25 27.07
N PHE E 605 16.80 -58.51 27.50
CA PHE E 605 16.91 -57.11 27.11
C PHE E 605 17.06 -56.95 25.60
N MET E 606 17.70 -57.89 24.94
CA MET E 606 17.98 -57.80 23.51
C MET E 606 16.92 -58.48 22.66
N ARG E 607 15.76 -58.80 23.24
CA ARG E 607 14.64 -59.38 22.53
C ARG E 607 14.94 -60.74 21.95
N GLN E 608 16.05 -61.36 22.36
CA GLN E 608 16.34 -62.72 22.00
C GLN E 608 15.52 -63.64 22.90
N GLY E 609 15.83 -64.93 22.89
CA GLY E 609 15.10 -65.91 23.65
C GLY E 609 15.81 -66.30 24.92
N CYS E 610 15.68 -67.58 25.28
CA CYS E 610 16.26 -68.07 26.52
C CYS E 610 16.38 -69.59 26.42
N ASP E 611 17.54 -70.11 26.82
CA ASP E 611 17.68 -71.55 27.01
C ASP E 611 17.10 -72.02 28.33
N ILE E 612 16.63 -71.09 29.18
CA ILE E 612 16.00 -71.42 30.45
C ILE E 612 15.05 -70.29 30.80
N SER E 613 13.90 -70.66 31.34
CA SER E 613 12.98 -69.68 31.90
C SER E 613 12.58 -70.11 33.30
N PRO E 614 12.37 -69.16 34.22
CA PRO E 614 12.06 -69.52 35.60
C PRO E 614 10.75 -70.28 35.72
N ARG E 615 10.69 -71.17 36.71
CA ARG E 615 9.50 -71.95 36.99
C ARG E 615 8.79 -71.54 38.27
N SER E 616 9.46 -70.80 39.14
CA SER E 616 8.88 -70.34 40.39
C SER E 616 8.20 -68.99 40.21
N LEU E 617 7.22 -68.72 41.07
CA LEU E 617 6.45 -67.50 40.94
C LEU E 617 7.31 -66.26 41.14
N SER E 618 8.29 -66.33 42.03
CA SER E 618 9.13 -65.18 42.30
C SER E 618 10.07 -64.88 41.13
N GLY E 619 10.74 -65.91 40.61
CA GLY E 619 11.57 -65.71 39.44
C GLY E 619 10.76 -65.26 38.25
N ARG E 620 9.54 -65.77 38.13
CA ARG E 620 8.68 -65.37 37.03
C ARG E 620 8.22 -63.93 37.17
N ILE E 621 7.98 -63.47 38.38
CA ILE E 621 7.67 -62.06 38.62
C ILE E 621 8.83 -61.19 38.17
N VAL E 622 10.04 -61.57 38.59
CA VAL E 622 11.23 -60.82 38.20
C VAL E 622 11.34 -60.76 36.68
N GLY E 623 11.19 -61.91 36.03
CA GLY E 623 11.27 -61.97 34.58
C GLY E 623 10.21 -61.12 33.90
N GLY E 624 8.98 -61.17 34.41
CA GLY E 624 7.91 -60.38 33.81
C GLY E 624 8.18 -58.90 33.86
N VAL E 625 8.60 -58.40 35.02
CA VAL E 625 8.85 -56.96 35.12
C VAL E 625 10.06 -56.57 34.27
N TRP E 626 11.09 -57.43 34.23
CA TRP E 626 12.22 -57.17 33.35
C TRP E 626 11.79 -57.13 31.89
N TRP E 627 10.85 -58.00 31.52
CA TRP E 627 10.35 -58.05 30.16
C TRP E 627 9.60 -56.77 29.80
N PHE E 628 8.73 -56.31 30.69
CA PHE E 628 8.03 -55.05 30.49
C PHE E 628 9.03 -53.90 30.34
N PHE E 629 10.01 -53.83 31.23
CA PHE E 629 11.03 -52.80 31.16
C PHE E 629 11.73 -52.82 29.82
N THR E 630 12.16 -54.00 29.36
CA THR E 630 12.86 -54.12 28.10
C THR E 630 11.99 -53.64 26.95
N LEU E 631 10.72 -54.07 26.92
CA LEU E 631 9.84 -53.67 25.85
C LEU E 631 9.72 -52.16 25.78
N ILE E 632 9.44 -51.53 26.91
CA ILE E 632 9.26 -50.08 26.92
C ILE E 632 10.53 -49.38 26.47
N ILE E 633 11.69 -49.82 26.96
CA ILE E 633 12.93 -49.11 26.68
C ILE E 633 13.30 -49.24 25.20
N ILE E 634 13.17 -50.43 24.63
CA ILE E 634 13.49 -50.58 23.21
C ILE E 634 12.54 -49.77 22.35
N SER E 635 11.25 -49.80 22.67
CA SER E 635 10.31 -49.00 21.91
C SER E 635 10.66 -47.52 21.99
N SER E 636 11.00 -47.04 23.18
CA SER E 636 11.35 -45.63 23.35
C SER E 636 12.60 -45.27 22.55
N TYR E 637 13.61 -46.13 22.58
CA TYR E 637 14.82 -45.86 21.81
C TYR E 637 14.50 -45.73 20.33
N THR E 638 13.77 -46.70 19.78
CA THR E 638 13.46 -46.66 18.36
C THR E 638 12.64 -45.43 18.01
N ALA E 639 11.66 -45.10 18.83
CA ALA E 639 10.78 -43.98 18.55
C ALA E 639 11.54 -42.65 18.58
N ASN E 640 12.36 -42.45 19.61
CA ASN E 640 13.09 -41.20 19.70
C ASN E 640 14.15 -41.09 18.62
N LEU E 641 14.74 -42.21 18.20
CA LEU E 641 15.66 -42.17 17.08
C LEU E 641 14.94 -41.80 15.80
N ALA E 642 13.73 -42.31 15.59
CA ALA E 642 12.95 -41.89 14.43
C ALA E 642 12.68 -40.40 14.47
N ALA E 643 12.32 -39.88 15.65
CA ALA E 643 12.16 -38.44 15.80
C ALA E 643 13.42 -37.69 15.39
N PHE E 644 14.56 -38.10 15.94
CA PHE E 644 15.82 -37.43 15.63
C PHE E 644 16.08 -37.42 14.13
N LEU E 645 15.91 -38.56 13.47
CA LEU E 645 16.22 -38.66 12.05
C LEU E 645 15.19 -37.97 11.18
N THR E 646 13.99 -37.72 11.70
CA THR E 646 12.95 -37.08 10.91
C THR E 646 13.02 -35.56 10.98
N VAL E 647 13.38 -35.01 12.12
CA VAL E 647 13.40 -33.57 12.35
C VAL E 647 14.82 -33.16 12.68
N GLU E 648 15.43 -32.35 11.82
CA GLU E 648 16.74 -31.79 12.10
C GLU E 648 16.57 -30.52 12.93
N ARG E 649 17.32 -30.44 14.03
CA ARG E 649 17.32 -29.26 14.89
C ARG E 649 18.76 -28.92 15.24
N MET E 650 19.23 -27.80 14.73
CA MET E 650 20.57 -27.30 15.00
C MET E 650 20.46 -26.22 16.06
N VAL E 651 21.04 -26.47 17.23
CA VAL E 651 20.99 -25.54 18.35
C VAL E 651 22.25 -24.68 18.32
N SER E 652 22.08 -23.38 18.38
CA SER E 652 23.21 -22.48 18.52
C SER E 652 23.77 -22.61 19.93
N PRO E 653 25.08 -22.76 20.09
CA PRO E 653 25.63 -22.84 21.45
C PRO E 653 25.36 -21.61 22.29
N ILE E 654 25.07 -20.48 21.66
CA ILE E 654 24.96 -19.20 22.33
C ILE E 654 23.60 -18.58 22.02
N GLU E 655 22.93 -18.09 23.05
CA GLU E 655 21.71 -17.32 22.89
C GLU E 655 21.76 -16.00 23.66
N SER E 656 22.93 -15.60 24.13
CA SER E 656 23.09 -14.41 24.94
C SER E 656 24.58 -14.09 25.02
N ALA E 657 24.94 -13.16 25.89
CA ALA E 657 26.33 -12.78 26.09
C ALA E 657 26.96 -13.42 27.32
N GLU E 658 26.19 -13.64 28.38
CA GLU E 658 26.73 -14.36 29.54
C GLU E 658 27.17 -15.75 29.15
N ASP E 659 26.37 -16.44 28.33
CA ASP E 659 26.78 -17.72 27.78
C ASP E 659 28.13 -17.61 27.09
N LEU E 660 28.38 -16.47 26.45
CA LEU E 660 29.63 -16.27 25.74
C LEU E 660 30.80 -16.04 26.69
N SER E 661 30.53 -15.39 27.83
CA SER E 661 31.61 -15.16 28.80
C SER E 661 31.97 -16.45 29.52
N LYS E 662 30.97 -17.23 29.91
CA LYS E 662 31.24 -18.49 30.59
C LYS E 662 32.02 -19.45 29.69
N GLN E 663 31.65 -19.52 28.42
CA GLN E 663 32.34 -20.42 27.51
C GLN E 663 33.78 -19.97 27.31
N THR E 664 34.68 -20.95 27.25
CA THR E 664 36.07 -20.72 26.90
C THR E 664 36.48 -21.37 25.59
N GLU E 665 35.71 -22.33 25.10
CA GLU E 665 36.01 -22.96 23.81
C GLU E 665 35.89 -21.94 22.68
N ILE E 666 34.88 -21.08 22.73
CA ILE E 666 34.66 -20.07 21.71
C ILE E 666 35.46 -18.83 22.07
N ALA E 667 36.14 -18.27 21.07
CA ALA E 667 36.91 -17.05 21.24
C ALA E 667 36.16 -15.89 20.60
N TYR E 668 36.31 -14.71 21.19
CA TYR E 668 35.61 -13.52 20.69
C TYR E 668 36.49 -12.29 20.87
N GLY E 669 36.46 -11.42 19.86
CA GLY E 669 37.20 -10.17 19.94
C GLY E 669 36.60 -9.13 19.02
N THR E 670 36.91 -7.87 19.33
CA THR E 670 36.38 -6.73 18.61
C THR E 670 37.40 -6.25 17.57
N LEU E 671 37.14 -5.09 16.99
CA LEU E 671 38.09 -4.43 16.11
C LEU E 671 39.02 -3.58 16.95
N ASP E 672 40.32 -3.73 16.73
CA ASP E 672 41.31 -3.01 17.52
C ASP E 672 41.30 -1.53 17.19
N SER E 673 41.45 -0.69 18.21
CA SER E 673 41.39 0.76 18.06
C SER E 673 40.05 1.19 17.49
N GLY E 674 39.00 0.96 18.27
CA GLY E 674 37.65 1.31 17.88
C GLY E 674 36.81 1.69 19.08
N SER E 675 35.57 2.07 18.80
CA SER E 675 34.65 2.48 19.85
C SER E 675 34.13 1.30 20.66
N THR E 676 34.02 0.13 20.04
CA THR E 676 33.55 -1.06 20.76
C THR E 676 34.54 -1.47 21.85
N LYS E 677 35.83 -1.49 21.51
CA LYS E 677 36.84 -1.79 22.50
C LYS E 677 36.85 -0.74 23.60
N GLU E 678 36.69 0.53 23.23
CA GLU E 678 36.62 1.59 24.24
C GLU E 678 35.42 1.39 25.15
N PHE E 679 34.32 0.86 24.62
CA PHE E 679 33.15 0.55 25.44
C PHE E 679 33.46 -0.55 26.43
N PHE E 680 34.03 -1.66 25.94
CA PHE E 680 34.31 -2.77 26.82
C PHE E 680 35.34 -2.38 27.88
N ARG E 681 36.28 -1.52 27.53
CA ARG E 681 37.35 -1.13 28.46
C ARG E 681 36.78 -0.39 29.66
N ARG E 682 35.97 0.64 29.42
CA ARG E 682 35.45 1.50 30.47
C ARG E 682 34.15 0.98 31.08
N SER E 683 33.86 -0.31 30.94
CA SER E 683 32.58 -0.83 31.36
C SER E 683 32.51 -0.96 32.88
N LYS E 684 31.27 -1.01 33.38
CA LYS E 684 30.99 -1.26 34.78
C LYS E 684 30.13 -2.49 35.01
N ILE E 685 29.49 -3.02 33.96
CA ILE E 685 28.71 -4.25 34.12
C ILE E 685 29.66 -5.43 34.29
N ALA E 686 29.25 -6.39 35.11
CA ALA E 686 30.13 -7.49 35.46
C ALA E 686 30.50 -8.32 34.23
N VAL E 687 29.51 -8.64 33.40
CA VAL E 687 29.74 -9.53 32.26
C VAL E 687 30.77 -8.92 31.33
N PHE E 688 30.61 -7.63 31.02
CA PHE E 688 31.54 -6.99 30.09
C PHE E 688 32.91 -6.78 30.72
N ASP E 689 32.96 -6.63 32.05
CA ASP E 689 34.26 -6.60 32.71
C ASP E 689 34.98 -7.94 32.53
N LYS E 690 34.24 -9.05 32.66
CA LYS E 690 34.84 -10.36 32.43
C LYS E 690 35.31 -10.50 30.99
N MET E 691 34.49 -10.06 30.04
CA MET E 691 34.90 -10.11 28.63
C MET E 691 36.15 -9.28 28.40
N TRP E 692 36.24 -8.11 29.02
CA TRP E 692 37.42 -7.28 28.85
C TRP E 692 38.65 -7.95 29.42
N THR E 693 38.51 -8.58 30.60
CA THR E 693 39.61 -9.34 31.16
C THR E 693 40.08 -10.40 30.18
N TYR E 694 39.14 -11.18 29.63
CA TYR E 694 39.50 -12.21 28.67
C TYR E 694 40.24 -11.61 27.47
N MET E 695 39.67 -10.57 26.88
CA MET E 695 40.24 -10.01 25.66
C MET E 695 41.61 -9.39 25.93
N ARG E 696 41.85 -8.90 27.14
CA ARG E 696 43.16 -8.37 27.48
C ARG E 696 44.16 -9.47 27.81
N SER E 697 43.68 -10.66 28.20
CA SER E 697 44.53 -11.79 28.53
C SER E 697 44.32 -12.95 27.56
N ALA E 698 44.27 -12.65 26.26
CA ALA E 698 43.96 -13.63 25.23
C ALA E 698 45.14 -13.80 24.29
N GLU E 699 45.48 -15.05 24.00
CA GLU E 699 46.53 -15.39 23.06
C GLU E 699 45.98 -16.41 22.07
N PRO E 700 46.09 -16.18 20.75
CA PRO E 700 46.66 -15.00 20.10
C PRO E 700 45.74 -13.78 20.21
N SER E 701 45.96 -12.78 19.36
CA SER E 701 45.18 -11.55 19.42
C SER E 701 43.77 -11.82 18.89
N VAL E 702 42.79 -11.83 19.79
CA VAL E 702 41.39 -11.89 19.36
C VAL E 702 41.04 -10.67 18.53
N PHE E 703 41.65 -9.52 18.86
CA PHE E 703 41.34 -8.29 18.17
C PHE E 703 41.68 -8.39 16.69
N VAL E 704 41.26 -7.37 15.94
CA VAL E 704 41.33 -7.37 14.49
C VAL E 704 41.56 -5.95 14.02
N ARG E 705 42.06 -5.80 12.79
CA ARG E 705 42.38 -4.49 12.23
C ARG E 705 41.31 -3.96 11.29
N THR E 706 40.41 -4.82 10.81
CA THR E 706 39.37 -4.38 9.88
C THR E 706 38.14 -5.26 10.08
N THR E 707 36.99 -4.71 9.69
CA THR E 707 35.73 -5.46 9.81
C THR E 707 35.75 -6.70 8.93
N ALA E 708 36.18 -6.55 7.68
CA ALA E 708 36.26 -7.71 6.79
C ALA E 708 37.19 -8.76 7.35
N GLU E 709 38.25 -8.35 8.06
CA GLU E 709 39.13 -9.32 8.68
C GLU E 709 38.38 -10.14 9.71
N GLY E 710 37.54 -9.49 10.53
CA GLY E 710 36.76 -10.23 11.50
C GLY E 710 35.75 -11.15 10.86
N VAL E 711 35.09 -10.69 9.80
CA VAL E 711 34.12 -11.53 9.10
C VAL E 711 34.81 -12.77 8.54
N ALA E 712 35.97 -12.57 7.90
CA ALA E 712 36.70 -13.70 7.33
C ALA E 712 37.17 -14.64 8.42
N ARG E 713 37.63 -14.10 9.55
CA ARG E 713 38.07 -14.95 10.65
C ARG E 713 36.93 -15.81 11.18
N VAL E 714 35.74 -15.22 11.29
CA VAL E 714 34.58 -16.00 11.72
C VAL E 714 34.24 -17.07 10.70
N ARG E 715 34.25 -16.71 9.41
CA ARG E 715 33.79 -17.66 8.39
C ARG E 715 34.76 -18.82 8.22
N LYS E 716 36.06 -18.53 8.20
CA LYS E 716 37.05 -19.58 8.00
C LYS E 716 36.98 -20.61 9.11
N SER E 717 36.94 -20.16 10.36
CA SER E 717 36.80 -21.06 11.48
C SER E 717 35.42 -21.72 11.45
N LYS E 718 35.18 -22.62 12.40
CA LYS E 718 33.94 -23.38 12.49
C LYS E 718 33.45 -23.32 13.94
N GLY E 719 32.64 -22.30 14.24
CA GLY E 719 32.10 -22.16 15.57
C GLY E 719 33.09 -21.83 16.65
N LYS E 720 34.31 -21.41 16.28
CA LYS E 720 35.34 -21.09 17.27
C LYS E 720 35.46 -19.61 17.55
N TYR E 721 35.17 -18.74 16.58
CA TYR E 721 35.29 -17.31 16.74
C TYR E 721 33.93 -16.64 16.64
N ALA E 722 33.66 -15.73 17.58
CA ALA E 722 32.44 -14.92 17.58
C ALA E 722 32.84 -13.45 17.56
N TYR E 723 32.28 -12.70 16.63
CA TYR E 723 32.68 -11.31 16.41
C TYR E 723 31.63 -10.35 16.96
N LEU E 724 32.09 -9.36 17.70
CA LEU E 724 31.24 -8.37 18.35
C LEU E 724 31.27 -7.10 17.53
N LEU E 725 30.11 -6.68 17.03
CA LEU E 725 30.07 -5.58 16.09
C LEU E 725 28.75 -4.84 16.24
N GLU E 726 28.41 -4.04 15.24
CA GLU E 726 27.17 -3.29 15.23
C GLU E 726 26.04 -4.16 14.68
N SER E 727 24.82 -3.90 15.16
CA SER E 727 23.68 -4.71 14.78
C SER E 727 23.38 -4.58 13.29
N THR E 728 23.56 -3.40 12.72
CA THR E 728 23.14 -3.16 11.35
C THR E 728 24.00 -3.92 10.35
N MET E 729 25.32 -3.83 10.49
CA MET E 729 26.19 -4.55 9.57
C MET E 729 26.04 -6.06 9.76
N ASN E 730 25.80 -6.50 10.99
CA ASN E 730 25.58 -7.91 11.25
C ASN E 730 24.33 -8.39 10.54
N GLU E 731 23.24 -7.62 10.63
CA GLU E 731 22.01 -7.99 9.95
C GLU E 731 22.21 -8.01 8.44
N TYR E 732 22.98 -7.05 7.92
CA TYR E 732 23.27 -7.02 6.49
C TYR E 732 24.03 -8.27 6.06
N ILE E 733 25.10 -8.59 6.80
CA ILE E 733 25.94 -9.73 6.44
C ILE E 733 25.19 -11.04 6.58
N GLU E 734 24.28 -11.15 7.54
CA GLU E 734 23.48 -12.35 7.70
C GLU E 734 22.60 -12.58 6.47
N GLN E 735 22.58 -11.62 5.55
CA GLN E 735 21.81 -11.72 4.32
C GLN E 735 22.68 -11.73 3.07
N ARG E 736 23.99 -11.86 3.23
CA ARG E 736 24.93 -11.86 2.12
C ARG E 736 25.33 -13.27 1.73
N LYS E 737 25.68 -13.44 0.45
CA LYS E 737 26.24 -14.68 -0.03
C LYS E 737 27.75 -14.65 0.13
N PRO E 738 28.36 -15.60 0.84
CA PRO E 738 27.73 -16.79 1.44
C PRO E 738 26.93 -16.46 2.67
N CYS E 739 25.73 -17.06 2.78
CA CYS E 739 24.89 -16.86 3.96
C CYS E 739 25.29 -17.89 5.01
N ASP E 740 26.48 -17.66 5.58
CA ASP E 740 27.09 -18.57 6.54
C ASP E 740 27.29 -17.90 7.91
N THR E 741 26.48 -16.90 8.23
CA THR E 741 26.58 -16.21 9.51
C THR E 741 25.19 -15.89 10.01
N MET E 742 25.07 -15.73 11.33
CA MET E 742 23.86 -15.19 11.91
C MET E 742 24.19 -14.40 13.17
N LYS E 743 23.25 -13.51 13.51
CA LYS E 743 23.31 -12.69 14.70
C LYS E 743 22.59 -13.41 15.83
N VAL E 744 23.15 -13.33 17.02
CA VAL E 744 22.58 -14.02 18.18
C VAL E 744 22.40 -13.03 19.32
N GLY E 745 21.41 -13.32 20.16
CA GLY E 745 21.18 -12.55 21.36
C GLY E 745 20.68 -11.16 21.06
N GLY E 746 20.56 -10.38 22.13
CA GLY E 746 20.14 -9.00 22.05
C GLY E 746 21.30 -8.08 21.79
N ASN E 747 21.13 -6.83 22.18
CA ASN E 747 22.13 -5.79 21.98
C ASN E 747 22.70 -5.35 23.32
N LEU E 748 24.01 -5.15 23.35
CA LEU E 748 24.73 -4.87 24.57
C LEU E 748 24.90 -3.37 24.81
N ASP E 749 24.44 -2.54 23.89
CA ASP E 749 24.59 -1.10 24.01
C ASP E 749 23.47 -0.44 23.19
N SER E 750 23.23 0.83 23.47
CA SER E 750 22.27 1.62 22.72
C SER E 750 23.00 2.75 22.02
N LYS E 751 22.75 2.89 20.72
CA LYS E 751 23.34 3.96 19.93
C LYS E 751 22.37 4.32 18.83
N GLY E 752 22.63 5.44 18.18
CA GLY E 752 21.80 5.87 17.07
C GLY E 752 22.65 6.56 16.02
N TYR E 753 22.18 6.46 14.78
CA TYR E 753 22.81 7.16 13.67
C TYR E 753 21.98 8.40 13.37
N GLY E 754 22.64 9.55 13.33
CA GLY E 754 21.95 10.82 13.27
C GLY E 754 22.46 11.70 12.14
N ILE E 755 21.52 12.45 11.57
CA ILE E 755 21.84 13.47 10.58
C ILE E 755 22.53 14.63 11.29
N ALA E 756 23.61 15.12 10.71
CA ALA E 756 24.41 16.18 11.30
C ALA E 756 24.19 17.51 10.57
N THR E 757 24.64 18.58 11.21
CA THR E 757 24.48 19.93 10.69
C THR E 757 25.45 20.86 11.41
N PRO E 758 25.98 21.87 10.73
CA PRO E 758 26.85 22.82 11.42
C PRO E 758 26.09 23.65 12.44
N LYS E 759 26.81 24.10 13.47
CA LYS E 759 26.21 24.91 14.51
C LYS E 759 25.70 26.23 13.94
N GLY E 760 24.39 26.44 14.00
CA GLY E 760 23.79 27.65 13.52
C GLY E 760 23.09 27.55 12.18
N SER E 761 23.14 26.39 11.54
CA SER E 761 22.44 26.22 10.28
C SER E 761 20.93 26.27 10.50
N SER E 762 20.23 26.81 9.51
CA SER E 762 18.77 26.88 9.55
C SER E 762 18.11 25.55 9.22
N LEU E 763 18.88 24.48 9.09
CA LEU E 763 18.37 23.19 8.68
C LEU E 763 18.14 22.22 9.84
N GLY E 764 18.46 22.62 11.07
CA GLY E 764 18.31 21.73 12.21
C GLY E 764 16.89 21.29 12.47
N THR E 765 16.04 22.25 12.84
CA THR E 765 14.66 21.92 13.16
C THR E 765 13.94 21.22 12.02
N PRO E 766 14.05 21.65 10.77
CA PRO E 766 13.36 20.93 9.69
C PRO E 766 13.79 19.49 9.54
N VAL E 767 15.09 19.18 9.65
CA VAL E 767 15.52 17.80 9.49
C VAL E 767 15.09 16.96 10.69
N ASN E 768 15.17 17.53 11.90
CA ASN E 768 14.64 16.82 13.05
C ASN E 768 13.19 16.44 12.84
N LEU E 769 12.37 17.40 12.44
CA LEU E 769 10.96 17.13 12.23
C LEU E 769 10.73 16.17 11.08
N ALA E 770 11.59 16.22 10.05
CA ALA E 770 11.45 15.32 8.92
C ALA E 770 11.71 13.88 9.33
N VAL E 771 12.80 13.63 10.07
CA VAL E 771 13.09 12.27 10.50
C VAL E 771 12.01 11.78 11.44
N LEU E 772 11.52 12.66 12.33
CA LEU E 772 10.45 12.24 13.23
C LEU E 772 9.19 11.87 12.46
N LYS E 773 8.82 12.67 11.46
CA LYS E 773 7.64 12.37 10.67
C LYS E 773 7.81 11.05 9.91
N LEU E 774 8.99 10.86 9.30
CA LEU E 774 9.24 9.63 8.56
C LEU E 774 9.14 8.42 9.48
N SER E 775 9.73 8.51 10.67
CA SER E 775 9.66 7.41 11.62
C SER E 775 8.23 7.13 12.03
N GLU E 776 7.45 8.19 12.31
CA GLU E 776 6.08 7.98 12.75
C GLU E 776 5.24 7.32 11.67
N GLN E 777 5.40 7.75 10.41
CA GLN E 777 4.58 7.17 9.35
C GLN E 777 5.08 5.79 8.94
N GLY E 778 6.40 5.59 8.92
CA GLY E 778 6.96 4.27 8.71
C GLY E 778 7.85 4.15 7.48
N VAL E 779 8.42 5.25 7.03
CA VAL E 779 9.26 5.23 5.83
C VAL E 779 10.57 4.51 6.12
N LEU E 780 11.21 4.86 7.24
CA LEU E 780 12.55 4.34 7.51
C LEU E 780 12.53 2.82 7.64
N ASP E 781 11.51 2.28 8.29
CA ASP E 781 11.39 0.83 8.40
C ASP E 781 11.28 0.19 7.01
N LYS E 782 10.49 0.82 6.13
CA LYS E 782 10.35 0.29 4.78
C LYS E 782 11.68 0.32 4.04
N LEU E 783 12.45 1.39 4.19
CA LEU E 783 13.74 1.47 3.53
C LEU E 783 14.70 0.42 4.08
N LYS E 784 14.68 0.19 5.39
CA LYS E 784 15.50 -0.86 5.97
C LYS E 784 15.12 -2.22 5.41
N ASN E 785 13.82 -2.50 5.34
CA ASN E 785 13.38 -3.75 4.73
C ASN E 785 13.84 -3.84 3.28
N LYS E 786 13.90 -2.70 2.59
CA LYS E 786 14.23 -2.69 1.17
C LYS E 786 15.71 -2.97 0.95
N TRP E 787 16.57 -2.47 1.83
CA TRP E 787 18.00 -2.54 1.63
C TRP E 787 18.70 -3.61 2.47
N TRP E 788 17.99 -4.26 3.39
CA TRP E 788 18.56 -5.30 4.23
C TRP E 788 17.95 -6.66 3.94
N TYR E 789 16.62 -6.77 4.05
CA TYR E 789 15.93 -8.04 3.86
C TYR E 789 15.50 -8.22 2.41
N ASP E 790 14.68 -7.32 1.89
CA ASP E 790 14.52 -7.19 0.46
C ASP E 790 15.81 -6.64 -0.13
N LYS E 791 16.03 -6.94 -1.41
CA LYS E 791 17.35 -6.79 -2.02
C LYS E 791 18.37 -7.67 -1.30
N GLY E 792 17.89 -8.66 -0.56
CA GLY E 792 18.73 -9.59 0.17
C GLY E 792 18.70 -10.95 -0.48
N GLU E 793 19.88 -11.57 -0.60
CA GLU E 793 20.02 -12.78 -1.40
C GLU E 793 19.25 -13.94 -0.79
N CYS E 794 19.60 -14.34 0.42
CA CYS E 794 18.97 -15.47 1.08
C CYS E 794 17.84 -15.00 1.97
N GLY E 795 16.66 -15.56 1.76
CA GLY E 795 15.50 -15.23 2.58
C GLY E 795 15.54 -15.91 3.92
N ALA E 796 14.37 -16.33 4.41
CA ALA E 796 14.28 -17.00 5.71
C ALA E 796 13.20 -18.06 5.69
N LYS E 802 13.04 -29.65 5.27
CA LYS E 802 12.41 -29.89 3.99
C LYS E 802 13.24 -30.84 3.14
N GLU E 803 14.56 -30.80 3.33
CA GLU E 803 15.46 -31.64 2.56
C GLU E 803 15.11 -33.12 2.76
N LYS E 804 15.13 -33.87 1.67
CA LYS E 804 14.81 -35.29 1.74
C LYS E 804 15.76 -36.00 2.70
N THR E 805 15.24 -36.98 3.40
CA THR E 805 16.02 -37.68 4.42
C THR E 805 17.11 -38.52 3.76
N SER E 806 18.25 -38.60 4.43
CA SER E 806 19.42 -39.29 3.93
C SER E 806 19.55 -40.65 4.59
N ALA E 807 20.08 -41.61 3.81
CA ALA E 807 20.39 -42.91 4.36
C ALA E 807 21.48 -42.81 5.41
N LEU E 808 21.39 -43.67 6.40
CA LEU E 808 22.39 -43.69 7.46
C LEU E 808 23.74 -44.11 6.89
N SER E 809 24.79 -43.47 7.37
CA SER E 809 26.16 -43.74 6.94
C SER E 809 26.89 -44.52 8.02
N LEU E 810 28.00 -45.12 7.61
CA LEU E 810 28.80 -45.91 8.55
C LEU E 810 29.24 -45.07 9.73
N SER E 811 29.52 -43.79 9.51
CA SER E 811 29.97 -42.92 10.57
C SER E 811 28.94 -42.79 11.69
N ASN E 812 27.67 -43.03 11.39
CA ASN E 812 26.64 -42.95 12.41
C ASN E 812 26.74 -44.11 13.39
N VAL E 813 27.09 -45.30 12.90
CA VAL E 813 27.07 -46.52 13.68
C VAL E 813 28.43 -47.19 13.74
N ALA E 814 29.50 -46.43 13.55
CA ALA E 814 30.84 -47.01 13.67
C ALA E 814 31.11 -47.49 15.09
N GLY E 815 30.44 -46.89 16.07
CA GLY E 815 30.67 -47.25 17.45
C GLY E 815 30.32 -48.70 17.75
N VAL E 816 29.20 -49.17 17.20
CA VAL E 816 28.82 -50.56 17.44
C VAL E 816 29.82 -51.51 16.80
N PHE E 817 30.37 -51.15 15.64
CA PHE E 817 31.39 -51.98 15.01
C PHE E 817 32.65 -52.04 15.87
N TYR E 818 33.09 -50.89 16.36
CA TYR E 818 34.27 -50.87 17.23
C TYR E 818 34.03 -51.69 18.49
N ILE E 819 32.87 -51.51 19.11
CA ILE E 819 32.53 -52.24 20.32
C ILE E 819 32.49 -53.74 20.04
N LEU E 820 31.92 -54.12 18.91
CA LEU E 820 31.82 -55.54 18.55
C LEU E 820 33.20 -56.15 18.38
N VAL E 821 34.06 -55.47 17.64
CA VAL E 821 35.39 -56.02 17.40
C VAL E 821 36.20 -56.07 18.70
N GLY E 822 36.02 -55.07 19.57
CA GLY E 822 36.65 -55.13 20.87
C GLY E 822 36.16 -56.32 21.69
N GLY E 823 34.86 -56.58 21.63
CA GLY E 823 34.32 -57.74 22.33
C GLY E 823 34.85 -59.05 21.77
N LEU E 824 35.02 -59.12 20.46
CA LEU E 824 35.61 -60.32 19.85
C LEU E 824 37.03 -60.54 20.30
N GLY E 825 37.85 -59.49 20.26
CA GLY E 825 39.21 -59.61 20.75
C GLY E 825 39.28 -59.98 22.22
N LEU E 826 38.44 -59.35 23.03
CA LEU E 826 38.36 -59.69 24.45
C LEU E 826 37.97 -61.14 24.66
N ALA E 827 36.99 -61.63 23.89
CA ALA E 827 36.55 -63.01 24.02
C ALA E 827 37.69 -63.96 23.68
N MET E 828 38.40 -63.68 22.60
CA MET E 828 39.52 -64.54 22.21
C MET E 828 40.59 -64.54 23.29
N LEU E 829 40.88 -63.37 23.86
CA LEU E 829 41.90 -63.29 24.91
C LEU E 829 41.47 -64.07 26.15
N VAL E 830 40.22 -63.88 26.60
CA VAL E 830 39.69 -64.65 27.72
C VAL E 830 39.78 -66.13 27.44
N ALA E 831 39.45 -66.54 26.21
CA ALA E 831 39.49 -67.96 25.87
C ALA E 831 40.90 -68.51 25.98
N LEU E 832 41.88 -67.79 25.46
CA LEU E 832 43.26 -68.27 25.52
C LEU E 832 43.75 -68.29 26.97
N ILE E 833 43.36 -67.31 27.76
CA ILE E 833 43.73 -67.29 29.18
C ILE E 833 43.18 -68.52 29.89
N GLU E 834 41.90 -68.81 29.69
CA GLU E 834 41.31 -69.99 30.31
C GLU E 834 41.99 -71.26 29.84
N PHE E 835 42.33 -71.32 28.56
CA PHE E 835 42.98 -72.52 28.03
C PHE E 835 44.33 -72.73 28.66
N CYS E 836 45.16 -71.69 28.73
CA CYS E 836 46.46 -71.82 29.36
C CYS E 836 46.33 -72.21 30.82
N TYR E 837 45.44 -71.53 31.55
CA TYR E 837 45.27 -71.82 32.96
C TYR E 837 44.81 -73.25 33.20
N LYS E 838 43.82 -73.71 32.43
CA LYS E 838 43.31 -75.06 32.59
C LYS E 838 44.36 -76.09 32.21
N SER E 839 45.11 -75.85 31.14
CA SER E 839 46.13 -76.81 30.74
C SER E 839 47.21 -76.92 31.81
N ARG E 840 47.63 -75.78 32.37
CA ARG E 840 48.61 -75.81 33.45
C ARG E 840 48.07 -76.55 34.66
N ALA E 841 46.79 -76.32 35.00
CA ALA E 841 46.21 -76.97 36.17
C ALA E 841 46.11 -78.47 35.97
N GLU E 842 45.56 -78.91 34.85
CA GLU E 842 45.45 -80.34 34.56
C GLU E 842 46.81 -80.98 34.34
N ALA E 843 47.84 -80.18 34.04
CA ALA E 843 49.18 -80.72 33.90
C ALA E 843 49.83 -81.03 35.25
N LYS E 844 49.19 -80.66 36.36
CA LYS E 844 49.73 -80.90 37.68
C LYS E 844 48.74 -81.66 38.55
N GLU F 16 41.85 -84.93 3.44
CA GLU F 16 42.63 -85.38 4.58
C GLU F 16 43.43 -84.23 5.19
N LYS F 17 44.30 -84.54 6.15
CA LYS F 17 45.07 -83.49 6.82
C LYS F 17 46.01 -82.81 5.85
N GLY F 18 46.68 -83.57 4.98
CA GLY F 18 47.63 -82.97 4.07
C GLY F 18 47.01 -81.94 3.15
N VAL F 19 45.86 -82.28 2.56
CA VAL F 19 45.21 -81.36 1.65
C VAL F 19 44.72 -80.12 2.38
N GLN F 20 44.21 -80.30 3.61
CA GLN F 20 43.77 -79.14 4.38
C GLN F 20 44.93 -78.22 4.71
N VAL F 21 46.09 -78.78 5.07
CA VAL F 21 47.25 -77.95 5.33
C VAL F 21 47.70 -77.24 4.06
N LEU F 22 47.63 -77.94 2.93
CA LEU F 22 48.01 -77.32 1.66
C LEU F 22 47.11 -76.14 1.35
N LEU F 23 45.79 -76.32 1.51
CA LEU F 23 44.87 -75.22 1.30
C LEU F 23 45.15 -74.08 2.26
N THR F 24 45.46 -74.39 3.52
CA THR F 24 45.75 -73.34 4.48
C THR F 24 46.97 -72.52 4.06
N THR F 25 48.04 -73.20 3.65
CA THR F 25 49.24 -72.46 3.24
C THR F 25 49.00 -71.66 1.97
N ILE F 26 48.27 -72.24 1.01
CA ILE F 26 47.95 -71.51 -0.22
C ILE F 26 47.12 -70.29 0.11
N GLY F 27 46.13 -70.43 0.98
CA GLY F 27 45.30 -69.30 1.35
C GLY F 27 46.10 -68.22 2.07
N ALA F 28 47.03 -68.63 2.93
CA ALA F 28 47.87 -67.66 3.61
C ALA F 28 48.69 -66.86 2.61
N PHE F 29 49.34 -67.56 1.67
CA PHE F 29 50.14 -66.86 0.67
C PHE F 29 49.26 -65.93 -0.17
N ALA F 30 48.10 -66.42 -0.60
CA ALA F 30 47.23 -65.63 -1.46
C ALA F 30 46.71 -64.40 -0.73
N ALA F 31 46.28 -64.57 0.53
CA ALA F 31 45.76 -63.44 1.29
C ALA F 31 46.84 -62.41 1.55
N PHE F 32 48.05 -62.86 1.91
CA PHE F 32 49.16 -61.94 2.10
C PHE F 32 49.44 -61.16 0.83
N GLY F 33 49.47 -61.86 -0.31
CA GLY F 33 49.73 -61.18 -1.57
C GLY F 33 48.66 -60.17 -1.92
N LEU F 34 47.39 -60.58 -1.77
CA LEU F 34 46.30 -59.67 -2.08
C LEU F 34 46.33 -58.44 -1.20
N MET F 35 46.60 -58.61 0.09
CA MET F 35 46.59 -57.45 0.99
C MET F 35 47.78 -56.54 0.72
N THR F 36 48.96 -57.10 0.45
CA THR F 36 50.09 -56.27 0.09
C THR F 36 49.82 -55.51 -1.21
N ILE F 37 49.19 -56.18 -2.18
CA ILE F 37 48.83 -55.52 -3.43
C ILE F 37 47.89 -54.37 -3.16
N ALA F 38 46.87 -54.61 -2.34
CA ALA F 38 45.87 -53.58 -2.06
C ALA F 38 46.50 -52.39 -1.35
N ILE F 39 47.38 -52.66 -0.39
CA ILE F 39 48.03 -51.56 0.33
C ILE F 39 48.92 -50.76 -0.61
N SER F 40 49.78 -51.45 -1.36
CA SER F 40 50.68 -50.75 -2.28
C SER F 40 49.92 -50.10 -3.42
N THR F 41 48.88 -50.77 -3.92
CA THR F 41 48.11 -50.25 -5.03
C THR F 41 47.37 -48.98 -4.62
N ASP F 42 47.02 -48.18 -5.63
CA ASP F 42 46.36 -46.90 -5.41
C ASP F 42 45.08 -46.82 -6.24
N TYR F 43 44.26 -47.86 -6.20
CA TYR F 43 43.00 -47.92 -6.93
C TYR F 43 41.86 -48.29 -5.98
N TRP F 44 41.82 -47.67 -4.80
CA TRP F 44 40.76 -47.97 -3.85
C TRP F 44 39.48 -47.24 -4.19
N LEU F 45 39.56 -45.93 -4.42
CA LEU F 45 38.40 -45.07 -4.53
C LEU F 45 38.48 -44.27 -5.83
N TYR F 46 37.39 -44.28 -6.59
CA TYR F 46 37.23 -43.45 -7.77
C TYR F 46 36.28 -42.31 -7.42
N THR F 47 36.76 -41.07 -7.52
CA THR F 47 35.95 -39.94 -7.09
C THR F 47 36.31 -38.72 -7.92
N ARG F 48 35.82 -37.56 -7.48
CA ARG F 48 36.11 -36.28 -8.08
C ARG F 48 36.70 -35.36 -7.01
N ALA F 49 37.83 -34.74 -7.33
CA ALA F 49 38.56 -33.93 -6.36
C ALA F 49 38.83 -32.55 -6.91
N LEU F 50 38.88 -31.57 -6.01
CA LEU F 50 39.16 -30.20 -6.40
C LEU F 50 40.58 -30.08 -6.95
N ILE F 51 41.54 -30.76 -6.34
CA ILE F 51 42.95 -30.65 -6.75
C ILE F 51 43.15 -31.68 -7.85
N CYS F 52 42.71 -31.32 -9.06
CA CYS F 52 42.98 -32.12 -10.24
C CYS F 52 43.23 -31.29 -11.49
N ASN F 53 43.30 -29.96 -11.39
CA ASN F 53 43.53 -29.09 -12.53
C ASN F 53 42.35 -29.13 -13.50
N THR F 54 41.16 -29.41 -12.99
CA THR F 54 39.96 -29.47 -13.83
C THR F 54 40.07 -30.58 -14.86
N PRO F 78 32.73 -29.81 -10.06
CA PRO F 78 33.29 -29.68 -8.70
C PRO F 78 34.75 -30.11 -8.63
N GLY F 79 35.24 -30.75 -9.68
CA GLY F 79 36.62 -31.21 -9.70
C GLY F 79 36.83 -32.19 -10.82
N GLY F 80 38.04 -32.76 -10.83
CA GLY F 80 38.43 -33.73 -11.83
C GLY F 80 38.44 -35.15 -11.27
N LEU F 81 38.30 -36.10 -12.18
CA LEU F 81 38.31 -37.51 -11.80
C LEU F 81 39.65 -37.89 -11.19
N THR F 82 39.60 -38.69 -10.14
CA THR F 82 40.79 -39.17 -9.45
C THR F 82 40.58 -40.62 -9.04
N HIS F 83 41.68 -41.37 -9.02
CA HIS F 83 41.69 -42.70 -8.42
C HIS F 83 42.74 -42.65 -7.32
N SER F 84 42.34 -43.04 -6.12
CA SER F 84 43.14 -42.89 -4.93
C SER F 84 43.45 -44.24 -4.31
N GLY F 85 44.08 -44.19 -3.14
CA GLY F 85 44.41 -45.37 -2.40
C GLY F 85 44.55 -45.07 -0.93
N LEU F 86 45.54 -45.66 -0.28
CA LEU F 86 45.78 -45.37 1.12
C LEU F 86 46.77 -44.23 1.32
N TRP F 87 47.71 -44.06 0.38
CA TRP F 87 48.78 -43.09 0.53
C TRP F 87 48.70 -41.95 -0.48
N ARG F 88 48.56 -42.26 -1.76
CA ARG F 88 48.67 -41.27 -2.82
C ARG F 88 47.44 -41.29 -3.70
N ILE F 89 47.26 -40.18 -4.43
CA ILE F 89 46.10 -40.01 -5.32
C ILE F 89 46.62 -39.63 -6.70
N CYS F 90 45.97 -40.16 -7.74
CA CYS F 90 46.39 -40.00 -9.12
C CYS F 90 45.21 -39.43 -9.89
N CYS F 91 45.45 -38.38 -10.68
CA CYS F 91 44.39 -37.89 -11.54
C CYS F 91 44.33 -38.66 -12.85
N LEU F 92 43.12 -38.84 -13.34
CA LEU F 92 42.87 -39.42 -14.65
C LEU F 92 41.87 -38.55 -15.37
N GLU F 93 41.94 -38.57 -16.70
CA GLU F 93 41.08 -37.74 -17.54
C GLU F 93 41.20 -36.27 -17.14
N GLY F 94 42.42 -35.75 -17.27
CA GLY F 94 42.70 -34.36 -16.94
C GLY F 94 44.03 -33.95 -17.51
N LEU F 95 44.27 -32.63 -17.47
CA LEU F 95 45.53 -32.10 -17.99
C LEU F 95 46.71 -32.67 -17.22
N LYS F 96 46.61 -32.70 -15.89
CA LYS F 96 47.61 -33.35 -15.06
C LYS F 96 47.32 -34.84 -14.99
N ARG F 97 47.25 -35.49 -16.14
CA ARG F 97 46.94 -36.91 -16.18
C ARG F 97 48.19 -37.74 -15.91
N GLY F 98 48.06 -38.68 -14.97
CA GLY F 98 49.11 -39.61 -14.62
C GLY F 98 49.95 -39.19 -13.44
N VAL F 99 49.91 -37.91 -13.05
CA VAL F 99 50.72 -37.46 -11.93
C VAL F 99 50.06 -37.89 -10.63
N CYS F 100 50.82 -38.56 -9.78
CA CYS F 100 50.35 -39.00 -8.48
C CYS F 100 51.07 -38.28 -7.36
N VAL F 101 50.31 -37.82 -6.39
CA VAL F 101 50.80 -36.97 -5.31
C VAL F 101 50.35 -37.56 -3.98
N LYS F 102 51.19 -37.43 -2.96
CA LYS F 102 50.86 -37.94 -1.64
C LYS F 102 49.61 -37.26 -1.11
N ILE F 103 48.77 -38.03 -0.43
CA ILE F 103 47.52 -37.52 0.09
C ILE F 103 47.80 -36.61 1.27
N ASN F 104 47.10 -35.48 1.31
CA ASN F 104 47.29 -34.48 2.35
C ASN F 104 46.19 -34.64 3.37
N HIS F 105 46.42 -35.49 4.36
CA HIS F 105 45.50 -35.60 5.47
C HIS F 105 45.47 -34.30 6.25
N PHE F 106 44.59 -34.24 7.25
CA PHE F 106 44.47 -33.06 8.09
C PHE F 106 44.07 -31.85 7.26
N ASP F 115 38.06 -31.90 18.74
CA ASP F 115 38.14 -32.83 17.62
C ASP F 115 39.17 -33.91 17.89
N SER F 116 39.23 -34.38 19.14
CA SER F 116 40.21 -35.40 19.50
C SER F 116 39.94 -36.69 18.75
N ALA F 117 38.67 -37.11 18.66
CA ALA F 117 38.34 -38.33 17.95
C ALA F 117 38.65 -38.21 16.47
N GLU F 118 38.35 -37.05 15.87
CA GLU F 118 38.71 -36.83 14.47
C GLU F 118 40.21 -36.90 14.28
N TYR F 119 40.98 -36.34 15.23
CA TYR F 119 42.43 -36.41 15.14
C TYR F 119 42.92 -37.85 15.19
N LEU F 120 42.39 -38.64 16.12
CA LEU F 120 42.79 -40.03 16.23
C LEU F 120 42.44 -40.80 14.96
N LEU F 121 41.25 -40.55 14.42
CA LEU F 121 40.84 -41.23 13.19
C LEU F 121 41.76 -40.86 12.05
N ARG F 122 42.12 -39.59 11.93
CA ARG F 122 43.04 -39.17 10.87
C ARG F 122 44.38 -39.83 11.03
N VAL F 123 44.88 -39.93 12.27
CA VAL F 123 46.16 -40.57 12.51
C VAL F 123 46.12 -42.03 12.10
N VAL F 124 45.08 -42.75 12.54
CA VAL F 124 44.97 -44.17 12.24
C VAL F 124 44.84 -44.39 10.74
N ARG F 125 44.07 -43.54 10.07
CA ARG F 125 43.89 -43.67 8.63
C ARG F 125 45.19 -43.40 7.89
N ALA F 126 45.96 -42.41 8.35
CA ALA F 126 47.24 -42.11 7.71
C ALA F 126 48.22 -43.27 7.88
N SER F 127 48.39 -43.74 9.12
CA SER F 127 49.34 -44.82 9.37
C SER F 127 48.93 -46.09 8.65
N SER F 128 47.63 -46.32 8.48
CA SER F 128 47.14 -47.56 7.89
C SER F 128 47.70 -48.76 8.63
N ILE F 129 47.80 -48.62 9.96
CA ILE F 129 48.42 -49.66 10.76
C ILE F 129 47.59 -50.93 10.79
N PHE F 130 46.30 -50.84 10.53
CA PHE F 130 45.44 -52.02 10.68
C PHE F 130 45.56 -52.95 9.48
N PRO F 131 45.47 -52.47 8.24
CA PRO F 131 45.76 -53.36 7.11
C PRO F 131 47.18 -53.92 7.13
N ILE F 132 48.15 -53.10 7.51
CA ILE F 132 49.53 -53.57 7.60
C ILE F 132 49.65 -54.65 8.66
N LEU F 133 48.98 -54.45 9.80
CA LEU F 133 48.97 -55.48 10.83
C LEU F 133 48.30 -56.75 10.34
N SER F 134 47.24 -56.62 9.56
CA SER F 134 46.59 -57.79 8.98
C SER F 134 47.57 -58.58 8.13
N ALA F 135 48.30 -57.89 7.25
CA ALA F 135 49.27 -58.55 6.40
C ALA F 135 50.37 -59.21 7.23
N ILE F 136 50.86 -58.51 8.25
CA ILE F 136 51.93 -59.04 9.09
C ILE F 136 51.46 -60.30 9.79
N LEU F 137 50.25 -60.27 10.35
CA LEU F 137 49.72 -61.42 11.06
C LEU F 137 49.50 -62.59 10.11
N LEU F 138 49.06 -62.32 8.88
CA LEU F 138 48.93 -63.38 7.89
C LEU F 138 50.28 -64.02 7.60
N LEU F 139 51.32 -63.19 7.47
CA LEU F 139 52.66 -63.71 7.23
C LEU F 139 53.12 -64.60 8.38
N LEU F 140 52.94 -64.11 9.61
CA LEU F 140 53.36 -64.89 10.78
C LEU F 140 52.58 -66.18 10.88
N GLY F 141 51.29 -66.15 10.55
CA GLY F 141 50.50 -67.37 10.57
C GLY F 141 50.96 -68.38 9.54
N GLY F 142 51.27 -67.92 8.33
CA GLY F 142 51.83 -68.83 7.33
C GLY F 142 53.15 -69.42 7.79
N VAL F 143 53.98 -68.62 8.44
CA VAL F 143 55.25 -69.12 8.97
C VAL F 143 54.99 -70.19 10.03
N CYS F 144 54.03 -69.93 10.93
CA CYS F 144 53.70 -70.92 11.95
C CYS F 144 53.18 -72.21 11.32
N VAL F 145 52.39 -72.10 10.24
CA VAL F 145 51.92 -73.29 9.56
C VAL F 145 53.10 -74.07 8.97
N ALA F 146 54.03 -73.37 8.34
CA ALA F 146 55.20 -74.03 7.79
C ALA F 146 55.98 -74.75 8.89
N ALA F 147 56.10 -74.12 10.06
CA ALA F 147 56.73 -74.79 11.19
C ALA F 147 55.94 -76.03 11.59
N SER F 148 54.62 -75.93 11.62
CA SER F 148 53.79 -77.08 11.91
C SER F 148 54.05 -78.21 10.91
N ARG F 149 54.48 -77.86 9.70
CA ARG F 149 54.91 -78.86 8.74
C ARG F 149 56.26 -79.48 9.10
N VAL F 150 56.89 -79.04 10.18
CA VAL F 150 58.19 -79.56 10.58
C VAL F 150 58.09 -80.16 11.98
N TYR F 151 57.77 -79.34 12.97
CA TYR F 151 57.55 -79.80 14.34
C TYR F 151 56.15 -80.41 14.44
N LYS F 152 55.99 -81.56 13.81
CA LYS F 152 54.70 -82.24 13.83
C LYS F 152 54.26 -82.60 15.24
N SER F 153 55.19 -82.65 16.19
CA SER F 153 54.83 -82.98 17.57
C SER F 153 54.10 -81.82 18.24
N LYS F 154 54.72 -80.63 18.25
CA LYS F 154 54.11 -79.47 18.88
C LYS F 154 52.81 -79.12 18.18
N ARG F 155 51.69 -79.33 18.85
CA ARG F 155 50.37 -79.10 18.26
C ARG F 155 49.84 -77.70 18.51
N ASN F 156 50.50 -76.91 19.36
CA ASN F 156 50.05 -75.56 19.68
C ASN F 156 50.62 -74.51 18.74
N ILE F 157 50.95 -74.91 17.52
CA ILE F 157 51.47 -74.02 16.50
C ILE F 157 50.41 -73.69 15.46
N ILE F 158 49.76 -74.74 14.94
CA ILE F 158 48.67 -74.60 13.98
C ILE F 158 47.48 -73.95 14.66
N LEU F 159 47.57 -73.77 15.98
CA LEU F 159 46.59 -72.99 16.73
C LEU F 159 46.94 -71.50 16.67
N GLY F 160 48.20 -71.17 16.93
CA GLY F 160 48.62 -69.80 16.77
C GLY F 160 48.37 -69.29 15.38
N ALA F 161 48.56 -70.14 14.37
CA ALA F 161 48.28 -69.75 13.01
C ALA F 161 46.82 -69.32 12.85
N GLY F 162 45.90 -70.12 13.38
CA GLY F 162 44.49 -69.79 13.26
C GLY F 162 44.12 -68.53 14.01
N ILE F 163 44.66 -68.37 15.21
CA ILE F 163 44.40 -67.15 15.98
C ILE F 163 44.87 -65.94 15.21
N LEU F 164 46.07 -66.01 14.64
CA LEU F 164 46.62 -64.90 13.88
C LEU F 164 45.79 -64.59 12.65
N PHE F 165 45.32 -65.63 11.95
CA PHE F 165 44.49 -65.40 10.77
C PHE F 165 43.19 -64.70 11.14
N VAL F 166 42.55 -65.16 12.21
CA VAL F 166 41.29 -64.54 12.64
C VAL F 166 41.52 -63.10 13.06
N ALA F 167 42.59 -62.85 13.81
CA ALA F 167 42.90 -61.49 14.23
C ALA F 167 43.21 -60.60 13.02
N ALA F 168 43.86 -61.16 12.00
CA ALA F 168 44.12 -60.40 10.79
C ALA F 168 42.81 -60.02 10.10
N GLY F 169 41.86 -60.94 10.04
CA GLY F 169 40.56 -60.60 9.49
C GLY F 169 39.89 -59.48 10.27
N LEU F 170 39.96 -59.53 11.60
CA LEU F 170 39.38 -58.46 12.40
C LEU F 170 40.05 -57.13 12.11
N SER F 171 41.38 -57.13 12.02
CA SER F 171 42.10 -55.89 11.75
C SER F 171 41.74 -55.34 10.38
N ASN F 172 41.55 -56.21 9.39
CA ASN F 172 41.11 -55.74 8.09
C ASN F 172 39.73 -55.11 8.17
N ILE F 173 38.82 -55.71 8.93
CA ILE F 173 37.51 -55.10 9.12
C ILE F 173 37.67 -53.69 9.68
N ILE F 174 38.51 -53.55 10.70
CA ILE F 174 38.70 -52.26 11.35
C ILE F 174 39.28 -51.25 10.38
N GLY F 175 40.25 -51.67 9.58
CA GLY F 175 40.84 -50.77 8.60
C GLY F 175 39.83 -50.32 7.57
N VAL F 176 38.98 -51.23 7.12
CA VAL F 176 37.94 -50.86 6.16
C VAL F 176 37.00 -49.83 6.77
N ILE F 177 36.60 -50.07 8.03
CA ILE F 177 35.69 -49.13 8.69
C ILE F 177 36.34 -47.77 8.81
N VAL F 178 37.61 -47.74 9.22
CA VAL F 178 38.33 -46.47 9.38
C VAL F 178 38.43 -45.74 8.05
N TYR F 179 38.79 -46.45 6.99
CA TYR F 179 38.91 -45.85 5.68
C TYR F 179 37.59 -45.21 5.25
N ILE F 180 36.51 -45.98 5.33
CA ILE F 180 35.20 -45.48 4.90
C ILE F 180 34.78 -44.29 5.75
N SER F 181 34.99 -44.36 7.07
CA SER F 181 34.60 -43.25 7.93
C SER F 181 35.40 -42.00 7.62
N ALA F 182 36.70 -42.14 7.39
CA ALA F 182 37.55 -40.98 7.18
C ALA F 182 37.25 -40.32 5.84
N ASN F 183 36.98 -41.11 4.80
CA ASN F 183 36.66 -40.52 3.51
C ASN F 183 35.51 -39.52 3.62
N ALA F 184 34.48 -39.87 4.39
CA ALA F 184 33.33 -39.01 4.53
C ALA F 184 33.69 -37.71 5.22
N GLY F 185 33.01 -36.64 4.83
CA GLY F 185 33.24 -35.33 5.42
C GLY F 185 32.04 -34.44 5.24
N GLU F 186 32.07 -33.30 5.91
CA GLU F 186 31.00 -32.32 5.84
C GLU F 186 31.28 -31.14 6.76
N LYS F 196 32.28 -34.81 -5.89
CA LYS F 196 31.84 -34.89 -4.50
C LYS F 196 30.57 -35.73 -4.39
N ASN F 197 30.43 -36.70 -5.29
CA ASN F 197 29.28 -37.59 -5.31
C ASN F 197 29.55 -38.66 -6.35
N HIS F 198 28.61 -39.62 -6.44
CA HIS F 198 28.69 -40.69 -7.43
C HIS F 198 30.02 -41.43 -7.35
N TYR F 199 30.65 -41.41 -6.18
CA TYR F 199 31.92 -42.09 -6.00
C TYR F 199 31.73 -43.60 -6.09
N SER F 200 32.85 -44.33 -6.07
CA SER F 200 32.83 -45.76 -6.24
C SER F 200 34.11 -46.35 -5.68
N TYR F 201 34.10 -47.65 -5.45
CA TYR F 201 35.22 -48.38 -4.89
C TYR F 201 35.86 -49.24 -5.95
N GLY F 202 37.19 -49.33 -5.90
CA GLY F 202 37.96 -50.03 -6.89
C GLY F 202 38.30 -51.46 -6.49
N TRP F 203 39.07 -52.11 -7.37
CA TRP F 203 39.39 -53.52 -7.18
C TRP F 203 40.35 -53.75 -6.01
N SER F 204 41.08 -52.72 -5.57
CA SER F 204 41.94 -52.87 -4.41
C SER F 204 41.12 -53.07 -3.13
N PHE F 205 40.03 -52.33 -3.00
CA PHE F 205 39.14 -52.49 -1.86
C PHE F 205 38.60 -53.92 -1.79
N TYR F 206 38.19 -54.45 -2.93
CA TYR F 206 37.67 -55.80 -2.97
C TYR F 206 38.77 -56.84 -2.82
N PHE F 207 40.01 -56.50 -3.19
CA PHE F 207 41.14 -57.35 -2.83
C PHE F 207 41.29 -57.46 -1.32
N GLY F 208 41.16 -56.33 -0.63
CA GLY F 208 41.17 -56.37 0.82
C GLY F 208 40.06 -57.23 1.39
N GLY F 209 38.85 -57.08 0.85
CA GLY F 209 37.74 -57.91 1.30
C GLY F 209 38.00 -59.40 1.08
N LEU F 210 38.52 -59.74 -0.10
CA LEU F 210 38.87 -61.12 -0.40
C LEU F 210 39.92 -61.65 0.56
N SER F 211 40.91 -60.81 0.89
CA SER F 211 41.91 -61.19 1.86
C SER F 211 41.27 -61.52 3.20
N PHE F 212 40.32 -60.69 3.63
CA PHE F 212 39.62 -60.95 4.89
C PHE F 212 38.91 -62.29 4.86
N ILE F 213 38.17 -62.55 3.78
CA ILE F 213 37.41 -63.79 3.67
C ILE F 213 38.34 -64.99 3.70
N LEU F 214 39.43 -64.91 2.93
CA LEU F 214 40.37 -66.03 2.89
C LEU F 214 41.01 -66.25 4.25
N ALA F 215 41.36 -65.17 4.95
CA ALA F 215 41.97 -65.31 6.27
C ALA F 215 41.03 -66.02 7.23
N GLU F 216 39.76 -65.65 7.23
CA GLU F 216 38.81 -66.31 8.10
C GLU F 216 38.67 -67.79 7.74
N VAL F 217 38.60 -68.10 6.44
CA VAL F 217 38.47 -69.48 6.01
C VAL F 217 39.66 -70.31 6.48
N ILE F 218 40.87 -69.79 6.29
CA ILE F 218 42.05 -70.58 6.63
C ILE F 218 42.21 -70.68 8.14
N GLY F 219 41.74 -69.68 8.88
CA GLY F 219 41.68 -69.84 10.32
C GLY F 219 40.77 -70.98 10.73
N VAL F 220 39.62 -71.08 10.07
CA VAL F 220 38.72 -72.20 10.33
C VAL F 220 39.41 -73.52 10.05
N LEU F 221 40.08 -73.62 8.90
CA LEU F 221 40.74 -74.86 8.54
C LEU F 221 41.84 -75.22 9.52
N ALA F 222 42.63 -74.23 9.94
CA ALA F 222 43.70 -74.49 10.90
C ALA F 222 43.14 -74.96 12.23
N VAL F 223 42.04 -74.36 12.69
CA VAL F 223 41.44 -74.80 13.94
C VAL F 223 40.93 -76.23 13.80
N ASN F 224 40.36 -76.57 12.64
CA ASN F 224 39.90 -77.94 12.43
C ASN F 224 41.08 -78.91 12.44
N ILE F 225 42.20 -78.50 11.87
CA ILE F 225 43.39 -79.34 11.88
C ILE F 225 43.86 -79.57 13.30
N TYR F 226 43.89 -78.51 14.11
CA TYR F 226 44.26 -78.65 15.51
C TYR F 226 43.31 -79.60 16.22
N ILE F 227 42.02 -79.49 15.93
CA ILE F 227 41.04 -80.37 16.56
C ILE F 227 41.35 -81.82 16.23
N GLU F 228 41.53 -82.12 14.93
CA GLU F 228 41.77 -83.49 14.52
C GLU F 228 43.05 -84.03 15.14
N ARG F 229 44.12 -83.23 15.14
CA ARG F 229 45.40 -83.68 15.65
C ARG F 229 45.34 -83.94 17.15
N SER F 230 44.76 -83.00 17.90
CA SER F 230 44.64 -83.18 19.34
C SER F 230 43.76 -84.38 19.66
N ARG F 231 42.67 -84.57 18.91
CA ARG F 231 41.81 -85.72 19.13
C ARG F 231 42.57 -87.02 18.89
N GLU F 232 43.31 -87.10 17.78
CA GLU F 232 44.09 -88.30 17.50
C GLU F 232 45.05 -88.58 18.64
N ALA F 233 45.81 -87.57 19.05
CA ALA F 233 46.82 -87.80 20.09
C ALA F 233 46.17 -88.21 21.41
N HIS F 234 45.09 -87.53 21.80
CA HIS F 234 44.44 -87.83 23.07
C HIS F 234 43.84 -89.22 23.06
N CYS F 235 43.17 -89.61 21.97
CA CYS F 235 42.59 -90.94 21.89
C CYS F 235 43.68 -92.01 21.91
N GLN F 236 44.77 -91.78 21.18
CA GLN F 236 45.88 -92.73 21.21
C GLN F 236 46.45 -92.88 22.61
N SER F 237 46.63 -91.77 23.32
CA SER F 237 47.20 -91.83 24.66
C SER F 237 46.26 -92.54 25.62
N ARG F 238 44.97 -92.15 25.63
CA ARG F 238 44.02 -92.75 26.56
C ARG F 238 43.87 -94.25 26.29
N SER F 239 43.73 -94.62 25.01
CA SER F 239 43.64 -96.04 24.67
C SER F 239 44.93 -96.79 24.99
N ASP F 240 46.03 -96.08 25.18
CA ASP F 240 47.30 -96.69 25.52
C ASP F 240 47.53 -96.67 27.03
N PHE G 29 -0.37 102.42 27.32
CA PHE G 29 -1.73 102.06 26.94
C PHE G 29 -2.67 102.19 28.13
N PRO G 30 -3.97 102.36 27.86
CA PRO G 30 -4.93 102.51 28.97
C PRO G 30 -4.95 101.28 29.86
N ASN G 31 -5.12 101.52 31.16
CA ASN G 31 -5.20 100.43 32.13
C ASN G 31 -6.59 99.79 32.18
N ASN G 32 -7.58 100.38 31.53
CA ASN G 32 -8.92 99.81 31.47
C ASN G 32 -9.07 98.90 30.25
N ILE G 33 -8.17 97.92 30.14
CA ILE G 33 -8.21 96.97 29.04
C ILE G 33 -9.17 95.86 29.41
N GLN G 34 -10.44 96.05 29.10
CA GLN G 34 -11.47 95.12 29.54
C GLN G 34 -11.34 93.79 28.80
N ILE G 35 -11.35 92.71 29.57
CA ILE G 35 -11.30 91.36 29.04
C ILE G 35 -12.56 90.62 29.48
N GLY G 36 -13.03 89.71 28.63
CA GLY G 36 -14.24 88.96 28.91
C GLY G 36 -13.93 87.61 29.51
N GLY G 37 -15.01 86.91 29.84
CA GLY G 37 -14.91 85.58 30.39
C GLY G 37 -16.22 84.84 30.28
N LEU G 38 -16.18 83.61 29.79
CA LEU G 38 -17.37 82.77 29.64
C LEU G 38 -17.17 81.53 30.48
N PHE G 39 -18.00 81.35 31.51
CA PHE G 39 -17.85 80.20 32.37
C PHE G 39 -19.19 79.50 32.58
N PRO G 40 -19.17 78.20 32.88
CA PRO G 40 -20.42 77.48 33.13
C PRO G 40 -20.92 77.55 34.56
N ASN G 41 -20.04 77.71 35.55
CA ASN G 41 -20.43 77.63 36.94
C ASN G 41 -19.76 78.75 37.72
N GLN G 42 -20.56 79.42 38.57
CA GLN G 42 -20.05 80.55 39.35
C GLN G 42 -18.97 80.10 40.32
N GLN G 43 -19.17 78.97 40.99
CA GLN G 43 -18.24 78.46 42.00
C GLN G 43 -17.62 77.17 41.49
N SER G 44 -16.33 77.23 41.18
CA SER G 44 -15.59 76.05 40.75
C SER G 44 -14.10 76.33 40.84
N GLN G 45 -13.31 75.26 40.81
CA GLN G 45 -11.87 75.41 40.93
C GLN G 45 -11.31 76.27 39.81
N GLU G 46 -11.81 76.06 38.59
CA GLU G 46 -11.33 76.81 37.44
C GLU G 46 -11.61 78.30 37.62
N HIS G 47 -12.83 78.65 38.00
CA HIS G 47 -13.18 80.05 38.20
C HIS G 47 -12.35 80.65 39.33
N ALA G 48 -12.17 79.91 40.42
CA ALA G 48 -11.39 80.43 41.54
C ALA G 48 -9.95 80.68 41.12
N ALA G 49 -9.36 79.77 40.36
CA ALA G 49 -8.00 79.96 39.90
C ALA G 49 -7.89 81.18 38.99
N PHE G 50 -8.85 81.35 38.09
CA PHE G 50 -8.83 82.53 37.23
C PHE G 50 -8.92 83.80 38.06
N ARG G 51 -9.79 83.81 39.07
CA ARG G 51 -9.92 84.99 39.91
C ARG G 51 -8.63 85.27 40.67
N PHE G 52 -7.99 84.22 41.17
CA PHE G 52 -6.79 84.40 41.99
C PHE G 52 -5.63 84.91 41.16
N ALA G 53 -5.39 84.29 40.00
CA ALA G 53 -4.19 84.62 39.23
C ALA G 53 -4.12 86.10 38.90
N LEU G 54 -5.27 86.77 38.80
CA LEU G 54 -5.27 88.20 38.49
C LEU G 54 -4.64 89.00 39.62
N SER G 55 -4.77 88.53 40.85
CA SER G 55 -4.17 89.24 41.98
C SER G 55 -2.67 89.38 41.80
N GLN G 56 -2.01 88.32 41.35
CA GLN G 56 -0.57 88.38 41.12
C GLN G 56 -0.21 89.34 39.99
N LEU G 57 -1.17 89.76 39.19
CA LEU G 57 -0.89 90.66 38.07
C LEU G 57 -0.45 92.01 38.60
N THR G 58 0.85 92.28 38.52
CA THR G 58 1.42 93.57 38.92
C THR G 58 1.77 94.44 37.73
N GLU G 59 1.40 94.03 36.52
CA GLU G 59 1.74 94.80 35.34
C GLU G 59 0.96 96.10 35.29
N PRO G 60 1.46 97.11 34.58
CA PRO G 60 0.77 98.40 34.51
C PRO G 60 -0.65 98.24 33.99
N PRO G 61 -0.87 97.40 32.98
CA PRO G 61 -2.25 97.17 32.52
C PRO G 61 -3.09 96.48 33.59
N LYS G 62 -4.36 96.84 33.63
CA LYS G 62 -5.33 96.25 34.55
C LYS G 62 -6.37 95.51 33.71
N LEU G 63 -6.39 94.18 33.85
CA LEU G 63 -7.30 93.35 33.08
C LEU G 63 -8.55 93.07 33.90
N LEU G 64 -9.70 93.33 33.31
CA LEU G 64 -10.97 93.10 33.99
C LEU G 64 -11.50 91.70 33.67
N PRO G 65 -11.98 90.96 34.66
CA PRO G 65 -12.49 89.62 34.37
C PRO G 65 -13.77 89.65 33.56
N GLN G 66 -14.71 90.49 33.99
CA GLN G 66 -15.99 90.67 33.31
C GLN G 66 -16.65 89.32 33.03
N ILE G 67 -16.80 88.52 34.08
CA ILE G 67 -17.28 87.15 33.93
C ILE G 67 -18.75 87.15 33.53
N ASP G 68 -19.11 86.20 32.67
CA ASP G 68 -20.49 85.86 32.36
C ASP G 68 -20.66 84.37 32.56
N ILE G 69 -21.66 84.00 33.35
CA ILE G 69 -21.98 82.60 33.56
C ILE G 69 -22.94 82.17 32.47
N VAL G 70 -22.50 81.22 31.65
CA VAL G 70 -23.24 80.81 30.46
C VAL G 70 -23.18 79.30 30.36
N ASN G 71 -24.29 78.70 29.94
CA ASN G 71 -24.30 77.28 29.70
C ASN G 71 -23.56 76.98 28.40
N ILE G 72 -22.66 76.01 28.45
CA ILE G 72 -21.78 75.77 27.32
C ILE G 72 -22.51 75.13 26.16
N SER G 73 -23.33 74.13 26.43
CA SER G 73 -23.92 73.35 25.34
C SER G 73 -24.77 74.20 24.43
N ASP G 74 -25.54 75.13 25.00
CA ASP G 74 -26.51 75.89 24.22
C ASP G 74 -25.78 76.95 23.40
N SER G 75 -25.83 76.82 22.08
CA SER G 75 -25.12 77.74 21.21
C SER G 75 -25.78 79.12 21.20
N PHE G 76 -27.11 79.16 21.32
CA PHE G 76 -27.80 80.45 21.28
C PHE G 76 -27.42 81.32 22.48
N GLU G 77 -27.50 80.75 23.67
CA GLU G 77 -27.09 81.48 24.86
C GLU G 77 -25.67 82.02 24.69
N MET G 78 -24.77 81.18 24.18
CA MET G 78 -23.38 81.62 24.00
C MET G 78 -23.26 82.74 22.99
N THR G 79 -23.98 82.64 21.88
CA THR G 79 -23.88 83.71 20.89
C THR G 79 -24.38 85.02 21.49
N TYR G 80 -25.42 84.93 22.33
CA TYR G 80 -25.88 86.12 23.04
C TYR G 80 -24.78 86.71 23.90
N ARG G 81 -24.11 85.88 24.69
CA ARG G 81 -23.07 86.39 25.58
C ARG G 81 -21.88 86.95 24.82
N PHE G 82 -21.47 86.27 23.75
CA PHE G 82 -20.34 86.72 22.95
C PHE G 82 -20.65 88.04 22.28
N CYS G 83 -21.87 88.22 21.78
CA CYS G 83 -22.25 89.51 21.22
C CYS G 83 -22.37 90.58 22.29
N SER G 84 -22.78 90.22 23.50
CA SER G 84 -22.79 91.20 24.59
C SER G 84 -21.38 91.70 24.87
N GLN G 85 -20.42 90.78 24.96
CA GLN G 85 -19.04 91.19 25.18
C GLN G 85 -18.52 92.01 24.01
N PHE G 86 -18.96 91.70 22.80
CA PHE G 86 -18.68 92.57 21.66
C PHE G 86 -19.21 93.97 21.91
N SER G 87 -20.44 94.07 22.43
CA SER G 87 -21.02 95.37 22.71
C SER G 87 -20.18 96.14 23.71
N LYS G 88 -19.69 95.44 24.75
CA LYS G 88 -18.85 96.11 25.74
C LYS G 88 -17.51 96.55 25.16
N GLY G 89 -17.13 96.03 23.99
CA GLY G 89 -15.86 96.38 23.39
C GLY G 89 -14.69 95.56 23.87
N VAL G 90 -14.95 94.37 24.43
CA VAL G 90 -13.89 93.57 25.02
C VAL G 90 -12.80 93.31 24.00
N TYR G 91 -11.55 93.38 24.46
CA TYR G 91 -10.41 93.21 23.56
C TYR G 91 -10.08 91.74 23.32
N ALA G 92 -10.21 90.91 24.33
CA ALA G 92 -9.92 89.49 24.22
C ALA G 92 -10.88 88.72 25.10
N ILE G 93 -11.01 87.43 24.82
CA ILE G 93 -11.99 86.59 25.49
C ILE G 93 -11.30 85.32 25.99
N PHE G 94 -11.70 84.88 27.17
CA PHE G 94 -11.27 83.63 27.77
C PHE G 94 -12.50 82.84 28.16
N GLY G 95 -12.45 81.53 27.95
CA GLY G 95 -13.58 80.71 28.32
C GLY G 95 -13.43 79.30 27.80
N PHE G 96 -14.51 78.55 27.94
CA PHE G 96 -14.59 77.14 27.62
C PHE G 96 -15.56 76.93 26.47
N TYR G 97 -15.39 75.81 25.78
CA TYR G 97 -16.33 75.41 24.74
C TYR G 97 -16.39 73.89 24.64
N GLU G 98 -17.57 73.40 24.31
CA GLU G 98 -17.85 71.98 24.17
C GLU G 98 -18.12 71.65 22.70
N ARG G 99 -18.32 70.36 22.45
CA ARG G 99 -18.50 69.87 21.09
C ARG G 99 -19.58 70.62 20.32
N ARG G 100 -20.72 70.86 20.97
CA ARG G 100 -21.86 71.43 20.27
C ARG G 100 -21.56 72.82 19.77
N THR G 101 -20.80 73.59 20.55
CA THR G 101 -20.61 75.02 20.33
C THR G 101 -19.17 75.38 20.03
N VAL G 102 -18.32 74.41 19.71
CA VAL G 102 -16.98 74.75 19.23
C VAL G 102 -17.04 75.45 17.90
N ASN G 103 -17.80 74.91 16.95
CA ASN G 103 -17.82 75.49 15.62
C ASN G 103 -18.35 76.92 15.67
N MET G 104 -19.55 77.11 16.22
CA MET G 104 -20.12 78.44 16.34
C MET G 104 -19.08 79.44 16.83
N LEU G 105 -18.53 79.20 18.00
CA LEU G 105 -17.55 80.13 18.56
C LEU G 105 -16.40 80.34 17.59
N THR G 106 -15.80 79.25 17.14
CA THR G 106 -14.68 79.37 16.23
C THR G 106 -15.04 80.29 15.08
N SER G 107 -16.23 80.12 14.52
CA SER G 107 -16.64 80.90 13.37
C SER G 107 -16.69 82.38 13.69
N PHE G 108 -17.22 82.75 14.86
CA PHE G 108 -17.28 84.17 15.15
C PHE G 108 -15.89 84.75 15.38
N CYS G 109 -14.95 83.92 15.83
CA CYS G 109 -13.64 84.46 16.16
C CYS G 109 -12.82 84.75 14.92
N GLY G 110 -13.06 84.00 13.84
CA GLY G 110 -12.38 84.23 12.59
C GLY G 110 -13.01 85.27 11.69
N ALA G 111 -14.21 85.73 12.05
CA ALA G 111 -14.92 86.73 11.25
C ALA G 111 -14.72 88.14 11.78
N LEU G 112 -14.87 88.32 13.09
CA LEU G 112 -14.65 89.61 13.73
C LEU G 112 -13.19 89.86 14.07
N HIS G 113 -12.32 88.90 13.79
CA HIS G 113 -10.90 89.00 14.13
C HIS G 113 -10.74 89.30 15.62
N VAL G 114 -11.31 88.42 16.43
CA VAL G 114 -11.31 88.54 17.88
C VAL G 114 -10.75 87.25 18.46
N CYS G 115 -9.79 87.38 19.36
CA CYS G 115 -9.09 86.22 19.90
C CYS G 115 -9.90 85.58 21.02
N PHE G 116 -9.66 84.28 21.21
CA PHE G 116 -10.41 83.48 22.18
C PHE G 116 -9.44 82.50 22.82
N ILE G 117 -9.15 82.70 24.09
CA ILE G 117 -8.29 81.82 24.85
C ILE G 117 -9.14 80.69 25.42
N THR G 118 -8.59 79.48 25.45
CA THR G 118 -9.33 78.39 26.03
C THR G 118 -8.44 77.27 26.52
N PRO G 119 -8.76 76.66 27.65
CA PRO G 119 -8.16 75.38 28.03
C PRO G 119 -8.96 74.15 27.62
N SER G 120 -10.02 74.32 26.84
CA SER G 120 -10.87 73.19 26.51
C SER G 120 -10.19 72.30 25.47
N PHE G 121 -10.88 71.23 25.11
CA PHE G 121 -10.29 70.24 24.23
C PHE G 121 -9.88 70.89 22.91
N PRO G 122 -8.71 70.55 22.38
CA PRO G 122 -8.28 71.14 21.12
C PRO G 122 -8.95 70.47 19.93
N VAL G 123 -8.92 71.20 18.81
CA VAL G 123 -9.62 70.78 17.61
C VAL G 123 -8.67 70.85 16.43
N ASP G 124 -8.97 70.06 15.39
CA ASP G 124 -8.09 69.96 14.24
C ASP G 124 -8.29 71.13 13.29
N THR G 125 -9.54 71.46 12.98
CA THR G 125 -9.85 72.56 12.10
C THR G 125 -10.27 73.76 12.93
N SER G 126 -9.50 74.84 12.81
CA SER G 126 -9.75 76.02 13.62
C SER G 126 -9.05 77.21 12.98
N ASN G 127 -9.46 78.40 13.40
CA ASN G 127 -8.82 79.61 12.94
C ASN G 127 -7.53 79.84 13.72
N GLN G 128 -6.88 80.95 13.41
CA GLN G 128 -5.67 81.36 14.12
C GLN G 128 -5.98 82.24 15.32
N PHE G 129 -7.23 82.63 15.50
CA PHE G 129 -7.63 83.49 16.60
C PHE G 129 -8.04 82.71 17.84
N VAL G 130 -7.97 81.39 17.81
CA VAL G 130 -8.38 80.55 18.92
C VAL G 130 -7.13 79.91 19.50
N LEU G 131 -6.74 80.35 20.69
CA LEU G 131 -5.55 79.85 21.35
C LEU G 131 -5.95 78.76 22.34
N GLN G 132 -5.53 77.54 22.04
CA GLN G 132 -5.89 76.36 22.81
C GLN G 132 -4.75 76.02 23.75
N LEU G 133 -4.95 76.29 25.04
CA LEU G 133 -3.95 75.99 26.05
C LEU G 133 -4.09 74.58 26.59
N ARG G 134 -4.14 73.62 25.68
CA ARG G 134 -4.21 72.21 26.06
C ARG G 134 -3.52 71.42 24.96
N PRO G 135 -2.28 71.00 25.17
CA PRO G 135 -1.59 70.21 24.15
C PRO G 135 -2.35 68.94 23.84
N GLU G 136 -2.29 68.53 22.58
CA GLU G 136 -3.02 67.35 22.14
C GLU G 136 -2.30 66.09 22.58
N LEU G 137 -3.06 65.14 23.13
CA LEU G 137 -2.54 63.86 23.57
C LEU G 137 -2.56 62.80 22.47
N GLN G 138 -3.14 63.11 21.31
CA GLN G 138 -3.31 62.08 20.29
C GLN G 138 -1.98 61.53 19.82
N GLU G 139 -1.00 62.40 19.60
CA GLU G 139 0.30 61.94 19.14
C GLU G 139 0.99 61.08 20.18
N ALA G 140 1.03 61.56 21.43
CA ALA G 140 1.72 60.82 22.48
C ALA G 140 1.05 59.49 22.75
N LEU G 141 -0.27 59.46 22.70
CA LEU G 141 -0.99 58.21 22.92
C LEU G 141 -0.58 57.17 21.91
N ILE G 142 -0.42 57.58 20.66
CA ILE G 142 0.02 56.66 19.63
C ILE G 142 1.40 56.10 19.96
N SER G 143 2.31 56.97 20.42
CA SER G 143 3.65 56.51 20.75
C SER G 143 3.63 55.50 21.90
N ILE G 144 2.88 55.80 22.94
CA ILE G 144 2.82 54.91 24.09
C ILE G 144 2.23 53.56 23.69
N ILE G 145 1.15 53.58 22.90
CA ILE G 145 0.58 52.32 22.44
C ILE G 145 1.60 51.56 21.59
N ASP G 146 2.34 52.28 20.75
CA ASP G 146 3.33 51.64 19.88
C ASP G 146 4.40 50.94 20.72
N HIS G 147 4.90 51.62 21.75
CA HIS G 147 6.01 51.05 22.51
C HIS G 147 5.65 49.71 23.12
N TYR G 148 4.55 49.66 23.86
CA TYR G 148 4.07 48.38 24.35
C TYR G 148 3.64 47.50 23.18
N LYS G 149 3.89 46.20 23.32
CA LYS G 149 3.53 45.24 22.27
C LYS G 149 2.02 45.03 22.32
N TRP G 150 1.30 46.03 21.83
CA TRP G 150 -0.16 46.03 21.80
C TRP G 150 -0.65 45.55 20.44
N GLN G 151 -1.23 44.35 20.42
CA GLN G 151 -1.67 43.77 19.15
C GLN G 151 -3.14 44.05 18.89
N THR G 152 -3.99 43.87 19.90
CA THR G 152 -5.40 44.20 19.80
C THR G 152 -5.83 44.84 21.10
N PHE G 153 -6.81 45.74 21.02
CA PHE G 153 -7.29 46.35 22.24
C PHE G 153 -8.64 47.01 22.02
N VAL G 154 -9.23 47.43 23.14
CA VAL G 154 -10.50 48.11 23.16
C VAL G 154 -10.25 49.59 23.39
N TYR G 155 -10.99 50.42 22.67
CA TYR G 155 -10.94 51.86 22.81
C TYR G 155 -12.27 52.32 23.38
N ILE G 156 -12.22 53.21 24.36
CA ILE G 156 -13.40 53.80 24.96
C ILE G 156 -13.27 55.30 24.78
N TYR G 157 -14.25 55.89 24.12
CA TYR G 157 -14.17 57.29 23.74
C TYR G 157 -15.45 58.01 24.14
N ASP G 158 -15.29 59.20 24.69
CA ASP G 158 -16.40 60.08 24.96
C ASP G 158 -16.64 60.95 23.74
N ALA G 159 -17.92 61.07 23.36
CA ALA G 159 -18.27 61.86 22.20
C ALA G 159 -17.89 63.32 22.37
N ASP G 160 -17.51 63.75 23.57
CA ASP G 160 -17.20 65.15 23.82
C ASP G 160 -15.88 65.52 23.16
N ARG G 161 -15.86 65.53 21.83
CA ARG G 161 -14.77 65.97 20.99
C ARG G 161 -13.68 64.91 20.86
N GLY G 162 -13.86 63.73 21.46
CA GLY G 162 -12.85 62.70 21.35
C GLY G 162 -12.70 62.14 19.96
N LEU G 163 -13.65 62.43 19.07
CA LEU G 163 -13.66 61.80 17.76
C LEU G 163 -12.39 62.10 16.99
N SER G 164 -11.86 63.31 17.13
CA SER G 164 -10.62 63.67 16.44
C SER G 164 -9.50 62.68 16.76
N VAL G 165 -9.48 62.19 18.00
CA VAL G 165 -8.45 61.24 18.39
C VAL G 165 -8.77 59.83 17.93
N LEU G 166 -10.05 59.53 17.72
CA LEU G 166 -10.42 58.22 17.22
C LEU G 166 -9.89 58.00 15.81
N GLN G 167 -10.15 58.95 14.91
CA GLN G 167 -9.72 58.79 13.52
C GLN G 167 -8.24 58.52 13.44
N ARG G 168 -7.44 59.37 14.08
CA ARG G 168 -6.00 59.14 14.14
C ARG G 168 -5.71 57.66 14.40
N VAL G 169 -6.27 57.14 15.49
CA VAL G 169 -6.04 55.74 15.83
C VAL G 169 -6.46 54.84 14.69
N LEU G 170 -7.71 55.00 14.23
CA LEU G 170 -8.20 54.17 13.14
C LEU G 170 -7.35 54.32 11.89
N ASP G 171 -6.74 55.49 11.71
CA ASP G 171 -5.85 55.68 10.56
C ASP G 171 -4.52 54.99 10.79
N THR G 172 -4.01 55.04 12.01
CA THR G 172 -2.77 54.35 12.34
C THR G 172 -2.97 52.86 12.50
N ALA G 173 -4.18 52.42 12.83
CA ALA G 173 -4.44 50.99 12.92
C ALA G 173 -4.20 50.32 11.58
N ALA G 174 -4.63 50.96 10.50
CA ALA G 174 -4.45 50.39 9.17
C ALA G 174 -2.97 50.35 8.79
N GLU G 175 -2.25 51.43 9.05
CA GLU G 175 -0.83 51.50 8.68
C GLU G 175 -0.02 50.45 9.43
N LYS G 176 -0.31 50.26 10.71
CA LYS G 176 0.48 49.46 11.63
C LYS G 176 -0.19 48.16 12.06
N ASN G 177 -1.43 47.92 11.65
CA ASN G 177 -2.05 46.60 11.74
C ASN G 177 -2.23 46.11 13.18
N TRP G 178 -2.91 46.88 14.00
CA TRP G 178 -3.52 46.33 15.21
C TRP G 178 -5.03 46.51 15.13
N GLN G 179 -5.73 45.69 15.92
CA GLN G 179 -7.18 45.73 15.97
C GLN G 179 -7.66 46.61 17.11
N VAL G 180 -8.69 47.40 16.83
CA VAL G 180 -9.26 48.34 17.79
C VAL G 180 -10.75 48.16 17.82
N THR G 181 -11.29 47.83 18.99
CA THR G 181 -12.72 47.66 19.17
C THR G 181 -13.28 48.85 19.95
N ALA G 182 -13.70 49.87 19.20
CA ALA G 182 -14.19 51.09 19.82
C ALA G 182 -15.57 50.89 20.41
N VAL G 183 -15.83 51.55 21.54
CA VAL G 183 -17.12 51.57 22.19
C VAL G 183 -17.31 52.97 22.78
N ASN G 184 -18.49 53.54 22.58
CA ASN G 184 -18.77 54.88 23.04
C ASN G 184 -19.48 54.83 24.39
N ILE G 185 -19.01 55.65 25.33
CA ILE G 185 -19.64 55.69 26.65
C ILE G 185 -20.89 56.55 26.63
N LEU G 186 -20.92 57.59 25.80
CA LEU G 186 -22.08 58.48 25.79
C LEU G 186 -23.35 57.72 25.45
N THR G 187 -23.28 56.82 24.47
CA THR G 187 -24.41 56.00 24.07
C THR G 187 -24.26 54.56 24.53
N THR G 188 -23.57 54.35 25.65
CA THR G 188 -23.42 53.03 26.25
C THR G 188 -24.06 53.03 27.63
N THR G 189 -24.76 51.95 27.95
CA THR G 189 -25.44 51.78 29.22
C THR G 189 -24.71 50.73 30.05
N GLU G 190 -25.25 50.47 31.24
CA GLU G 190 -24.65 49.45 32.10
C GLU G 190 -24.64 48.09 31.40
N GLU G 191 -25.72 47.76 30.72
CA GLU G 191 -25.75 46.51 29.96
C GLU G 191 -24.71 46.50 28.85
N GLY G 192 -24.49 47.67 28.23
CA GLY G 192 -23.45 47.75 27.21
C GLY G 192 -22.08 47.46 27.77
N TYR G 193 -21.75 48.06 28.92
CA TYR G 193 -20.47 47.77 29.55
C TYR G 193 -20.38 46.30 29.94
N ARG G 194 -21.46 45.75 30.49
CA ARG G 194 -21.45 44.35 30.89
C ARG G 194 -21.13 43.45 29.71
N MET G 195 -21.86 43.63 28.60
CA MET G 195 -21.62 42.80 27.42
C MET G 195 -20.22 43.01 26.88
N LEU G 196 -19.76 44.26 26.82
CA LEU G 196 -18.44 44.53 26.26
C LEU G 196 -17.36 43.84 27.09
N PHE G 197 -17.43 43.96 28.41
CA PHE G 197 -16.42 43.36 29.26
C PHE G 197 -16.51 41.84 29.24
N GLN G 198 -17.73 41.31 29.18
CA GLN G 198 -17.90 39.86 29.11
C GLN G 198 -17.26 39.29 27.85
N ASP G 199 -17.49 39.94 26.71
CA ASP G 199 -16.84 39.51 25.48
C ASP G 199 -15.35 39.78 25.52
N LEU G 200 -14.92 40.77 26.30
CA LEU G 200 -13.50 41.12 26.37
C LEU G 200 -12.71 40.07 27.13
N GLU G 201 -13.23 39.63 28.28
CA GLU G 201 -12.48 38.72 29.13
C GLU G 201 -12.37 37.33 28.56
N LYS G 202 -13.14 37.02 27.52
CA LYS G 202 -12.95 35.76 26.80
C LYS G 202 -11.56 35.69 26.16
N LYS G 203 -10.92 36.84 25.98
CA LYS G 203 -9.57 36.89 25.42
C LYS G 203 -8.55 36.74 26.54
N LYS G 204 -7.43 36.09 26.22
CA LYS G 204 -6.40 35.86 27.25
C LYS G 204 -5.81 37.18 27.73
N GLU G 205 -5.52 38.09 26.82
CA GLU G 205 -4.92 39.39 27.15
C GLU G 205 -5.97 40.49 26.97
N ARG G 206 -6.04 41.40 27.92
CA ARG G 206 -7.05 42.46 27.94
C ARG G 206 -6.37 43.81 28.04
N LEU G 207 -6.48 44.60 26.97
CA LEU G 207 -5.91 45.94 26.93
C LEU G 207 -6.99 46.95 26.56
N VAL G 208 -7.00 48.06 27.26
CA VAL G 208 -8.07 49.03 27.17
C VAL G 208 -7.50 50.44 27.21
N VAL G 209 -8.05 51.32 26.38
CA VAL G 209 -7.77 52.74 26.42
C VAL G 209 -9.05 53.46 26.81
N VAL G 210 -8.91 54.46 27.66
CA VAL G 210 -10.05 55.19 28.17
C VAL G 210 -9.85 56.69 27.97
N ASP G 211 -10.34 57.21 26.85
CA ASP G 211 -10.39 58.65 26.64
C ASP G 211 -11.69 59.18 27.20
N CYS G 212 -11.59 60.18 28.08
CA CYS G 212 -12.76 60.65 28.80
C CYS G 212 -12.51 62.07 29.26
N GLU G 213 -13.56 62.71 29.75
CA GLU G 213 -13.45 64.02 30.36
C GLU G 213 -12.93 63.87 31.78
N SER G 214 -12.82 64.99 32.48
CA SER G 214 -12.37 64.93 33.88
C SER G 214 -13.38 64.19 34.75
N GLU G 215 -14.65 64.52 34.63
CA GLU G 215 -15.68 63.94 35.48
C GLU G 215 -16.20 62.59 34.96
N ARG G 216 -16.18 62.37 33.65
CA ARG G 216 -16.65 61.09 33.13
C ARG G 216 -15.70 59.97 33.52
N LEU G 217 -14.41 60.29 33.67
CA LEU G 217 -13.44 59.28 34.03
C LEU G 217 -13.73 58.70 35.41
N ASN G 218 -14.14 59.55 36.35
CA ASN G 218 -14.45 59.07 37.69
C ASN G 218 -15.61 58.09 37.66
N ALA G 219 -16.68 58.42 36.94
CA ALA G 219 -17.83 57.53 36.86
C ALA G 219 -17.47 56.23 36.16
N ILE G 220 -16.67 56.30 35.10
CA ILE G 220 -16.27 55.06 34.41
C ILE G 220 -15.38 54.22 35.31
N LEU G 221 -14.52 54.86 36.10
CA LEU G 221 -13.71 54.11 37.05
C LEU G 221 -14.59 53.40 38.06
N GLY G 222 -15.59 54.10 38.60
CA GLY G 222 -16.54 53.46 39.47
C GLY G 222 -17.23 52.30 38.79
N GLN G 223 -17.53 52.45 37.50
CA GLN G 223 -18.17 51.37 36.77
C GLN G 223 -17.28 50.15 36.68
N ILE G 224 -15.99 50.35 36.42
CA ILE G 224 -15.07 49.23 36.26
C ILE G 224 -14.70 48.61 37.60
N VAL G 225 -14.77 49.37 38.70
CA VAL G 225 -14.45 48.82 40.01
C VAL G 225 -15.47 47.75 40.40
N LYS G 226 -16.74 47.95 40.02
CA LYS G 226 -17.78 47.00 40.37
C LYS G 226 -17.38 45.58 39.95
N LEU G 227 -16.86 45.44 38.74
CA LEU G 227 -16.40 44.16 38.25
C LEU G 227 -15.60 44.40 36.97
N GLU G 228 -14.78 43.41 36.62
CA GLU G 228 -13.92 43.41 35.43
C GLU G 228 -12.68 44.25 35.63
N LYS G 229 -12.43 44.74 36.85
CA LYS G 229 -11.21 45.47 37.18
C LYS G 229 -10.29 44.66 38.07
N ASN G 230 -10.30 43.34 37.94
CA ASN G 230 -9.59 42.48 38.87
C ASN G 230 -8.08 42.69 38.81
N GLY G 231 -7.56 42.94 37.62
CA GLY G 231 -6.13 42.97 37.41
C GLY G 231 -5.53 41.71 36.82
N ILE G 232 -6.36 40.81 36.28
CA ILE G 232 -5.88 39.59 35.67
C ILE G 232 -5.54 39.86 34.21
N GLY G 233 -4.33 40.36 33.97
CA GLY G 233 -3.92 40.71 32.62
C GLY G 233 -4.59 41.95 32.08
N TYR G 234 -5.29 42.71 32.92
CA TYR G 234 -5.95 43.92 32.50
C TYR G 234 -4.94 45.07 32.48
N HIS G 235 -4.83 45.76 31.35
CA HIS G 235 -3.97 46.94 31.25
C HIS G 235 -4.81 48.11 30.72
N TYR G 236 -5.04 49.09 31.59
CA TYR G 236 -5.77 50.30 31.25
C TYR G 236 -4.80 51.42 30.93
N ILE G 237 -5.22 52.29 30.01
CA ILE G 237 -4.54 53.54 29.72
C ILE G 237 -5.54 54.66 29.88
N LEU G 238 -5.10 55.77 30.45
CA LEU G 238 -5.96 56.92 30.74
C LEU G 238 -5.46 58.10 29.93
N ALA G 239 -6.18 58.42 28.86
CA ALA G 239 -5.85 59.55 28.00
C ALA G 239 -6.44 60.83 28.60
N ASN G 240 -5.84 61.23 29.72
CA ASN G 240 -6.18 62.47 30.38
C ASN G 240 -4.89 63.19 30.74
N LEU G 241 -4.82 64.47 30.42
CA LEU G 241 -3.57 65.20 30.61
C LEU G 241 -3.17 65.25 32.08
N GLY G 242 -4.12 65.03 32.98
CA GLY G 242 -3.83 65.05 34.41
C GLY G 242 -4.20 63.75 35.06
N PHE G 243 -3.20 63.01 35.54
CA PHE G 243 -3.38 61.68 36.09
C PHE G 243 -3.23 61.63 37.60
N MET G 244 -2.64 62.66 38.21
CA MET G 244 -2.55 62.71 39.67
C MET G 244 -3.87 63.09 40.31
N ASP G 245 -4.65 63.93 39.64
CA ASP G 245 -5.92 64.38 40.21
C ASP G 245 -6.88 63.22 40.42
N ILE G 246 -6.87 62.25 39.50
CA ILE G 246 -7.86 61.18 39.55
C ILE G 246 -7.59 60.29 40.75
N ASP G 247 -8.67 59.94 41.46
CA ASP G 247 -8.58 59.11 42.66
C ASP G 247 -8.56 57.65 42.25
N LEU G 248 -7.36 57.14 42.00
CA LEU G 248 -7.14 55.74 41.65
C LEU G 248 -6.78 54.89 42.86
N ASN G 249 -7.26 55.25 44.04
CA ASN G 249 -6.95 54.48 45.24
C ASN G 249 -7.48 53.06 45.12
N LYS G 250 -8.70 52.90 44.61
CA LYS G 250 -9.26 51.57 44.43
C LYS G 250 -8.40 50.70 43.50
N PHE G 251 -7.57 51.33 42.68
CA PHE G 251 -6.70 50.60 41.77
C PHE G 251 -5.34 50.27 42.37
N LYS G 252 -5.01 50.81 43.54
CA LYS G 252 -3.73 50.52 44.18
C LYS G 252 -3.74 49.21 44.96
N GLU G 253 -4.88 48.54 45.05
CA GLU G 253 -5.02 47.30 45.81
C GLU G 253 -5.38 46.10 44.94
N SER G 254 -6.26 46.27 43.97
CA SER G 254 -6.70 45.14 43.16
C SER G 254 -5.54 44.53 42.37
N GLY G 255 -4.44 45.25 42.22
CA GLY G 255 -3.29 44.71 41.51
C GLY G 255 -3.47 44.76 40.02
N ALA G 256 -3.85 45.94 39.51
CA ALA G 256 -4.06 46.16 38.10
C ALA G 256 -3.12 47.24 37.60
N ASN G 257 -2.71 47.12 36.34
CA ASN G 257 -1.86 48.12 35.71
C ASN G 257 -2.71 49.27 35.18
N VAL G 258 -2.19 50.48 35.31
CA VAL G 258 -2.77 51.64 34.65
C VAL G 258 -1.65 52.59 34.29
N THR G 259 -1.70 53.10 33.06
CA THR G 259 -0.78 54.10 32.58
C THR G 259 -1.56 55.38 32.27
N GLY G 260 -0.90 56.51 32.50
CA GLY G 260 -1.55 57.80 32.32
C GLY G 260 -0.51 58.85 32.00
N PHE G 261 -1.00 60.05 31.77
CA PHE G 261 -0.17 61.19 31.41
C PHE G 261 -0.34 62.30 32.43
N GLN G 262 0.73 63.05 32.63
CA GLN G 262 0.71 64.23 33.49
C GLN G 262 1.35 65.38 32.75
N LEU G 263 0.77 66.56 32.90
CA LEU G 263 1.30 67.77 32.31
C LEU G 263 1.87 68.74 33.32
N VAL G 264 1.48 68.61 34.59
CA VAL G 264 1.88 69.54 35.64
C VAL G 264 2.76 68.80 36.63
N ASN G 265 3.92 69.39 36.92
CA ASN G 265 4.83 68.90 37.94
C ASN G 265 4.79 69.87 39.11
N TYR G 266 4.42 69.37 40.29
CA TYR G 266 4.32 70.22 41.46
C TYR G 266 5.66 70.42 42.16
N THR G 267 6.60 69.51 41.96
CA THR G 267 7.87 69.57 42.68
C THR G 267 8.79 70.65 42.14
N ASP G 268 8.75 70.92 40.83
CA ASP G 268 9.67 71.86 40.23
C ASP G 268 9.57 73.22 40.91
N THR G 269 10.61 74.03 40.71
CA THR G 269 10.77 75.25 41.51
C THR G 269 9.65 76.23 41.25
N ILE G 270 9.39 76.56 39.98
CA ILE G 270 8.32 77.50 39.66
C ILE G 270 6.96 76.93 40.07
N PRO G 271 6.59 75.72 39.69
CA PRO G 271 5.33 75.16 40.21
C PRO G 271 5.29 75.10 41.72
N ALA G 272 6.40 74.76 42.37
CA ALA G 272 6.39 74.66 43.82
C ALA G 272 6.10 76.01 44.46
N ARG G 273 6.77 77.07 43.98
CA ARG G 273 6.53 78.39 44.51
C ARG G 273 5.10 78.85 44.22
N ILE G 274 4.61 78.61 43.01
CA ILE G 274 3.26 79.04 42.66
C ILE G 274 2.24 78.34 43.53
N MET G 275 2.38 77.02 43.66
CA MET G 275 1.44 76.26 44.49
C MET G 275 1.52 76.68 45.94
N GLN G 276 2.73 76.88 46.46
CA GLN G 276 2.87 77.30 47.86
C GLN G 276 2.17 78.63 48.09
N GLN G 277 2.48 79.63 47.26
CA GLN G 277 1.89 80.95 47.44
C GLN G 277 0.37 80.89 47.32
N TRP G 278 -0.12 80.19 46.29
CA TRP G 278 -1.56 80.16 46.04
C TRP G 278 -2.30 79.43 47.15
N ARG G 279 -1.81 78.26 47.55
CA ARG G 279 -2.48 77.50 48.60
C ARG G 279 -2.41 78.24 49.93
N THR G 280 -1.28 78.89 50.24
CA THR G 280 -1.18 79.66 51.46
C THR G 280 -2.18 80.80 51.46
N SER G 281 -2.30 81.51 50.34
CA SER G 281 -3.26 82.60 50.26
C SER G 281 -4.68 82.09 50.41
N ASP G 282 -5.02 80.99 49.74
CA ASP G 282 -6.37 80.46 49.80
C ASP G 282 -6.72 80.00 51.21
N SER G 283 -5.80 79.29 51.86
CA SER G 283 -6.04 78.85 53.24
C SER G 283 -6.15 80.04 54.17
N ARG G 284 -5.29 81.05 54.00
CA ARG G 284 -5.37 82.24 54.84
C ARG G 284 -6.70 82.97 54.64
N ASP G 285 -7.33 82.81 53.49
CA ASP G 285 -8.62 83.41 53.24
C ASP G 285 -9.70 82.74 54.10
N LYS G 292 -5.26 70.63 48.96
CA LYS G 292 -5.66 69.95 47.74
C LYS G 292 -4.76 70.35 46.58
N ARG G 293 -4.90 69.66 45.45
CA ARG G 293 -4.14 69.92 44.26
C ARG G 293 -5.08 70.27 43.10
N PRO G 294 -4.85 71.37 42.39
CA PRO G 294 -5.78 71.75 41.32
C PRO G 294 -5.80 70.74 40.19
N LYS G 295 -6.96 70.63 39.55
CA LYS G 295 -7.08 69.81 38.36
C LYS G 295 -6.33 70.47 37.20
N TYR G 296 -6.04 69.66 36.17
CA TYR G 296 -5.30 70.18 35.03
C TYR G 296 -6.06 71.30 34.35
N THR G 297 -7.39 71.20 34.33
CA THR G 297 -8.19 72.28 33.76
C THR G 297 -7.97 73.58 34.52
N SER G 298 -7.96 73.52 35.85
CA SER G 298 -7.72 74.71 36.65
C SER G 298 -6.32 75.24 36.42
N ALA G 299 -5.34 74.35 36.28
CA ALA G 299 -3.97 74.78 36.04
C ALA G 299 -3.86 75.54 34.73
N LEU G 300 -4.49 75.01 33.69
CA LEU G 300 -4.47 75.68 32.39
C LEU G 300 -5.21 76.99 32.46
N THR G 301 -6.29 77.04 33.23
CA THR G 301 -7.02 78.30 33.42
C THR G 301 -6.11 79.34 34.05
N TYR G 302 -5.35 78.95 35.07
CA TYR G 302 -4.42 79.87 35.70
C TYR G 302 -3.36 80.32 34.71
N ASP G 303 -2.83 79.39 33.92
CA ASP G 303 -1.79 79.74 32.94
C ASP G 303 -2.30 80.73 31.90
N GLY G 304 -3.57 80.61 31.52
CA GLY G 304 -4.09 81.50 30.49
C GLY G 304 -4.06 82.95 30.91
N VAL G 305 -4.29 83.21 32.19
CA VAL G 305 -4.16 84.56 32.71
C VAL G 305 -2.75 85.07 32.46
N LYS G 306 -1.74 84.23 32.74
CA LYS G 306 -0.36 84.63 32.50
C LYS G 306 -0.12 84.89 31.02
N VAL G 307 -0.72 84.08 30.15
CA VAL G 307 -0.55 84.27 28.72
C VAL G 307 -1.06 85.65 28.31
N MET G 308 -2.29 85.96 28.69
CA MET G 308 -2.89 87.24 28.31
C MET G 308 -2.11 88.40 28.90
N ALA G 309 -1.70 88.27 30.17
CA ALA G 309 -0.94 89.33 30.81
C ALA G 309 0.39 89.55 30.12
N GLU G 310 1.07 88.46 29.75
CA GLU G 310 2.36 88.60 29.07
C GLU G 310 2.19 89.29 27.73
N ALA G 311 1.16 88.92 26.98
CA ALA G 311 0.95 89.56 25.68
C ALA G 311 0.69 91.04 25.85
N PHE G 312 -0.14 91.42 26.84
CA PHE G 312 -0.48 92.82 26.97
C PHE G 312 0.68 93.63 27.54
N GLN G 313 1.46 93.04 28.45
CA GLN G 313 2.67 93.68 28.93
C GLN G 313 3.63 93.94 27.78
N SER G 314 3.85 92.94 26.93
CA SER G 314 4.73 93.12 25.78
C SER G 314 4.17 94.11 24.78
N LEU G 315 2.84 94.23 24.69
CA LEU G 315 2.26 95.23 23.80
C LEU G 315 2.49 96.63 24.33
N ARG G 316 2.30 96.83 25.63
CA ARG G 316 2.59 98.14 26.22
C ARG G 316 4.07 98.48 26.08
N ARG G 317 4.95 97.50 26.30
CA ARG G 317 6.38 97.74 26.15
C ARG G 317 6.73 98.08 24.70
N GLN G 318 6.15 97.35 23.75
CA GLN G 318 6.43 97.58 22.33
C GLN G 318 5.83 98.87 21.81
N ARG G 319 4.98 99.54 22.59
CA ARG G 319 4.36 100.80 22.19
C ARG G 319 3.58 100.63 20.89
N ILE G 320 2.58 99.76 20.93
CA ILE G 320 1.70 99.50 19.80
C ILE G 320 0.38 100.21 20.05
N ASP G 321 -0.13 100.89 19.03
CA ASP G 321 -1.32 101.71 19.18
C ASP G 321 -2.55 100.81 19.24
N ILE G 322 -3.11 100.66 20.44
CA ILE G 322 -4.33 99.90 20.66
C ILE G 322 -5.40 100.86 21.16
N SER G 323 -6.55 100.86 20.48
CA SER G 323 -7.65 101.74 20.84
C SER G 323 -8.96 101.06 20.45
N ARG G 324 -9.94 101.17 21.33
CA ARG G 324 -11.26 100.56 21.11
C ARG G 324 -12.24 101.66 20.70
N ARG G 325 -12.79 101.54 19.51
CA ARG G 325 -13.82 102.48 19.07
C ARG G 325 -15.11 102.22 19.83
N GLY G 326 -15.78 103.31 20.22
CA GLY G 326 -17.02 103.21 20.96
C GLY G 326 -18.22 102.82 20.13
N ASN G 327 -18.03 102.54 18.84
CA ASN G 327 -19.14 102.13 18.01
C ASN G 327 -19.80 100.87 18.56
N ALA G 328 -18.98 99.90 18.98
CA ALA G 328 -19.49 98.65 19.55
C ALA G 328 -20.56 98.05 18.64
N GLY G 329 -20.20 97.92 17.36
CA GLY G 329 -21.18 97.46 16.39
C GLY G 329 -21.77 96.13 16.77
N ASP G 330 -23.05 95.95 16.46
CA ASP G 330 -23.70 94.68 16.71
C ASP G 330 -22.95 93.56 16.01
N CYS G 331 -22.74 92.45 16.71
CA CYS G 331 -22.06 91.32 16.10
C CYS G 331 -22.72 90.93 14.79
N LEU G 332 -24.04 91.08 14.71
CA LEU G 332 -24.79 90.77 13.50
C LEU G 332 -24.91 92.02 12.62
N ALA G 333 -23.76 92.55 12.22
CA ALA G 333 -23.67 93.68 11.33
C ALA G 333 -23.34 93.19 9.93
N ASN G 334 -24.10 93.62 8.94
CA ASN G 334 -23.95 93.15 7.57
C ASN G 334 -23.47 94.28 6.67
N PRO G 335 -22.20 94.32 6.24
CA PRO G 335 -21.12 93.41 6.62
C PRO G 335 -20.44 93.83 7.91
N ALA G 336 -19.88 92.86 8.62
CA ALA G 336 -19.18 93.11 9.87
C ALA G 336 -17.73 93.40 9.56
N VAL G 337 -17.33 94.66 9.71
CA VAL G 337 -15.95 95.03 9.42
C VAL G 337 -15.03 94.43 10.48
N PRO G 338 -13.95 93.76 10.10
CA PRO G 338 -12.98 93.29 11.11
C PRO G 338 -12.39 94.45 11.89
N TRP G 339 -12.14 94.22 13.17
CA TRP G 339 -11.41 95.20 13.96
C TRP G 339 -9.98 95.29 13.46
N GLY G 340 -9.53 96.50 13.16
CA GLY G 340 -8.22 96.66 12.55
C GLY G 340 -7.09 96.20 13.45
N GLN G 341 -7.13 96.58 14.72
CA GLN G 341 -6.06 96.23 15.64
C GLN G 341 -6.10 94.77 16.04
N GLY G 342 -7.27 94.13 15.99
CA GLY G 342 -7.41 92.78 16.51
C GLY G 342 -6.44 91.79 15.90
N ILE G 343 -5.94 92.06 14.70
CA ILE G 343 -4.98 91.17 14.08
C ILE G 343 -3.67 91.18 14.87
N ASP G 344 -3.14 92.37 15.13
CA ASP G 344 -1.83 92.46 15.78
C ASP G 344 -1.88 91.83 17.16
N ILE G 345 -2.96 92.10 17.91
CA ILE G 345 -3.15 91.45 19.20
C ILE G 345 -2.89 89.95 19.06
N GLN G 346 -3.53 89.33 18.05
CA GLN G 346 -3.35 87.90 17.86
C GLN G 346 -1.88 87.56 17.76
N ARG G 347 -1.16 88.25 16.87
CA ARG G 347 0.26 87.99 16.73
C ARG G 347 0.96 88.10 18.07
N ALA G 348 0.66 89.17 18.81
CA ALA G 348 1.26 89.33 20.12
C ALA G 348 0.93 88.15 21.02
N LEU G 349 -0.35 87.77 21.07
CA LEU G 349 -0.73 86.63 21.91
C LEU G 349 -0.05 85.36 21.44
N GLN G 350 0.26 85.28 20.15
CA GLN G 350 0.95 84.11 19.63
C GLN G 350 2.44 84.16 19.95
N GLN G 351 3.01 85.36 20.04
CA GLN G 351 4.45 85.48 20.17
C GLN G 351 4.93 85.16 21.58
N VAL G 352 4.08 85.39 22.59
CA VAL G 352 4.53 85.30 23.97
C VAL G 352 5.12 83.93 24.24
N ARG G 353 6.02 83.87 25.22
CA ARG G 353 6.68 82.62 25.57
C ARG G 353 7.27 82.76 26.96
N PHE G 354 7.07 81.75 27.80
CA PHE G 354 7.58 81.78 29.16
C PHE G 354 7.38 80.41 29.80
N GLU G 355 8.14 80.16 30.85
CA GLU G 355 8.03 78.93 31.61
C GLU G 355 6.89 79.09 32.61
N GLY G 356 5.72 78.61 32.24
CA GLY G 356 4.56 78.65 33.11
C GLY G 356 4.46 77.41 33.99
N LEU G 357 3.38 77.37 34.76
CA LEU G 357 3.23 76.33 35.77
C LEU G 357 3.19 74.94 35.13
N THR G 358 2.34 74.76 34.13
CA THR G 358 2.19 73.44 33.52
C THR G 358 3.47 73.03 32.79
N GLY G 359 4.01 73.92 31.98
CA GLY G 359 5.23 73.65 31.24
C GLY G 359 5.70 74.93 30.60
N ASN G 360 6.49 74.79 29.54
CA ASN G 360 6.86 75.96 28.77
C ASN G 360 5.75 76.29 27.78
N VAL G 361 5.26 77.53 27.83
CA VAL G 361 4.14 77.93 27.00
C VAL G 361 4.65 78.47 25.67
N GLN G 362 4.12 77.94 24.58
CA GLN G 362 4.47 78.38 23.24
C GLN G 362 3.24 78.17 22.36
N PHE G 363 3.31 78.71 21.15
CA PHE G 363 2.19 78.60 20.23
C PHE G 363 2.68 78.46 18.79
N ASN G 364 2.07 77.52 18.09
CA ASN G 364 2.32 77.29 16.68
C ASN G 364 1.65 78.37 15.84
N GLU G 365 1.87 78.30 14.53
CA GLU G 365 1.18 79.20 13.62
C GLU G 365 -0.32 78.94 13.63
N LYS G 366 -0.73 77.68 13.69
CA LYS G 366 -2.15 77.37 13.68
C LYS G 366 -2.83 77.85 14.95
N GLY G 367 -2.05 78.11 16.00
CA GLY G 367 -2.60 78.56 17.26
C GLY G 367 -2.82 77.44 18.26
N ARG G 368 -1.78 76.65 18.49
CA ARG G 368 -1.88 75.48 19.34
C ARG G 368 -0.57 75.30 20.09
N ARG G 369 -0.64 74.72 21.27
CA ARG G 369 0.56 74.52 22.08
C ARG G 369 1.58 73.73 21.29
N THR G 370 2.83 74.18 21.35
CA THR G 370 3.93 73.56 20.64
C THR G 370 5.13 73.43 21.55
N ASN G 371 5.97 72.45 21.26
CA ASN G 371 7.24 72.26 21.95
C ASN G 371 7.03 72.20 23.46
N TYR G 372 6.32 71.16 23.88
CA TYR G 372 5.99 70.93 25.28
C TYR G 372 6.46 69.54 25.68
N THR G 373 6.23 69.20 26.95
CA THR G 373 6.63 67.92 27.51
C THR G 373 5.47 67.31 28.27
N LEU G 374 5.32 66.00 28.14
CA LEU G 374 4.36 65.22 28.91
C LEU G 374 5.12 64.18 29.71
N HIS G 375 4.58 63.81 30.86
CA HIS G 375 5.19 62.81 31.73
C HIS G 375 4.34 61.55 31.69
N VAL G 376 4.93 60.46 31.21
CA VAL G 376 4.28 59.16 31.25
C VAL G 376 4.39 58.64 32.68
N ILE G 377 3.30 58.09 33.20
CA ILE G 377 3.24 57.69 34.60
C ILE G 377 2.41 56.43 34.73
N GLU G 378 3.04 55.35 35.20
CA GLU G 378 2.37 54.12 35.51
C GLU G 378 2.09 54.08 37.01
N MET G 379 0.91 53.61 37.38
CA MET G 379 0.56 53.43 38.78
C MET G 379 0.54 51.94 39.08
N LYS G 380 1.53 51.49 39.85
CA LYS G 380 1.57 50.11 40.32
C LYS G 380 0.73 50.00 41.59
N HIS G 381 0.65 48.78 42.14
CA HIS G 381 -0.10 48.59 43.38
C HIS G 381 0.35 49.58 44.44
N ASP G 382 1.66 49.67 44.67
CA ASP G 382 2.26 50.74 45.46
C ASP G 382 3.43 51.27 44.66
N GLY G 383 3.14 52.19 43.73
CA GLY G 383 4.18 52.78 42.92
C GLY G 383 3.66 53.83 41.96
N ILE G 384 4.30 54.99 41.94
CA ILE G 384 4.01 56.06 40.99
C ILE G 384 5.32 56.32 40.26
N ARG G 385 5.52 55.64 39.15
CA ARG G 385 6.79 55.61 38.45
C ARG G 385 6.72 56.46 37.19
N LYS G 386 7.64 57.42 37.08
CA LYS G 386 7.76 58.23 35.88
C LYS G 386 8.62 57.46 34.87
N ILE G 387 7.95 56.67 34.04
CA ILE G 387 8.66 55.86 33.05
C ILE G 387 9.50 56.75 32.14
N GLY G 388 8.91 57.81 31.63
CA GLY G 388 9.62 58.69 30.73
C GLY G 388 8.81 59.93 30.42
N TYR G 389 9.25 60.67 29.41
CA TYR G 389 8.54 61.86 29.00
C TYR G 389 8.45 61.92 27.47
N TRP G 390 7.31 62.41 27.00
CA TRP G 390 7.07 62.63 25.59
C TRP G 390 7.35 64.08 25.22
N ASN G 391 7.94 64.26 24.05
CA ASN G 391 8.29 65.58 23.52
C ASN G 391 7.92 65.64 22.05
N GLU G 392 7.75 66.86 21.55
CA GLU G 392 7.39 67.04 20.15
C GLU G 392 8.51 66.57 19.23
N ASP G 393 9.76 66.92 19.56
CA ASP G 393 10.88 66.52 18.72
C ASP G 393 11.21 65.04 18.91
N ASP G 394 11.15 64.56 20.15
CA ASP G 394 11.44 63.17 20.45
C ASP G 394 10.18 62.32 20.30
N LYS G 395 10.31 61.02 20.57
CA LYS G 395 9.18 60.09 20.54
C LYS G 395 9.30 59.19 21.77
N PHE G 396 8.75 59.65 22.88
CA PHE G 396 8.70 58.88 24.12
C PHE G 396 10.09 58.38 24.49
N VAL G 397 10.99 59.33 24.69
CA VAL G 397 12.34 59.01 25.15
C VAL G 397 12.24 58.61 26.62
N PRO G 398 12.67 57.41 26.99
CA PRO G 398 12.51 56.97 28.37
C PRO G 398 13.46 57.69 29.31
N ALA G 399 13.15 57.57 30.61
CA ALA G 399 13.95 58.21 31.64
C ALA G 399 13.55 57.69 33.02
N GLN G 413 21.01 33.34 45.35
CA GLN G 413 21.04 31.89 45.24
C GLN G 413 20.37 31.43 43.97
N ASN G 414 21.06 30.56 43.22
CA ASN G 414 20.48 30.01 42.00
C ASN G 414 19.14 29.36 42.31
N ARG G 415 18.12 29.72 41.54
CA ARG G 415 16.77 29.27 41.84
C ARG G 415 16.66 27.76 41.64
N THR G 416 15.93 27.12 42.56
CA THR G 416 15.64 25.70 42.41
C THR G 416 14.82 25.49 41.14
N TYR G 417 15.22 24.51 40.34
CA TYR G 417 14.52 24.20 39.10
C TYR G 417 13.45 23.15 39.38
N ILE G 418 12.25 23.41 38.90
CA ILE G 418 11.09 22.57 39.18
C ILE G 418 11.05 21.44 38.16
N VAL G 419 11.01 20.21 38.66
CA VAL G 419 11.04 19.01 37.83
C VAL G 419 9.66 18.36 37.87
N THR G 420 9.14 18.02 36.70
CA THR G 420 7.90 17.29 36.58
C THR G 420 8.19 15.83 36.27
N THR G 421 7.36 14.94 36.81
CA THR G 421 7.51 13.51 36.61
C THR G 421 6.10 12.90 36.61
N ILE G 422 6.04 11.58 36.76
CA ILE G 422 4.77 10.86 36.80
C ILE G 422 5.03 9.53 37.48
N LEU G 423 3.98 8.97 38.08
CA LEU G 423 4.08 7.69 38.76
C LEU G 423 3.95 6.57 37.74
N GLU G 424 5.04 5.85 37.52
CA GLU G 424 5.03 4.70 36.62
C GLU G 424 6.21 3.83 37.02
N ASP G 425 5.93 2.71 37.67
CA ASP G 425 6.99 1.85 38.12
C ASP G 425 7.78 1.32 36.92
N PRO G 426 9.12 1.26 36.99
CA PRO G 426 10.03 1.68 38.07
C PRO G 426 10.56 3.11 37.93
N TYR G 427 10.05 3.85 36.94
CA TYR G 427 10.65 5.15 36.65
C TYR G 427 10.56 6.08 37.84
N VAL G 428 9.40 6.15 38.49
CA VAL G 428 9.22 6.93 39.71
C VAL G 428 8.25 6.20 40.61
N MET G 429 8.64 6.00 41.87
CA MET G 429 7.81 5.32 42.84
C MET G 429 7.97 6.00 44.18
N LEU G 430 7.03 5.74 45.08
CA LEU G 430 7.05 6.28 46.42
C LEU G 430 7.78 5.32 47.36
N LYS G 431 8.78 5.83 48.06
CA LYS G 431 9.60 4.99 48.91
C LYS G 431 8.77 4.42 50.05
N LYS G 432 9.19 3.26 50.56
CA LYS G 432 8.52 2.65 51.70
C LYS G 432 8.49 3.63 52.86
N ASN G 433 7.33 3.72 53.51
CA ASN G 433 7.10 4.70 54.58
C ASN G 433 7.25 6.12 54.03
N ALA G 434 6.34 6.47 53.11
CA ALA G 434 6.38 7.78 52.47
C ALA G 434 6.28 8.90 53.50
N ASN G 435 5.37 8.76 54.45
CA ASN G 435 5.17 9.81 55.45
C ASN G 435 6.44 10.07 56.24
N GLN G 436 7.31 9.06 56.36
CA GLN G 436 8.54 9.24 57.13
C GLN G 436 9.44 10.29 56.50
N PHE G 437 9.58 10.28 55.17
CA PHE G 437 10.47 11.17 54.46
C PHE G 437 9.68 12.25 53.73
N GLU G 438 10.31 13.41 53.56
CA GLU G 438 9.68 14.56 52.92
C GLU G 438 10.56 15.09 51.81
N GLY G 439 9.92 15.62 50.77
CA GLY G 439 10.61 16.22 49.65
C GLY G 439 10.96 15.23 48.56
N ASN G 440 12.19 15.33 48.02
CA ASN G 440 12.64 14.35 47.04
C ASN G 440 13.04 13.03 47.67
N ASP G 441 13.39 13.02 48.96
CA ASP G 441 13.88 11.81 49.60
C ASP G 441 12.83 10.71 49.63
N ARG G 442 11.56 11.04 49.44
CA ARG G 442 10.50 10.06 49.46
C ARG G 442 10.33 9.34 48.13
N TYR G 443 10.94 9.85 47.07
CA TYR G 443 10.80 9.28 45.74
C TYR G 443 12.01 8.41 45.42
N GLU G 444 11.76 7.21 44.90
CA GLU G 444 12.81 6.29 44.51
C GLU G 444 12.49 5.74 43.13
N GLY G 445 13.49 5.70 42.26
CA GLY G 445 13.31 5.11 40.95
C GLY G 445 14.39 5.52 39.98
N TYR G 446 14.28 4.94 38.78
CA TYR G 446 15.25 5.19 37.72
C TYR G 446 15.35 6.68 37.40
N CYS G 447 14.20 7.32 37.16
CA CYS G 447 14.21 8.72 36.76
C CYS G 447 14.76 9.60 37.86
N VAL G 448 14.58 9.22 39.12
CA VAL G 448 15.07 10.05 40.22
C VAL G 448 16.59 10.10 40.21
N GLU G 449 17.23 8.94 40.10
CA GLU G 449 18.69 8.91 40.05
C GLU G 449 19.20 9.54 38.77
N LEU G 450 18.46 9.39 37.67
CA LEU G 450 18.84 10.06 36.43
C LEU G 450 18.85 11.57 36.62
N ALA G 451 17.81 12.10 37.24
CA ALA G 451 17.74 13.53 37.50
C ALA G 451 18.87 13.96 38.43
N ALA G 452 19.15 13.15 39.45
CA ALA G 452 20.26 13.46 40.34
C ALA G 452 21.56 13.62 39.55
N GLU G 453 21.87 12.64 38.70
CA GLU G 453 23.12 12.70 37.94
C GLU G 453 23.12 13.90 36.99
N ILE G 454 21.99 14.15 36.33
CA ILE G 454 21.92 15.24 35.36
C ILE G 454 22.14 16.57 36.05
N ALA G 455 21.48 16.79 37.19
CA ALA G 455 21.67 18.03 37.93
C ALA G 455 23.07 18.15 38.48
N LYS G 456 23.67 17.02 38.86
CA LYS G 456 25.05 17.04 39.34
C LYS G 456 26.00 17.52 38.24
N HIS G 457 25.80 17.02 37.01
CA HIS G 457 26.68 17.42 35.93
C HIS G 457 26.40 18.86 35.49
N VAL G 458 25.13 19.24 35.41
CA VAL G 458 24.81 20.63 35.09
C VAL G 458 25.15 21.54 36.27
N GLY G 459 24.84 21.10 37.48
CA GLY G 459 25.17 21.86 38.67
C GLY G 459 24.07 22.78 39.13
N TYR G 460 22.86 22.24 39.32
CA TYR G 460 21.72 23.01 39.78
C TYR G 460 20.92 22.18 40.78
N SER G 461 20.24 22.87 41.69
CA SER G 461 19.37 22.23 42.65
C SER G 461 17.97 22.10 42.08
N TYR G 462 17.30 20.98 42.41
CA TYR G 462 16.01 20.67 41.83
C TYR G 462 15.03 20.25 42.91
N ARG G 463 13.75 20.54 42.65
CA ARG G 463 12.64 20.12 43.50
C ARG G 463 11.67 19.33 42.63
N LEU G 464 11.36 18.12 43.04
CA LEU G 464 10.47 17.28 42.27
C LEU G 464 9.01 17.60 42.56
N GLU G 465 8.14 17.08 41.71
CA GLU G 465 6.69 17.13 41.88
C GLU G 465 6.11 16.12 40.90
N ILE G 466 4.79 16.14 40.73
CA ILE G 466 4.10 15.21 39.85
C ILE G 466 3.00 15.96 39.11
N VAL G 467 2.80 15.59 37.85
CA VAL G 467 1.72 16.19 37.07
C VAL G 467 0.40 15.78 37.69
N SER G 468 -0.40 16.76 38.10
CA SER G 468 -1.68 16.47 38.74
C SER G 468 -2.58 15.67 37.81
N ASP G 469 -2.62 16.04 36.53
CA ASP G 469 -3.41 15.29 35.58
C ASP G 469 -2.95 13.83 35.47
N GLY G 470 -1.72 13.55 35.87
CA GLY G 470 -1.22 12.19 35.81
C GLY G 470 -1.23 11.58 34.42
N LYS G 471 -1.19 12.41 33.38
CA LYS G 471 -1.21 11.95 32.01
C LYS G 471 -0.08 12.62 31.25
N TYR G 472 0.49 11.88 30.31
CA TYR G 472 1.53 12.43 29.46
C TYR G 472 0.94 13.46 28.50
N GLY G 473 1.80 14.33 28.00
CA GLY G 473 1.32 15.48 27.25
C GLY G 473 0.48 15.08 26.05
N ALA G 474 -0.56 15.87 25.79
CA ALA G 474 -1.42 15.68 24.63
C ALA G 474 -2.34 16.90 24.53
N ARG G 475 -2.61 17.31 23.30
CA ARG G 475 -3.41 18.49 23.02
C ARG G 475 -4.87 18.12 22.81
N ASP G 476 -5.76 18.99 23.24
CA ASP G 476 -7.17 18.83 22.92
C ASP G 476 -7.40 19.22 21.46
N PRO G 477 -8.01 18.35 20.65
CA PRO G 477 -8.11 18.67 19.21
C PRO G 477 -8.80 19.98 18.92
N ASP G 478 -9.83 20.33 19.70
CA ASP G 478 -10.56 21.58 19.51
C ASP G 478 -10.04 22.70 20.39
N THR G 479 -9.88 22.43 21.69
CA THR G 479 -9.42 23.46 22.62
C THR G 479 -7.98 23.87 22.35
N LYS G 480 -7.20 23.04 21.66
CA LYS G 480 -5.81 23.35 21.35
C LYS G 480 -4.97 23.58 22.60
N ALA G 481 -5.26 22.83 23.66
CA ALA G 481 -4.57 22.97 24.94
C ALA G 481 -3.94 21.63 25.33
N TRP G 482 -2.71 21.70 25.82
CA TRP G 482 -1.98 20.49 26.20
C TRP G 482 -2.43 19.99 27.57
N ASN G 483 -2.54 18.67 27.68
CA ASN G 483 -3.01 18.01 28.89
C ASN G 483 -1.92 17.07 29.40
N GLY G 484 -1.02 17.59 30.22
CA GLY G 484 -0.01 16.80 30.86
C GLY G 484 1.30 17.54 30.95
N MET G 485 2.34 16.82 31.36
CA MET G 485 3.63 17.42 31.66
C MET G 485 4.09 18.38 30.56
N VAL G 486 3.74 18.09 29.31
CA VAL G 486 4.00 19.05 28.24
C VAL G 486 3.35 20.38 28.56
N GLY G 487 2.13 20.34 29.10
CA GLY G 487 1.48 21.57 29.51
C GLY G 487 2.22 22.26 30.65
N GLU G 488 2.64 21.48 31.64
CA GLU G 488 3.41 22.05 32.75
C GLU G 488 4.74 22.61 32.29
N LEU G 489 5.20 22.26 31.09
CA LEU G 489 6.44 22.80 30.54
C LEU G 489 6.21 24.05 29.70
N VAL G 490 5.35 23.95 28.68
CA VAL G 490 5.19 25.04 27.72
C VAL G 490 4.41 26.22 28.30
N TYR G 491 3.73 26.03 29.41
CA TYR G 491 3.01 27.11 30.07
C TYR G 491 3.81 27.73 31.20
N GLY G 492 5.09 27.39 31.33
CA GLY G 492 5.97 28.00 32.29
C GLY G 492 5.89 27.41 33.69
N ARG G 493 5.00 26.45 33.91
CA ARG G 493 4.85 25.87 35.25
C ARG G 493 6.11 25.13 35.67
N ALA G 494 6.73 24.42 34.75
CA ALA G 494 7.88 23.57 35.04
C ALA G 494 9.06 23.94 34.16
N ASP G 495 10.26 23.68 34.68
CA ASP G 495 11.49 24.03 33.99
C ASP G 495 12.14 22.85 33.27
N VAL G 496 11.76 21.63 33.62
CA VAL G 496 12.31 20.45 32.97
C VAL G 496 11.42 19.27 33.33
N ALA G 497 11.40 18.27 32.45
CA ALA G 497 10.63 17.05 32.66
C ALA G 497 11.55 15.86 32.54
N VAL G 498 11.56 15.02 33.56
CA VAL G 498 12.40 13.83 33.61
C VAL G 498 11.46 12.66 33.81
N ALA G 499 11.03 12.05 32.71
CA ALA G 499 10.06 10.96 32.77
C ALA G 499 10.08 10.24 31.44
N PRO G 500 9.38 9.13 31.34
CA PRO G 500 9.34 8.40 30.06
C PRO G 500 8.52 9.11 28.99
N LEU G 501 8.99 10.28 28.56
CA LEU G 501 8.34 11.02 27.49
C LEU G 501 8.72 10.44 26.14
N THR G 502 7.75 9.81 25.49
CA THR G 502 7.95 9.36 24.13
C THR G 502 8.21 10.54 23.22
N ILE G 503 9.19 10.40 22.33
CA ILE G 503 9.54 11.47 21.41
C ILE G 503 8.62 11.39 20.20
N THR G 504 7.92 12.48 19.91
CA THR G 504 6.97 12.53 18.82
C THR G 504 7.08 13.88 18.12
N LEU G 505 6.51 13.93 16.92
CA LEU G 505 6.56 15.16 16.13
C LEU G 505 5.72 16.27 16.77
N VAL G 506 4.53 15.93 17.25
CA VAL G 506 3.65 16.94 17.81
C VAL G 506 4.32 17.65 18.98
N ARG G 507 4.99 16.89 19.85
CA ARG G 507 5.64 17.49 21.00
C ARG G 507 6.94 18.19 20.64
N GLU G 508 7.69 17.66 19.67
CA GLU G 508 8.99 18.22 19.35
C GLU G 508 8.86 19.62 18.75
N GLU G 509 7.68 19.99 18.26
CA GLU G 509 7.47 21.33 17.73
C GLU G 509 7.37 22.36 18.85
N VAL G 510 6.71 22.01 19.95
CA VAL G 510 6.47 22.93 21.05
C VAL G 510 7.34 22.62 22.26
N ILE G 511 8.30 21.70 22.12
CA ILE G 511 9.16 21.30 23.22
C ILE G 511 10.53 20.94 22.69
N ASP G 512 11.55 21.19 23.50
CA ASP G 512 12.94 20.87 23.16
C ASP G 512 13.35 19.63 23.95
N PHE G 513 13.39 18.50 23.26
CA PHE G 513 13.77 17.23 23.87
C PHE G 513 15.29 17.12 23.98
N SER G 514 15.74 15.94 24.40
CA SER G 514 17.14 15.58 24.45
C SER G 514 17.33 14.27 23.70
N LYS G 515 18.57 13.97 23.38
CA LYS G 515 18.84 12.71 22.71
C LYS G 515 18.37 11.56 23.60
N PRO G 516 17.71 10.56 23.03
CA PRO G 516 17.07 9.54 23.86
C PRO G 516 18.05 8.89 24.82
N PHE G 517 17.67 8.86 26.10
CA PHE G 517 18.41 8.14 27.11
C PHE G 517 18.00 6.69 27.21
N MET G 518 16.92 6.32 26.54
CA MET G 518 16.47 4.93 26.50
C MET G 518 15.78 4.70 25.16
N SER G 519 16.40 3.89 24.32
CA SER G 519 15.73 3.45 23.12
C SER G 519 14.77 2.32 23.46
N LEU G 520 13.79 2.11 22.58
CA LEU G 520 12.59 1.40 22.97
C LEU G 520 11.86 0.94 21.72
N GLY G 521 10.88 0.08 21.92
CA GLY G 521 10.08 -0.38 20.79
C GLY G 521 8.93 -1.25 21.26
N ILE G 522 8.07 -1.55 20.31
CA ILE G 522 6.94 -2.45 20.55
C ILE G 522 7.44 -3.88 20.55
N SER G 523 6.86 -4.71 21.43
CA SER G 523 7.34 -6.06 21.63
C SER G 523 6.17 -6.95 22.04
N ILE G 524 6.44 -8.25 22.03
CA ILE G 524 5.43 -9.28 22.19
C ILE G 524 5.59 -9.92 23.56
N MET G 525 4.48 -10.01 24.29
CA MET G 525 4.40 -10.57 25.62
C MET G 525 3.52 -11.80 25.57
N ILE G 526 4.00 -12.91 26.14
CA ILE G 526 3.30 -14.18 26.10
C ILE G 526 3.33 -14.81 27.48
N LYS G 527 2.48 -15.81 27.66
CA LYS G 527 2.50 -16.60 28.89
C LYS G 527 3.78 -17.42 28.95
N LYS G 528 4.44 -17.38 30.10
CA LYS G 528 5.67 -18.13 30.25
C LYS G 528 5.38 -19.62 30.17
N PRO G 529 5.97 -20.36 29.24
CA PRO G 529 5.68 -21.80 29.17
C PRO G 529 6.16 -22.53 30.41
N GLN G 530 5.21 -23.08 31.16
CA GLN G 530 5.55 -23.88 32.32
C GLN G 530 6.31 -25.12 31.88
N LYS G 531 7.35 -25.48 32.62
CA LYS G 531 8.12 -26.67 32.28
C LYS G 531 7.29 -27.89 32.58
N SER G 532 6.56 -28.38 31.59
CA SER G 532 5.65 -29.50 31.78
C SER G 532 6.39 -30.68 32.39
N LYS G 533 6.06 -31.03 33.63
CA LYS G 533 6.71 -32.15 34.27
C LYS G 533 6.06 -33.43 33.76
N PRO G 534 6.78 -34.27 33.02
CA PRO G 534 6.16 -35.50 32.52
C PRO G 534 5.69 -36.37 33.66
N GLY G 535 4.50 -36.93 33.50
CA GLY G 535 3.95 -37.76 34.54
C GLY G 535 4.62 -39.13 34.57
N VAL G 536 4.72 -39.68 35.78
CA VAL G 536 5.03 -41.10 35.90
C VAL G 536 3.85 -41.88 35.34
N PHE G 537 4.15 -42.87 34.52
CA PHE G 537 3.14 -43.56 33.72
C PHE G 537 2.69 -42.69 32.57
N SER G 538 3.58 -41.82 32.10
CA SER G 538 3.39 -41.17 30.81
C SER G 538 3.83 -42.08 29.66
N PHE G 539 4.56 -43.15 29.96
CA PHE G 539 4.92 -44.14 28.96
C PHE G 539 3.73 -44.95 28.49
N LEU G 540 2.59 -44.84 29.16
CA LEU G 540 1.35 -45.47 28.74
C LEU G 540 0.51 -44.57 27.85
N ASP G 541 0.92 -43.33 27.63
CA ASP G 541 0.12 -42.34 26.92
C ASP G 541 -0.13 -42.70 25.47
N PRO G 542 0.78 -43.40 24.79
CA PRO G 542 0.53 -43.75 23.39
C PRO G 542 -0.74 -44.55 23.18
N LEU G 543 -1.16 -45.34 24.16
CA LEU G 543 -2.37 -46.14 24.09
C LEU G 543 -3.33 -45.71 25.18
N ALA G 544 -4.61 -45.66 24.84
CA ALA G 544 -5.62 -45.21 25.77
C ALA G 544 -5.79 -46.22 26.90
N TYR G 545 -6.37 -45.73 28.01
CA TYR G 545 -6.60 -46.56 29.18
C TYR G 545 -7.44 -47.79 28.84
N GLU G 546 -8.42 -47.61 27.95
CA GLU G 546 -9.30 -48.72 27.59
C GLU G 546 -8.52 -49.84 26.93
N ILE G 547 -7.53 -49.50 26.11
CA ILE G 547 -6.75 -50.52 25.41
C ILE G 547 -5.97 -51.36 26.42
N TRP G 548 -5.36 -50.73 27.40
CA TRP G 548 -4.64 -51.48 28.43
C TRP G 548 -5.59 -52.37 29.21
N MET G 549 -6.75 -51.82 29.59
CA MET G 549 -7.74 -52.62 30.32
C MET G 549 -8.12 -53.86 29.53
N CYS G 550 -8.48 -53.69 28.27
CA CYS G 550 -8.90 -54.81 27.45
C CYS G 550 -7.74 -55.73 27.11
N ILE G 551 -6.51 -55.22 27.13
CA ILE G 551 -5.34 -56.09 26.97
C ILE G 551 -5.26 -57.05 28.14
N VAL G 552 -5.46 -56.52 29.35
CA VAL G 552 -5.44 -57.38 30.53
C VAL G 552 -6.56 -58.43 30.44
N PHE G 553 -7.75 -57.99 30.07
CA PHE G 553 -8.88 -58.90 29.95
C PHE G 553 -8.60 -60.00 28.93
N ALA G 554 -8.07 -59.62 27.77
CA ALA G 554 -7.76 -60.59 26.74
C ALA G 554 -6.65 -61.53 27.15
N TYR G 555 -5.66 -61.04 27.91
CA TYR G 555 -4.63 -61.91 28.45
C TYR G 555 -5.23 -62.99 29.33
N ILE G 556 -6.14 -62.60 30.23
CA ILE G 556 -6.76 -63.56 31.11
C ILE G 556 -7.57 -64.57 30.30
N GLY G 557 -8.36 -64.09 29.35
CA GLY G 557 -9.17 -64.99 28.55
C GLY G 557 -8.34 -65.94 27.72
N VAL G 558 -7.26 -65.44 27.12
CA VAL G 558 -6.38 -66.28 26.32
C VAL G 558 -5.76 -67.37 27.18
N SER G 559 -5.27 -66.99 28.36
CA SER G 559 -4.65 -67.97 29.23
C SER G 559 -5.64 -69.04 29.65
N VAL G 560 -6.86 -68.64 30.01
CA VAL G 560 -7.85 -69.61 30.44
C VAL G 560 -8.23 -70.53 29.29
N VAL G 561 -8.43 -69.99 28.09
CA VAL G 561 -8.83 -70.83 26.97
C VAL G 561 -7.71 -71.79 26.60
N LEU G 562 -6.45 -71.34 26.70
CA LEU G 562 -5.33 -72.23 26.46
C LEU G 562 -5.29 -73.36 27.47
N PHE G 563 -5.37 -73.02 28.76
CA PHE G 563 -5.42 -74.03 29.81
C PHE G 563 -6.52 -75.04 29.54
N LEU G 564 -7.72 -74.55 29.27
CA LEU G 564 -8.86 -75.41 28.99
C LEU G 564 -8.57 -76.34 27.82
N VAL G 565 -8.39 -75.78 26.62
CA VAL G 565 -8.19 -76.58 25.43
C VAL G 565 -6.93 -77.42 25.48
N SER G 566 -6.10 -77.29 26.52
CA SER G 566 -4.95 -78.16 26.67
C SER G 566 -5.12 -79.23 27.74
N ARG G 567 -6.07 -79.08 28.66
CA ARG G 567 -6.17 -79.93 29.83
C ARG G 567 -7.62 -80.32 30.10
N PHE G 568 -8.31 -80.77 29.07
CA PHE G 568 -9.70 -81.16 29.21
C PHE G 568 -9.92 -82.58 28.72
N SER G 569 -9.25 -82.94 27.64
CA SER G 569 -9.48 -84.19 26.97
C SER G 569 -8.66 -85.29 27.64
N PRO G 570 -9.28 -86.29 28.23
CA PRO G 570 -8.50 -87.39 28.80
C PRO G 570 -7.90 -88.27 27.71
N TYR G 571 -6.95 -87.71 26.98
CA TYR G 571 -6.28 -88.42 25.89
C TYR G 571 -5.05 -89.14 26.41
N SER G 590 1.81 -86.07 28.15
CA SER G 590 0.92 -85.12 28.81
C SER G 590 1.10 -83.73 28.25
N ASN G 591 0.54 -82.74 28.93
CA ASN G 591 0.67 -81.34 28.56
C ASN G 591 1.13 -80.54 29.77
N GLU G 592 2.08 -79.64 29.53
CA GLU G 592 2.61 -78.77 30.58
C GLU G 592 1.83 -77.46 30.70
N PHE G 593 0.66 -77.37 30.06
CA PHE G 593 -0.11 -76.14 30.01
C PHE G 593 -1.21 -76.19 31.07
N GLY G 594 -0.82 -75.96 32.31
CA GLY G 594 -1.76 -75.66 33.36
C GLY G 594 -2.20 -74.23 33.26
N ILE G 595 -2.72 -73.71 34.38
CA ILE G 595 -3.18 -72.32 34.39
C ILE G 595 -2.04 -71.37 34.73
N PHE G 596 -1.05 -71.82 35.47
CA PHE G 596 0.11 -70.98 35.78
C PHE G 596 1.00 -70.84 34.56
N ASN G 597 1.27 -71.94 33.87
CA ASN G 597 2.14 -71.90 32.71
C ASN G 597 1.44 -71.34 31.49
N SER G 598 0.12 -71.46 31.40
CA SER G 598 -0.62 -70.76 30.36
C SER G 598 -0.45 -69.25 30.52
N LEU G 599 -0.60 -68.75 31.74
CA LEU G 599 -0.38 -67.33 32.01
C LEU G 599 1.05 -66.94 31.67
N TRP G 600 2.03 -67.77 32.05
CA TRP G 600 3.42 -67.47 31.74
C TRP G 600 3.65 -67.39 30.24
N PHE G 601 3.12 -68.36 29.49
CA PHE G 601 3.30 -68.37 28.05
C PHE G 601 2.66 -67.16 27.40
N SER G 602 1.44 -66.83 27.82
CA SER G 602 0.75 -65.67 27.26
C SER G 602 1.53 -64.38 27.54
N LEU G 603 2.02 -64.22 28.76
CA LEU G 603 2.78 -63.04 29.10
C LEU G 603 4.05 -62.94 28.27
N GLY G 604 4.80 -64.03 28.18
CA GLY G 604 6.00 -64.03 27.36
C GLY G 604 5.72 -63.75 25.90
N ALA G 605 4.58 -64.25 25.41
CA ALA G 605 4.17 -63.95 24.04
C ALA G 605 3.93 -62.46 23.86
N PHE G 606 3.23 -61.84 24.81
CA PHE G 606 2.92 -60.42 24.68
C PHE G 606 4.18 -59.58 24.59
N MET G 607 5.25 -60.00 25.26
CA MET G 607 6.51 -59.26 25.30
C MET G 607 7.48 -59.69 24.21
N GLN G 608 7.06 -60.55 23.29
CA GLN G 608 7.90 -60.99 22.18
C GLN G 608 9.18 -61.65 22.69
N GLN G 609 9.06 -62.42 23.75
CA GLN G 609 10.18 -63.15 24.34
C GLN G 609 10.15 -64.64 24.08
N GLY G 610 8.98 -65.27 24.20
CA GLY G 610 8.89 -66.71 24.09
C GLY G 610 9.41 -67.39 25.34
N CYS G 611 8.92 -68.59 25.62
CA CYS G 611 9.32 -69.33 26.81
C CYS G 611 9.69 -70.74 26.38
N ASP G 612 9.91 -71.61 27.37
CA ASP G 612 10.36 -72.97 27.06
C ASP G 612 9.27 -73.77 26.36
N ILE G 613 8.06 -73.74 26.89
CA ILE G 613 6.99 -74.56 26.35
C ILE G 613 6.37 -73.87 25.14
N SER G 614 5.71 -74.68 24.31
CA SER G 614 4.93 -74.18 23.18
C SER G 614 3.84 -75.20 22.89
N PRO G 615 2.66 -74.76 22.46
CA PRO G 615 1.58 -75.70 22.20
C PRO G 615 1.92 -76.69 21.11
N ARG G 616 1.28 -77.86 21.18
CA ARG G 616 1.42 -78.90 20.19
C ARG G 616 0.10 -79.29 19.54
N SER G 617 -1.03 -78.91 20.14
CA SER G 617 -2.34 -79.25 19.61
C SER G 617 -2.81 -78.18 18.63
N LEU G 618 -3.88 -78.51 17.91
CA LEU G 618 -4.43 -77.59 16.93
C LEU G 618 -5.10 -76.40 17.61
N SER G 619 -5.89 -76.66 18.65
CA SER G 619 -6.59 -75.59 19.36
C SER G 619 -5.62 -74.67 20.07
N GLY G 620 -4.65 -75.24 20.78
CA GLY G 620 -3.66 -74.43 21.46
C GLY G 620 -2.86 -73.57 20.50
N ARG G 621 -2.57 -74.10 19.32
CA ARG G 621 -1.82 -73.35 18.33
C ARG G 621 -2.66 -72.26 17.69
N ILE G 622 -3.96 -72.49 17.50
CA ILE G 622 -4.84 -71.41 17.07
C ILE G 622 -4.82 -70.27 18.09
N VAL G 623 -4.96 -70.61 19.36
CA VAL G 623 -4.95 -69.60 20.42
C VAL G 623 -3.65 -68.83 20.40
N GLY G 624 -2.53 -69.55 20.36
CA GLY G 624 -1.24 -68.91 20.35
C GLY G 624 -1.04 -68.02 19.14
N GLY G 625 -1.51 -68.46 17.98
CA GLY G 625 -1.35 -67.65 16.78
C GLY G 625 -2.12 -66.35 16.85
N VAL G 626 -3.38 -66.40 17.28
CA VAL G 626 -4.15 -65.17 17.37
C VAL G 626 -3.56 -64.24 18.43
N TRP G 627 -3.11 -64.81 19.55
CA TRP G 627 -2.45 -63.98 20.56
C TRP G 627 -1.18 -63.35 20.02
N TRP G 628 -0.42 -64.09 19.22
CA TRP G 628 0.80 -63.55 18.61
C TRP G 628 0.49 -62.41 17.66
N PHE G 629 -0.53 -62.57 16.83
CA PHE G 629 -0.96 -61.51 15.92
C PHE G 629 -1.35 -60.25 16.70
N PHE G 630 -2.18 -60.44 17.73
CA PHE G 630 -2.59 -59.33 18.58
C PHE G 630 -1.39 -58.62 19.17
N THR G 631 -0.45 -59.39 19.74
CA THR G 631 0.75 -58.80 20.32
C THR G 631 1.53 -57.99 19.30
N LEU G 632 1.71 -58.56 18.10
CA LEU G 632 2.46 -57.86 17.08
C LEU G 632 1.82 -56.52 16.75
N ILE G 633 0.52 -56.53 16.49
CA ILE G 633 -0.17 -55.29 16.14
C ILE G 633 -0.05 -54.28 17.27
N ILE G 634 -0.27 -54.72 18.50
CA ILE G 634 -0.31 -53.79 19.62
C ILE G 634 1.06 -53.17 19.87
N ILE G 635 2.12 -53.98 19.85
CA ILE G 635 3.45 -53.45 20.10
C ILE G 635 3.87 -52.51 18.99
N SER G 636 3.57 -52.86 17.73
CA SER G 636 3.89 -51.98 16.63
C SER G 636 3.15 -50.66 16.75
N SER G 637 1.88 -50.71 17.13
CA SER G 637 1.10 -49.49 17.31
C SER G 637 1.67 -48.63 18.41
N TYR G 638 2.05 -49.24 19.54
CA TYR G 638 2.64 -48.48 20.63
C TYR G 638 3.90 -47.75 20.16
N THR G 639 4.82 -48.48 19.53
CA THR G 639 6.06 -47.86 19.07
C THR G 639 5.78 -46.75 18.07
N ALA G 640 4.87 -46.98 17.13
CA ALA G 640 4.59 -45.99 16.10
C ALA G 640 3.97 -44.74 16.67
N ASN G 641 2.99 -44.89 17.57
CA ASN G 641 2.35 -43.71 18.14
C ASN G 641 3.29 -42.95 19.07
N LEU G 642 4.18 -43.66 19.75
CA LEU G 642 5.20 -42.96 20.54
C LEU G 642 6.13 -42.16 19.65
N ALA G 643 6.53 -42.74 18.52
CA ALA G 643 7.35 -42.00 17.57
C ALA G 643 6.62 -40.78 17.06
N ALA G 644 5.32 -40.91 16.78
CA ALA G 644 4.52 -39.77 16.37
C ALA G 644 4.54 -38.69 17.45
N PHE G 645 4.30 -39.08 18.70
CA PHE G 645 4.29 -38.11 19.80
C PHE G 645 5.60 -37.34 19.84
N LEU G 646 6.73 -38.05 19.87
CA LEU G 646 8.01 -37.39 20.01
C LEU G 646 8.34 -36.53 18.79
N THR G 647 8.04 -37.03 17.58
CA THR G 647 8.30 -36.26 16.38
C THR G 647 7.52 -34.96 16.40
N VAL G 648 6.24 -35.01 16.74
CA VAL G 648 5.43 -33.80 16.78
C VAL G 648 5.95 -32.85 17.86
N GLU G 649 6.28 -33.39 19.03
CA GLU G 649 6.86 -32.57 20.07
C GLU G 649 8.19 -31.97 19.65
N ARG G 650 8.82 -32.50 18.61
CA ARG G 650 10.07 -31.96 18.11
C ARG G 650 9.86 -30.96 16.98
N MET G 651 8.71 -30.99 16.32
CA MET G 651 8.39 -30.00 15.29
C MET G 651 8.08 -28.65 15.89
N VAL G 652 7.61 -28.62 17.14
CA VAL G 652 6.98 -27.44 17.70
C VAL G 652 7.98 -26.29 17.72
N SER G 653 7.71 -25.29 16.90
CA SER G 653 8.50 -24.07 16.88
C SER G 653 7.71 -22.97 17.56
N PRO G 654 8.10 -22.50 18.74
CA PRO G 654 7.30 -21.49 19.43
C PRO G 654 7.28 -20.18 18.66
N ILE G 655 6.55 -19.19 19.16
CA ILE G 655 6.56 -17.87 18.57
C ILE G 655 7.88 -17.20 18.91
N GLU G 656 8.54 -16.64 17.90
CA GLU G 656 9.81 -15.95 18.10
C GLU G 656 9.90 -14.66 17.31
N SER G 657 8.83 -14.23 16.65
CA SER G 657 8.88 -13.05 15.81
C SER G 657 7.45 -12.62 15.48
N ALA G 658 7.34 -11.46 14.85
CA ALA G 658 6.02 -10.95 14.46
C ALA G 658 5.41 -11.81 13.37
N GLU G 659 6.23 -12.36 12.48
CA GLU G 659 5.70 -13.17 11.38
C GLU G 659 5.04 -14.44 11.90
N ASP G 660 5.71 -15.13 12.82
CA ASP G 660 5.15 -16.37 13.36
C ASP G 660 3.78 -16.13 13.97
N LEU G 661 3.64 -15.01 14.69
CA LEU G 661 2.34 -14.65 15.23
C LEU G 661 1.37 -14.26 14.12
N ALA G 662 1.88 -13.62 13.06
CA ALA G 662 1.01 -13.10 12.02
C ALA G 662 0.33 -14.22 11.25
N LYS G 663 1.09 -15.21 10.78
CA LYS G 663 0.50 -16.25 9.95
C LYS G 663 -0.47 -17.11 10.76
N GLN G 664 -0.05 -17.56 11.94
CA GLN G 664 -0.92 -18.42 12.74
C GLN G 664 -2.11 -17.63 13.26
N THR G 665 -3.13 -18.36 13.70
CA THR G 665 -4.31 -17.76 14.30
C THR G 665 -4.81 -18.50 15.52
N GLU G 666 -4.15 -19.60 15.93
CA GLU G 666 -4.58 -20.30 17.13
C GLU G 666 -4.44 -19.45 18.38
N ILE G 667 -3.65 -18.38 18.32
CA ILE G 667 -3.48 -17.44 19.43
C ILE G 667 -3.94 -16.08 18.95
N ALA G 668 -4.63 -15.36 19.83
CA ALA G 668 -5.12 -14.02 19.53
C ALA G 668 -4.16 -13.00 20.13
N TYR G 669 -3.98 -11.88 19.43
CA TYR G 669 -3.12 -10.82 19.90
C TYR G 669 -3.80 -9.47 19.70
N GLY G 670 -3.79 -8.65 20.74
CA GLY G 670 -4.38 -7.33 20.68
C GLY G 670 -3.70 -6.38 21.64
N THR G 671 -3.71 -5.10 21.27
CA THR G 671 -3.06 -4.06 22.04
C THR G 671 -4.09 -3.15 22.69
N LEU G 672 -3.62 -2.08 23.32
CA LEU G 672 -4.50 -1.15 24.01
C LEU G 672 -5.46 -0.49 23.02
N GLU G 673 -6.69 -0.24 23.50
CA GLU G 673 -7.71 0.36 22.63
C GLU G 673 -7.26 1.72 22.13
N ALA G 674 -6.77 2.57 23.03
CA ALA G 674 -6.29 3.91 22.69
C ALA G 674 -4.81 3.98 23.03
N GLY G 675 -4.00 4.35 22.05
CA GLY G 675 -2.58 4.44 22.26
C GLY G 675 -1.83 4.56 20.95
N SER G 676 -0.52 4.66 21.07
CA SER G 676 0.34 4.79 19.91
C SER G 676 0.49 3.48 19.14
N THR G 677 0.25 2.33 19.79
CA THR G 677 0.38 1.05 19.10
C THR G 677 -0.75 0.84 18.09
N LYS G 678 -1.98 1.15 18.50
CA LYS G 678 -3.11 1.02 17.58
C LYS G 678 -2.92 1.92 16.37
N GLU G 679 -2.49 3.17 16.60
CA GLU G 679 -2.23 4.09 15.50
C GLU G 679 -1.09 3.58 14.63
N PHE G 680 -0.04 3.05 15.25
CA PHE G 680 1.10 2.57 14.48
C PHE G 680 0.70 1.44 13.56
N PHE G 681 -0.14 0.52 14.05
CA PHE G 681 -0.59 -0.59 13.21
C PHE G 681 -1.55 -0.10 12.13
N ARG G 682 -2.50 0.75 12.51
CA ARG G 682 -3.48 1.26 11.56
C ARG G 682 -2.78 2.00 10.42
N ARG G 683 -1.85 2.88 10.74
CA ARG G 683 -1.16 3.72 9.77
C ARG G 683 0.10 3.07 9.21
N SER G 684 0.17 1.74 9.22
CA SER G 684 1.38 1.04 8.79
C SER G 684 1.34 0.73 7.30
N LYS G 685 2.48 0.91 6.64
CA LYS G 685 2.64 0.58 5.24
C LYS G 685 3.42 -0.72 5.03
N ILE G 686 3.67 -1.48 6.09
CA ILE G 686 4.44 -2.71 6.00
C ILE G 686 3.49 -3.88 5.78
N ALA G 687 4.01 -4.93 5.15
CA ALA G 687 3.17 -6.08 4.81
C ALA G 687 2.70 -6.81 6.06
N VAL G 688 3.62 -7.15 6.95
CA VAL G 688 3.27 -8.00 8.09
C VAL G 688 2.31 -7.28 9.02
N PHE G 689 2.62 -6.02 9.34
CA PHE G 689 1.73 -5.26 10.22
C PHE G 689 0.44 -4.91 9.53
N GLU G 690 0.46 -4.79 8.20
CA GLU G 690 -0.80 -4.65 7.46
C GLU G 690 -1.67 -5.88 7.66
N LYS G 691 -1.07 -7.07 7.57
CA LYS G 691 -1.83 -8.30 7.81
C LYS G 691 -2.33 -8.35 9.25
N MET G 692 -1.50 -7.93 10.21
CA MET G 692 -1.93 -7.88 11.59
C MET G 692 -3.15 -6.99 11.75
N TRP G 693 -3.11 -5.80 11.15
CA TRP G 693 -4.23 -4.87 11.26
C TRP G 693 -5.47 -5.45 10.59
N THR G 694 -5.30 -6.12 9.46
CA THR G 694 -6.42 -6.81 8.83
C THR G 694 -7.04 -7.80 9.78
N TYR G 695 -6.21 -8.60 10.45
CA TYR G 695 -6.70 -9.44 11.55
C TYR G 695 -7.24 -8.60 12.69
N MET G 696 -6.56 -7.49 13.01
CA MET G 696 -6.96 -6.68 14.13
C MET G 696 -8.33 -6.05 13.88
N LYS G 697 -9.04 -5.79 14.98
CA LYS G 697 -10.42 -5.30 14.94
C LYS G 697 -11.38 -6.40 14.54
N SER G 698 -10.98 -7.65 14.73
CA SER G 698 -11.80 -8.80 14.39
C SER G 698 -12.74 -9.14 15.54
N ALA G 699 -13.39 -10.29 15.47
CA ALA G 699 -14.36 -10.73 16.49
C ALA G 699 -13.67 -11.68 17.45
N GLU G 700 -12.97 -11.09 18.41
CA GLU G 700 -12.29 -11.84 19.46
C GLU G 700 -13.24 -12.37 20.52
N PRO G 701 -14.26 -11.61 20.94
CA PRO G 701 -14.82 -10.36 20.39
C PRO G 701 -13.89 -9.15 20.46
N SER G 702 -13.12 -9.01 21.53
CA SER G 702 -12.32 -7.81 21.78
C SER G 702 -10.87 -8.21 22.04
N VAL G 703 -10.06 -8.22 20.99
CA VAL G 703 -8.63 -8.35 21.16
C VAL G 703 -8.07 -7.12 21.89
N PHE G 704 -8.62 -5.95 21.60
CA PHE G 704 -8.18 -4.72 22.24
C PHE G 704 -8.49 -4.75 23.73
N VAL G 705 -7.97 -3.75 24.43
CA VAL G 705 -8.10 -3.62 25.88
C VAL G 705 -8.11 -2.13 26.22
N ARG G 706 -8.55 -1.83 27.44
CA ARG G 706 -8.61 -0.45 27.92
C ARG G 706 -7.48 -0.10 28.87
N THR G 707 -7.05 -1.04 29.71
CA THR G 707 -5.99 -0.81 30.68
C THR G 707 -4.87 -1.84 30.48
N THR G 708 -3.63 -1.39 30.66
CA THR G 708 -2.49 -2.29 30.49
C THR G 708 -2.52 -3.41 31.51
N GLU G 709 -2.84 -3.10 32.76
CA GLU G 709 -3.02 -4.16 33.76
C GLU G 709 -4.07 -5.15 33.29
N GLU G 710 -5.10 -4.66 32.61
CA GLU G 710 -6.11 -5.55 32.06
C GLU G 710 -5.49 -6.51 31.05
N GLY G 711 -4.62 -6.01 30.17
CA GLY G 711 -3.98 -6.88 29.21
C GLY G 711 -3.08 -7.91 29.88
N MET G 712 -2.32 -7.49 30.88
CA MET G 712 -1.45 -8.42 31.59
C MET G 712 -2.28 -9.52 32.25
N ILE G 713 -3.36 -9.14 32.92
CA ILE G 713 -4.22 -10.11 33.58
C ILE G 713 -4.84 -11.05 32.55
N ARG G 714 -5.26 -10.51 31.41
CA ARG G 714 -5.88 -11.34 30.38
C ARG G 714 -4.90 -12.36 29.84
N VAL G 715 -3.65 -11.94 29.62
CA VAL G 715 -2.64 -12.88 29.15
C VAL G 715 -2.36 -13.95 30.20
N ARG G 716 -2.29 -13.54 31.47
CA ARG G 716 -2.02 -14.50 32.53
C ARG G 716 -3.14 -15.52 32.66
N LYS G 717 -4.39 -15.07 32.55
CA LYS G 717 -5.53 -15.98 32.65
C LYS G 717 -5.58 -16.93 31.46
N SER G 718 -5.43 -16.38 30.25
CA SER G 718 -5.41 -17.22 29.06
C SER G 718 -4.27 -18.22 29.14
N LYS G 719 -4.56 -19.47 28.78
CA LYS G 719 -3.57 -20.54 28.83
C LYS G 719 -2.71 -20.52 27.57
N GLY G 720 -2.07 -19.38 27.34
CA GLY G 720 -1.29 -19.17 26.15
C GLY G 720 -2.09 -18.81 24.92
N LYS G 721 -3.37 -18.49 25.08
CA LYS G 721 -4.24 -18.16 23.96
C LYS G 721 -4.29 -16.67 23.66
N TYR G 722 -3.58 -15.84 24.42
CA TYR G 722 -3.51 -14.40 24.16
C TYR G 722 -2.07 -13.93 24.20
N ALA G 723 -1.73 -13.03 23.30
CA ALA G 723 -0.42 -12.39 23.25
C ALA G 723 -0.62 -10.89 23.24
N TYR G 724 0.10 -10.18 24.11
CA TYR G 724 -0.05 -8.74 24.23
C TYR G 724 1.08 -8.03 23.50
N LEU G 725 0.77 -6.87 22.96
CA LEU G 725 1.74 -6.01 22.29
C LEU G 725 1.94 -4.76 23.13
N LEU G 726 3.17 -4.50 23.55
CA LEU G 726 3.39 -3.37 24.45
C LEU G 726 4.85 -2.95 24.38
N GLU G 727 5.15 -1.84 25.03
CA GLU G 727 6.51 -1.33 25.07
C GLU G 727 7.45 -2.34 25.71
N SER G 728 8.66 -2.45 25.17
CA SER G 728 9.60 -3.47 25.60
C SER G 728 9.99 -3.30 27.06
N THR G 729 10.16 -2.04 27.50
CA THR G 729 10.62 -1.79 28.86
C THR G 729 9.64 -2.39 29.87
N MET G 730 8.35 -2.11 29.69
CA MET G 730 7.36 -2.67 30.61
C MET G 730 7.30 -4.18 30.49
N ASN G 731 7.49 -4.71 29.30
CA ASN G 731 7.51 -6.17 29.15
C ASN G 731 8.61 -6.78 30.00
N GLU G 732 9.81 -6.20 29.96
CA GLU G 732 10.91 -6.71 30.77
C GLU G 732 10.61 -6.56 32.25
N TYR G 733 10.14 -5.37 32.67
CA TYR G 733 9.83 -5.15 34.07
C TYR G 733 8.84 -6.19 34.58
N ILE G 734 7.75 -6.39 33.83
CA ILE G 734 6.76 -7.38 34.20
C ILE G 734 7.38 -8.77 34.26
N GLU G 735 8.20 -9.11 33.26
CA GLU G 735 8.87 -10.40 33.25
C GLU G 735 9.69 -10.62 34.50
N GLN G 736 10.22 -9.55 35.09
CA GLN G 736 11.00 -9.64 36.31
C GLN G 736 10.16 -9.43 37.56
N ARG G 737 8.85 -9.37 37.43
CA ARG G 737 7.96 -9.20 38.58
C ARG G 737 7.37 -10.54 39.00
N LYS G 738 7.09 -10.66 40.28
CA LYS G 738 6.39 -11.84 40.76
C LYS G 738 5.00 -11.89 40.15
N PRO G 739 4.49 -13.07 39.79
CA PRO G 739 5.06 -14.40 40.00
C PRO G 739 6.07 -14.84 38.94
N CYS G 740 6.39 -13.94 38.01
CA CYS G 740 7.31 -14.27 36.91
C CYS G 740 6.73 -15.41 36.07
N ASP G 741 5.48 -15.22 35.63
CA ASP G 741 4.76 -16.20 34.82
C ASP G 741 4.46 -15.67 33.43
N THR G 742 5.33 -14.82 32.89
CA THR G 742 5.17 -14.28 31.55
C THR G 742 6.54 -13.92 31.01
N MET G 743 6.62 -13.79 29.69
CA MET G 743 7.92 -13.54 29.06
C MET G 743 7.76 -12.64 27.85
N LYS G 744 8.87 -11.99 27.49
CA LYS G 744 8.99 -11.21 26.27
C LYS G 744 9.64 -12.06 25.21
N VAL G 745 9.13 -11.98 23.98
CA VAL G 745 9.65 -12.81 22.90
C VAL G 745 9.78 -11.97 21.64
N GLY G 746 10.85 -12.20 20.90
CA GLY G 746 11.08 -11.53 19.63
C GLY G 746 11.76 -10.19 19.79
N GLY G 747 12.11 -9.62 18.63
CA GLY G 747 12.66 -8.29 18.59
C GLY G 747 11.58 -7.24 18.72
N ASN G 748 11.97 -5.99 18.48
CA ASN G 748 11.08 -4.86 18.60
C ASN G 748 10.52 -4.50 17.23
N LEU G 749 9.19 -4.51 17.13
CA LEU G 749 8.55 -4.21 15.85
C LEU G 749 8.87 -2.79 15.39
N ASP G 750 8.78 -1.82 16.29
CA ASP G 750 9.03 -0.42 16.00
C ASP G 750 10.34 0.00 16.67
N SER G 751 10.65 1.28 16.58
CA SER G 751 11.85 1.83 17.21
C SER G 751 11.57 3.29 17.56
N LYS G 752 11.53 3.58 18.87
CA LYS G 752 11.30 4.92 19.36
C LYS G 752 12.22 5.14 20.55
N GLY G 753 12.03 6.26 21.24
CA GLY G 753 12.90 6.59 22.35
C GLY G 753 12.19 7.42 23.39
N TYR G 754 12.77 7.44 24.58
CA TYR G 754 12.33 8.31 25.66
C TYR G 754 13.35 9.41 25.84
N GLY G 755 12.86 10.62 26.10
CA GLY G 755 13.72 11.78 26.15
C GLY G 755 13.43 12.67 27.34
N ILE G 756 14.29 13.66 27.52
CA ILE G 756 14.18 14.64 28.58
C ILE G 756 13.77 15.96 27.94
N ALA G 757 12.69 16.53 28.44
CA ALA G 757 12.06 17.69 27.81
C ALA G 757 12.38 18.96 28.57
N THR G 758 12.66 20.02 27.83
CA THR G 758 12.75 21.37 28.34
C THR G 758 11.92 22.29 27.46
N PRO G 759 11.43 23.39 28.01
CA PRO G 759 10.61 24.31 27.21
C PRO G 759 11.44 25.02 26.17
N LYS G 760 10.77 25.44 25.10
CA LYS G 760 11.45 26.11 24.00
C LYS G 760 12.18 27.34 24.51
N GLY G 761 13.39 27.55 23.97
CA GLY G 761 14.17 28.71 24.35
C GLY G 761 14.61 28.70 25.80
N SER G 762 15.07 27.56 26.29
CA SER G 762 15.53 27.42 27.66
C SER G 762 17.05 27.28 27.69
N ALA G 763 17.63 27.61 28.84
CA ALA G 763 19.06 27.51 29.04
C ALA G 763 19.51 26.11 29.42
N LEU G 764 18.57 25.17 29.58
CA LEU G 764 18.87 23.81 29.98
C LEU G 764 18.71 22.84 28.81
N ARG G 765 19.05 23.29 27.61
CA ARG G 765 18.95 22.44 26.42
C ARG G 765 20.27 21.74 26.10
N GLY G 766 21.32 22.52 25.86
CA GLY G 766 22.61 21.97 25.53
C GLY G 766 23.20 21.15 26.66
N PRO G 767 23.25 21.74 27.86
CA PRO G 767 23.82 21.01 28.99
C PRO G 767 23.13 19.69 29.26
N VAL G 768 21.80 19.64 29.13
CA VAL G 768 21.07 18.42 29.42
C VAL G 768 21.38 17.34 28.39
N ASN G 769 21.39 17.72 27.11
CA ASN G 769 21.72 16.76 26.06
C ASN G 769 23.14 16.24 26.22
N LEU G 770 24.08 17.13 26.51
CA LEU G 770 25.45 16.72 26.73
C LEU G 770 25.55 15.78 27.91
N ALA G 771 24.82 16.07 28.99
CA ALA G 771 24.84 15.20 30.16
C ALA G 771 24.28 13.82 29.83
N VAL G 772 23.18 13.77 29.09
CA VAL G 772 22.59 12.48 28.73
C VAL G 772 23.57 11.66 27.91
N LEU G 773 24.19 12.29 26.92
CA LEU G 773 25.14 11.56 26.08
C LEU G 773 26.35 11.09 26.89
N LYS G 774 26.88 11.95 27.75
CA LYS G 774 28.02 11.56 28.58
C LYS G 774 27.66 10.39 29.47
N LEU G 775 26.46 10.42 30.07
CA LEU G 775 26.01 9.32 30.88
C LEU G 775 25.92 8.03 30.07
N SER G 776 25.40 8.12 28.85
CA SER G 776 25.26 6.92 28.03
C SER G 776 26.62 6.32 27.70
N GLU G 777 27.59 7.16 27.33
CA GLU G 777 28.92 6.63 27.06
C GLU G 777 29.55 6.05 28.32
N GLN G 778 29.37 6.71 29.46
CA GLN G 778 29.95 6.23 30.70
C GLN G 778 29.31 4.96 31.21
N GLY G 779 28.18 4.56 30.64
CA GLY G 779 27.49 3.35 31.05
C GLY G 779 26.57 3.51 32.24
N VAL G 780 26.30 4.74 32.66
CA VAL G 780 25.45 4.95 33.82
C VAL G 780 24.04 4.45 33.56
N LEU G 781 23.48 4.83 32.40
CA LEU G 781 22.08 4.51 32.12
C LEU G 781 21.85 3.02 32.04
N ASP G 782 22.80 2.29 31.44
CA ASP G 782 22.66 0.84 31.38
C ASP G 782 22.72 0.22 32.77
N LYS G 783 23.58 0.75 33.63
CA LYS G 783 23.67 0.24 35.00
C LYS G 783 22.38 0.48 35.76
N LEU G 784 21.79 1.67 35.61
CA LEU G 784 20.51 1.94 36.25
C LEU G 784 19.42 1.03 35.70
N LYS G 785 19.43 0.81 34.39
CA LYS G 785 18.49 -0.13 33.79
C LYS G 785 18.60 -1.49 34.45
N SER G 786 19.82 -2.03 34.53
CA SER G 786 20.02 -3.35 35.12
C SER G 786 19.59 -3.35 36.58
N LYS G 787 19.90 -2.28 37.31
CA LYS G 787 19.58 -2.23 38.73
C LYS G 787 18.07 -2.28 38.95
N TRP G 788 17.33 -1.40 38.29
CA TRP G 788 15.91 -1.29 38.56
C TRP G 788 15.07 -2.28 37.77
N TRP G 789 15.66 -3.06 36.87
CA TRP G 789 14.93 -4.09 36.14
C TRP G 789 15.29 -5.50 36.58
N TYR G 790 16.55 -5.75 36.94
CA TYR G 790 17.01 -7.10 37.23
C TYR G 790 17.54 -7.24 38.65
N ASP G 791 18.39 -6.31 39.11
CA ASP G 791 18.88 -6.39 40.48
C ASP G 791 17.79 -6.13 41.52
N LYS G 792 16.55 -5.91 41.08
CA LYS G 792 15.42 -5.78 41.98
C LYS G 792 14.24 -6.62 41.50
N GLY G 793 14.51 -7.63 40.67
CA GLY G 793 13.47 -8.49 40.16
C GLY G 793 13.21 -9.65 41.09
N GLU G 794 11.92 -9.97 41.25
CA GLU G 794 11.54 -11.11 42.08
C GLU G 794 12.04 -12.41 41.49
N CYS G 795 12.27 -12.43 40.19
CA CYS G 795 12.52 -13.66 39.47
C CYS G 795 14.03 -13.81 39.30
N GLY G 796 14.46 -14.75 38.45
CA GLY G 796 15.87 -15.03 38.29
C GLY G 796 16.54 -14.07 37.33
N SER G 797 17.73 -14.45 36.89
CA SER G 797 18.53 -13.66 35.97
C SER G 797 18.44 -14.16 34.54
N LYS G 798 18.50 -15.48 34.35
CA LYS G 798 18.40 -16.06 33.01
C LYS G 798 17.45 -17.26 33.01
N LYS G 805 16.74 -28.25 26.27
CA LYS G 805 17.95 -28.07 25.48
C LYS G 805 18.29 -29.34 24.71
N THR G 806 18.10 -30.49 25.35
CA THR G 806 18.37 -31.79 24.76
C THR G 806 17.05 -32.52 24.54
N SER G 807 16.86 -33.03 23.33
CA SER G 807 15.67 -33.81 23.00
C SER G 807 15.81 -35.27 23.39
N ALA G 808 16.98 -35.69 23.87
CA ALA G 808 17.15 -37.05 24.34
C ALA G 808 16.17 -37.35 25.47
N LEU G 809 15.65 -38.56 25.47
CA LEU G 809 14.68 -38.94 26.48
C LEU G 809 15.31 -38.88 27.86
N SER G 810 14.58 -38.27 28.80
CA SER G 810 15.05 -38.11 30.16
C SER G 810 14.46 -39.18 31.05
N LEU G 811 15.11 -39.38 32.19
CA LEU G 811 14.67 -40.40 33.14
C LEU G 811 13.27 -40.12 33.66
N SER G 812 12.82 -38.88 33.61
CA SER G 812 11.47 -38.55 34.04
C SER G 812 10.40 -39.12 33.12
N ASN G 813 10.75 -39.43 31.87
CA ASN G 813 9.78 -39.95 30.93
C ASN G 813 9.46 -41.41 31.19
N VAL G 814 10.42 -42.17 31.73
CA VAL G 814 10.28 -43.61 31.89
C VAL G 814 10.40 -43.99 33.35
N ALA G 815 10.05 -43.06 34.24
CA ALA G 815 10.19 -43.31 35.67
C ALA G 815 9.29 -44.45 36.13
N GLY G 816 8.05 -44.47 35.64
CA GLY G 816 7.12 -45.50 36.06
C GLY G 816 7.65 -46.90 35.80
N VAL G 817 8.41 -47.07 34.72
CA VAL G 817 8.99 -48.37 34.42
C VAL G 817 9.92 -48.81 35.55
N PHE G 818 10.78 -47.90 36.00
CA PHE G 818 11.72 -48.24 37.06
C PHE G 818 11.01 -48.46 38.38
N TYR G 819 9.98 -47.65 38.67
CA TYR G 819 9.21 -47.87 39.89
C TYR G 819 8.56 -49.25 39.88
N ILE G 820 7.97 -49.63 38.75
CA ILE G 820 7.35 -50.94 38.62
C ILE G 820 8.39 -52.03 38.79
N LEU G 821 9.58 -51.83 38.21
CA LEU G 821 10.63 -52.83 38.31
C LEU G 821 11.04 -53.04 39.76
N ILE G 822 11.26 -51.96 40.50
CA ILE G 822 11.65 -52.08 41.90
C ILE G 822 10.54 -52.74 42.71
N GLY G 823 9.30 -52.33 42.47
CA GLY G 823 8.19 -52.96 43.18
C GLY G 823 8.12 -54.45 42.91
N GLY G 824 8.31 -54.85 41.65
CA GLY G 824 8.28 -56.27 41.32
C GLY G 824 9.43 -57.04 41.95
N LEU G 825 10.61 -56.43 42.00
CA LEU G 825 11.74 -57.09 42.66
C LEU G 825 11.44 -57.30 44.14
N GLY G 826 10.93 -56.27 44.81
CA GLY G 826 10.61 -56.42 46.22
C GLY G 826 9.52 -57.45 46.46
N LEU G 827 8.48 -57.44 45.62
CA LEU G 827 7.42 -58.43 45.74
C LEU G 827 7.96 -59.83 45.51
N ALA G 828 8.91 -59.98 44.57
CA ALA G 828 9.50 -61.28 44.34
C ALA G 828 10.29 -61.76 45.55
N MET G 829 11.03 -60.85 46.19
CA MET G 829 11.73 -61.22 47.42
C MET G 829 10.74 -61.68 48.49
N LEU G 830 9.65 -60.93 48.65
CA LEU G 830 8.65 -61.27 49.65
C LEU G 830 8.04 -62.64 49.37
N VAL G 831 7.66 -62.89 48.12
CA VAL G 831 7.05 -64.15 47.75
C VAL G 831 8.04 -65.29 47.92
N ALA G 832 9.33 -65.05 47.64
CA ALA G 832 10.32 -66.08 47.86
C ALA G 832 10.45 -66.40 49.34
N LEU G 833 10.38 -65.40 50.19
CA LEU G 833 10.42 -65.66 51.63
C LEU G 833 9.21 -66.48 52.06
N ILE G 834 8.03 -66.13 51.54
CA ILE G 834 6.82 -66.88 51.88
C ILE G 834 6.95 -68.33 51.44
N GLU G 835 7.43 -68.54 50.21
CA GLU G 835 7.63 -69.89 49.71
C GLU G 835 8.66 -70.64 50.54
N PHE G 836 9.71 -69.94 50.97
CA PHE G 836 10.74 -70.55 51.80
C PHE G 836 10.14 -71.06 53.10
N CYS G 837 9.36 -70.23 53.78
CA CYS G 837 8.73 -70.65 55.03
C CYS G 837 7.76 -71.81 54.79
N TYR G 838 6.92 -71.70 53.76
CA TYR G 838 5.95 -72.75 53.48
C TYR G 838 6.63 -74.08 53.20
N LYS G 839 7.65 -74.07 52.33
CA LYS G 839 8.34 -75.30 51.99
C LYS G 839 9.09 -75.86 53.20
N SER G 840 9.67 -74.98 54.01
CA SER G 840 10.36 -75.47 55.21
C SER G 840 9.39 -76.18 56.14
N ARG G 841 8.20 -75.60 56.34
CA ARG G 841 7.23 -76.24 57.21
C ARG G 841 6.74 -77.56 56.63
N SER G 842 6.45 -77.59 55.33
CA SER G 842 5.96 -78.83 54.72
C SER G 842 7.03 -79.91 54.77
N GLU G 843 8.30 -79.55 54.61
CA GLU G 843 9.37 -80.53 54.68
C GLU G 843 9.59 -81.02 56.10
N SER G 844 9.60 -80.10 57.07
CA SER G 844 9.70 -80.50 58.47
C SER G 844 8.55 -81.42 58.85
N LYS G 845 7.39 -81.26 58.21
CA LYS G 845 6.32 -82.24 58.37
C LYS G 845 6.76 -83.60 57.85
N ARG G 846 7.53 -83.62 56.77
CA ARG G 846 8.03 -84.87 56.20
C ARG G 846 9.32 -85.31 56.88
N ALA H 2 13.72 -34.66 42.31
CA ALA H 2 12.99 -35.51 41.38
C ALA H 2 13.73 -36.83 41.16
N PHE H 3 13.11 -37.75 40.44
CA PHE H 3 13.74 -39.02 40.15
C PHE H 3 15.03 -38.82 39.40
N THR H 4 16.06 -39.56 39.79
CA THR H 4 17.38 -39.44 39.20
C THR H 4 18.14 -40.75 39.42
N PHE H 5 19.38 -40.78 38.93
CA PHE H 5 20.19 -41.99 39.01
C PHE H 5 20.45 -42.38 40.46
N ALA H 6 20.79 -41.40 41.30
CA ALA H 6 21.10 -41.70 42.70
C ALA H 6 19.88 -42.27 43.43
N ALA H 7 18.70 -41.73 43.16
CA ALA H 7 17.50 -42.24 43.82
C ALA H 7 17.24 -43.69 43.43
N PHE H 8 17.44 -44.03 42.15
CA PHE H 8 17.26 -45.41 41.74
C PHE H 8 18.29 -46.31 42.40
N CYS H 9 19.54 -45.85 42.50
CA CYS H 9 20.55 -46.61 43.23
C CYS H 9 20.10 -46.86 44.67
N TYR H 10 19.56 -45.83 45.32
CA TYR H 10 19.12 -45.99 46.70
C TYR H 10 17.97 -46.99 46.80
N MET H 11 17.03 -46.94 45.86
CA MET H 11 15.92 -47.89 45.86
C MET H 11 16.44 -49.32 45.72
N LEU H 12 17.36 -49.54 44.77
CA LEU H 12 17.87 -50.87 44.52
C LEU H 12 18.66 -51.39 45.73
N THR H 13 19.47 -50.52 46.34
CA THR H 13 20.20 -50.92 47.54
C THR H 13 19.25 -51.21 48.69
N LEU H 14 18.16 -50.45 48.78
CA LEU H 14 17.15 -50.72 49.81
C LEU H 14 16.54 -52.09 49.62
N VAL H 15 16.26 -52.46 48.37
CA VAL H 15 15.69 -53.78 48.10
C VAL H 15 16.71 -54.87 48.40
N LEU H 16 17.99 -54.62 48.10
CA LEU H 16 19.00 -55.65 48.27
C LEU H 16 19.54 -55.76 49.69
N CYS H 17 19.30 -54.76 50.54
CA CYS H 17 19.77 -54.83 51.92
C CYS H 17 18.91 -55.76 52.76
N ALA H 18 17.64 -55.95 52.37
CA ALA H 18 16.83 -56.97 53.02
C ALA H 18 17.49 -58.34 52.91
N SER H 19 18.13 -58.61 51.77
CA SER H 19 18.84 -59.89 51.61
C SER H 19 19.98 -60.00 52.60
N LEU H 20 20.72 -58.91 52.82
CA LEU H 20 21.81 -58.95 53.78
C LEU H 20 21.28 -59.14 55.20
N ILE H 21 20.16 -58.50 55.52
CA ILE H 21 19.53 -58.71 56.82
C ILE H 21 19.16 -60.17 57.00
N PHE H 22 18.57 -60.76 55.96
CA PHE H 22 18.21 -62.17 55.99
C PHE H 22 19.44 -63.04 56.21
N PHE H 23 20.54 -62.72 55.52
CA PHE H 23 21.76 -63.51 55.66
C PHE H 23 22.32 -63.44 57.07
N VAL H 24 22.36 -62.24 57.64
CA VAL H 24 22.92 -62.11 58.99
C VAL H 24 22.01 -62.76 60.01
N ILE H 25 20.69 -62.67 59.82
CA ILE H 25 19.78 -63.35 60.72
C ILE H 25 19.99 -64.86 60.66
N TRP H 26 20.17 -65.40 59.45
CA TRP H 26 20.50 -66.80 59.30
C TRP H 26 21.81 -67.14 60.00
N HIS H 27 22.81 -66.27 59.86
CA HIS H 27 24.08 -66.47 60.55
C HIS H 27 23.88 -66.60 62.05
N ILE H 28 23.15 -65.66 62.65
CA ILE H 28 23.00 -65.68 64.09
C ILE H 28 22.17 -66.87 64.55
N ILE H 29 21.18 -67.27 63.75
CA ILE H 29 20.39 -68.46 64.12
C ILE H 29 21.27 -69.70 64.09
N ALA H 30 22.10 -69.84 63.04
CA ALA H 30 22.98 -70.99 62.96
C ALA H 30 23.98 -71.00 64.10
N PHE H 31 24.48 -69.82 64.49
CA PHE H 31 25.45 -69.77 65.58
C PHE H 31 24.79 -69.99 66.93
N ASP H 32 23.51 -69.61 67.07
CA ASP H 32 22.77 -69.97 68.28
C ASP H 32 22.59 -71.47 68.37
N GLU H 33 22.32 -72.13 67.24
CA GLU H 33 22.25 -73.59 67.23
C GLU H 33 23.61 -74.19 67.59
N LEU H 34 24.68 -73.62 67.04
CA LEU H 34 26.02 -74.10 67.37
C LEU H 34 26.32 -73.95 68.86
N ARG H 35 25.90 -72.83 69.44
CA ARG H 35 26.08 -72.64 70.88
C ARG H 35 25.25 -73.65 71.67
N THR H 36 24.01 -73.88 71.25
CA THR H 36 23.19 -74.89 71.91
C THR H 36 23.86 -76.26 71.87
N ASP H 37 24.59 -76.55 70.79
CA ASP H 37 25.32 -77.82 70.70
C ASP H 37 26.60 -77.80 71.54
N PHE H 38 27.24 -76.63 71.66
CA PHE H 38 28.55 -76.55 72.32
C PHE H 38 28.40 -76.46 73.83
N LYS H 39 27.72 -75.41 74.31
CA LYS H 39 27.52 -75.25 75.74
C LYS H 39 26.81 -76.46 76.34
N ASN H 40 25.92 -77.09 75.57
CA ASN H 40 25.34 -78.34 76.01
C ASN H 40 26.42 -79.42 76.05
N PRO H 41 26.23 -80.44 76.88
CA PRO H 41 27.29 -81.45 77.03
C PRO H 41 27.72 -82.04 75.70
N ILE H 42 29.03 -82.12 75.50
CA ILE H 42 29.60 -82.57 74.25
C ILE H 42 30.03 -84.05 74.34
N ASP H 43 29.49 -84.79 75.31
CA ASP H 43 29.82 -86.20 75.43
C ASP H 43 29.43 -86.93 74.14
N GLN H 44 30.36 -87.73 73.63
CA GLN H 44 30.17 -88.48 72.40
C GLN H 44 30.30 -89.98 72.64
N GLY H 45 29.74 -90.45 73.75
CA GLY H 45 29.81 -91.87 74.05
C GLY H 45 29.09 -92.71 73.02
N ASN H 46 27.92 -92.27 72.57
CA ASN H 46 27.18 -92.99 71.55
C ASN H 46 27.77 -92.70 70.19
N PRO H 47 28.26 -93.71 69.46
CA PRO H 47 28.79 -93.43 68.11
C PRO H 47 27.77 -92.76 67.20
N ALA H 48 26.50 -93.17 67.30
CA ALA H 48 25.46 -92.53 66.49
C ALA H 48 25.30 -91.06 66.87
N ARG H 49 25.29 -90.76 68.17
CA ARG H 49 25.17 -89.37 68.61
C ARG H 49 26.35 -88.53 68.14
N ALA H 50 27.56 -89.07 68.25
CA ALA H 50 28.74 -88.35 67.79
C ALA H 50 28.67 -88.09 66.29
N ARG H 51 28.27 -89.10 65.52
CA ARG H 51 28.16 -88.92 64.07
C ARG H 51 27.12 -87.87 63.73
N GLU H 52 25.97 -87.91 64.40
CA GLU H 52 24.92 -86.93 64.13
C GLU H 52 25.39 -85.52 64.46
N ARG H 53 26.05 -85.34 65.61
CA ARG H 53 26.54 -84.01 65.98
C ARG H 53 27.59 -83.52 64.99
N LEU H 54 28.51 -84.40 64.59
CA LEU H 54 29.54 -84.00 63.63
C LEU H 54 28.93 -83.60 62.30
N LYS H 55 27.95 -84.37 61.82
CA LYS H 55 27.34 -84.05 60.53
C LYS H 55 26.52 -82.78 60.62
N ASN H 56 25.87 -82.52 61.75
CA ASN H 56 25.17 -81.25 61.92
C ASN H 56 26.15 -80.09 61.87
N ILE H 57 27.28 -80.21 62.56
CA ILE H 57 28.28 -79.15 62.55
C ILE H 57 28.80 -78.92 61.13
N GLU H 58 29.10 -80.01 60.43
CA GLU H 58 29.60 -79.89 59.06
C GLU H 58 28.57 -79.25 58.14
N ARG H 59 27.30 -79.63 58.29
CA ARG H 59 26.24 -79.06 57.46
C ARG H 59 26.12 -77.57 57.70
N ILE H 60 26.13 -77.16 58.97
CA ILE H 60 25.99 -75.74 59.28
C ILE H 60 27.19 -74.96 58.73
N CYS H 61 28.39 -75.53 58.88
CA CYS H 61 29.57 -74.87 58.34
C CYS H 61 29.49 -74.72 56.83
N CYS H 62 29.04 -75.78 56.13
CA CYS H 62 28.90 -75.71 54.69
C CYS H 62 27.88 -74.66 54.29
N LEU H 63 26.76 -74.60 55.01
CA LEU H 63 25.75 -73.58 54.73
C LEU H 63 26.32 -72.19 54.89
N LEU H 64 27.06 -71.95 55.98
CA LEU H 64 27.63 -70.62 56.19
C LEU H 64 28.64 -70.27 55.11
N ARG H 65 29.48 -71.23 54.71
CA ARG H 65 30.45 -70.96 53.66
C ARG H 65 29.78 -70.65 52.34
N LYS H 66 28.74 -71.41 51.99
CA LYS H 66 28.03 -71.17 50.73
C LYS H 66 27.33 -69.82 50.71
N LEU H 67 27.11 -69.23 51.88
CA LEU H 67 26.25 -68.07 52.04
C LEU H 67 27.01 -66.77 52.27
N VAL H 68 28.34 -66.82 52.29
CA VAL H 68 29.14 -65.65 52.64
C VAL H 68 29.45 -64.80 51.41
N VAL H 69 29.85 -65.43 50.31
CA VAL H 69 30.24 -64.67 49.12
C VAL H 69 29.11 -63.76 48.65
N PRO H 70 27.85 -64.19 48.61
CA PRO H 70 26.78 -63.26 48.18
C PRO H 70 26.74 -61.98 48.99
N GLU H 71 26.88 -62.07 50.32
CA GLU H 71 26.85 -60.88 51.15
C GLU H 71 27.95 -59.90 50.76
N TYR H 72 29.19 -60.39 50.71
CA TYR H 72 30.32 -59.51 50.45
C TYR H 72 30.22 -58.91 49.05
N SER H 73 29.87 -59.73 48.07
CA SER H 73 29.83 -59.24 46.69
C SER H 73 28.68 -58.27 46.48
N ILE H 74 27.55 -58.48 47.16
CA ILE H 74 26.43 -57.55 47.04
C ILE H 74 26.77 -56.22 47.71
N HIS H 75 27.48 -56.26 48.83
CA HIS H 75 27.94 -55.01 49.44
C HIS H 75 28.93 -54.30 48.52
N GLY H 76 29.81 -55.05 47.86
CA GLY H 76 30.68 -54.45 46.87
C GLY H 76 29.91 -53.83 45.73
N LEU H 77 28.80 -54.46 45.33
CA LEU H 77 27.92 -53.87 44.33
C LEU H 77 27.38 -52.53 44.82
N PHE H 78 26.95 -52.49 46.08
CA PHE H 78 26.48 -51.22 46.65
C PHE H 78 27.57 -50.15 46.54
N CYS H 79 28.79 -50.51 46.90
CA CYS H 79 29.89 -49.53 46.85
C CYS H 79 30.13 -49.05 45.43
N LEU H 80 30.13 -49.98 44.47
CA LEU H 80 30.34 -49.61 43.07
C LEU H 80 29.23 -48.68 42.57
N MET H 81 27.98 -49.00 42.92
CA MET H 81 26.86 -48.16 42.51
C MET H 81 27.00 -46.75 43.06
N PHE H 82 27.33 -46.64 44.35
CA PHE H 82 27.45 -45.31 44.94
C PHE H 82 28.67 -44.57 44.40
N LEU H 83 29.70 -45.30 43.95
CA LEU H 83 30.80 -44.63 43.27
C LEU H 83 30.35 -44.05 41.93
N CYS H 84 29.67 -44.86 41.11
CA CYS H 84 29.29 -44.40 39.78
C CYS H 84 28.29 -43.25 39.87
N ALA H 85 27.35 -43.32 40.81
CA ALA H 85 26.37 -42.27 41.00
C ALA H 85 26.98 -41.01 41.60
N ALA H 86 28.23 -41.06 42.07
CA ALA H 86 28.88 -39.92 42.70
C ALA H 86 28.15 -39.50 43.98
N GLU H 87 27.85 -40.49 44.81
CA GLU H 87 27.33 -40.26 46.15
C GLU H 87 28.48 -40.56 47.12
N TRP H 88 29.24 -39.51 47.46
CA TRP H 88 30.51 -39.69 48.13
C TRP H 88 30.33 -40.06 49.61
N VAL H 89 29.32 -39.49 50.28
CA VAL H 89 29.15 -39.73 51.71
C VAL H 89 28.87 -41.21 51.96
N THR H 90 27.88 -41.76 51.25
CA THR H 90 27.51 -43.15 51.47
C THR H 90 28.67 -44.08 51.13
N LEU H 91 29.39 -43.78 50.06
CA LEU H 91 30.55 -44.57 49.70
C LEU H 91 31.60 -44.55 50.81
N GLY H 92 31.81 -43.39 51.42
CA GLY H 92 32.73 -43.31 52.54
C GLY H 92 32.26 -44.15 53.72
N LEU H 93 30.97 -44.07 54.05
CA LEU H 93 30.44 -44.90 55.13
C LEU H 93 30.59 -46.38 54.84
N ASN H 94 30.55 -46.77 53.57
CA ASN H 94 30.52 -48.19 53.23
C ASN H 94 31.90 -48.79 52.95
N ILE H 95 32.89 -47.96 52.62
CA ILE H 95 34.23 -48.50 52.33
C ILE H 95 34.80 -49.28 53.50
N PRO H 96 34.70 -48.83 54.76
CA PRO H 96 35.32 -49.61 55.84
C PRO H 96 34.80 -51.03 55.93
N LEU H 97 33.49 -51.25 55.79
CA LEU H 97 32.97 -52.60 55.83
C LEU H 97 33.45 -53.40 54.62
N LEU H 98 33.56 -52.74 53.47
CA LEU H 98 34.12 -53.40 52.29
C LEU H 98 35.51 -53.95 52.59
N PHE H 99 36.37 -53.11 53.14
CA PHE H 99 37.74 -53.55 53.43
C PHE H 99 37.76 -54.59 54.53
N TYR H 100 36.88 -54.48 55.53
CA TYR H 100 36.82 -55.51 56.56
C TYR H 100 36.45 -56.86 55.97
N HIS H 101 35.44 -56.87 55.08
CA HIS H 101 35.05 -58.12 54.44
C HIS H 101 36.19 -58.66 53.58
N LEU H 102 36.87 -57.78 52.85
CA LEU H 102 38.00 -58.21 52.03
C LEU H 102 39.06 -58.88 52.90
N TRP H 103 39.41 -58.23 54.02
CA TRP H 103 40.42 -58.77 54.91
C TRP H 103 39.98 -60.11 55.47
N ARG H 104 38.72 -60.17 55.91
CA ARG H 104 38.18 -61.38 56.52
C ARG H 104 38.21 -62.55 55.54
N TYR H 105 37.85 -62.29 54.28
CA TYR H 105 37.80 -63.36 53.29
C TYR H 105 39.20 -63.80 52.86
N PHE H 106 40.14 -62.86 52.76
CA PHE H 106 41.44 -63.14 52.15
C PHE H 106 42.56 -63.34 53.17
N HIS H 107 42.27 -63.38 54.47
CA HIS H 107 43.28 -63.69 55.49
C HIS H 107 43.24 -65.14 55.93
N ARG H 108 42.07 -65.65 56.26
CA ARG H 108 41.98 -67.00 56.78
C ARG H 108 42.91 -67.08 57.99
N PRO H 109 42.57 -66.37 59.07
CA PRO H 109 43.41 -66.43 60.27
C PRO H 109 43.60 -67.86 60.78
N ALA H 110 42.63 -68.73 60.53
CA ALA H 110 42.80 -70.14 60.86
C ALA H 110 44.03 -70.69 60.15
N ASP H 111 44.83 -71.47 60.88
CA ASP H 111 46.07 -71.99 60.31
C ASP H 111 45.79 -72.89 59.11
N GLY H 112 44.61 -73.51 59.05
CA GLY H 112 44.30 -74.37 57.92
C GLY H 112 44.31 -73.60 56.60
N SER H 113 43.64 -72.45 56.57
CA SER H 113 43.63 -71.58 55.41
C SER H 113 43.10 -72.29 54.17
N GLU H 114 41.95 -72.94 54.32
CA GLU H 114 41.28 -73.58 53.20
C GLU H 114 39.81 -73.17 53.16
N VAL H 115 39.25 -72.82 54.31
CA VAL H 115 37.86 -72.38 54.42
C VAL H 115 37.78 -71.28 55.47
N MET H 116 36.88 -70.33 55.26
CA MET H 116 36.62 -69.31 56.26
C MET H 116 36.18 -69.95 57.56
N TYR H 117 35.16 -70.80 57.49
CA TYR H 117 34.70 -71.58 58.64
C TYR H 117 35.09 -73.03 58.39
N ASP H 118 35.79 -73.62 59.36
CA ASP H 118 36.22 -75.01 59.27
C ASP H 118 35.64 -75.80 60.43
N ALA H 119 34.98 -76.91 60.12
CA ALA H 119 34.31 -77.69 61.15
C ALA H 119 35.25 -78.01 62.31
N VAL H 120 36.51 -78.33 61.99
CA VAL H 120 37.47 -78.67 63.05
C VAL H 120 37.78 -77.43 63.89
N SER H 121 38.04 -76.29 63.23
CA SER H 121 38.31 -75.07 63.98
C SER H 121 37.05 -74.54 64.64
N ILE H 122 35.90 -74.70 63.99
CA ILE H 122 34.64 -74.35 64.61
C ILE H 122 34.44 -75.20 65.86
N MET H 123 33.51 -74.77 66.71
CA MET H 123 33.19 -75.30 68.02
C MET H 123 34.16 -74.74 69.06
N ASN H 124 35.13 -73.92 68.64
CA ASN H 124 36.00 -73.22 69.58
C ASN H 124 35.25 -72.02 70.16
N ALA H 125 35.35 -71.85 71.48
CA ALA H 125 34.57 -70.80 72.14
C ALA H 125 34.98 -69.42 71.66
N ASP H 126 36.29 -69.18 71.52
CA ASP H 126 36.74 -67.87 71.05
C ASP H 126 36.19 -67.56 69.67
N ILE H 127 36.37 -68.48 68.73
CA ILE H 127 35.91 -68.27 67.36
C ILE H 127 34.39 -68.15 67.33
N LEU H 128 33.70 -69.00 68.07
CA LEU H 128 32.24 -68.95 68.11
C LEU H 128 31.76 -67.59 68.59
N ASN H 129 32.31 -67.11 69.70
CA ASN H 129 31.86 -65.84 70.27
C ASN H 129 32.22 -64.68 69.34
N TYR H 130 33.39 -64.72 68.72
CA TYR H 130 33.76 -63.67 67.79
C TYR H 130 32.78 -63.62 66.62
N CYS H 131 32.43 -64.78 66.07
CA CYS H 131 31.48 -64.83 64.97
C CYS H 131 30.12 -64.30 65.40
N GLN H 132 29.68 -64.67 66.61
CA GLN H 132 28.39 -64.20 67.10
C GLN H 132 28.37 -62.68 67.21
N LYS H 133 29.41 -62.11 67.83
CA LYS H 133 29.47 -60.66 67.99
C LYS H 133 29.55 -59.96 66.65
N GLU H 134 30.36 -60.50 65.73
CA GLU H 134 30.48 -59.91 64.40
C GLU H 134 29.13 -59.90 63.69
N SER H 135 28.41 -61.02 63.77
CA SER H 135 27.11 -61.12 63.11
C SER H 135 26.13 -60.11 63.71
N TRP H 136 26.13 -59.96 65.04
CA TRP H 136 25.20 -59.02 65.66
C TRP H 136 25.51 -57.58 65.25
N CYS H 137 26.79 -57.21 65.29
CA CYS H 137 27.17 -55.87 64.88
C CYS H 137 26.84 -55.63 63.41
N LYS H 138 27.05 -56.63 62.57
CA LYS H 138 26.73 -56.52 61.15
C LYS H 138 25.24 -56.34 60.94
N LEU H 139 24.42 -57.06 61.72
CA LEU H 139 22.98 -56.88 61.63
C LEU H 139 22.57 -55.47 61.99
N ALA H 140 23.15 -54.93 63.08
CA ALA H 140 22.85 -53.56 63.46
C ALA H 140 23.25 -52.59 62.35
N PHE H 141 24.44 -52.79 61.79
CA PHE H 141 24.91 -51.92 60.72
C PHE H 141 23.98 -51.98 59.51
N TYR H 142 23.55 -53.18 59.13
CA TYR H 142 22.69 -53.32 57.96
C TYR H 142 21.33 -52.68 58.19
N LEU H 143 20.78 -52.82 59.41
CA LEU H 143 19.52 -52.13 59.71
C LEU H 143 19.68 -50.63 59.60
N LEU H 144 20.75 -50.09 60.19
CA LEU H 144 20.96 -48.64 60.14
C LEU H 144 21.15 -48.18 58.70
N SER H 145 21.92 -48.92 57.91
CA SER H 145 22.16 -48.55 56.52
C SER H 145 20.88 -48.63 55.70
N PHE H 146 20.03 -49.62 55.99
CA PHE H 146 18.75 -49.72 55.30
C PHE H 146 17.90 -48.47 55.56
N PHE H 147 17.81 -48.06 56.82
CA PHE H 147 17.00 -46.89 57.13
C PHE H 147 17.61 -45.63 56.55
N TYR H 148 18.94 -45.53 56.56
CA TYR H 148 19.62 -44.39 55.94
C TYR H 148 19.33 -44.34 54.44
N TYR H 149 19.37 -45.49 53.78
CA TYR H 149 19.09 -45.54 52.35
C TYR H 149 17.65 -45.11 52.07
N LEU H 150 16.70 -45.57 52.89
CA LEU H 150 15.31 -45.14 52.72
C LEU H 150 15.19 -43.63 52.86
N TYR H 151 15.80 -43.07 53.90
CA TYR H 151 15.72 -41.63 54.11
C TYR H 151 16.32 -40.87 52.94
N SER H 152 17.49 -41.31 52.46
CA SER H 152 18.14 -40.62 51.36
C SER H 152 17.31 -40.72 50.09
N MET H 153 16.69 -41.88 49.85
CA MET H 153 15.82 -42.03 48.69
C MET H 153 14.67 -41.05 48.74
N VAL H 154 13.98 -40.98 49.89
CA VAL H 154 12.85 -40.05 50.01
C VAL H 154 13.32 -38.62 49.82
N TYR H 155 14.44 -38.26 50.45
CA TYR H 155 14.97 -36.91 50.34
C TYR H 155 15.26 -36.56 48.89
N THR H 156 15.92 -37.45 48.16
CA THR H 156 16.26 -37.17 46.77
C THR H 156 15.02 -37.10 45.90
N LEU H 157 14.01 -37.93 46.18
CA LEU H 157 12.78 -37.90 45.39
C LEU H 157 12.04 -36.58 45.58
N VAL H 158 11.81 -36.17 46.83
CA VAL H 158 10.95 -35.01 47.06
C VAL H 158 11.57 -33.76 46.48
N SER H 159 12.89 -33.61 46.57
CA SER H 159 13.57 -32.45 46.04
C SER H 159 13.71 -32.53 44.53
C1 NAG I . 1.51 51.02 -66.71
C2 NAG I . 2.50 49.98 -67.16
C3 NAG I . 3.38 49.59 -66.00
C4 NAG I . 4.29 50.76 -65.67
C5 NAG I . 3.50 52.06 -65.56
C6 NAG I . 3.86 53.07 -66.62
C7 NAG I . 1.74 48.55 -69.00
C8 NAG I . 0.97 47.31 -69.37
N2 NAG I . 1.81 48.81 -67.69
O3 NAG I . 4.16 48.45 -66.34
O4 NAG I . 4.95 50.53 -64.42
O5 NAG I . 2.08 51.85 -65.63
O6 NAG I . 3.05 52.98 -67.77
O7 NAG I . 2.25 49.28 -69.85
C1 NAG I . 6.33 50.78 -64.73
C2 NAG I . 7.08 51.04 -63.44
C3 NAG I . 8.57 51.19 -63.73
C4 NAG I . 9.09 50.01 -64.55
C5 NAG I . 8.23 49.82 -65.79
C6 NAG I . 8.61 48.59 -66.58
C7 NAG I . 5.69 52.17 -61.77
C8 NAG I . 5.27 53.51 -61.21
N2 NAG I . 6.57 52.22 -62.77
O3 NAG I . 9.28 51.25 -62.49
O4 NAG I . 10.44 50.24 -64.94
O5 NAG I . 6.87 49.65 -65.39
O6 NAG I . 8.30 47.40 -65.88
O7 NAG I . 5.25 51.11 -61.34
C1 BMA I . 11.25 49.29 -64.23
C2 BMA I . 12.73 49.67 -64.42
C3 BMA I . 13.59 48.70 -63.61
C4 BMA I . 13.09 48.60 -62.14
C5 BMA I . 11.58 48.28 -62.12
C6 BMA I . 10.98 48.26 -60.74
O2 BMA I . 12.99 50.97 -63.93
O3 BMA I . 14.96 49.08 -63.64
O4 BMA I . 13.80 47.58 -61.47
O5 BMA I . 10.92 49.30 -62.85
O6 BMA I . 9.66 47.73 -60.83
C1 NAG J . -34.31 38.92 -58.27
C2 NAG J . -35.63 39.68 -58.40
C3 NAG J . -36.74 38.73 -58.82
C4 NAG J . -36.34 37.99 -60.09
C5 NAG J . -35.00 37.31 -59.90
C6 NAG J . -34.48 36.66 -61.16
C7 NAG J . -36.19 41.65 -57.04
C8 NAG J . -36.51 42.15 -55.67
N2 NAG J . -35.96 40.33 -57.15
O3 NAG J . -37.93 39.49 -59.05
O4 NAG J . -37.33 37.02 -60.43
O5 NAG J . -34.02 38.27 -59.51
O6 NAG J . -34.25 35.26 -60.97
O7 NAG J . -36.14 42.39 -58.01
C1 NAG J . -38.02 37.54 -61.58
C2 NAG J . -39.06 36.51 -62.03
C3 NAG J . -39.85 37.07 -63.21
C4 NAG J . -40.45 38.43 -62.87
C5 NAG J . -39.35 39.37 -62.35
C6 NAG J . -39.89 40.68 -61.85
C7 NAG J . -38.03 34.35 -61.51
C8 NAG J . -37.38 33.12 -62.06
N2 NAG J . -38.42 35.26 -62.40
O3 NAG J . -40.90 36.16 -63.55
O4 NAG J . -41.05 39.01 -64.01
O5 NAG J . -38.67 38.77 -61.24
O6 NAG J . -40.91 40.51 -60.88
O7 NAG J . -38.19 34.52 -60.30
C1 NAG K . -20.31 40.03 -7.23
C2 NAG K . -19.83 39.32 -5.99
C3 NAG K . -19.91 37.82 -6.21
C4 NAG K . -21.33 37.43 -6.58
C5 NAG K . -21.84 38.28 -7.75
C6 NAG K . -23.33 38.10 -7.96
C7 NAG K . -18.10 39.95 -4.37
C8 NAG K . -16.68 40.35 -4.17
N2 NAG K . -18.47 39.71 -5.63
O3 NAG K . -19.52 37.15 -5.01
O4 NAG K . -21.36 36.07 -7.01
O5 NAG K . -21.64 39.68 -7.50
O6 NAG K . -24.07 38.61 -6.87
O7 NAG K . -18.89 39.84 -3.43
C1 NAG K . -22.18 35.34 -6.09
C2 NAG K . -22.46 33.97 -6.71
C3 NAG K . -21.35 32.97 -6.38
C4 NAG K . -21.13 32.84 -4.88
C5 NAG K . -21.82 33.98 -4.14
C6 NAG K . -21.33 34.16 -2.73
C7 NAG K . -24.89 34.15 -6.45
C8 NAG K . -26.14 33.47 -5.96
N2 NAG K . -23.76 33.46 -6.29
O3 NAG K . -20.14 33.38 -7.01
O4 NAG K . -21.66 31.60 -4.42
O5 NAG K . -21.53 35.20 -4.84
O6 NAG K . -20.69 32.97 -2.26
O7 NAG K . -24.91 35.26 -6.95
C1 NAG L . 4.49 42.32 -18.41
C2 NAG L . 4.50 40.92 -19.01
C3 NAG L . 5.15 39.96 -18.04
C4 NAG L . 6.54 40.45 -17.67
C5 NAG L . 6.53 41.91 -17.22
C6 NAG L . 7.91 42.50 -17.11
C7 NAG L . 2.90 39.84 -20.50
C8 NAG L . 1.47 39.45 -20.72
N2 NAG L . 3.16 40.48 -19.37
O3 NAG L . 5.22 38.67 -18.63
O4 NAG L . 7.06 39.67 -16.60
O5 NAG L . 5.81 42.73 -18.16
O6 NAG L . 8.52 42.59 -18.40
O7 NAG L . 3.77 39.57 -21.31
C1 NAG L . 8.21 38.98 -17.08
C2 NAG L . 8.95 38.40 -15.86
C3 NAG L . 8.38 37.02 -15.47
C4 NAG L . 8.43 36.04 -16.63
C5 NAG L . 8.69 36.78 -17.93
C6 NAG L . 8.36 35.96 -19.16
C7 NAG L . 11.10 39.38 -16.46
C8 NAG L . 12.57 39.12 -16.66
N2 NAG L . 10.38 38.33 -16.09
O3 NAG L . 7.04 37.17 -15.02
O4 NAG L . 9.45 35.09 -16.42
O5 NAG L . 7.84 37.94 -17.97
O6 NAG L . 8.31 34.57 -18.85
O7 NAG L . 10.61 40.48 -16.63
C1 NAG M . -26.98 73.61 28.20
C2 NAG M . -27.53 72.67 29.25
C3 NAG M . -28.04 71.40 28.60
C4 NAG M . -29.28 71.73 27.80
C5 NAG M . -29.07 72.96 26.92
C6 NAG M . -29.94 74.14 27.31
C7 NAG M . -26.48 72.89 31.46
C8 NAG M . -25.34 72.46 32.34
N2 NAG M . -26.51 72.35 30.24
O3 NAG M . -28.32 70.43 29.59
O4 NAG M . -29.64 70.64 26.97
O5 NAG M . -27.70 73.41 26.92
O6 NAG M . -29.30 75.01 28.24
O7 NAG M . -27.35 73.67 31.85
C1 NAG M . -31.03 70.44 27.26
C2 NAG M . -31.66 69.63 26.14
C3 NAG M . -33.12 69.31 26.48
C4 NAG M . -33.21 68.66 27.86
C5 NAG M . -32.50 69.53 28.89
C6 NAG M . -32.45 68.88 30.26
C7 NAG M . -30.65 70.16 23.97
C8 NAG M . -30.73 71.01 22.73
N2 NAG M . -31.59 70.36 24.88
O3 NAG M . -33.63 68.41 25.50
O4 NAG M . -34.57 68.51 28.22
O5 NAG M . -31.14 69.72 28.49
O6 NAG M . -31.60 67.75 30.26
O7 NAG M . -29.77 69.31 24.12
C1 BMA M . -34.84 67.09 28.24
C2 BMA M . -36.36 66.88 28.38
C3 BMA M . -36.65 65.39 28.32
C4 BMA M . -35.98 64.73 27.09
C5 BMA M . -34.49 65.08 27.06
C6 BMA M . -33.76 64.56 25.83
O2 BMA M . -37.05 67.48 27.30
O3 BMA M . -38.05 65.14 28.32
O4 BMA M . -36.13 63.32 27.16
O5 BMA M . -34.38 66.50 27.05
O6 BMA M . -32.37 64.75 26.03
C1 NAG N . 11.43 74.37 23.21
C2 NAG N . 12.30 75.53 22.74
C3 NAG N . 13.64 75.50 23.47
C4 NAG N . 13.41 75.47 24.97
C5 NAG N . 12.50 74.32 25.34
C6 NAG N . 12.13 74.29 26.80
C7 NAG N . 12.19 76.50 20.49
C8 NAG N . 12.44 76.27 19.02
N2 NAG N . 12.49 75.48 21.30
O3 NAG N . 14.38 76.66 23.11
O4 NAG N . 14.66 75.32 25.64
O5 NAG N . 11.26 74.43 24.61
O6 NAG N . 12.50 73.07 27.42
O7 NAG N . 11.73 77.55 20.91
C1 NAG N . 14.94 76.60 26.25
C2 NAG N . 16.23 76.48 27.05
C3 NAG N . 16.59 77.85 27.65
C4 NAG N . 16.62 78.91 26.55
C5 NAG N . 15.32 78.90 25.76
C6 NAG N . 15.34 79.83 24.56
C7 NAG N . 16.22 74.18 27.89
C8 NAG N . 16.07 73.30 29.09
N2 NAG N . 16.11 75.49 28.11
O3 NAG N . 17.86 77.77 28.28
O4 NAG N . 16.80 80.20 27.13
O5 NAG N . 15.09 77.58 25.23
O6 NAG N . 16.46 79.58 23.73
O7 NAG N . 16.45 73.72 26.78
C01 E2Q O . -2.47 -13.36 -27.98
C02 E2Q O . -1.62 -14.28 -27.51
C03 E2Q O . -0.48 -13.85 -26.80
C04 E2Q O . 0.43 -14.82 -26.31
C05 E2Q O . 1.54 -14.43 -25.61
C06 E2Q O . 1.80 -13.07 -25.38
C07 E2Q O . 0.92 -12.15 -25.85
C08 E2Q O . -0.25 -12.47 -26.58
C09 E2Q O . -1.18 -11.50 -27.08
C10 E2Q O . -2.25 -12.00 -27.76
C19 E2Q O . 2.29 -16.72 -25.30
C21 E2Q O . 1.07 -17.17 -26.06
N14 E2Q O . -2.16 -9.16 -27.82
N15 E2Q O . 1.38 -10.76 -25.50
N18 E2Q O . 2.46 -15.35 -25.11
N23 E2Q O . 0.20 -16.18 -26.53
O12 E2Q O . -1.41 -9.50 -25.57
O13 E2Q O . 0.19 -9.45 -27.50
O16 E2Q O . 2.26 -10.33 -26.20
O17 E2Q O . 0.88 -10.21 -24.57
O20 E2Q O . 3.10 -17.51 -24.86
O22 E2Q O . 0.83 -18.33 -26.28
S11 E2Q O . -1.05 -9.83 -26.90
C1 NAG P . -11.92 14.85 -52.95
C2 NAG P . -12.45 14.96 -51.51
C3 NAG P . -13.94 14.65 -51.44
C4 NAG P . -14.26 13.29 -52.08
C5 NAG P . -13.43 13.09 -53.34
C6 NAG P . -14.23 12.51 -54.48
C7 NAG P . -10.45 14.33 -50.21
C8 NAG P . -9.81 15.57 -50.74
N2 NAG P . -11.70 14.10 -50.62
O3 NAG P . -14.67 15.68 -52.12
O4 NAG P . -13.96 12.26 -51.16
O5 NAG P . -12.94 14.36 -53.79
O6 NAG P . -13.41 12.21 -55.60
O7 NAG P . -9.86 13.56 -49.46
C1 NAG Q . -27.64 26.07 -67.61
C2 NAG Q . -27.28 25.14 -66.46
C3 NAG Q . -27.86 23.76 -66.71
C4 NAG Q . -29.35 23.84 -66.97
C5 NAG Q . -29.63 24.84 -68.09
C6 NAG Q . -31.11 25.08 -68.32
C7 NAG Q . -25.22 25.48 -65.16
C8 NAG Q . -23.73 25.33 -65.14
N2 NAG Q . -25.84 25.07 -66.27
O3 NAG Q . -27.61 22.93 -65.58
O4 NAG Q . -29.86 22.57 -67.35
O5 NAG Q . -29.06 26.11 -67.77
O6 NAG Q . -31.35 26.41 -68.79
O7 NAG Q . -25.85 25.95 -64.21
O21 PC1 R . 22.82 -55.73 -3.52
C21 PC1 R . 21.58 -56.06 -4.08
O22 PC1 R . 21.08 -55.33 -4.86
C22 PC1 R . 20.89 -57.36 -3.70
C23 PC1 R . 21.27 -57.79 -2.28
C24 PC1 R . 20.66 -59.15 -1.99
C25 PC1 R . 20.61 -59.40 -0.48
C26 PC1 R . 20.35 -60.89 -0.21
C27 PC1 R . 20.39 -61.14 1.30
C28 PC1 R . 19.77 -62.50 1.61
C29 PC1 R . 19.91 -62.79 3.11
C2A PC1 R . 19.25 -64.12 3.43
C2B PC1 R . 20.17 -64.98 4.28
C2C PC1 R . 19.91 -66.47 4.02
C2D PC1 R . 21.19 -67.26 4.25
C2E PC1 R . 20.83 -68.69 4.67
C2F PC1 R . 22.11 -69.52 4.74
C2G PC1 R . 22.21 -70.25 6.07
C2H PC1 R . 23.69 -70.47 6.39
C2I PC1 R . 23.84 -71.40 7.58
O21 PC1 S . 22.26 -50.88 -4.31
C21 PC1 S . 22.30 -50.59 -2.94
O22 PC1 S . 21.54 -49.81 -2.48
C22 PC1 S . 23.32 -51.28 -2.04
C23 PC1 S . 22.83 -52.68 -1.70
C24 PC1 S . 23.67 -53.27 -0.56
C25 PC1 S . 24.65 -54.32 -1.10
C26 PC1 S . 24.05 -55.71 -0.91
C27 PC1 S . 24.25 -56.15 0.54
C28 PC1 S . 23.13 -57.11 0.94
C29 PC1 S . 23.36 -57.56 2.38
C2A PC1 S . 22.09 -58.20 2.94
C2B PC1 S . 22.31 -58.48 4.42
C2C PC1 S . 21.47 -59.67 4.85
C2D PC1 S . 21.75 -60.01 6.31
C2E PC1 S . 23.11 -60.69 6.44
C2F PC1 S . 23.32 -61.18 7.87
C2G PC1 S . 24.78 -60.96 8.26
O21 PC1 T . 19.29 -54.13 -11.08
C21 PC1 T . 18.94 -55.36 -10.52
O22 PC1 T . 19.78 -56.06 -10.06
C22 PC1 T . 17.48 -55.80 -10.48
C23 PC1 T . 17.01 -56.11 -11.89
C24 PC1 T . 15.50 -56.38 -11.93
C25 PC1 T . 15.06 -57.46 -10.93
C26 PC1 T . 15.82 -58.77 -11.12
C27 PC1 T . 16.63 -59.14 -9.88
C28 PC1 T . 16.20 -60.48 -9.32
C29 PC1 T . 17.27 -60.95 -8.34
C2A PC1 T . 16.82 -62.18 -7.57
C2B PC1 T . 17.90 -62.51 -6.55
C2C PC1 T . 17.61 -63.86 -5.91
C2D PC1 T . 18.72 -64.14 -4.89
C2E PC1 T . 18.38 -65.37 -4.05
C2F PC1 T . 19.48 -65.55 -3.01
C2G PC1 T . 19.01 -66.51 -1.93
C2H PC1 T . 20.06 -66.56 -0.83
C2I PC1 T . 19.89 -67.85 -0.03
O21 PC1 U . 26.42 -82.09 3.62
C21 PC1 U . 26.28 -83.02 2.58
O22 PC1 U . 26.44 -84.17 2.80
C22 PC1 U . 25.91 -82.56 1.18
C23 PC1 U . 26.20 -81.06 1.02
C24 PC1 U . 25.73 -80.62 -0.37
C25 PC1 U . 25.65 -79.09 -0.46
C26 PC1 U . 25.46 -78.75 -1.94
C27 PC1 U . 25.53 -77.23 -2.18
C28 PC1 U . 26.93 -76.70 -1.92
C29 PC1 U . 26.85 -75.46 -1.05
C2A PC1 U . 26.42 -74.27 -1.90
C2B PC1 U . 25.54 -73.32 -1.08
C2C PC1 U . 26.33 -72.69 0.06
C2D PC1 U . 25.38 -72.00 1.04
C2E PC1 U . 24.45 -71.06 0.29
C2F PC1 U . 23.87 -70.01 1.25
C2G PC1 U . 22.73 -69.27 0.56
O11 PC1 V . 12.89 -61.80 -11.93
C1 PC1 V . 12.83 -62.32 -10.64
C2 PC1 V . 12.99 -63.84 -10.68
O21 PC1 V . 11.73 -64.42 -10.88
C3 PC1 V . 13.60 -64.36 -9.39
O31 PC1 V . 14.61 -65.28 -9.69
C31 PC1 V . 14.29 -66.63 -9.46
O32 PC1 V . 15.02 -67.30 -8.82
C32 PC1 V . 13.00 -67.24 -10.03
C33 PC1 V . 12.72 -68.57 -9.34
C34 PC1 V . 13.58 -69.68 -9.94
C35 PC1 V . 12.85 -71.01 -9.75
C36 PC1 V . 13.74 -72.16 -10.23
C37 PC1 V . 13.21 -73.48 -9.70
C38 PC1 V . 14.34 -74.50 -9.63
C39 PC1 V . 13.95 -75.63 -8.69
C3A PC1 V . 15.04 -76.71 -8.69
C3B PC1 V . 14.45 -78.08 -9.07
C3C PC1 V . 14.74 -79.11 -7.98
C3D PC1 V . 13.53 -80.01 -7.81
C3E PC1 V . 13.82 -81.08 -6.77
C3F PC1 V . 12.76 -81.07 -5.67
C3G PC1 V . 13.06 -82.18 -4.67
C3H PC1 V . 12.88 -81.67 -3.24
C3I PC1 V . 13.09 -82.82 -2.28
O21 PC1 W . 31.58 -73.93 31.63
C21 PC1 W . 30.66 -73.15 32.32
O22 PC1 W . 29.73 -73.66 32.85
C22 PC1 W . 30.84 -71.63 32.38
C23 PC1 W . 31.72 -71.27 33.56
C24 PC1 W . 32.72 -70.19 33.15
C25 PC1 W . 33.78 -70.06 34.24
C26 PC1 W . 34.26 -68.62 34.44
C27 PC1 W . 33.14 -67.63 34.78
C28 PC1 W . 32.28 -68.13 35.95
C29 PC1 W . 32.09 -67.03 36.99
C2A PC1 W . 30.63 -66.58 37.04
C2B PC1 W . 30.55 -65.09 37.33
C2C PC1 W . 30.32 -64.31 36.03
C2D PC1 W . 31.62 -64.10 35.28
C2E PC1 W . 31.75 -62.65 34.83
C2F PC1 W . 30.65 -62.29 33.83
C2G PC1 W . 30.74 -60.80 33.50
O21 PC1 X . 26.83 -80.25 9.46
C21 PC1 X . 26.27 -81.39 8.86
O22 PC1 X . 26.58 -82.47 9.25
C22 PC1 X . 25.26 -81.25 7.73
C23 PC1 X . 25.40 -79.89 7.07
C24 PC1 X . 26.62 -79.86 6.15
C25 PC1 X . 26.42 -78.79 5.09
C26 PC1 X . 27.74 -78.09 4.82
C27 PC1 X . 27.99 -77.08 5.94
C28 PC1 X . 29.48 -76.82 6.09
C29 PC1 X . 29.69 -75.60 6.99
C2A PC1 X . 30.01 -74.38 6.14
C2B PC1 X . 28.80 -74.01 5.29
C2C PC1 X . 29.03 -72.66 4.62
C2D PC1 X . 27.67 -72.09 4.20
C2E PC1 X . 27.85 -70.59 3.90
C2F PC1 X . 26.50 -69.87 3.94
C2G PC1 X . 26.66 -68.50 4.61
C2H PC1 X . 27.58 -67.63 3.77
C2I PC1 X . 27.96 -66.40 4.58
C01 E2Q Y . -26.11 -12.65 -9.46
C02 E2Q Y . -25.99 -13.66 -8.57
C03 E2Q Y . -26.81 -14.79 -8.71
C04 E2Q Y . -26.65 -15.85 -7.77
C05 E2Q Y . -27.45 -16.98 -7.88
C06 E2Q Y . -28.40 -17.09 -8.91
C07 E2Q Y . -28.53 -16.07 -9.80
C08 E2Q Y . -27.75 -14.88 -9.75
C09 E2Q Y . -27.88 -13.80 -10.69
C10 E2Q Y . -27.06 -12.73 -10.49
C19 E2Q Y . -26.42 -18.01 -5.95
C21 E2Q Y . -25.56 -16.79 -5.81
N14 E2Q Y . -28.63 -12.49 -12.87
N15 E2Q Y . -29.59 -16.40 -10.80
N18 E2Q Y . -27.34 -18.03 -6.99
N23 E2Q Y . -25.73 -15.77 -6.75
O12 E2Q Y . -28.68 -14.88 -12.81
O13 E2Q Y . -30.25 -13.50 -11.43
O16 E2Q Y . -29.23 -17.12 -11.70
O17 E2Q Y . -30.68 -15.95 -10.64
O20 E2Q Y . -26.35 -18.94 -5.18
O22 E2Q Y . -24.73 -16.68 -4.94
S11 E2Q Y . -28.97 -13.77 -11.98
C1 NAG Z . -46.80 52.85 5.42
C2 NAG Z . -47.79 53.40 4.39
C3 NAG Z . -47.32 53.09 2.97
C4 NAG Z . -47.20 51.59 2.74
C5 NAG Z . -46.87 50.89 4.05
C6 NAG Z . -46.06 49.63 3.86
C7 NAG Z . -49.88 53.15 5.67
C8 NAG Z . -49.27 54.04 6.70
N2 NAG Z . -49.12 52.87 4.59
O3 NAG Z . -46.05 53.71 2.74
O4 NAG Z . -48.44 51.09 2.25
O5 NAG Z . -46.06 51.77 4.85
O6 NAG Z . -45.60 49.11 5.11
O7 NAG Z . -51.00 52.68 5.79
O21 PC1 AA . -8.71 -57.92 1.91
C21 PC1 AA . -7.75 -58.39 2.81
O22 PC1 AA . -7.50 -57.78 3.80
C22 PC1 AA . -7.02 -59.70 2.53
C23 PC1 AA . -5.82 -59.84 3.46
C24 PC1 AA . -6.30 -60.31 4.82
C25 PC1 AA . -5.25 -60.00 5.89
C26 PC1 AA . -4.52 -61.26 6.30
C27 PC1 AA . -3.24 -60.87 7.00
C28 PC1 AA . -2.94 -61.86 8.13
C29 PC1 AA . -1.43 -62.09 8.18
C2A PC1 AA . -1.08 -62.94 9.40
C2B PC1 AA . 0.25 -63.64 9.17
C2C PC1 AA . 0.03 -64.93 8.41
C2D PC1 AA . 1.36 -65.44 7.85
C2E PC1 AA . 2.43 -65.42 8.94
O21 PC1 BA . -13.78 -61.07 3.28
C21 PC1 BA . -12.84 -60.52 2.40
O22 PC1 BA . -13.21 -59.77 1.56
C22 PC1 BA . -11.37 -60.88 2.51
C23 PC1 BA . -11.20 -62.31 3.00
C24 PC1 BA . -10.35 -62.34 4.27
C25 PC1 BA . -9.85 -63.76 4.52
C26 PC1 BA . -8.38 -63.87 4.12
C27 PC1 BA . -7.72 -65.02 4.85
C28 PC1 BA . -7.43 -64.64 6.31
C29 PC1 BA . -6.79 -65.83 7.02
C2A PC1 BA . -5.29 -65.79 6.79
C2B PC1 BA . -4.63 -67.02 7.42
C2C PC1 BA . -3.35 -66.59 8.13
C2D PC1 BA . -2.34 -67.73 8.16
C2E PC1 BA . -2.93 -68.96 8.85
C2F PC1 BA . -3.05 -70.09 7.83
C2G PC1 BA . -3.33 -71.41 8.53
C2H PC1 BA . -2.81 -72.56 7.68
C2I PC1 BA . -3.22 -72.40 6.23
O21 PC1 CA . -14.96 -51.57 7.76
C21 PC1 CA . -15.34 -52.91 7.74
O22 PC1 CA . -15.08 -53.59 6.80
C22 PC1 CA . -16.09 -53.50 8.93
C23 PC1 CA . -16.86 -54.75 8.50
C24 PC1 CA . -17.81 -55.18 9.61
C25 PC1 CA . -17.02 -55.71 10.81
C26 PC1 CA . -17.53 -57.09 11.21
C27 PC1 CA . -16.48 -57.78 12.10
C28 PC1 CA . -16.97 -59.16 12.50
C29 PC1 CA . -15.88 -59.89 13.32
C2A PC1 CA . -15.00 -60.75 12.41
C2B PC1 CA . -14.44 -61.91 13.22
C2C PC1 CA . -13.33 -62.60 12.42
C2D PC1 CA . -12.91 -63.88 13.14
C2E PC1 CA . -11.65 -64.46 12.48
C2F PC1 CA . -11.21 -65.71 13.22
C2G PC1 CA . -9.76 -66.04 12.89
C2H PC1 CA . -9.31 -67.23 13.73
C2I PC1 CA . -8.02 -67.81 13.16
O21 PC1 DA . -18.17 -56.26 14.09
C21 PC1 DA . -19.06 -55.50 14.85
O22 PC1 DA . -19.20 -54.34 14.62
C22 PC1 DA . -19.86 -56.15 15.97
C23 PC1 DA . -18.96 -57.05 16.81
C24 PC1 DA . -19.16 -58.51 16.40
C25 PC1 DA . -18.15 -59.38 17.13
C26 PC1 DA . -17.96 -60.71 16.42
C27 PC1 DA . -16.62 -61.32 16.82
C28 PC1 DA . -16.76 -62.82 17.08
C29 PC1 DA . -17.57 -63.03 18.34
C2A PC1 DA . -17.33 -64.44 18.89
C2B PC1 DA . -18.20 -64.62 20.14
C2C PC1 DA . -17.73 -65.85 20.92
C2D PC1 DA . -18.86 -66.32 21.82
C2E PC1 DA . -18.44 -67.58 22.57
C2F PC1 DA . -18.03 -68.69 21.61
C2G PC1 DA . -18.01 -70.05 22.30
C2H PC1 DA . -17.85 -71.13 21.24
C2I PC1 DA . -17.94 -72.51 21.89
O21 PC1 EA . -7.40 -88.40 13.15
C21 PC1 EA . -8.16 -87.22 13.15
O22 PC1 EA . -8.25 -86.58 12.17
C22 PC1 EA . -8.86 -86.78 14.43
C23 PC1 EA . -9.09 -85.27 14.41
C24 PC1 EA . -10.24 -84.92 13.48
C25 PC1 EA . -10.86 -83.58 13.85
C26 PC1 EA . -10.07 -82.44 13.23
C27 PC1 EA . -10.49 -81.07 13.77
C28 PC1 EA . -12.00 -80.80 13.66
C29 PC1 EA . -12.32 -80.14 12.33
C2A PC1 EA . -11.90 -78.68 12.36
C2B PC1 EA . -12.80 -77.85 11.44
C2C PC1 EA . -12.27 -76.41 11.38
C2D PC1 EA . -11.02 -76.33 10.50
C2E PC1 EA . -10.07 -75.27 11.06
C2F PC1 EA . -8.69 -75.42 10.42
C2G PC1 EA . -7.63 -74.83 11.34
C2H PC1 EA . -7.76 -73.31 11.43
C2I PC1 EA . -7.19 -72.67 10.17
O21 PC1 FA . -21.32 -85.19 23.55
C21 PC1 FA . -20.07 -85.37 24.16
O22 PC1 FA . -19.50 -86.40 24.02
C22 PC1 FA . -19.45 -84.25 24.99
C23 PC1 FA . -20.54 -83.28 25.45
C24 PC1 FA . -20.03 -82.41 26.59
C25 PC1 FA . -19.56 -81.06 26.05
C26 PC1 FA . -20.76 -80.14 25.82
C27 PC1 FA . -20.30 -78.69 25.72
C28 PC1 FA . -21.49 -77.80 25.39
C29 PC1 FA . -21.14 -76.34 25.71
C2A PC1 FA . -21.72 -75.42 24.64
C2B PC1 FA . -21.09 -74.04 24.80
C2C PC1 FA . -21.95 -72.98 24.10
C2D PC1 FA . -21.30 -71.62 24.31
C2E PC1 FA . -22.25 -70.50 23.88
C2F PC1 FA . -22.02 -70.15 22.41
C2G PC1 FA . -22.80 -68.89 22.05
O11 PC1 GA . -11.41 -55.66 3.71
C1 PC1 GA . -11.77 -56.08 5.00
C2 PC1 GA . -10.86 -57.23 5.40
O21 PC1 GA . -11.14 -58.36 4.63
C3 PC1 GA . -11.10 -57.56 6.88
O31 PC1 GA . -11.13 -58.96 7.04
C31 PC1 GA . -9.85 -59.51 7.19
O32 PC1 GA . -9.16 -59.65 6.23
C32 PC1 GA . -9.34 -59.90 8.57
C33 PC1 GA . -8.64 -61.25 8.51
C34 PC1 GA . -7.40 -61.23 9.40
C35 PC1 GA . -7.19 -62.62 10.00
C36 PC1 GA . -5.81 -62.68 10.64
C37 PC1 GA . -5.68 -63.96 11.48
C38 PC1 GA . -4.33 -63.94 12.17
C39 PC1 GA . -3.52 -65.21 11.87
C3A PC1 GA . -3.59 -66.15 13.06
C3B PC1 GA . -3.44 -67.60 12.63
C3C PC1 GA . -4.18 -68.50 13.61
C3D PC1 GA . -4.23 -69.91 13.07
C3E PC1 GA . -2.86 -70.55 13.22
C3F PC1 GA . -2.95 -72.03 12.89
C3G PC1 GA . -1.59 -72.66 13.15
C3H PC1 GA . -1.55 -74.03 12.50
C3I PC1 GA . -0.13 -74.54 12.56
O21 PC1 HA . 3.91 -85.93 8.47
C21 PC1 HA . 2.83 -85.35 7.81
O22 PC1 HA . 1.95 -84.85 8.44
C22 PC1 HA . 2.79 -85.33 6.29
C23 PC1 HA . 1.41 -85.75 5.78
C24 PC1 HA . 0.40 -84.63 6.00
C25 PC1 HA . -0.67 -84.67 4.91
C26 PC1 HA . -0.47 -83.53 3.91
C27 PC1 HA . 0.89 -83.65 3.24
C28 PC1 HA . 0.97 -82.72 2.04
C29 PC1 HA . 1.07 -81.26 2.48
C2A PC1 HA . 0.00 -80.40 1.81
C2B PC1 HA . 0.54 -79.00 1.51
C2C PC1 HA . -0.48 -77.92 1.89
C2D PC1 HA . -1.39 -77.65 0.71
C2E PC1 HA . -2.47 -76.64 1.10
C2F PC1 HA . -3.82 -77.12 0.58
C2G PC1 HA . -4.78 -75.93 0.41
C2H PC1 HA . -6.18 -76.42 0.08
C2I PC1 HA . -6.15 -77.36 -1.13
O21 PC1 IA . 16.56 -95.87 -4.03
C21 PC1 IA . 15.76 -94.80 -3.62
O22 PC1 IA . 15.73 -94.49 -2.47
C22 PC1 IA . 14.93 -94.02 -4.64
C23 PC1 IA . 15.74 -93.86 -5.94
C24 PC1 IA . 14.89 -93.18 -7.01
C25 PC1 IA . 14.37 -91.84 -6.50
C26 PC1 IA . 13.83 -91.03 -7.66
C27 PC1 IA . 14.98 -90.36 -8.42
C28 PC1 IA . 14.43 -89.15 -9.17
C29 PC1 IA . 15.58 -88.26 -9.63
C2A PC1 IA . 15.11 -86.81 -9.67
C2B PC1 IA . 15.62 -86.14 -10.95
C2C PC1 IA . 15.33 -84.64 -10.91
C2D PC1 IA . 13.83 -84.38 -11.07
C2E PC1 IA . 13.52 -82.89 -10.89
C2F PC1 IA . 14.23 -82.08 -11.95
C2G PC1 IA . 13.84 -80.60 -11.82
C2H PC1 IA . 12.54 -80.33 -12.56
C2I PC1 IA . 12.47 -78.85 -12.93
O21 PC1 JA . -12.59 -60.25 -12.92
C21 PC1 JA . -12.98 -59.65 -11.71
O22 PC1 JA . -12.71 -58.52 -11.51
C22 PC1 JA . -13.75 -60.46 -10.67
C23 PC1 JA . -13.32 -60.02 -9.27
C24 PC1 JA . -14.02 -60.90 -8.23
C25 PC1 JA . -13.53 -60.60 -6.81
C26 PC1 JA . -12.05 -60.93 -6.62
C27 PC1 JA . -11.79 -62.43 -6.68
C28 PC1 JA . -12.12 -63.07 -5.33
C29 PC1 JA . -12.36 -64.57 -5.53
C2A PC1 JA . -11.91 -65.34 -4.29
C2B PC1 JA . -12.74 -64.95 -3.07
C2C PC1 JA . -12.18 -65.63 -1.82
C2D PC1 JA . -12.35 -67.14 -1.93
C2E PC1 JA . -12.00 -67.80 -0.59
C2F PC1 JA . -12.26 -69.30 -0.67
C2G PC1 JA . -11.73 -69.97 0.59
C1 CLR KA . -5.90 -96.20 -23.28
C2 CLR KA . -5.90 -97.57 -23.96
C3 CLR KA . -5.22 -98.66 -23.16
C4 CLR KA . -4.10 -98.08 -22.31
C5 CLR KA . -4.59 -97.05 -21.33
C6 CLR KA . -3.94 -96.83 -20.19
C7 CLR KA . -3.99 -95.54 -19.43
C8 CLR KA . -5.26 -94.73 -19.70
C9 CLR KA . -5.59 -94.78 -21.21
C10 CLR KA . -5.80 -96.22 -21.74
C11 CLR KA . -6.72 -93.80 -21.58
C12 CLR KA . -6.52 -92.38 -21.01
C13 CLR KA . -6.30 -92.39 -19.50
C14 CLR KA . -5.08 -93.30 -19.25
C15 CLR KA . -4.67 -93.03 -17.81
C16 CLR KA . -5.03 -91.55 -17.59
C17 CLR KA . -5.80 -91.07 -18.85
C18 CLR KA . -7.58 -92.87 -18.78
C19 CLR KA . -7.06 -96.87 -21.12
C20 CLR KA . -6.80 -89.94 -18.53
C21 CLR KA . -7.66 -89.55 -19.72
C22 CLR KA . -6.05 -88.73 -17.97
C23 CLR KA . -6.08 -88.59 -16.47
C24 CLR KA . -4.74 -88.27 -15.88
C25 CLR KA . -4.00 -87.07 -16.48
C26 CLR KA . -2.81 -86.72 -15.62
C27 CLR KA . -4.90 -85.87 -16.65
O1 CLR KA . -6.17 -99.33 -22.33
O21 PC1 LA . -14.32 -65.11 -17.19
C21 PC1 LA . -14.90 -64.13 -16.38
O22 PC1 LA . -15.26 -63.10 -16.85
C22 PC1 LA . -15.05 -64.37 -14.87
C23 PC1 LA . -16.39 -65.05 -14.59
C24 PC1 LA . -16.45 -65.52 -13.14
C25 PC1 LA . -15.86 -66.92 -13.03
C26 PC1 LA . -16.14 -67.49 -11.64
C27 PC1 LA . -15.91 -69.01 -11.67
C28 PC1 LA . -15.20 -69.45 -10.40
C29 PC1 LA . -15.08 -70.98 -10.41
C2A PC1 LA . -14.71 -71.50 -9.02
C2B PC1 LA . -14.50 -73.01 -9.11
C2C PC1 LA . -14.20 -73.59 -7.72
C2D PC1 LA . -12.77 -73.23 -7.29
C2E PC1 LA . -12.09 -74.47 -6.69
C2F PC1 LA . -11.09 -74.05 -5.62
C2G PC1 LA . -10.37 -75.30 -5.11
C2H PC1 LA . -9.73 -75.02 -3.76
C2I PC1 LA . -9.18 -76.33 -3.20
O21 PC1 MA . -24.07 -89.06 28.74
C21 PC1 MA . -23.36 -87.95 29.22
O22 PC1 MA . -22.19 -88.01 29.35
C22 PC1 MA . -24.11 -86.67 29.58
C23 PC1 MA . -23.88 -85.62 28.50
C24 PC1 MA . -24.73 -84.39 28.79
C25 PC1 MA . -24.04 -83.14 28.26
C26 PC1 MA . -24.75 -81.89 28.76
C27 PC1 MA . -23.73 -80.77 28.92
C28 PC1 MA . -24.45 -79.44 29.13
C29 PC1 MA . -24.80 -78.85 27.77
C2A PC1 MA . -25.56 -77.54 27.93
C2B PC1 MA . -25.55 -76.82 26.58
C2C PC1 MA . -26.36 -75.53 26.68
C2D PC1 MA . -26.08 -74.68 25.44
C2E PC1 MA . -26.47 -73.23 25.72
C2F PC1 MA . -26.42 -72.42 24.42
C2G PC1 MA . -26.86 -70.99 24.68
O21 PC1 NA . -11.64 -43.04 33.93
C21 PC1 NA . -11.85 -43.61 35.19
O22 PC1 NA . -12.89 -44.09 35.47
C22 PC1 NA . -10.71 -43.61 36.21
C23 PC1 NA . -10.06 -44.99 36.24
C24 PC1 NA . -8.65 -44.91 36.82
C25 PC1 NA . -8.08 -46.33 36.86
C26 PC1 NA . -6.75 -46.34 37.62
C27 PC1 NA . -6.23 -47.78 37.63
C28 PC1 NA . -5.00 -47.89 38.54
C29 PC1 NA . -4.81 -49.35 38.96
C2A PC1 NA . -4.40 -50.18 37.75
C2B PC1 NA . -3.97 -51.57 38.17
C2C PC1 NA . -3.33 -52.27 36.98
C2D PC1 NA . -3.16 -53.75 37.22
C2E PC1 NA . -2.38 -54.36 36.06
C2F PC1 NA . -2.11 -55.84 36.31
C2G PC1 NA . -1.44 -56.42 35.07
C2H PC1 NA . -1.35 -57.94 35.20
C2I PC1 NA . -0.76 -58.51 33.92
O21 PC1 OA . -4.42 -75.03 40.41
C21 PC1 OA . -5.51 -74.17 40.59
O22 PC1 OA . -6.62 -74.57 40.49
C22 PC1 OA . -5.25 -72.69 40.90
C23 PC1 OA . -6.42 -71.84 40.40
C24 PC1 OA . -5.98 -70.38 40.31
C25 PC1 OA . -7.20 -69.49 40.10
C26 PC1 OA . -7.46 -69.29 38.61
C27 PC1 OA . -6.83 -67.99 38.10
C28 PC1 OA . -7.59 -67.55 36.85
C29 PC1 OA . -6.86 -66.38 36.20
C2A PC1 OA . -7.15 -65.09 36.98
C2B PC1 OA . -5.85 -64.43 37.41
C2C PC1 OA . -6.04 -62.92 37.50
C2D PC1 OA . -6.95 -62.53 38.66
C2E PC1 OA . -7.52 -61.14 38.42
C2F PC1 OA . -6.40 -60.16 38.04
C2G PC1 OA . -6.96 -58.75 37.94
C2H PC1 OA . -5.85 -57.81 37.48
C2I PC1 OA . -6.34 -56.37 37.56
O21 PC1 PA . -17.78 -39.78 42.61
C21 PC1 PA . -17.72 -39.95 41.23
O22 PC1 PA . -17.81 -39.02 40.50
C22 PC1 PA . -17.52 -41.36 40.64
C23 PC1 PA . -18.20 -42.39 41.55
C24 PC1 PA . -18.34 -43.71 40.81
C25 PC1 PA . -17.44 -44.78 41.44
C26 PC1 PA . -15.98 -44.45 41.15
C27 PC1 PA . -15.08 -45.29 42.05
C28 PC1 PA . -14.95 -46.71 41.49
C29 PC1 PA . -15.88 -47.64 42.25
C2A PC1 PA . -15.67 -49.07 41.76
C2B PC1 PA . -16.36 -50.03 42.72
C2C PC1 PA . -16.13 -51.46 42.26
C2D PC1 PA . -16.89 -52.42 43.16
C2E PC1 PA . -16.05 -52.70 44.41
C2F PC1 PA . -16.90 -53.43 45.46
C2G PC1 PA . -17.18 -54.85 45.02
C2H PC1 PA . -18.20 -55.50 45.96
C2I PC1 PA . -18.47 -56.92 45.51
O21 PC1 QA . -8.08 -78.17 46.80
C21 PC1 QA . -7.74 -77.08 47.62
O22 PC1 QA . -6.64 -76.99 48.05
C22 PC1 QA . -8.79 -76.03 47.96
C23 PC1 QA . -8.41 -74.69 47.34
C24 PC1 QA . -9.03 -74.57 45.94
C25 PC1 QA . -8.43 -73.38 45.18
C26 PC1 QA . -8.38 -72.14 46.06
C27 PC1 QA . -8.00 -70.93 45.18
C28 PC1 QA . -9.26 -70.19 44.73
C29 PC1 QA . -8.84 -68.83 44.19
C2A PC1 QA . -10.04 -67.89 44.13
C2B PC1 QA . -9.54 -66.45 44.25
C2C PC1 QA . -10.38 -65.52 43.37
C2D PC1 QA . -9.93 -64.08 43.61
C2E PC1 QA . -10.45 -63.18 42.50
C2F PC1 QA . -11.96 -62.98 42.67
C2G PC1 QA . -12.39 -61.70 41.97
C01 E2Q RA . 29.32 4.08 10.88
C02 E2Q RA . 29.60 2.77 10.76
C03 E2Q RA . 30.72 2.25 11.43
C04 E2Q RA . 31.01 0.86 11.30
C05 E2Q RA . 32.10 0.32 11.96
C06 E2Q RA . 32.93 1.13 12.75
C07 E2Q RA . 32.64 2.45 12.87
C08 E2Q RA . 31.54 3.08 12.23
C09 E2Q RA . 31.22 4.47 12.36
C10 E2Q RA . 30.12 4.90 11.67
C19 E2Q RA . 31.65 -1.89 11.08
C21 E2Q RA . 30.47 -1.33 10.36
N14 E2Q RA . 31.29 6.95 13.30
N15 E2Q RA . 33.64 3.12 13.77
N18 E2Q RA . 32.42 -1.02 11.85
N23 E2Q RA . 30.21 0.04 10.52
O12 E2Q RA . 32.10 5.14 14.61
O13 E2Q RA . 33.27 5.87 12.54
O16 E2Q RA . 33.44 2.98 14.95
O17 E2Q RA . 34.54 3.71 13.27
O20 E2Q RA . 31.95 -3.06 11.00
O22 E2Q RA . 29.74 -2.00 9.67
S11 E2Q RA . 32.10 5.58 13.27
C1 NAG SA . 25.00 55.83 -38.96
C2 NAG SA . 25.54 57.20 -38.51
C3 NAG SA . 25.05 57.53 -37.10
C4 NAG SA . 25.52 56.49 -36.10
C5 NAG SA . 25.66 55.14 -36.79
C6 NAG SA . 25.42 53.97 -35.86
C7 NAG SA . 27.70 57.17 -39.69
C8 NAG SA . 26.93 57.04 -40.98
N2 NAG SA . 26.99 57.23 -38.56
O3 NAG SA . 23.63 57.59 -37.09
O4 NAG SA . 26.78 56.87 -35.56
O5 NAG SA . 24.69 55.04 -37.82
O6 NAG SA . 25.38 52.74 -36.57
O7 NAG SA . 28.94 57.20 -39.68
O21 PC1 TA . 28.49 -42.14 29.46
C21 PC1 TA . 27.83 -43.32 29.11
O22 PC1 TA . 27.51 -43.51 27.99
C22 PC1 TA . 27.52 -44.36 30.18
C23 PC1 TA . 26.54 -45.39 29.64
C24 PC1 TA . 27.28 -46.39 28.75
C25 PC1 TA . 26.31 -47.09 27.82
C26 PC1 TA . 26.06 -48.51 28.29
C27 PC1 TA . 24.81 -49.03 27.62
C28 PC1 TA . 24.95 -50.52 27.31
C29 PC1 TA . 23.61 -51.20 27.56
C2A PC1 TA . 23.68 -52.65 27.10
C2B PC1 TA . 22.62 -53.47 27.82
C2C PC1 TA . 23.16 -53.93 29.16
C2D PC1 TA . 22.01 -54.42 30.04
C2E PC1 TA . 21.11 -55.37 29.26
O21 PC1 UA . 34.40 -43.70 29.67
C21 PC1 UA . 33.26 -43.07 30.17
O22 PC1 UA . 33.28 -41.90 30.38
C22 PC1 UA . 31.99 -43.87 30.43
C23 PC1 UA . 32.34 -45.29 30.88
C24 PC1 UA . 31.68 -46.30 29.95
C25 PC1 UA . 31.69 -47.67 30.61
C26 PC1 UA . 30.30 -47.99 31.15
C27 PC1 UA . 30.12 -49.51 31.29
C28 PC1 UA . 29.89 -50.14 29.93
C29 PC1 UA . 29.74 -51.65 30.10
C2A PC1 UA . 28.28 -51.96 30.41
C2B PC1 UA . 28.11 -53.46 30.67
C2C PC1 UA . 26.84 -53.95 29.99
C2D PC1 UA . 26.26 -55.15 30.72
C2E PC1 UA . 27.27 -56.29 30.81
C2F PC1 UA . 27.64 -56.51 32.27
C2G PC1 UA . 28.40 -57.82 32.44
C2H PC1 UA . 28.19 -58.37 33.84
C2I PC1 UA . 28.36 -57.28 34.89
O21 PC1 VA . 32.96 -38.72 20.47
C21 PC1 VA . 33.74 -39.60 21.22
O22 PC1 VA . 33.63 -39.63 22.40
C22 PC1 VA . 34.73 -40.53 20.52
C23 PC1 VA . 35.84 -40.95 21.49
C24 PC1 VA . 36.98 -41.61 20.72
C25 PC1 VA . 36.53 -42.95 20.14
C26 PC1 VA . 37.50 -44.06 20.55
C27 PC1 VA . 36.82 -45.41 20.34
C28 PC1 VA . 37.76 -46.54 20.76
C29 PC1 VA . 37.06 -47.89 20.62
C2A PC1 VA . 36.41 -48.31 21.95
C2B PC1 VA . 36.33 -49.83 22.01
C2C PC1 VA . 35.43 -50.24 23.17
C2D PC1 VA . 35.52 -51.75 23.37
C2E PC1 VA . 34.44 -52.21 24.37
C2F PC1 VA . 34.51 -53.72 24.54
C2G PC1 VA . 33.20 -54.24 25.14
C2H PC1 VA . 33.25 -55.76 25.20
C2I PC1 VA . 32.16 -56.28 26.13
O21 PC1 WA . 38.14 -44.88 17.67
C21 PC1 WA . 38.83 -44.46 16.53
O22 PC1 WA . 38.56 -43.41 16.03
C22 PC1 WA . 39.90 -45.34 15.91
C23 PC1 WA . 39.42 -46.78 15.84
C24 PC1 WA . 40.04 -47.59 16.99
C25 PC1 WA . 39.42 -48.99 16.99
C26 PC1 WA . 39.61 -49.64 18.36
C27 PC1 WA . 38.58 -50.76 18.52
C28 PC1 WA . 39.21 -51.99 19.16
C29 PC1 WA . 40.18 -52.63 18.18
C2A PC1 WA . 40.45 -54.08 18.56
C2B PC1 WA . 41.46 -54.66 17.56
C2C PC1 WA . 41.48 -56.17 17.69
C2D PC1 WA . 42.80 -56.70 17.11
C2E PC1 WA . 42.87 -58.22 17.27
C2F PC1 WA . 42.75 -58.62 18.74
C2G PC1 WA . 43.22 -60.06 18.95
C2H PC1 WA . 43.32 -60.32 20.45
C2I PC1 WA . 43.90 -61.70 20.70
O21 PC1 XA . 38.11 -72.00 38.03
C21 PC1 XA . 38.45 -70.87 37.28
O22 PC1 XA . 38.23 -69.78 37.69
C22 PC1 XA . 39.11 -71.05 35.91
C23 PC1 XA . 38.84 -69.83 35.04
C24 PC1 XA . 39.72 -68.66 35.48
C25 PC1 XA . 39.92 -67.66 34.32
C26 PC1 XA . 38.75 -66.69 34.26
C27 PC1 XA . 38.76 -65.85 32.98
C28 PC1 XA . 40.09 -65.10 32.76
C29 PC1 XA . 40.04 -63.73 33.44
C2A PC1 XA . 39.18 -62.77 32.61
C2B PC1 XA . 39.66 -61.34 32.80
C2C PC1 XA . 38.71 -60.39 32.06
C2D PC1 XA . 37.42 -60.21 32.87
C2E PC1 XA . 36.24 -60.04 31.91
C2F PC1 XA . 34.92 -60.23 32.65
C2G PC1 XA . 33.83 -60.66 31.67
C2H PC1 XA . 33.48 -59.52 30.71
C2I PC1 XA . 32.60 -58.49 31.42
O21 PC1 YA . 51.29 -71.12 26.30
C21 PC1 YA . 50.25 -72.01 26.04
O22 PC1 YA . 50.02 -72.89 26.79
C22 PC1 YA . 49.39 -71.85 24.78
C23 PC1 YA . 50.15 -71.03 23.74
C24 PC1 YA . 49.50 -71.19 22.36
C25 PC1 YA . 48.59 -70.01 22.07
C26 PC1 YA . 49.41 -68.81 21.61
C27 PC1 YA . 48.49 -67.81 20.90
C28 PC1 YA . 49.30 -66.56 20.53
C29 PC1 YA . 48.55 -65.76 19.48
C2A PC1 YA . 48.69 -64.27 19.75
C2B PC1 YA . 47.67 -63.52 18.89
C2C PC1 YA . 48.06 -62.05 18.76
C2D PC1 YA . 47.05 -61.36 17.85
C2E PC1 YA . 47.53 -59.95 17.48
C2F PC1 YA . 47.06 -58.94 18.51
C2G PC1 YA . 47.38 -57.53 18.02
O11 PC1 ZA . 30.51 -40.60 26.45
C1 PC1 ZA . 31.11 -41.55 25.62
C2 PC1 ZA . 30.66 -42.95 26.04
O21 PC1 ZA . 31.21 -43.26 27.29
C3 PC1 ZA . 31.15 -43.97 25.01
O31 PC1 ZA . 31.63 -45.11 25.67
C31 PC1 ZA . 30.62 -46.00 26.00
O32 PC1 ZA . 29.93 -45.79 26.93
C32 PC1 ZA . 30.40 -47.25 25.16
C33 PC1 ZA . 30.17 -48.46 26.06
C34 PC1 ZA . 29.09 -49.36 25.46
C35 PC1 ZA . 29.39 -50.82 25.79
C36 PC1 ZA . 28.18 -51.67 25.45
C37 PC1 ZA . 28.54 -53.15 25.52
C38 PC1 ZA . 27.34 -53.97 25.09
C39 PC1 ZA . 26.96 -55.01 26.15
C3A PC1 ZA . 27.44 -56.38 25.71
C3B PC1 ZA . 27.71 -57.27 26.92
C3C PC1 ZA . 28.79 -58.28 26.56
C3D PC1 ZA . 29.25 -59.02 27.81
C3E PC1 ZA . 28.17 -60.02 28.20
C3F PC1 ZA . 28.69 -60.93 29.29
C3G PC1 ZA . 27.64 -61.98 29.60
C3H PC1 ZA . 27.97 -62.64 30.91
C3I PC1 ZA . 26.79 -63.53 31.30
O21 PC1 AB . 2.87 -74.61 39.92
C21 PC1 AB . 3.69 -74.95 40.99
O22 PC1 AB . 3.78 -76.08 41.33
C22 PC1 AB . 4.48 -73.87 41.73
C23 PC1 AB . 3.85 -72.49 41.49
C24 PC1 AB . 2.59 -72.35 42.35
C25 PC1 AB . 2.33 -70.87 42.57
C26 PC1 AB . 0.84 -70.61 42.53
C27 PC1 AB . 0.40 -70.57 41.07
C28 PC1 AB . -1.08 -70.93 40.94
C29 PC1 AB . -1.57 -70.59 39.53
C2A PC1 AB . -2.35 -69.28 39.55
C2B PC1 AB . -1.41 -68.14 39.91
C2C PC1 AB . -2.12 -66.81 39.70
C2D PC1 AB . -1.08 -65.69 39.57
C2E PC1 AB . -1.75 -64.46 38.98
C2F PC1 AB . -0.70 -63.51 38.38
C2G PC1 AB . -1.21 -62.91 37.07
C2H PC1 AB . -2.45 -62.06 37.34
C2I PC1 AB . -3.11 -61.72 36.02
O21 PC1 BB . 26.19 -71.07 41.64
C21 PC1 BB . 26.96 -69.90 41.72
O22 PC1 BB . 27.69 -69.61 40.85
C22 PC1 BB . 26.84 -68.99 42.95
C23 PC1 BB . 28.21 -68.59 43.46
C24 PC1 BB . 28.83 -67.54 42.53
C25 PC1 BB . 29.74 -66.61 43.31
C26 PC1 BB . 29.09 -65.25 43.49
C27 PC1 BB . 27.77 -65.38 44.26
C28 PC1 BB . 27.29 -64.01 44.71
C29 PC1 BB . 26.77 -63.20 43.53
C2A PC1 BB . 27.44 -61.83 43.46
C2B PC1 BB . 26.45 -60.77 42.96
C2C PC1 BB . 27.10 -59.85 41.92
C2D PC1 BB . 27.76 -58.68 42.63
C2E PC1 BB . 28.49 -57.80 41.62
C2F PC1 BB . 29.86 -57.44 42.17
C2G PC1 BB . 30.36 -56.14 41.53
C2H PC1 BB . 31.81 -55.87 41.93
C2I PC1 BB . 31.96 -55.89 43.45
O21 PC1 CB . 29.85 -48.41 -5.35
C21 PC1 CB . 30.35 -49.50 -6.07
O22 PC1 CB . 31.51 -49.68 -6.13
C22 PC1 CB . 29.39 -50.45 -6.79
C23 PC1 CB . 29.22 -51.71 -5.93
C24 PC1 CB . 27.93 -52.43 -6.31
C25 PC1 CB . 27.83 -53.70 -5.47
C26 PC1 CB . 26.66 -54.57 -5.93
C27 PC1 CB . 26.63 -55.83 -5.07
C28 PC1 CB . 25.60 -56.82 -5.61
C29 PC1 CB . 25.93 -58.23 -5.11
C2A PC1 CB . 25.69 -58.27 -3.59
C2B PC1 CB . 25.78 -59.72 -3.09
C2C PC1 CB . 25.27 -59.75 -1.65
C2D PC1 CB . 25.60 -61.08 -0.98
C2E PC1 CB . 24.93 -61.10 0.39
C2F PC1 CB . 25.17 -62.45 1.07
C2G PC1 CB . 24.60 -62.39 2.48
C2H PC1 CB . 25.01 -63.64 3.26
C2I PC1 CB . 24.51 -63.53 4.69
O21 PC1 DB . 33.89 -78.54 8.54
C21 PC1 DB . 34.65 -77.65 7.78
O22 PC1 DB . 35.81 -77.54 7.98
C22 PC1 DB . 33.98 -76.81 6.70
C23 PC1 DB . 34.75 -75.50 6.50
C24 PC1 DB . 33.86 -74.49 5.79
C25 PC1 DB . 34.71 -73.31 5.31
C26 PC1 DB . 34.73 -72.22 6.39
C27 PC1 DB . 33.68 -71.15 6.11
C28 PC1 DB . 34.13 -69.85 6.79
C29 PC1 DB . 33.00 -68.82 6.72
C2A PC1 DB . 32.94 -68.21 5.32
C2B PC1 DB . 31.55 -68.38 4.73
C2C PC1 DB . 31.26 -67.23 3.77
C2D PC1 DB . 32.11 -67.32 2.51
C2E PC1 DB . 32.18 -65.94 1.84
C2F PC1 DB . 30.78 -65.33 1.70
C2G PC1 DB . 30.84 -64.03 0.91
C2H PC1 DB . 29.45 -63.42 0.86
C2I PC1 DB . 29.46 -62.22 -0.08
O21 PC1 EB . 35.50 -48.99 -14.92
C21 PC1 EB . 35.35 -48.34 -13.69
O22 PC1 EB . 35.06 -47.20 -13.64
C22 PC1 EB . 35.55 -49.13 -12.39
C23 PC1 EB . 36.62 -50.21 -12.60
C24 PC1 EB . 37.09 -50.74 -11.25
C25 PC1 EB . 36.65 -52.19 -11.06
C26 PC1 EB . 35.13 -52.24 -10.86
C27 PC1 EB . 34.64 -53.68 -11.00
C28 PC1 EB . 34.91 -54.47 -9.72
C29 PC1 EB . 36.16 -55.32 -9.90
C2A PC1 EB . 36.38 -56.17 -8.66
C2B PC1 EB . 37.43 -57.24 -8.97
C2C PC1 EB . 37.62 -58.12 -7.73
C2D PC1 EB . 38.73 -59.13 -8.01
C2E PC1 EB . 38.16 -60.32 -8.76
C2F PC1 EB . 39.30 -61.20 -9.29
C2G PC1 EB . 39.97 -61.94 -8.14
C2H PC1 EB . 41.23 -62.63 -8.64
C2I PC1 EB . 41.89 -63.37 -7.48
O21 PC1 FB . 38.98 -83.43 4.77
C21 PC1 FB . 38.41 -83.19 3.51
O22 PC1 FB . 37.39 -83.71 3.23
C22 PC1 FB . 39.10 -82.25 2.53
C23 PC1 FB . 38.25 -81.01 2.30
C24 PC1 FB . 38.65 -79.92 3.29
C25 PC1 FB . 37.64 -78.78 3.30
C26 PC1 FB . 37.28 -78.36 1.88
C27 PC1 FB . 36.45 -77.07 1.93
C28 PC1 FB . 37.35 -75.84 1.74
C29 PC1 FB . 36.47 -74.64 1.44
C2A PC1 FB . 37.30 -73.51 0.82
C2B PC1 FB . 36.38 -72.66 -0.05
C2C PC1 FB . 36.78 -71.19 0.04
C2D PC1 FB . 35.92 -70.38 -0.94
C2E PC1 FB . 36.02 -68.90 -0.61
C2F PC1 FB . 37.39 -68.37 -1.02
C2G PC1 FB . 37.32 -66.86 -1.22
O21 PC1 GB . 55.66 -76.15 24.02
C21 PC1 GB . 54.69 -75.83 23.08
O22 PC1 GB . 53.62 -76.31 23.13
C22 PC1 GB . 55.03 -74.83 21.96
C23 PC1 GB . 54.37 -73.49 22.25
C24 PC1 GB . 54.80 -72.47 21.20
C25 PC1 GB . 53.70 -71.43 21.01
C26 PC1 GB . 54.02 -70.55 19.81
C27 PC1 GB . 52.71 -70.11 19.15
C28 PC1 GB . 53.00 -69.01 18.13
C29 PC1 GB . 53.00 -67.67 18.86
C2A PC1 GB . 53.31 -66.53 17.90
C2B PC1 GB . 52.95 -65.22 18.58
C2C PC1 GB . 53.31 -64.04 17.68
C2D PC1 GB . 52.64 -62.78 18.22
C2E PC1 GB . 52.57 -61.73 17.12
C2F PC1 GB . 52.13 -60.39 17.73
C2G PC1 GB . 52.11 -59.32 16.64
O21 PC1 HB . -1.30 -84.10 18.79
C21 PC1 HB . -0.60 -83.61 17.68
O22 PC1 HB . 0.49 -84.00 17.44
C22 PC1 HB . -1.25 -82.56 16.78
C23 PC1 HB . -2.07 -83.25 15.68
C24 PC1 HB . -3.39 -82.52 15.51
C25 PC1 HB . -4.32 -83.38 14.67
C26 PC1 HB . -5.21 -82.57 13.72
C27 PC1 HB . -4.44 -81.66 12.76
C28 PC1 HB . -3.34 -82.43 12.02
C29 PC1 HB . -3.40 -82.15 10.51
C2A PC1 HB . -2.16 -81.37 10.06
C2B PC1 HB . -2.54 -80.38 8.95
C2C PC1 HB . -2.70 -78.98 9.54
C2D PC1 HB . -4.08 -78.80 10.17
C2E PC1 HB . -4.70 -77.48 9.71
C2F PC1 HB . -3.89 -76.29 10.19
C2G PC1 HB . -4.48 -75.01 9.63
C01 E2Q IB . 5.34 6.67 28.78
C02 E2Q IB . 4.86 5.44 29.01
C03 E2Q IB . 3.73 4.99 28.31
C04 E2Q IB . 3.24 3.68 28.57
C05 E2Q IB . 2.13 3.22 27.90
C06 E2Q IB . 1.48 4.02 26.95
C07 E2Q IB . 1.97 5.28 26.71
C08 E2Q IB . 3.10 5.82 27.37
C09 E2Q IB . 3.62 7.13 27.13
C10 E2Q IB . 4.71 7.49 27.85
C19 E2Q IB . 2.20 1.08 29.03
C21 E2Q IB . 3.39 1.56 29.78
N14 E2Q IB . 3.72 9.64 26.27
N15 E2Q IB . 1.14 5.96 25.68
N18 E2Q IB . 1.61 1.95 28.11
N23 E2Q IB . 3.85 2.85 29.50
O12 E2Q IB . 3.35 7.85 24.72
O13 E2Q IB . 1.64 8.49 26.43
O16 E2Q IB . 0.10 6.42 26.09
O17 E2Q IB . 1.54 6.01 24.56
O20 E2Q IB . 1.72 -0.02 29.20
O22 E2Q IB . 3.98 0.88 30.59
S11 E2Q IB . 2.97 8.25 26.02
C1 NAG JB . 1.35 44.66 34.33
C2 NAG JB . 1.95 44.18 33.01
C3 NAG JB . 3.45 44.51 32.94
C4 NAG JB . 4.19 43.96 34.15
C5 NAG JB . 3.38 44.15 35.41
C6 NAG JB . 4.19 44.65 36.58
C7 NAG JB . 0.56 42.21 32.51
C8 NAG JB . -0.60 43.17 32.36
N2 NAG JB . 1.73 42.75 32.81
O3 NAG JB . 3.61 45.92 32.86
O4 NAG JB . 4.46 42.57 33.96
O5 NAG JB . 2.36 45.14 35.17
O6 NAG JB . 3.43 44.68 37.78
O7 NAG JB . 0.41 41.00 32.35
C1 NAG KB . 9.35 67.12 38.69
C2 NAG KB . 9.54 65.67 38.27
C3 NAG KB . 10.59 65.00 39.14
C4 NAG KB . 11.88 65.80 39.13
C5 NAG KB . 11.60 67.25 39.51
C6 NAG KB . 12.81 68.15 39.38
C7 NAG KB . 7.70 64.41 37.24
C8 NAG KB . 6.41 63.69 37.49
N2 NAG KB . 8.29 64.94 38.32
O3 NAG KB . 10.83 63.68 38.67
O4 NAG KB . 12.80 65.25 40.06
O5 NAG KB . 10.61 67.80 38.63
O6 NAG KB . 12.45 69.48 39.05
O7 NAG KB . 8.20 64.50 36.13
O21 PC1 LB . -2.50 -47.38 35.93
C21 PC1 LB . -1.29 -46.92 36.44
O22 PC1 LB . -1.12 -45.75 36.59
C22 PC1 LB . -0.18 -47.90 36.81
C23 PC1 LB . -0.25 -49.15 35.94
C24 PC1 LB . 0.79 -50.16 36.42
C25 PC1 LB . 1.07 -51.20 35.34
C26 PC1 LB . 1.81 -52.39 35.95
C27 PC1 LB . 2.01 -53.46 34.87
C28 PC1 LB . 3.06 -54.47 35.34
C29 PC1 LB . 3.17 -55.59 34.31
C2A PC1 LB . 4.26 -56.56 34.75
C2B PC1 LB . 3.75 -58.00 34.64
C2C PC1 LB . 4.45 -58.89 35.68
C2D PC1 LB . 3.52 -60.03 36.08
C2E PC1 LB . 4.35 -61.23 36.53
C2F PC1 LB . 3.42 -62.30 37.08
C2G PC1 LB . 3.68 -63.66 36.43
C2H PC1 LB . 2.39 -64.47 36.44
C2I PC1 LB . 2.67 -65.91 36.04
O21 PC1 MB . -3.60 -43.09 33.71
C21 PC1 MB . -3.58 -43.68 32.45
O22 PC1 MB . -3.07 -43.12 31.54
C22 PC1 MB . -4.23 -45.04 32.22
C23 PC1 MB . -3.28 -46.14 32.69
C24 PC1 MB . -3.77 -47.49 32.20
C25 PC1 MB . -4.41 -48.29 33.34
C26 PC1 MB . -3.39 -49.26 33.92
C27 PC1 MB . -3.29 -50.49 33.02
C28 PC1 MB . -1.89 -51.08 33.13
C29 PC1 MB . -1.81 -52.33 32.25
C2A PC1 MB . -0.35 -52.73 32.03
C2B PC1 MB . -0.32 -53.86 31.02
C2C PC1 MB . 0.90 -54.74 31.26
C2D PC1 MB . 0.89 -55.92 30.30
C2E PC1 MB . -0.15 -56.94 30.73
C2F PC1 MB . -0.05 -58.19 29.85
C2G PC1 MB . -1.45 -58.72 29.58
O21 PC1 NB . -0.47 -40.71 40.78
C21 PC1 NB . 0.30 -41.85 40.98
O22 PC1 NB . -0.22 -42.91 41.11
C22 PC1 NB . 1.82 -41.74 41.05
C23 PC1 NB . 2.23 -41.00 42.33
C24 PC1 NB . 3.73 -40.72 42.37
C25 PC1 NB . 4.59 -41.95 42.13
C26 PC1 NB . 4.28 -43.09 43.12
C27 PC1 NB . 3.75 -44.32 42.40
C28 PC1 NB . 4.64 -45.53 42.68
C29 PC1 NB . 3.87 -46.78 42.26
C2A PC1 NB . 4.78 -48.00 42.30
C2B PC1 NB . 3.98 -49.20 41.77
C2C PC1 NB . 4.75 -50.49 42.00
C2D PC1 NB . 3.90 -51.63 41.45
C2E PC1 NB . 4.69 -52.93 41.44
C2F PC1 NB . 3.82 -54.02 40.82
C2G PC1 NB . 4.68 -55.22 40.44
C2H PC1 NB . 3.82 -56.22 39.68
C2I PC1 NB . 4.47 -57.59 39.76
O21 PC1 OB . 3.22 -72.50 45.66
C21 PC1 OB . 3.55 -72.56 47.02
O22 PC1 OB . 3.78 -73.62 47.53
C22 PC1 OB . 3.60 -71.29 47.86
C23 PC1 OB . 2.84 -70.17 47.17
C24 PC1 OB . 2.98 -68.89 47.99
C25 PC1 OB . 2.57 -67.66 47.17
C26 PC1 OB . 2.48 -66.48 48.15
C27 PC1 OB . 1.92 -65.23 47.48
C28 PC1 OB . 0.45 -65.42 47.12
C29 PC1 OB . 0.22 -64.96 45.67
C2A PC1 OB . 0.17 -63.43 45.63
C2B PC1 OB . 0.78 -62.90 44.35
C2C PC1 OB . -0.04 -63.35 43.14
C2D PC1 OB . 0.73 -63.09 41.85
C2E PC1 OB . 1.22 -61.64 41.82
C2F PC1 OB . 1.54 -61.23 40.38
C2G PC1 OB . 2.31 -59.91 40.39
O11 PC1 PB . 7.91 -43.96 45.21
C1 PC1 PB . 8.26 -45.09 44.45
C2 PC1 PB . 8.58 -46.25 45.38
O21 PC1 PB . 9.94 -46.18 45.75
C3 PC1 PB . 8.33 -47.59 44.69
O31 PC1 PB . 7.63 -48.43 45.57
C31 PC1 PB . 8.39 -49.47 46.13
O32 PC1 PB . 7.97 -50.59 46.07
C32 PC1 PB . 9.72 -49.19 46.82
C33 PC1 PB . 10.48 -50.51 46.99
C34 PC1 PB . 9.97 -51.28 48.20
C35 PC1 PB . 11.10 -52.15 48.74
C36 PC1 PB . 10.57 -53.02 49.88
C37 PC1 PB . 11.55 -54.17 50.15
C38 PC1 PB . 10.81 -55.34 50.80
C39 PC1 PB . 11.64 -56.60 50.65
C3A PC1 PB . 10.96 -57.76 51.38
C3B PC1 PB . 11.90 -58.39 52.42
C3C PC1 PB . 12.07 -59.89 52.15
C3D PC1 PB . 13.52 -60.27 52.40
C3E PC1 PB . 13.69 -61.78 52.21
C3F PC1 PB . 14.80 -62.06 51.20
C3G PC1 PB . 14.97 -63.57 51.06
C3H PC1 PB . 15.13 -63.93 49.59
C3I PC1 PB . 15.41 -65.43 49.49
O21 PC1 QB . 31.35 -34.13 42.47
C21 PC1 QB . 31.65 -34.24 41.11
O22 PC1 QB . 31.05 -33.60 40.31
C22 PC1 QB . 32.73 -35.22 40.64
C23 PC1 QB . 32.34 -35.83 39.30
C24 PC1 QB . 33.39 -36.86 38.90
C25 PC1 QB . 32.98 -37.61 37.62
C26 PC1 QB . 31.70 -38.44 37.80
C27 PC1 QB . 31.93 -39.62 38.74
C28 PC1 QB . 32.58 -40.77 37.98
C29 PC1 QB . 33.27 -41.71 38.97
C2A PC1 QB . 33.22 -43.15 38.47
C2B PC1 QB . 34.01 -43.29 37.17
C2C PC1 QB . 33.82 -44.69 36.59
C2D PC1 QB . 34.45 -45.74 37.53
C2E PC1 QB . 34.47 -47.09 36.84
C2F PC1 QB . 35.17 -48.11 37.75
C2G PC1 QB . 35.01 -49.50 37.16
O21 PC1 RB . 16.09 -75.36 58.78
C21 PC1 RB . 16.55 -74.54 57.74
O22 PC1 RB . 16.59 -74.95 56.63
C22 PC1 RB . 16.98 -73.11 58.04
C23 PC1 RB . 16.03 -72.50 59.08
C24 PC1 RB . 16.50 -71.10 59.48
C25 PC1 RB . 16.61 -70.22 58.23
C26 PC1 RB . 16.75 -68.75 58.66
C27 PC1 RB . 15.37 -68.18 59.00
C28 PC1 RB . 15.43 -66.67 58.86
C29 PC1 RB . 14.01 -66.09 58.84
C2A PC1 RB . 13.99 -64.82 57.99
C2B PC1 RB . 13.16 -63.76 58.68
C2C PC1 RB . 12.97 -62.55 57.76
C2D PC1 RB . 14.29 -61.80 57.59
C2E PC1 RB . 14.12 -60.68 56.56
C2F PC1 RB . 13.07 -59.67 57.03
C2G PC1 RB . 12.99 -58.51 56.04
C2H PC1 RB . 14.06 -57.46 56.33
C2I PC1 RB . 13.61 -56.12 55.79
C1 CLR SB . 35.49 -57.47 72.27
C2 CLR SB . 35.86 -58.11 73.61
C3 CLR SB . 35.64 -59.60 73.65
C4 CLR SB . 34.49 -60.01 72.75
C5 CLR SB . 34.72 -59.63 71.31
C6 CLR SB . 34.16 -60.33 70.33
C7 CLR SB . 33.87 -59.78 68.97
C8 CLR SB . 34.78 -58.62 68.60
C9 CLR SB . 34.95 -57.67 69.80
C10 CLR SB . 35.55 -58.40 71.03
C11 CLR SB . 35.67 -56.36 69.42
C12 CLR SB . 35.08 -55.68 68.17
C13 CLR SB . 35.04 -56.64 66.98
C14 CLR SB . 34.20 -57.85 67.42
C15 CLR SB . 33.88 -58.60 66.13
C16 CLR SB . 33.77 -57.49 65.07
C17 CLR SB . 34.21 -56.17 65.74
C18 CLR SB . 36.47 -57.00 66.52
C19 CLR SB . 37.01 -58.84 70.78
C20 CLR SB . 34.83 -55.19 64.73
C21 CLR SB . 35.39 -53.93 65.38
C22 CLR SB . 33.79 -54.82 63.66
C23 CLR SB . 33.92 -55.57 62.36
C24 CLR SB . 32.62 -56.10 61.84
C25 CLR SB . 31.48 -55.10 61.72
C26 CLR SB . 30.33 -55.69 60.94
C27 CLR SB . 31.93 -53.80 61.06
O1 CLR SB . 36.85 -60.28 73.26
O21 PC1 TB . 34.13 -34.83 48.59
C21 PC1 TB . 34.44 -34.37 47.30
O22 PC1 TB . 34.41 -33.22 47.06
C22 PC1 TB . 34.82 -35.37 46.20
C23 PC1 TB . 36.32 -35.62 46.23
C24 PC1 TB . 36.67 -36.79 45.31
C25 PC1 TB . 36.58 -38.10 46.09
C26 PC1 TB . 37.16 -39.24 45.26
C27 PC1 TB . 37.42 -40.44 46.17
C28 PC1 TB . 37.02 -41.74 45.47
C29 PC1 TB . 37.40 -42.92 46.36
C2A PC1 TB . 37.36 -44.23 45.58
C2B PC1 TB . 37.63 -45.38 46.54
C2C PC1 TB . 37.67 -46.71 45.79
C2D PC1 TB . 36.26 -47.13 45.38
C2E PC1 TB . 36.07 -48.63 45.68
C2F PC1 TB . 35.09 -49.25 44.67
C2G PC1 TB . 34.88 -50.71 45.06
C2H PC1 TB . 34.32 -51.48 43.86
C2I PC1 TB . 34.28 -52.97 44.21
#